data_3RMB
#
_entry.id   3RMB
#
_cell.length_a   133.528
_cell.length_b   123.439
_cell.length_c   164.291
_cell.angle_alpha   90.000
_cell.angle_beta   96.840
_cell.angle_gamma   90.000
#
_symmetry.space_group_name_H-M   'P 1 21 1'
#
loop_
_entity.id
_entity.type
_entity.pdbx_description
1 polymer 'DNA polymerase'
2 polymer "DNA (5'-D(*CP*GP*CP*(CTG)P*GP*AP*AP*TP*GP*AP*CP*AP*GP*CP*CP*GP*CP*G)-3')"
3 polymer "DNA (5'-D(*GP*CP*GP*GP*CP*TP*GP*TP*CP*AP*TP*TP*CP*A)-3')"
4 non-polymer 'SULFATE ION'
5 water water
#
loop_
_entity_poly.entity_id
_entity_poly.type
_entity_poly.pdbx_seq_one_letter_code
_entity_poly.pdbx_strand_id
1 'polypeptide(L)'
;MKEFYLTVEQIGDSIFERYIDSNGRERTREVEYKPSLFAHCPESQATKYFDIYGKPCTRKLFANMRDASQWIKRMEDIGL
EALGMDDFKLAYLSDTYNYEIKYDHTKIRVANFDIEVTSPDGFPEPSQAKHPIDAITHYDSIDDRFYVFDLLNSPYGNVE
EWSIEIAAKLQEQGGDEVPSEIIDKIIYMPFDNEKELLMEYLNFWQQKTPVILTGWNVESFAIPYVYNRIKNIFGESTAK
RLSPHRKTRVKVIENMYGSREIITLFGISVLDYIDLYKKFSFTNQPSYSLDYISEFELNVGKLKYDGPISKLRESNHQRY
ISYNIIAVYRVLQIDAKRQFINLSLDMGYYAKIQIQSVFSPIKTWDAIIFNSLKEQNKVIPQGRSHPVQPYPGAFVKEPI
PNRYKYVMSFDLTSLYPSIIRQVNISPETIAGTFKVAPLHDYINAVAERPSDVYSCSPNGMMYYKDRDGVVPTEITKVFN
QRKEHKGYMLAAQRNGEIIKEALHNPNLSVDEPLDVDYRFDFSDEIKEKIKKLSAKSLNEMLFRAQRTEVAGMTAQINRK
LLINSLYGALGNVWFRYYDLRNATAITTFGQMALQWIERKVNEYLNEVCGTEGEAFVLYGDTDSIYVSADKIIDKVGESK
FRDTNHWVDFLDKFARERMEPAIDRGFREMCEYMNNKQHLMFMDREAIAGPPLGSKGIGGFWTGKKRYALNVWDMEGTRY
AEPKLKIMGLETQKSSTPKAVQKALKECIRRMLQEGEESLQEYFKEFEKEFRQLNYISIASVSSANNIAKYDVGGFPGPK
CPFHIRGILTYNRAIKGNIDAPQVVEGEKVYVLPLREGNPFGDKCIAWPSGTEITDLIKDDVLHWMDYTVLLEKTFIKPL
EGFTSAAKLDYEKKASLFDMFDFHHH
;
A,B,C,D
2 'polydeoxyribonucleotide' (DC)(DG)(DC)(CTG)(DG)(DA)(DA)(DT)(DG)(DA)(DC)(DA)(DG)(DC)(DC)(DG)(DC)(DG) E,G,I,K
3 'polydeoxyribonucleotide' (DG)(DC)(DG)(DG)(DC)(DT)(DG)(DT)(DC)(DA)(DT)(DT)(DC)(DA) F,H,J,L
#
loop_
_chem_comp.id
_chem_comp.type
_chem_comp.name
_chem_comp.formula
CTG DNA linking (5R,6S)-5,6-DIHYDRO-5,6-DIHYDROXYTHYMIDINE-5'-MONOPHOSPHATE 'C10 H17 N2 O10 P'
DA DNA linking 2'-DEOXYADENOSINE-5'-MONOPHOSPHATE 'C10 H14 N5 O6 P'
DC DNA linking 2'-DEOXYCYTIDINE-5'-MONOPHOSPHATE 'C9 H14 N3 O7 P'
DG DNA linking 2'-DEOXYGUANOSINE-5'-MONOPHOSPHATE 'C10 H14 N5 O7 P'
DT DNA linking THYMIDINE-5'-MONOPHOSPHATE 'C10 H15 N2 O8 P'
SO4 non-polymer 'SULFATE ION' 'O4 S -2'
#
# COMPACT_ATOMS: atom_id res chain seq x y z
N MET A 1 32.14 19.27 27.38
CA MET A 1 31.14 20.15 26.71
C MET A 1 31.81 20.93 25.57
N LYS A 2 31.00 21.54 24.70
CA LYS A 2 31.52 22.33 23.59
C LYS A 2 31.78 23.73 24.10
N GLU A 3 33.03 24.17 24.06
CA GLU A 3 33.40 25.48 24.54
C GLU A 3 32.84 26.68 23.75
N PHE A 4 32.80 27.84 24.42
CA PHE A 4 32.31 29.07 23.81
C PHE A 4 32.98 30.30 24.41
N TYR A 5 32.65 31.47 23.88
CA TYR A 5 33.24 32.70 24.36
C TYR A 5 32.31 33.52 25.23
N LEU A 6 32.87 34.31 26.14
CA LEU A 6 32.07 35.16 27.01
C LEU A 6 32.22 36.59 26.52
N THR A 7 33.46 37.03 26.32
CA THR A 7 33.69 38.38 25.83
C THR A 7 34.90 38.45 24.94
N VAL A 8 34.96 39.49 24.11
CA VAL A 8 36.10 39.65 23.24
C VAL A 8 36.44 41.11 23.02
N GLU A 9 37.73 41.40 22.87
CA GLU A 9 38.12 42.78 22.68
C GLU A 9 39.40 42.85 21.88
N GLN A 10 39.63 44.01 21.29
CA GLN A 10 40.84 44.22 20.52
C GLN A 10 41.60 45.36 21.17
N ILE A 11 42.76 45.05 21.72
CA ILE A 11 43.60 46.06 22.36
C ILE A 11 44.96 46.06 21.67
N GLY A 12 45.16 47.05 20.80
CA GLY A 12 46.39 47.13 20.04
C GLY A 12 46.35 46.05 18.97
N ASP A 13 47.40 45.25 18.91
CA ASP A 13 47.49 44.19 17.92
C ASP A 13 47.14 42.82 18.50
N SER A 14 46.38 42.80 19.57
CA SER A 14 46.00 41.51 20.16
C SER A 14 44.52 41.44 20.52
N ILE A 15 43.99 40.22 20.53
CA ILE A 15 42.59 39.98 20.85
C ILE A 15 42.52 39.38 22.24
N PHE A 16 41.90 40.09 23.17
CA PHE A 16 41.74 39.58 24.52
C PHE A 16 40.37 38.94 24.60
N GLU A 17 40.31 37.69 25.05
CA GLU A 17 39.06 36.98 25.15
C GLU A 17 38.88 36.26 26.46
N ARG A 18 37.66 36.30 26.98
CA ARG A 18 37.30 35.59 28.18
C ARG A 18 36.39 34.53 27.58
N TYR A 19 36.44 33.32 28.11
CA TYR A 19 35.63 32.26 27.55
C TYR A 19 35.48 31.06 28.47
N ILE A 20 34.51 30.21 28.16
CA ILE A 20 34.28 28.98 28.91
C ILE A 20 34.98 27.87 28.12
N ASP A 21 35.87 27.13 28.78
CA ASP A 21 36.62 26.06 28.13
C ASP A 21 35.92 24.70 28.20
N SER A 22 36.53 23.71 27.55
CA SER A 22 36.02 22.35 27.50
C SER A 22 35.52 21.76 28.83
N ASN A 23 36.10 22.20 29.94
CA ASN A 23 35.70 21.67 31.24
C ASN A 23 34.92 22.65 32.13
N GLY A 24 34.16 23.54 31.51
CA GLY A 24 33.38 24.50 32.26
C GLY A 24 34.15 25.63 32.92
N ARG A 25 35.48 25.57 32.89
CA ARG A 25 36.30 26.62 33.50
C ARG A 25 36.28 27.92 32.70
N GLU A 26 36.31 29.05 33.39
CA GLU A 26 36.33 30.33 32.70
C GLU A 26 37.79 30.65 32.49
N ARG A 27 38.15 31.11 31.30
CA ARG A 27 39.53 31.41 31.00
C ARG A 27 39.65 32.68 30.22
N THR A 28 40.81 33.31 30.32
CA THR A 28 41.06 34.53 29.61
C THR A 28 42.34 34.23 28.84
N ARG A 29 42.43 34.71 27.60
CA ARG A 29 43.61 34.44 26.79
C ARG A 29 43.88 35.60 25.87
N GLU A 30 45.16 35.84 25.60
CA GLU A 30 45.50 36.91 24.68
C GLU A 30 45.93 36.19 23.42
N VAL A 31 45.61 36.79 22.27
CA VAL A 31 45.96 36.20 21.00
C VAL A 31 46.48 37.23 20.02
N GLU A 32 47.59 36.88 19.37
CA GLU A 32 48.22 37.73 18.37
C GLU A 32 47.50 37.53 17.03
N TYR A 33 46.17 37.53 17.06
CA TYR A 33 45.35 37.31 15.88
C TYR A 33 45.83 37.89 14.55
N LYS A 34 45.76 37.03 13.53
CA LYS A 34 46.16 37.35 12.15
C LYS A 34 44.93 37.54 11.27
N PRO A 35 44.54 38.81 11.02
CA PRO A 35 43.37 39.03 10.18
C PRO A 35 43.67 38.77 8.71
N SER A 36 42.65 38.44 7.96
CA SER A 36 42.80 38.17 6.54
C SER A 36 41.80 39.05 5.81
N LEU A 37 42.27 39.78 4.83
CA LEU A 37 41.39 40.61 4.02
C LEU A 37 41.54 40.15 2.57
N PHE A 38 40.90 40.82 1.62
CA PHE A 38 40.99 40.38 0.25
C PHE A 38 41.01 41.52 -0.78
N ALA A 39 41.62 41.24 -1.93
CA ALA A 39 41.68 42.23 -3.01
C ALA A 39 41.32 41.53 -4.32
N HIS A 40 40.73 42.28 -5.24
CA HIS A 40 40.35 41.74 -6.54
C HIS A 40 41.62 41.41 -7.28
N CYS A 41 41.73 40.15 -7.73
CA CYS A 41 42.92 39.71 -8.45
C CYS A 41 42.60 39.40 -9.92
N PRO A 42 43.63 39.07 -10.72
CA PRO A 42 43.39 38.75 -12.12
C PRO A 42 42.68 37.40 -12.24
N GLU A 43 41.57 37.38 -12.96
CA GLU A 43 40.79 36.17 -13.17
C GLU A 43 41.69 34.99 -13.50
N SER A 44 42.76 35.26 -14.24
CA SER A 44 43.72 34.24 -14.64
C SER A 44 44.47 33.65 -13.44
N GLN A 45 44.11 34.08 -12.24
CA GLN A 45 44.75 33.58 -11.03
C GLN A 45 43.77 32.67 -10.30
N ALA A 46 43.78 31.38 -10.65
CA ALA A 46 42.88 30.43 -10.02
C ALA A 46 43.01 30.46 -8.50
N THR A 47 41.88 30.63 -7.83
CA THR A 47 41.80 30.67 -6.37
C THR A 47 40.46 30.05 -5.95
N LYS A 48 40.01 30.38 -4.75
CA LYS A 48 38.72 29.85 -4.30
C LYS A 48 37.92 30.92 -3.60
N TYR A 49 38.39 32.16 -3.68
CA TYR A 49 37.72 33.26 -3.04
C TYR A 49 37.09 34.23 -4.04
N PHE A 50 35.78 34.43 -3.94
CA PHE A 50 35.10 35.37 -4.82
C PHE A 50 34.15 36.26 -4.03
N ASP A 51 33.87 37.46 -4.51
CA ASP A 51 32.95 38.30 -3.79
C ASP A 51 31.53 37.92 -4.21
N ILE A 52 30.54 38.60 -3.66
CA ILE A 52 29.13 38.31 -3.96
C ILE A 52 28.78 38.52 -5.42
N TYR A 53 29.71 39.10 -6.18
CA TYR A 53 29.48 39.35 -7.60
C TYR A 53 30.26 38.37 -8.45
N GLY A 54 30.71 37.27 -7.86
CA GLY A 54 31.46 36.28 -8.62
C GLY A 54 32.92 36.60 -8.94
N LYS A 55 33.29 37.87 -8.92
CA LYS A 55 34.67 38.26 -9.20
C LYS A 55 35.64 37.52 -8.29
N PRO A 56 36.75 37.01 -8.84
CA PRO A 56 37.78 36.28 -8.10
C PRO A 56 38.54 37.16 -7.10
N CYS A 57 38.91 36.58 -5.98
CA CYS A 57 39.62 37.34 -4.95
C CYS A 57 40.78 36.63 -4.31
N THR A 58 41.84 37.38 -4.07
CA THR A 58 43.03 36.86 -3.44
C THR A 58 43.08 37.27 -1.97
N ARG A 59 43.32 36.27 -1.12
CA ARG A 59 43.41 36.43 0.32
C ARG A 59 44.75 37.06 0.72
N LYS A 60 44.72 37.97 1.69
CA LYS A 60 45.95 38.64 2.14
C LYS A 60 46.08 38.51 3.64
N LEU A 61 46.78 37.47 4.09
CA LEU A 61 46.97 37.22 5.51
C LEU A 61 47.99 38.20 6.10
N PHE A 62 47.53 39.11 6.96
CA PHE A 62 48.41 40.12 7.58
C PHE A 62 49.14 39.67 8.84
N ALA A 63 50.23 40.36 9.16
CA ALA A 63 51.06 40.05 10.35
C ALA A 63 50.32 40.37 11.66
N ASN A 64 49.64 41.50 11.69
CA ASN A 64 48.87 41.92 12.84
C ASN A 64 47.74 42.81 12.35
N MET A 65 46.74 42.99 13.20
CA MET A 65 45.58 43.78 12.83
C MET A 65 45.86 45.22 12.39
N ARG A 66 47.03 45.74 12.75
CA ARG A 66 47.41 47.10 12.38
C ARG A 66 47.78 47.19 10.90
N ASP A 67 48.56 46.22 10.44
CA ASP A 67 48.96 46.19 9.04
C ASP A 67 47.65 46.15 8.28
N ALA A 68 46.77 45.27 8.74
CA ALA A 68 45.44 45.09 8.15
C ALA A 68 44.71 46.40 7.96
N SER A 69 44.69 47.23 8.99
CA SER A 69 44.03 48.52 8.91
C SER A 69 44.89 49.47 8.08
N GLN A 70 46.20 49.29 8.17
CA GLN A 70 47.14 50.13 7.44
C GLN A 70 46.87 49.97 5.96
N TRP A 71 46.61 48.73 5.57
CA TRP A 71 46.31 48.37 4.20
C TRP A 71 44.99 49.00 3.77
N ILE A 72 43.98 48.86 4.62
CA ILE A 72 42.66 49.41 4.35
C ILE A 72 42.69 50.91 4.08
N LYS A 73 43.54 51.62 4.82
CA LYS A 73 43.65 53.07 4.67
C LYS A 73 44.45 53.34 3.38
N ARG A 74 45.47 52.52 3.19
CA ARG A 74 46.32 52.66 2.02
C ARG A 74 45.44 52.47 0.79
N MET A 75 44.72 51.35 0.75
CA MET A 75 43.82 51.04 -0.36
C MET A 75 42.86 52.20 -0.64
N GLU A 76 42.22 52.69 0.41
CA GLU A 76 41.27 53.79 0.26
C GLU A 76 41.92 54.97 -0.45
N ASP A 77 43.20 55.20 -0.18
CA ASP A 77 43.90 56.31 -0.81
C ASP A 77 44.07 56.06 -2.32
N ILE A 78 44.51 54.85 -2.67
CA ILE A 78 44.71 54.47 -4.07
C ILE A 78 43.41 54.46 -4.88
N GLY A 79 42.31 54.14 -4.21
CA GLY A 79 41.01 54.13 -4.86
C GLY A 79 40.52 52.73 -5.23
N LEU A 80 41.03 51.72 -4.54
CA LEU A 80 40.62 50.35 -4.83
C LEU A 80 40.06 49.62 -3.62
N GLU A 81 38.98 48.90 -3.85
CA GLU A 81 38.29 48.16 -2.81
C GLU A 81 39.15 47.26 -1.94
N ALA A 82 38.81 47.19 -0.66
CA ALA A 82 39.48 46.35 0.32
C ALA A 82 38.34 45.50 0.85
N LEU A 83 38.28 44.25 0.43
CA LEU A 83 37.18 43.36 0.82
C LEU A 83 37.48 42.50 2.03
N GLY A 84 36.41 42.13 2.74
CA GLY A 84 36.55 41.30 3.92
C GLY A 84 35.98 41.89 5.22
N MET A 85 36.02 41.08 6.27
CA MET A 85 35.54 41.46 7.60
C MET A 85 36.57 42.35 8.33
N ASP A 86 36.32 43.66 8.33
CA ASP A 86 37.21 44.64 8.96
C ASP A 86 37.14 44.67 10.50
N ASP A 87 36.03 44.19 11.03
CA ASP A 87 35.84 44.12 12.48
C ASP A 87 36.52 42.81 12.85
N PHE A 88 37.81 42.87 13.13
CA PHE A 88 38.58 41.68 13.45
C PHE A 88 38.05 40.85 14.62
N LYS A 89 37.27 41.47 15.50
CA LYS A 89 36.71 40.73 16.62
C LYS A 89 35.74 39.73 16.04
N LEU A 90 34.91 40.20 15.11
CA LEU A 90 33.92 39.35 14.47
C LEU A 90 34.66 38.23 13.75
N ALA A 91 35.63 38.58 12.92
CA ALA A 91 36.42 37.57 12.22
C ALA A 91 37.01 36.59 13.22
N TYR A 92 37.69 37.11 14.25
CA TYR A 92 38.31 36.25 15.25
C TYR A 92 37.27 35.27 15.77
N LEU A 93 36.07 35.77 16.04
CA LEU A 93 35.00 34.92 16.55
C LEU A 93 34.59 33.81 15.57
N SER A 94 34.34 34.17 14.31
CA SER A 94 33.96 33.18 13.30
C SER A 94 35.03 32.10 13.29
N ASP A 95 36.27 32.55 13.20
CA ASP A 95 37.45 31.68 13.14
C ASP A 95 37.64 30.76 14.34
N THR A 96 37.36 31.25 15.54
CA THR A 96 37.55 30.45 16.75
C THR A 96 36.36 29.54 17.06
N TYR A 97 35.17 29.93 16.62
CA TYR A 97 33.98 29.12 16.88
C TYR A 97 33.19 28.84 15.61
N ASN A 98 33.84 28.26 14.60
CA ASN A 98 33.11 27.98 13.39
C ASN A 98 32.30 26.71 13.57
N TYR A 99 31.12 26.90 14.16
CA TYR A 99 30.18 25.83 14.43
C TYR A 99 29.02 26.39 15.24
N GLU A 100 28.05 25.52 15.53
CA GLU A 100 26.87 25.89 16.28
C GLU A 100 27.21 26.11 17.75
N ILE A 101 27.32 27.37 18.15
CA ILE A 101 27.64 27.71 19.54
C ILE A 101 26.53 27.34 20.50
N LYS A 102 26.83 26.41 21.40
CA LYS A 102 25.87 25.99 22.42
C LYS A 102 26.46 26.41 23.76
N TYR A 103 25.84 27.40 24.39
CA TYR A 103 26.30 27.92 25.66
C TYR A 103 25.54 27.35 26.85
N ASP A 104 26.20 27.40 28.00
CA ASP A 104 25.61 26.92 29.24
C ASP A 104 25.49 28.10 30.20
N HIS A 105 24.43 28.88 30.04
CA HIS A 105 24.20 30.07 30.84
C HIS A 105 24.58 29.98 32.34
N THR A 106 24.54 28.79 32.90
CA THR A 106 24.88 28.59 34.31
C THR A 106 26.38 28.78 34.56
N LYS A 107 27.13 29.04 33.49
CA LYS A 107 28.57 29.26 33.60
C LYS A 107 28.90 30.73 33.30
N ILE A 108 27.92 31.45 32.76
CA ILE A 108 28.07 32.87 32.43
C ILE A 108 27.71 33.73 33.62
N ARG A 109 28.71 34.43 34.17
CA ARG A 109 28.47 35.29 35.33
C ARG A 109 27.71 36.55 34.92
N VAL A 110 26.45 36.60 35.31
CA VAL A 110 25.59 37.73 35.00
C VAL A 110 25.30 38.44 36.31
N ALA A 111 25.89 39.63 36.45
CA ALA A 111 25.75 40.43 37.66
C ALA A 111 24.74 41.58 37.55
N ASN A 112 23.97 41.75 38.62
CA ASN A 112 22.95 42.78 38.68
C ASN A 112 23.19 43.69 39.90
N PHE A 113 23.55 44.96 39.70
CA PHE A 113 23.77 45.80 40.86
C PHE A 113 23.15 47.19 40.89
N ASP A 114 23.14 47.77 42.09
CA ASP A 114 22.59 49.09 42.30
C ASP A 114 23.34 49.72 43.46
N ILE A 115 23.56 51.02 43.40
CA ILE A 115 24.24 51.71 44.48
C ILE A 115 23.35 52.80 45.04
N GLU A 116 23.69 53.31 46.22
CA GLU A 116 22.94 54.39 46.82
C GLU A 116 24.01 55.44 47.16
N VAL A 117 23.69 56.71 46.93
CA VAL A 117 24.61 57.81 47.19
C VAL A 117 23.91 59.03 47.77
N THR A 118 23.93 59.14 49.10
CA THR A 118 23.30 60.27 49.80
C THR A 118 23.90 61.58 49.33
N SER A 119 23.05 62.55 49.00
CA SER A 119 23.53 63.86 48.57
C SER A 119 22.48 64.89 48.94
N PRO A 120 22.90 66.02 49.50
CA PRO A 120 21.84 66.98 49.82
C PRO A 120 21.74 68.07 48.77
N ASP A 121 22.80 68.24 47.99
CA ASP A 121 22.83 69.27 46.97
C ASP A 121 22.32 68.86 45.60
N GLY A 122 21.35 67.96 45.56
CA GLY A 122 20.80 67.56 44.27
C GLY A 122 21.35 66.28 43.70
N PHE A 123 20.83 65.86 42.53
CA PHE A 123 21.29 64.63 41.91
C PHE A 123 22.80 64.57 41.78
N PRO A 124 23.42 63.48 42.25
CA PRO A 124 24.86 63.24 42.22
C PRO A 124 25.44 62.94 40.84
N GLU A 125 26.04 63.94 40.21
CA GLU A 125 26.66 63.77 38.89
C GLU A 125 27.68 62.64 38.88
N PRO A 126 27.47 61.61 38.04
CA PRO A 126 28.39 60.47 37.98
C PRO A 126 29.80 60.89 37.54
N SER A 127 29.86 61.79 36.56
CA SER A 127 31.14 62.26 36.04
C SER A 127 31.91 63.09 37.05
N GLN A 128 31.46 63.09 38.30
CA GLN A 128 32.11 63.86 39.35
C GLN A 128 32.14 63.06 40.63
N ALA A 129 31.03 62.38 40.92
CA ALA A 129 30.92 61.57 42.12
C ALA A 129 31.45 62.34 43.33
N LYS A 130 30.85 63.50 43.57
CA LYS A 130 31.25 64.36 44.68
C LYS A 130 30.95 63.77 46.04
N HIS A 131 30.00 62.84 46.09
CA HIS A 131 29.59 62.23 47.35
C HIS A 131 29.97 60.77 47.53
N PRO A 132 30.03 60.29 48.78
CA PRO A 132 30.38 58.91 49.10
C PRO A 132 29.33 57.94 48.60
N ILE A 133 29.78 56.73 48.27
CA ILE A 133 28.87 55.67 47.83
C ILE A 133 28.55 55.01 49.17
N ASP A 134 27.32 55.14 49.65
CA ASP A 134 26.99 54.54 50.94
C ASP A 134 26.29 53.20 50.93
N ALA A 135 26.08 52.63 49.75
CA ALA A 135 25.46 51.30 49.65
C ALA A 135 25.62 50.67 48.26
N ILE A 136 25.80 49.35 48.26
CA ILE A 136 25.93 48.62 47.02
C ILE A 136 25.38 47.23 47.19
N THR A 137 24.37 46.89 46.39
CA THR A 137 23.82 45.56 46.41
C THR A 137 24.22 45.03 45.05
N HIS A 138 24.97 43.94 45.05
CA HIS A 138 25.46 43.33 43.81
C HIS A 138 25.13 41.85 43.78
N TYR A 139 24.06 41.52 43.07
CA TYR A 139 23.61 40.15 42.92
C TYR A 139 24.44 39.41 41.87
N ASP A 140 24.80 38.17 42.18
CA ASP A 140 25.62 37.35 41.30
C ASP A 140 24.91 36.03 40.94
N SER A 141 24.59 35.86 39.65
CA SER A 141 23.91 34.66 39.16
C SER A 141 24.63 33.33 39.40
N ILE A 142 25.95 33.33 39.54
CA ILE A 142 26.67 32.08 39.78
C ILE A 142 26.39 31.64 41.22
N ASP A 143 26.63 32.53 42.17
CA ASP A 143 26.40 32.18 43.57
C ASP A 143 24.91 32.33 43.95
N ASP A 144 24.13 32.99 43.11
CA ASP A 144 22.72 33.27 43.39
C ASP A 144 22.68 33.91 44.79
N ARG A 145 23.44 34.99 44.92
CA ARG A 145 23.55 35.70 46.18
C ARG A 145 23.53 37.20 46.01
N PHE A 146 22.95 37.88 46.98
CA PHE A 146 22.92 39.35 46.97
C PHE A 146 24.04 39.79 47.91
N TYR A 147 25.04 40.50 47.40
CA TYR A 147 26.13 40.98 48.24
C TYR A 147 25.90 42.44 48.59
N VAL A 148 25.60 42.71 49.86
CA VAL A 148 25.33 44.07 50.33
C VAL A 148 26.55 44.76 50.97
N PHE A 149 26.87 45.96 50.52
CA PHE A 149 28.00 46.71 51.06
C PHE A 149 27.44 47.98 51.69
N ASP A 150 27.38 47.97 53.02
CA ASP A 150 26.79 49.05 53.79
C ASP A 150 27.81 49.98 54.44
N LEU A 151 27.72 51.27 54.15
CA LEU A 151 28.63 52.25 54.75
C LEU A 151 28.06 52.76 56.06
N LEU A 152 28.67 52.38 57.18
CA LEU A 152 28.20 52.83 58.50
C LEU A 152 28.54 54.28 58.85
N ASN A 153 29.62 54.84 58.34
CA ASN A 153 29.94 56.21 58.69
C ASN A 153 30.30 57.07 57.50
N SER A 154 29.72 58.25 57.44
CA SER A 154 30.02 59.15 56.34
C SER A 154 29.75 60.60 56.75
N PRO A 155 30.31 61.53 55.98
CA PRO A 155 30.09 62.94 56.31
C PRO A 155 28.62 63.26 56.53
N TYR A 156 27.73 62.37 56.09
CA TYR A 156 26.30 62.60 56.24
C TYR A 156 25.66 61.82 57.35
N GLY A 157 26.45 61.06 58.10
CA GLY A 157 25.87 60.32 59.19
C GLY A 157 26.56 59.05 59.61
N ASN A 158 26.23 58.59 60.81
CA ASN A 158 26.77 57.36 61.36
C ASN A 158 25.53 56.61 61.76
N VAL A 159 25.47 55.34 61.36
CA VAL A 159 24.29 54.55 61.62
C VAL A 159 24.63 53.16 62.10
N GLU A 160 23.62 52.45 62.58
CA GLU A 160 23.78 51.09 63.07
C GLU A 160 23.80 50.12 61.87
N GLU A 161 24.16 48.87 62.13
CA GLU A 161 24.17 47.87 61.08
C GLU A 161 22.74 47.61 60.65
N TRP A 162 22.60 47.17 59.41
CA TRP A 162 21.30 46.84 58.86
C TRP A 162 20.91 45.51 59.46
N SER A 163 19.65 45.37 59.83
CA SER A 163 19.16 44.13 60.44
C SER A 163 18.39 43.28 59.46
N ILE A 164 18.78 42.02 59.31
CA ILE A 164 18.10 41.14 58.38
C ILE A 164 16.80 40.60 58.97
N GLU A 165 16.73 40.53 60.30
CA GLU A 165 15.53 40.04 60.97
C GLU A 165 14.41 41.06 60.78
N ILE A 166 14.77 42.33 60.93
CA ILE A 166 13.80 43.40 60.78
C ILE A 166 13.36 43.53 59.33
N ALA A 167 14.27 43.26 58.40
CA ALA A 167 13.96 43.35 56.98
C ALA A 167 12.87 42.34 56.60
N ALA A 168 12.93 41.16 57.24
CA ALA A 168 11.96 40.10 56.99
C ALA A 168 10.55 40.36 57.57
N LYS A 169 10.47 41.02 58.72
CA LYS A 169 9.17 41.29 59.35
C LYS A 169 8.23 42.07 58.42
N LEU A 170 6.96 42.14 58.80
CA LEU A 170 5.94 42.84 58.02
C LEU A 170 5.95 44.35 58.20
N GLN A 171 5.33 45.07 57.28
CA GLN A 171 5.27 46.53 57.36
C GLN A 171 4.66 47.00 58.69
N GLU A 172 3.53 46.42 59.08
CA GLU A 172 2.86 46.77 60.33
C GLU A 172 3.71 46.50 61.58
N GLN A 173 4.74 45.68 61.43
CA GLN A 173 5.63 45.37 62.54
C GLN A 173 6.89 46.23 62.51
N GLY A 174 6.97 47.12 61.53
CA GLY A 174 8.14 47.97 61.37
C GLY A 174 9.18 47.32 60.47
N GLY A 175 8.78 46.26 59.77
CA GLY A 175 9.69 45.54 58.89
C GLY A 175 9.80 46.17 57.51
N ASP A 176 10.54 45.52 56.62
CA ASP A 176 10.71 46.05 55.28
C ASP A 176 10.15 45.11 54.24
N GLU A 177 9.62 43.99 54.72
CA GLU A 177 9.02 42.99 53.87
C GLU A 177 9.93 42.45 52.78
N VAL A 178 11.23 42.39 53.07
CA VAL A 178 12.18 41.83 52.13
C VAL A 178 11.64 40.41 51.96
N PRO A 179 11.27 40.02 50.72
CA PRO A 179 10.73 38.70 50.38
C PRO A 179 11.51 37.51 50.92
N SER A 180 10.80 36.50 51.42
CA SER A 180 11.47 35.32 51.97
C SER A 180 12.34 34.57 50.96
N GLU A 181 12.03 34.72 49.68
CA GLU A 181 12.79 34.06 48.63
C GLU A 181 14.27 34.44 48.65
N ILE A 182 14.56 35.68 49.03
CA ILE A 182 15.94 36.12 49.04
C ILE A 182 16.54 36.39 50.41
N ILE A 183 15.70 36.41 51.44
CA ILE A 183 16.17 36.68 52.80
C ILE A 183 17.33 35.79 53.21
N ASP A 184 17.39 34.58 52.65
CA ASP A 184 18.46 33.64 52.96
C ASP A 184 19.63 33.78 52.00
N LYS A 185 19.44 34.54 50.94
CA LYS A 185 20.47 34.72 49.93
C LYS A 185 21.24 36.04 50.04
N ILE A 186 21.06 36.74 51.14
CA ILE A 186 21.75 38.01 51.33
C ILE A 186 23.05 37.87 52.11
N ILE A 187 24.10 38.47 51.60
CA ILE A 187 25.38 38.45 52.29
C ILE A 187 25.72 39.90 52.54
N TYR A 188 25.48 40.30 53.79
CA TYR A 188 25.69 41.66 54.30
C TYR A 188 27.11 41.89 54.80
N MET A 189 27.72 42.97 54.36
CA MET A 189 29.07 43.29 54.79
C MET A 189 29.09 44.76 55.18
N PRO A 190 29.11 45.05 56.48
CA PRO A 190 29.13 46.46 56.90
C PRO A 190 30.55 47.02 56.84
N PHE A 191 30.68 48.33 56.71
CA PHE A 191 32.00 48.96 56.65
C PHE A 191 32.08 50.21 57.51
N ASP A 192 33.28 50.51 57.98
CA ASP A 192 33.47 51.66 58.84
C ASP A 192 33.76 52.93 58.06
N ASN A 193 34.32 52.79 56.86
CA ASN A 193 34.58 53.96 56.03
C ASN A 193 34.49 53.61 54.53
N GLU A 194 34.22 54.62 53.72
CA GLU A 194 34.07 54.43 52.29
C GLU A 194 35.24 53.72 51.62
N LYS A 195 36.45 54.23 51.83
CA LYS A 195 37.64 53.62 51.25
C LYS A 195 37.72 52.15 51.57
N GLU A 196 37.40 51.76 52.80
CA GLU A 196 37.44 50.35 53.16
C GLU A 196 36.42 49.59 52.30
N LEU A 197 35.21 50.15 52.16
CA LEU A 197 34.16 49.53 51.38
C LEU A 197 34.50 49.45 49.88
N LEU A 198 34.90 50.57 49.29
CA LEU A 198 35.25 50.61 47.87
C LEU A 198 36.32 49.58 47.55
N MET A 199 37.36 49.54 48.38
CA MET A 199 38.44 48.59 48.16
C MET A 199 37.99 47.15 48.31
N GLU A 200 37.11 46.88 49.26
CA GLU A 200 36.64 45.51 49.41
C GLU A 200 35.73 45.17 48.22
N TYR A 201 35.01 46.17 47.71
CA TYR A 201 34.12 45.93 46.58
C TYR A 201 34.94 45.59 45.36
N LEU A 202 35.94 46.42 45.11
CA LEU A 202 36.83 46.25 43.99
C LEU A 202 37.51 44.88 44.07
N ASN A 203 37.79 44.41 45.28
CA ASN A 203 38.42 43.11 45.43
C ASN A 203 37.41 42.03 45.12
N PHE A 204 36.18 42.26 45.57
CA PHE A 204 35.07 41.34 45.34
C PHE A 204 34.94 41.19 43.82
N TRP A 205 35.07 42.33 43.14
CA TRP A 205 34.96 42.42 41.69
C TRP A 205 36.02 41.60 40.95
N GLN A 206 37.16 41.37 41.58
CA GLN A 206 38.19 40.58 40.91
C GLN A 206 37.88 39.11 41.16
N GLN A 207 37.52 38.78 42.39
CA GLN A 207 37.23 37.39 42.71
C GLN A 207 36.06 36.93 41.86
N LYS A 208 35.13 37.84 41.58
CA LYS A 208 33.97 37.47 40.78
C LYS A 208 33.68 38.54 39.75
N THR A 209 34.49 38.60 38.70
CA THR A 209 34.28 39.60 37.67
C THR A 209 33.09 39.25 36.82
N PRO A 210 32.19 40.22 36.60
CA PRO A 210 31.00 39.96 35.79
C PRO A 210 31.35 39.81 34.30
N VAL A 211 30.54 39.01 33.62
CA VAL A 211 30.69 38.82 32.19
C VAL A 211 29.59 39.72 31.60
N ILE A 212 28.37 39.46 32.05
CA ILE A 212 27.19 40.24 31.67
C ILE A 212 26.86 41.14 32.87
N LEU A 213 26.87 42.45 32.66
CA LEU A 213 26.61 43.39 33.72
C LEU A 213 25.32 44.13 33.48
N THR A 214 24.36 43.99 34.40
CA THR A 214 23.09 44.68 34.25
C THR A 214 22.53 45.37 35.50
N GLY A 215 21.33 45.93 35.35
CA GLY A 215 20.69 46.64 36.44
C GLY A 215 19.91 47.74 35.78
N TRP A 216 19.36 48.67 36.55
CA TRP A 216 18.57 49.74 35.96
C TRP A 216 19.37 51.04 35.93
N ASN A 217 19.60 51.58 34.74
CA ASN A 217 20.38 52.81 34.54
C ASN A 217 21.81 52.59 34.98
N VAL A 218 22.17 51.32 35.14
CA VAL A 218 23.51 50.99 35.56
C VAL A 218 24.59 51.56 34.64
N GLU A 219 24.30 51.73 33.35
CA GLU A 219 25.30 52.26 32.42
C GLU A 219 25.36 53.78 32.38
N SER A 220 24.28 54.43 32.76
CA SER A 220 24.30 55.89 32.76
C SER A 220 24.55 56.44 34.15
N PHE A 221 24.37 55.60 35.19
CA PHE A 221 24.59 56.05 36.56
C PHE A 221 25.57 55.20 37.36
N ALA A 222 25.10 54.07 37.88
CA ALA A 222 25.93 53.19 38.70
C ALA A 222 27.38 53.04 38.23
N ILE A 223 27.61 52.38 37.11
CA ILE A 223 28.97 52.19 36.61
C ILE A 223 29.82 53.45 36.55
N PRO A 224 29.33 54.51 35.90
CA PRO A 224 30.10 55.75 35.81
C PRO A 224 30.47 56.31 37.18
N TYR A 225 29.52 56.22 38.11
CA TYR A 225 29.74 56.73 39.45
C TYR A 225 30.86 55.94 40.10
N VAL A 226 30.62 54.67 40.38
CA VAL A 226 31.60 53.81 40.99
C VAL A 226 33.00 54.05 40.38
N TYR A 227 33.06 54.07 39.06
CA TYR A 227 34.36 54.27 38.39
C TYR A 227 34.98 55.60 38.78
N ASN A 228 34.24 56.70 38.66
CA ASN A 228 34.79 58.00 38.98
C ASN A 228 35.05 58.25 40.47
N ARG A 229 34.27 57.60 41.35
CA ARG A 229 34.43 57.77 42.79
C ARG A 229 35.79 57.21 43.11
N ILE A 230 35.98 55.98 42.68
CA ILE A 230 37.21 55.26 42.90
C ILE A 230 38.40 55.97 42.26
N LYS A 231 38.22 56.52 41.07
CA LYS A 231 39.33 57.20 40.41
C LYS A 231 39.72 58.45 41.15
N ASN A 232 38.72 59.23 41.57
CA ASN A 232 38.96 60.47 42.30
C ASN A 232 39.58 60.25 43.68
N ILE A 233 39.51 59.03 44.21
CA ILE A 233 40.06 58.77 45.53
C ILE A 233 41.33 57.95 45.48
N PHE A 234 41.37 56.93 44.64
CA PHE A 234 42.55 56.08 44.58
C PHE A 234 43.38 56.21 43.33
N GLY A 235 42.96 57.09 42.42
CA GLY A 235 43.69 57.24 41.17
C GLY A 235 43.18 56.31 40.09
N GLU A 236 43.29 56.76 38.84
CA GLU A 236 42.83 56.00 37.69
C GLU A 236 43.36 54.58 37.60
N SER A 237 44.57 54.36 38.10
CA SER A 237 45.18 53.02 38.06
C SER A 237 44.34 51.97 38.80
N THR A 238 43.78 52.36 39.93
CA THR A 238 42.95 51.47 40.74
C THR A 238 41.57 51.36 40.12
N ALA A 239 41.10 52.49 39.59
CA ALA A 239 39.77 52.54 38.97
C ALA A 239 39.68 51.59 37.77
N LYS A 240 40.72 51.55 36.94
CA LYS A 240 40.72 50.69 35.77
C LYS A 240 40.72 49.19 36.10
N ARG A 241 40.67 48.84 37.38
CA ARG A 241 40.63 47.44 37.79
C ARG A 241 39.21 46.90 37.59
N LEU A 242 38.25 47.78 37.40
CA LEU A 242 36.88 47.35 37.17
C LEU A 242 36.84 46.55 35.84
N SER A 243 37.89 46.69 35.03
CA SER A 243 38.00 45.99 33.77
C SER A 243 38.92 44.80 33.95
N PRO A 244 38.51 43.62 33.45
CA PRO A 244 39.35 42.43 33.61
C PRO A 244 40.67 42.57 32.83
N HIS A 245 40.72 43.51 31.90
CA HIS A 245 41.92 43.74 31.11
C HIS A 245 42.55 45.06 31.50
N ARG A 246 42.02 45.68 32.56
CA ARG A 246 42.54 46.94 33.06
C ARG A 246 42.53 48.00 31.98
N LYS A 247 41.53 47.96 31.11
CA LYS A 247 41.42 48.93 30.03
C LYS A 247 40.03 49.52 30.09
N THR A 248 39.92 50.84 30.01
CA THR A 248 38.62 51.50 30.07
C THR A 248 38.64 52.72 29.18
N ARG A 249 37.50 53.02 28.56
CA ARG A 249 37.43 54.18 27.70
C ARG A 249 36.19 54.98 28.01
N VAL A 250 36.32 56.29 28.11
CA VAL A 250 35.17 57.12 28.35
C VAL A 250 34.58 57.27 26.95
N LYS A 251 33.27 57.08 26.84
CA LYS A 251 32.59 57.17 25.55
C LYS A 251 31.57 58.30 25.68
N VAL A 252 31.75 59.37 24.90
CA VAL A 252 30.82 60.50 24.96
C VAL A 252 29.71 60.42 23.91
N ILE A 253 28.55 59.91 24.33
CA ILE A 253 27.40 59.78 23.44
C ILE A 253 26.70 61.15 23.41
N GLU A 254 26.31 61.60 22.22
CA GLU A 254 25.66 62.90 22.10
C GLU A 254 24.41 62.82 21.22
N ASN A 255 23.30 63.32 21.74
CA ASN A 255 22.06 63.30 20.98
C ASN A 255 21.72 64.66 20.39
N MET A 256 20.43 64.88 20.14
CA MET A 256 19.96 66.14 19.56
C MET A 256 19.68 67.19 20.64
N TYR A 257 20.07 66.92 21.89
CA TYR A 257 19.82 67.88 22.97
C TYR A 257 21.01 68.07 23.89
N GLY A 258 22.15 67.52 23.50
CA GLY A 258 23.34 67.66 24.32
C GLY A 258 24.21 66.42 24.31
N SER A 259 24.76 66.09 25.47
CA SER A 259 25.64 64.92 25.58
C SER A 259 25.97 64.53 27.02
N ARG A 260 26.26 63.25 27.19
CA ARG A 260 26.65 62.69 28.49
C ARG A 260 27.70 61.63 28.20
N GLU A 261 28.27 61.02 29.23
CA GLU A 261 29.29 60.02 29.00
C GLU A 261 29.15 58.74 29.81
N ILE A 262 29.49 57.62 29.21
CA ILE A 262 29.43 56.34 29.90
C ILE A 262 30.84 55.80 29.86
N ILE A 263 31.10 54.82 30.69
CA ILE A 263 32.43 54.25 30.78
C ILE A 263 32.45 52.86 30.22
N THR A 264 33.37 52.64 29.29
CA THR A 264 33.53 51.34 28.66
C THR A 264 34.46 50.45 29.45
N LEU A 265 33.94 49.33 29.92
CA LEU A 265 34.72 48.40 30.67
C LEU A 265 35.13 47.25 29.77
N PHE A 266 36.29 47.41 29.11
CA PHE A 266 36.80 46.36 28.23
C PHE A 266 36.75 45.04 28.96
N GLY A 267 36.22 44.02 28.31
CA GLY A 267 36.13 42.70 28.92
C GLY A 267 34.83 42.45 29.64
N ILE A 268 33.89 43.38 29.51
CA ILE A 268 32.58 43.23 30.14
C ILE A 268 31.45 43.65 29.21
N SER A 269 30.35 42.90 29.27
CA SER A 269 29.19 43.20 28.43
C SER A 269 28.10 43.89 29.23
N VAL A 270 27.92 45.17 28.95
CA VAL A 270 26.89 45.92 29.65
C VAL A 270 25.57 45.96 28.90
N LEU A 271 24.61 45.23 29.45
CA LEU A 271 23.26 45.17 28.92
C LEU A 271 22.38 45.80 29.99
N ASP A 272 22.38 47.12 30.06
CA ASP A 272 21.58 47.88 31.03
C ASP A 272 20.11 47.54 30.79
N TYR A 273 19.50 46.87 31.75
CA TYR A 273 18.12 46.47 31.62
C TYR A 273 17.10 47.52 31.23
N ILE A 274 17.36 48.79 31.50
CA ILE A 274 16.41 49.82 31.12
C ILE A 274 16.39 49.86 29.60
N ASP A 275 17.57 49.79 29.01
CA ASP A 275 17.72 49.79 27.56
C ASP A 275 17.28 48.44 26.99
N LEU A 276 17.48 47.39 27.76
CA LEU A 276 17.09 46.06 27.35
C LEU A 276 15.57 46.02 27.34
N TYR A 277 14.96 46.99 28.03
CA TYR A 277 13.50 47.05 28.13
C TYR A 277 12.93 47.95 27.05
N LYS A 278 13.47 49.15 26.93
CA LYS A 278 13.01 50.11 25.94
C LYS A 278 13.11 49.57 24.50
N LYS A 279 13.82 48.45 24.32
CA LYS A 279 13.99 47.90 23.00
C LYS A 279 13.36 46.54 22.75
N PHE A 280 12.80 45.94 23.79
CA PHE A 280 12.17 44.64 23.61
C PHE A 280 10.81 44.51 24.31
N SER A 281 10.32 45.61 24.84
CA SER A 281 9.03 45.62 25.54
C SER A 281 7.96 46.02 24.53
N PHE A 282 8.40 46.67 23.45
CA PHE A 282 7.47 47.10 22.41
C PHE A 282 6.18 47.67 23.03
N THR A 283 6.29 48.90 23.52
CA THR A 283 5.21 49.64 24.16
C THR A 283 5.80 50.88 24.77
N ASN A 284 5.10 52.00 24.65
CA ASN A 284 5.61 53.24 25.21
C ASN A 284 5.02 53.47 26.61
N GLN A 285 5.90 53.79 27.55
CA GLN A 285 5.47 54.03 28.91
C GLN A 285 5.64 55.50 29.23
N PRO A 286 4.67 56.07 29.96
CA PRO A 286 4.75 57.49 30.31
C PRO A 286 5.91 57.79 31.23
N SER A 287 6.51 56.72 31.76
CA SER A 287 7.66 56.79 32.67
C SER A 287 8.41 55.47 32.60
N TYR A 288 9.73 55.53 32.52
CA TYR A 288 10.51 54.31 32.46
C TYR A 288 11.26 54.05 33.75
N SER A 289 10.89 54.80 34.78
CA SER A 289 11.46 54.64 36.11
C SER A 289 11.22 53.18 36.51
N LEU A 290 12.13 52.66 37.33
CA LEU A 290 12.04 51.27 37.79
C LEU A 290 10.78 51.07 38.63
N ASP A 291 10.39 52.11 39.34
CA ASP A 291 9.20 52.03 40.15
C ASP A 291 7.99 51.84 39.24
N TYR A 292 7.87 52.70 38.23
CA TYR A 292 6.76 52.64 37.27
C TYR A 292 6.75 51.34 36.49
N ILE A 293 7.92 50.93 36.01
CA ILE A 293 8.01 49.69 35.23
C ILE A 293 7.79 48.47 36.10
N SER A 294 8.29 48.49 37.32
CA SER A 294 8.14 47.34 38.20
C SER A 294 6.67 47.14 38.58
N GLU A 295 5.95 48.24 38.77
CA GLU A 295 4.54 48.15 39.13
C GLU A 295 3.77 47.55 37.95
N PHE A 296 3.95 48.16 36.78
CA PHE A 296 3.33 47.75 35.52
C PHE A 296 3.57 46.27 35.17
N GLU A 297 4.63 45.69 35.71
CA GLU A 297 4.99 44.31 35.40
C GLU A 297 4.80 43.29 36.50
N LEU A 298 4.67 43.72 37.74
CA LEU A 298 4.51 42.75 38.83
C LEU A 298 3.49 43.17 39.87
N ASN A 299 2.85 44.32 39.66
CA ASN A 299 1.86 44.83 40.62
C ASN A 299 2.54 45.08 41.97
N VAL A 300 3.64 45.84 41.92
CA VAL A 300 4.40 46.18 43.10
C VAL A 300 5.68 46.85 42.62
N GLY A 301 6.14 47.88 43.32
CA GLY A 301 7.36 48.57 42.91
C GLY A 301 8.56 48.47 43.84
N LYS A 302 9.20 49.60 44.08
CA LYS A 302 10.35 49.68 44.96
C LYS A 302 9.81 50.04 46.35
N LEU A 303 10.47 49.60 47.41
CA LEU A 303 10.01 49.89 48.76
C LEU A 303 9.51 51.34 48.92
N LYS A 304 8.51 51.51 49.79
CA LYS A 304 7.94 52.82 50.06
C LYS A 304 8.72 53.43 51.24
N TYR A 305 8.70 54.76 51.35
CA TYR A 305 9.42 55.44 52.43
C TYR A 305 8.98 56.88 52.68
N ASP A 306 9.12 57.34 53.91
CA ASP A 306 8.70 58.69 54.25
C ASP A 306 9.85 59.67 54.14
N GLY A 307 9.56 60.86 53.64
CA GLY A 307 10.59 61.89 53.48
C GLY A 307 11.40 61.74 52.20
N PRO A 308 12.30 62.67 51.91
CA PRO A 308 13.14 62.60 50.70
C PRO A 308 14.30 61.61 50.83
N ILE A 309 14.59 60.86 49.76
CA ILE A 309 15.67 59.87 49.78
C ILE A 309 16.95 60.50 50.32
N SER A 310 17.06 61.80 50.11
CA SER A 310 18.20 62.57 50.54
C SER A 310 18.45 62.46 52.03
N LYS A 311 17.39 62.12 52.77
CA LYS A 311 17.50 62.02 54.21
C LYS A 311 17.08 60.66 54.71
N LEU A 312 16.76 59.77 53.79
CA LEU A 312 16.30 58.43 54.19
C LEU A 312 17.34 57.59 54.92
N ARG A 313 18.60 57.77 54.58
CA ARG A 313 19.68 57.02 55.21
C ARG A 313 19.81 57.39 56.68
N GLU A 314 19.82 58.70 56.94
CA GLU A 314 19.93 59.21 58.28
C GLU A 314 18.70 58.88 59.13
N SER A 315 17.52 59.25 58.65
CA SER A 315 16.29 59.02 59.40
C SER A 315 15.85 57.58 59.49
N ASN A 316 16.27 56.76 58.52
CA ASN A 316 15.85 55.36 58.54
C ASN A 316 16.80 54.47 57.75
N HIS A 317 18.03 54.33 58.22
CA HIS A 317 19.01 53.52 57.52
C HIS A 317 18.55 52.08 57.24
N GLN A 318 17.60 51.57 58.02
CA GLN A 318 17.08 50.21 57.81
C GLN A 318 16.31 50.08 56.50
N ARG A 319 15.40 51.03 56.28
CA ARG A 319 14.61 51.01 55.07
C ARG A 319 15.54 51.21 53.87
N TYR A 320 16.46 52.14 54.04
CA TYR A 320 17.45 52.52 53.04
C TYR A 320 18.16 51.33 52.44
N ILE A 321 18.75 50.50 53.29
CA ILE A 321 19.45 49.33 52.78
C ILE A 321 18.46 48.35 52.14
N SER A 322 17.33 48.13 52.80
CA SER A 322 16.33 47.20 52.25
C SER A 322 15.85 47.68 50.88
N TYR A 323 15.61 48.99 50.79
CA TYR A 323 15.20 49.63 49.56
C TYR A 323 16.21 49.23 48.45
N ASN A 324 17.48 49.47 48.72
CA ASN A 324 18.54 49.15 47.79
C ASN A 324 18.55 47.67 47.42
N ILE A 325 18.12 46.81 48.31
CA ILE A 325 18.10 45.38 48.02
C ILE A 325 16.91 45.05 47.13
N ILE A 326 15.76 45.63 47.44
CA ILE A 326 14.57 45.36 46.67
C ILE A 326 14.72 45.87 45.23
N ALA A 327 15.44 46.98 45.06
CA ALA A 327 15.63 47.56 43.73
C ALA A 327 16.41 46.61 42.81
N VAL A 328 17.39 45.92 43.38
CA VAL A 328 18.18 45.00 42.60
C VAL A 328 17.33 43.77 42.31
N TYR A 329 16.47 43.42 43.27
CA TYR A 329 15.61 42.26 43.11
C TYR A 329 14.47 42.49 42.12
N ARG A 330 13.91 43.69 42.11
CA ARG A 330 12.83 43.97 41.18
C ARG A 330 13.28 43.68 39.75
N VAL A 331 14.47 44.19 39.40
CA VAL A 331 15.02 44.00 38.08
C VAL A 331 15.06 42.50 37.80
N LEU A 332 15.65 41.74 38.70
CA LEU A 332 15.70 40.29 38.53
C LEU A 332 14.33 39.67 38.27
N GLN A 333 13.28 40.19 38.91
CA GLN A 333 11.93 39.67 38.74
C GLN A 333 11.37 40.07 37.39
N ILE A 334 11.59 41.33 37.02
CA ILE A 334 11.15 41.85 35.74
C ILE A 334 11.84 41.06 34.61
N ASP A 335 12.95 40.40 34.92
CA ASP A 335 13.67 39.61 33.94
C ASP A 335 13.25 38.16 34.07
N ALA A 336 12.50 37.86 35.12
CA ALA A 336 12.05 36.49 35.31
C ALA A 336 10.83 36.37 34.41
N LYS A 337 10.40 37.51 33.90
CA LYS A 337 9.23 37.58 33.03
C LYS A 337 9.60 37.76 31.57
N ARG A 338 10.53 38.67 31.30
CA ARG A 338 10.94 38.99 29.93
C ARG A 338 12.05 38.14 29.34
N GLN A 339 12.92 37.61 30.19
CA GLN A 339 14.03 36.79 29.71
C GLN A 339 14.92 37.55 28.74
N PHE A 340 14.78 38.87 28.68
CA PHE A 340 15.57 39.71 27.80
C PHE A 340 17.08 39.46 27.88
N ILE A 341 17.54 38.89 29.01
CA ILE A 341 18.95 38.59 29.18
C ILE A 341 19.25 37.35 28.33
N ASN A 342 18.48 36.30 28.57
CA ASN A 342 18.62 35.05 27.83
C ASN A 342 18.42 35.37 26.35
N LEU A 343 17.40 36.16 26.05
CA LEU A 343 17.15 36.54 24.68
C LEU A 343 18.46 37.05 24.07
N SER A 344 19.07 38.03 24.73
CA SER A 344 20.33 38.64 24.29
C SER A 344 21.43 37.64 24.00
N LEU A 345 21.72 36.79 24.98
CA LEU A 345 22.76 35.79 24.83
C LEU A 345 22.47 34.92 23.62
N ASP A 346 21.24 34.46 23.54
CA ASP A 346 20.78 33.60 22.45
C ASP A 346 21.00 34.29 21.10
N MET A 347 20.48 35.51 20.99
CA MET A 347 20.63 36.27 19.76
C MET A 347 22.10 36.50 19.43
N GLY A 348 22.87 36.92 20.43
CA GLY A 348 24.28 37.19 20.23
C GLY A 348 25.12 36.01 19.79
N TYR A 349 24.86 34.85 20.38
CA TYR A 349 25.62 33.65 20.03
C TYR A 349 25.20 33.05 18.69
N TYR A 350 23.95 33.32 18.29
CA TYR A 350 23.44 32.84 17.01
C TYR A 350 24.24 33.55 15.93
N ALA A 351 24.31 34.87 16.03
CA ALA A 351 25.04 35.69 15.07
C ALA A 351 26.56 35.73 15.29
N LYS A 352 27.02 35.21 16.44
CA LYS A 352 28.45 35.22 16.77
C LYS A 352 29.02 36.65 16.89
N ILE A 353 28.39 37.46 17.72
CA ILE A 353 28.84 38.83 17.95
C ILE A 353 28.99 39.07 19.45
N GLN A 354 29.47 40.25 19.81
CA GLN A 354 29.62 40.62 21.22
C GLN A 354 28.19 40.80 21.72
N ILE A 355 27.84 40.20 22.85
CA ILE A 355 26.47 40.33 23.35
C ILE A 355 25.89 41.73 23.34
N GLN A 356 26.62 42.72 23.83
CA GLN A 356 26.07 44.06 23.83
C GLN A 356 25.70 44.54 22.42
N SER A 357 26.21 43.86 21.40
CA SER A 357 25.94 44.30 20.03
C SER A 357 24.49 44.07 19.60
N VAL A 358 23.80 43.16 20.26
CA VAL A 358 22.42 42.88 19.90
C VAL A 358 21.54 44.14 19.85
N PHE A 359 22.02 45.23 20.46
CA PHE A 359 21.27 46.49 20.43
C PHE A 359 21.37 47.05 19.02
N SER A 360 22.29 46.49 18.25
CA SER A 360 22.54 46.92 16.87
C SER A 360 22.04 45.92 15.82
N PRO A 361 20.99 46.28 15.07
CA PRO A 361 20.42 45.42 14.04
C PRO A 361 21.50 45.23 12.97
N ILE A 362 22.07 46.34 12.52
CA ILE A 362 23.13 46.33 11.53
C ILE A 362 24.18 45.29 11.89
N LYS A 363 24.84 45.49 13.02
CA LYS A 363 25.90 44.60 13.48
C LYS A 363 25.50 43.13 13.56
N THR A 364 24.29 42.85 14.04
CA THR A 364 23.87 41.46 14.16
C THR A 364 23.80 40.84 12.75
N TRP A 365 23.07 41.50 11.86
CA TRP A 365 22.97 40.99 10.50
C TRP A 365 24.30 40.91 9.77
N ASP A 366 25.09 41.97 9.84
CA ASP A 366 26.40 41.97 9.19
C ASP A 366 27.09 40.69 9.59
N ALA A 367 27.04 40.40 10.88
CA ALA A 367 27.67 39.20 11.41
C ALA A 367 27.09 37.87 10.91
N ILE A 368 25.77 37.80 10.77
CA ILE A 368 25.14 36.56 10.32
C ILE A 368 25.44 36.27 8.84
N ILE A 369 25.43 37.32 8.03
CA ILE A 369 25.73 37.18 6.63
C ILE A 369 27.20 36.79 6.45
N PHE A 370 28.10 37.53 7.11
CA PHE A 370 29.54 37.27 7.03
C PHE A 370 29.90 35.84 7.38
N ASN A 371 29.15 35.23 8.28
CA ASN A 371 29.44 33.85 8.66
C ASN A 371 28.90 32.89 7.62
N SER A 372 27.88 33.34 6.91
CA SER A 372 27.27 32.52 5.87
C SER A 372 28.18 32.54 4.64
N LEU A 373 28.45 33.74 4.12
CA LEU A 373 29.31 33.88 2.97
C LEU A 373 30.69 33.25 3.23
N LYS A 374 31.10 33.22 4.49
CA LYS A 374 32.39 32.65 4.85
C LYS A 374 32.36 31.14 4.64
N GLU A 375 31.31 30.49 5.13
CA GLU A 375 31.17 29.05 4.98
C GLU A 375 31.22 28.60 3.52
N GLN A 376 30.85 29.49 2.60
CA GLN A 376 30.87 29.15 1.19
C GLN A 376 31.99 29.89 0.46
N ASN A 377 33.09 30.09 1.18
CA ASN A 377 34.29 30.77 0.67
C ASN A 377 34.11 32.12 -0.03
N LYS A 378 33.01 32.83 0.23
CA LYS A 378 32.81 34.12 -0.42
C LYS A 378 33.30 35.30 0.42
N VAL A 379 33.60 36.42 -0.22
CA VAL A 379 34.05 37.58 0.53
C VAL A 379 33.03 38.71 0.47
N ILE A 380 32.67 39.18 1.66
CA ILE A 380 31.71 40.26 1.82
C ILE A 380 32.24 41.55 1.21
N PRO A 381 31.32 42.39 0.72
CA PRO A 381 31.70 43.65 0.10
C PRO A 381 32.39 44.46 1.16
N GLN A 382 32.92 45.62 0.76
CA GLN A 382 33.57 46.48 1.71
C GLN A 382 32.61 47.58 2.07
N GLY A 383 32.37 47.78 3.36
CA GLY A 383 31.48 48.84 3.74
C GLY A 383 31.91 50.09 3.00
N ARG A 384 30.96 50.89 2.53
CA ARG A 384 31.25 52.12 1.83
C ARG A 384 30.33 53.18 2.41
N SER A 385 30.66 54.45 2.26
CA SER A 385 29.79 55.49 2.78
C SER A 385 28.85 55.90 1.67
N HIS A 386 27.69 56.41 2.05
CA HIS A 386 26.69 56.86 1.10
C HIS A 386 26.03 58.07 1.73
N PRO A 387 25.58 59.03 0.92
CA PRO A 387 24.93 60.21 1.49
C PRO A 387 23.72 59.72 2.28
N VAL A 388 23.27 60.48 3.25
CA VAL A 388 22.09 60.06 4.00
C VAL A 388 20.90 60.65 3.24
N GLN A 389 20.38 59.86 2.30
CA GLN A 389 19.26 60.30 1.47
C GLN A 389 17.97 59.60 1.87
N PRO A 390 16.90 60.39 2.01
CA PRO A 390 15.60 59.82 2.39
C PRO A 390 14.94 59.25 1.14
N TYR A 391 14.12 58.21 1.33
CA TYR A 391 13.41 57.60 0.23
C TYR A 391 11.98 57.41 0.68
N PRO A 392 11.06 57.19 -0.25
CA PRO A 392 9.66 57.01 0.15
C PRO A 392 9.46 55.77 1.00
N GLY A 393 8.32 55.73 1.69
CA GLY A 393 8.01 54.61 2.57
C GLY A 393 6.67 53.99 2.23
N ALA A 394 5.91 53.62 3.26
CA ALA A 394 4.61 52.99 3.06
C ALA A 394 3.47 53.90 2.62
N PHE A 395 2.53 53.30 1.90
CA PHE A 395 1.34 54.03 1.44
C PHE A 395 0.29 53.98 2.55
N VAL A 396 -0.29 55.13 2.87
CA VAL A 396 -1.34 55.24 3.87
C VAL A 396 -2.49 55.91 3.14
N LYS A 397 -3.67 55.32 3.27
CA LYS A 397 -4.84 55.86 2.58
C LYS A 397 -5.50 56.96 3.39
N GLU A 398 -5.94 58.01 2.70
CA GLU A 398 -6.60 59.12 3.36
C GLU A 398 -8.04 58.67 3.57
N PRO A 399 -8.36 58.23 4.79
CA PRO A 399 -9.70 57.77 5.11
C PRO A 399 -10.70 58.89 5.12
N ILE A 400 -11.92 58.59 4.72
CA ILE A 400 -13.02 59.55 4.75
C ILE A 400 -13.50 59.50 6.20
N PRO A 401 -13.36 60.59 6.96
CA PRO A 401 -13.80 60.60 8.36
C PRO A 401 -15.29 60.24 8.44
N ASN A 402 -15.59 59.16 9.15
CA ASN A 402 -16.99 58.74 9.25
C ASN A 402 -17.13 57.55 10.18
N ARG A 403 -18.36 57.24 10.56
CA ARG A 403 -18.58 56.06 11.38
C ARG A 403 -18.58 54.93 10.34
N TYR A 404 -18.25 53.73 10.78
CA TYR A 404 -18.20 52.54 9.93
C TYR A 404 -18.74 51.39 10.78
N LYS A 405 -19.95 50.97 10.44
CA LYS A 405 -20.66 49.93 11.17
C LYS A 405 -20.04 48.55 11.20
N TYR A 406 -19.77 47.98 10.04
CA TYR A 406 -19.19 46.64 9.99
C TYR A 406 -17.86 46.68 9.27
N VAL A 407 -16.82 46.17 9.94
CA VAL A 407 -15.50 46.19 9.37
C VAL A 407 -14.74 44.89 9.48
N MET A 408 -14.03 44.55 8.40
CA MET A 408 -13.19 43.35 8.31
C MET A 408 -11.83 43.77 7.80
N SER A 409 -10.79 43.43 8.55
CA SER A 409 -9.44 43.81 8.14
C SER A 409 -8.58 42.60 7.77
N PHE A 410 -7.80 42.75 6.71
CA PHE A 410 -6.89 41.72 6.24
C PHE A 410 -5.49 42.29 6.28
N ASP A 411 -4.53 41.48 6.71
CA ASP A 411 -3.13 41.89 6.77
C ASP A 411 -2.26 41.02 5.89
N LEU A 412 -1.06 41.52 5.60
CA LEU A 412 -0.10 40.81 4.78
C LEU A 412 1.02 40.32 5.70
N THR A 413 1.40 39.05 5.55
CA THR A 413 2.45 38.46 6.36
C THR A 413 3.84 39.04 6.05
N SER A 414 4.59 39.34 7.10
CA SER A 414 5.95 39.91 6.99
C SER A 414 6.19 40.64 5.68
N LEU A 415 5.43 41.68 5.42
CA LEU A 415 5.53 42.40 4.17
C LEU A 415 6.88 42.63 3.52
N TYR A 416 7.76 43.37 4.18
CA TYR A 416 9.06 43.69 3.57
C TYR A 416 9.98 42.50 3.37
N PRO A 417 10.16 41.66 4.40
CA PRO A 417 11.03 40.50 4.20
C PRO A 417 10.44 39.67 3.04
N SER A 418 9.12 39.52 3.04
CA SER A 418 8.46 38.79 1.97
C SER A 418 8.78 39.42 0.62
N ILE A 419 8.61 40.73 0.50
CA ILE A 419 8.90 41.42 -0.75
C ILE A 419 10.30 41.21 -1.26
N ILE A 420 11.28 41.20 -0.37
CA ILE A 420 12.69 41.01 -0.72
C ILE A 420 12.88 39.64 -1.35
N ARG A 421 12.18 38.65 -0.81
CA ARG A 421 12.25 37.28 -1.31
C ARG A 421 11.57 37.16 -2.68
N GLN A 422 10.33 37.60 -2.77
CA GLN A 422 9.60 37.52 -4.01
C GLN A 422 10.28 38.21 -5.18
N VAL A 423 10.73 39.44 -4.97
CA VAL A 423 11.37 40.19 -6.04
C VAL A 423 12.82 39.79 -6.18
N ASN A 424 13.36 39.15 -5.13
CA ASN A 424 14.75 38.71 -5.11
C ASN A 424 15.70 39.92 -5.05
N ILE A 425 15.41 40.89 -4.19
CA ILE A 425 16.22 42.11 -4.03
C ILE A 425 17.48 41.88 -3.20
N SER A 426 18.63 42.12 -3.81
CA SER A 426 19.91 41.95 -3.15
C SER A 426 20.87 42.86 -3.93
N PRO A 427 22.03 43.22 -3.37
CA PRO A 427 22.85 44.10 -4.19
C PRO A 427 23.47 43.42 -5.40
N GLU A 428 23.76 42.14 -5.28
CA GLU A 428 24.38 41.43 -6.40
C GLU A 428 23.39 40.82 -7.39
N THR A 429 22.10 41.07 -7.23
CA THR A 429 21.15 40.51 -8.17
C THR A 429 20.49 41.60 -8.99
N ILE A 430 21.01 42.82 -8.89
CA ILE A 430 20.44 43.91 -9.65
C ILE A 430 20.78 43.63 -11.11
N ALA A 431 19.76 43.52 -11.95
CA ALA A 431 19.99 43.22 -13.36
C ALA A 431 19.96 44.47 -14.22
N GLY A 432 19.16 45.44 -13.83
CA GLY A 432 19.08 46.66 -14.61
C GLY A 432 17.85 47.48 -14.28
N THR A 433 17.52 48.42 -15.15
CA THR A 433 16.38 49.27 -14.89
C THR A 433 15.45 49.29 -16.09
N PHE A 434 14.35 50.02 -15.97
CA PHE A 434 13.39 50.08 -17.04
C PHE A 434 12.56 51.35 -16.88
N LYS A 435 12.15 51.95 -18.00
CA LYS A 435 11.37 53.17 -17.97
C LYS A 435 10.21 52.95 -17.01
N VAL A 436 9.95 53.93 -16.16
CA VAL A 436 8.91 53.79 -15.18
C VAL A 436 7.71 54.66 -15.45
N ALA A 437 6.55 54.02 -15.40
CA ALA A 437 5.28 54.69 -15.62
C ALA A 437 4.75 55.15 -14.28
N PRO A 438 3.80 56.09 -14.28
CA PRO A 438 3.25 56.58 -13.02
C PRO A 438 2.85 55.36 -12.18
N LEU A 439 3.03 55.42 -10.86
CA LEU A 439 2.72 54.29 -10.00
C LEU A 439 1.29 53.78 -10.17
N HIS A 440 0.34 54.70 -10.27
CA HIS A 440 -1.05 54.29 -10.44
C HIS A 440 -1.26 53.43 -11.67
N ASP A 441 -0.50 53.68 -12.72
CA ASP A 441 -0.64 52.88 -13.91
C ASP A 441 -0.42 51.41 -13.61
N TYR A 442 0.60 51.08 -12.80
CA TYR A 442 0.87 49.69 -12.45
C TYR A 442 -0.22 49.18 -11.51
N ILE A 443 -0.73 50.06 -10.67
CA ILE A 443 -1.78 49.67 -9.74
C ILE A 443 -3.00 49.24 -10.52
N ASN A 444 -3.31 49.95 -11.59
CA ASN A 444 -4.47 49.63 -12.41
C ASN A 444 -4.17 48.65 -13.52
N ALA A 445 -2.95 48.13 -13.54
CA ALA A 445 -2.53 47.14 -14.52
C ALA A 445 -2.72 47.60 -15.97
N VAL A 446 -2.36 48.84 -16.26
CA VAL A 446 -2.50 49.37 -17.61
C VAL A 446 -1.17 49.91 -18.11
N ALA A 447 -0.06 49.40 -17.59
CA ALA A 447 1.26 49.85 -18.01
C ALA A 447 2.06 48.73 -18.64
N GLU A 448 2.79 49.07 -19.69
CA GLU A 448 3.61 48.08 -20.36
C GLU A 448 4.29 47.25 -19.29
N ARG A 449 4.12 45.93 -19.36
CA ARG A 449 4.74 45.04 -18.39
C ARG A 449 6.23 45.35 -18.42
N PRO A 450 6.81 45.67 -17.25
CA PRO A 450 8.23 46.01 -17.12
C PRO A 450 9.21 45.13 -17.91
N SER A 451 9.18 43.84 -17.66
CA SER A 451 10.10 42.94 -18.31
C SER A 451 9.61 41.51 -18.19
N ASP A 452 9.96 40.68 -19.18
CA ASP A 452 9.58 39.28 -19.18
C ASP A 452 10.81 38.40 -19.00
N VAL A 453 11.89 39.03 -18.54
CA VAL A 453 13.13 38.30 -18.29
C VAL A 453 13.53 38.40 -16.82
N TYR A 454 13.36 39.58 -16.24
CA TYR A 454 13.76 39.82 -14.87
C TYR A 454 12.65 40.14 -13.88
N SER A 455 12.93 39.91 -12.60
CA SER A 455 11.98 40.21 -11.51
C SER A 455 11.97 41.74 -11.32
N CYS A 456 10.78 42.33 -11.26
CA CYS A 456 10.68 43.78 -11.15
C CYS A 456 10.02 44.41 -9.95
N SER A 457 10.32 45.70 -9.81
CA SER A 457 9.76 46.57 -8.78
C SER A 457 9.32 47.84 -9.48
N PRO A 458 8.16 48.38 -9.11
CA PRO A 458 7.55 49.59 -9.66
C PRO A 458 8.44 50.82 -9.73
N ASN A 459 9.60 50.79 -9.08
CA ASN A 459 10.48 51.96 -9.12
C ASN A 459 11.50 51.88 -10.26
N GLY A 460 11.39 50.87 -11.11
CA GLY A 460 12.31 50.75 -12.21
C GLY A 460 13.45 49.77 -12.04
N MET A 461 13.52 49.08 -10.92
CA MET A 461 14.60 48.11 -10.73
C MET A 461 14.24 46.71 -11.26
N MET A 462 15.24 46.01 -11.77
CA MET A 462 15.04 44.66 -12.28
C MET A 462 16.08 43.75 -11.65
N TYR A 463 15.65 42.56 -11.26
CA TYR A 463 16.54 41.60 -10.61
C TYR A 463 16.58 40.26 -11.33
N TYR A 464 17.71 39.56 -11.21
CA TYR A 464 17.86 38.24 -11.82
C TYR A 464 16.91 37.26 -11.15
N LYS A 465 16.30 36.37 -11.92
CA LYS A 465 15.38 35.39 -11.33
C LYS A 465 16.07 34.03 -11.19
N ASP A 466 17.21 33.86 -11.84
CA ASP A 466 17.95 32.61 -11.76
C ASP A 466 18.76 32.61 -10.48
N ARG A 467 19.68 33.57 -10.34
CA ARG A 467 20.51 33.68 -9.15
C ARG A 467 19.68 33.79 -7.86
N ASP A 468 20.16 33.18 -6.79
CA ASP A 468 19.46 33.32 -5.51
C ASP A 468 20.28 34.38 -4.75
N GLY A 469 19.63 35.49 -4.45
CA GLY A 469 20.30 36.60 -3.79
C GLY A 469 20.83 36.38 -2.39
N VAL A 470 21.95 37.03 -2.08
CA VAL A 470 22.56 36.92 -0.76
C VAL A 470 21.59 37.30 0.35
N VAL A 471 21.03 38.50 0.27
CA VAL A 471 20.08 38.95 1.29
C VAL A 471 18.89 37.99 1.39
N PRO A 472 18.13 37.83 0.29
CA PRO A 472 16.97 36.92 0.33
C PRO A 472 17.29 35.49 0.75
N THR A 473 18.45 34.99 0.36
CA THR A 473 18.76 33.63 0.80
C THR A 473 18.71 33.62 2.32
N GLU A 474 19.50 34.51 2.92
CA GLU A 474 19.57 34.62 4.37
C GLU A 474 18.24 34.81 5.10
N ILE A 475 17.32 35.61 4.56
CA ILE A 475 16.04 35.75 5.27
C ILE A 475 15.27 34.45 5.17
N THR A 476 15.38 33.81 4.01
CA THR A 476 14.69 32.55 3.78
C THR A 476 15.22 31.52 4.75
N LYS A 477 16.50 31.60 5.10
CA LYS A 477 17.06 30.68 6.08
C LYS A 477 16.40 30.89 7.43
N VAL A 478 16.39 32.15 7.90
CA VAL A 478 15.79 32.47 9.19
C VAL A 478 14.33 32.11 9.16
N PHE A 479 13.67 32.45 8.05
CA PHE A 479 12.26 32.13 7.89
C PHE A 479 12.01 30.63 8.03
N ASN A 480 12.95 29.81 7.57
CA ASN A 480 12.75 28.36 7.69
C ASN A 480 13.05 27.88 9.09
N GLN A 481 14.17 28.34 9.64
CA GLN A 481 14.57 27.96 11.00
C GLN A 481 13.40 28.20 11.93
N ARG A 482 12.68 29.29 11.70
CA ARG A 482 11.55 29.60 12.55
C ARG A 482 10.50 28.50 12.50
N LYS A 483 10.01 28.21 11.31
CA LYS A 483 9.02 27.16 11.17
C LYS A 483 9.63 25.89 11.80
N GLU A 484 10.94 25.75 11.64
CA GLU A 484 11.66 24.59 12.18
C GLU A 484 11.55 24.47 13.70
N HIS A 485 12.02 25.48 14.41
CA HIS A 485 11.98 25.48 15.88
C HIS A 485 10.54 25.55 16.37
N LYS A 486 9.74 26.46 15.82
CA LYS A 486 8.37 26.56 16.26
C LYS A 486 7.64 25.33 15.77
N GLY A 487 8.42 24.38 15.26
CA GLY A 487 7.86 23.12 14.78
C GLY A 487 8.07 22.12 15.90
N TYR A 488 9.14 22.33 16.65
CA TYR A 488 9.48 21.48 17.78
C TYR A 488 8.52 21.79 18.92
N MET A 489 8.05 23.03 18.98
CA MET A 489 7.12 23.48 20.01
C MET A 489 5.72 22.92 19.81
N LEU A 490 5.37 22.68 18.55
CA LEU A 490 4.05 22.12 18.24
C LEU A 490 4.06 20.64 18.62
N ALA A 491 5.27 20.11 18.81
CA ALA A 491 5.46 18.71 19.20
C ALA A 491 5.49 18.59 20.72
N ALA A 492 6.24 19.46 21.38
CA ALA A 492 6.35 19.46 22.84
C ALA A 492 4.99 19.74 23.46
N GLN A 493 3.99 19.98 22.61
CA GLN A 493 2.64 20.25 23.03
C GLN A 493 1.82 18.96 22.92
N ARG A 494 2.31 18.04 22.08
CA ARG A 494 1.64 16.77 21.87
C ARG A 494 2.21 15.75 22.85
N ASN A 495 3.39 16.05 23.40
CA ASN A 495 4.06 15.19 24.36
C ASN A 495 3.72 15.67 25.78
N GLY A 496 3.14 16.86 25.86
CA GLY A 496 2.76 17.42 27.14
C GLY A 496 1.36 16.94 27.49
N GLU A 497 0.76 16.22 26.56
CA GLU A 497 -0.57 15.65 26.72
C GLU A 497 -0.44 14.16 26.94
N ILE A 498 0.39 13.51 26.13
CA ILE A 498 0.64 12.08 26.26
C ILE A 498 1.31 11.87 27.62
N ILE A 499 2.17 12.81 28.00
CA ILE A 499 2.86 12.75 29.28
C ILE A 499 2.08 13.65 30.26
N LYS A 500 0.76 13.58 30.16
CA LYS A 500 -0.12 14.36 31.03
C LYS A 500 -1.03 13.42 31.81
N GLU A 501 -0.42 12.45 32.48
CA GLU A 501 -1.14 11.48 33.28
C GLU A 501 -0.54 11.43 34.67
N ALA A 502 -0.60 12.57 35.36
CA ALA A 502 -0.06 12.67 36.71
C ALA A 502 -0.92 11.86 37.68
N LEU A 503 -2.17 11.65 37.30
CA LEU A 503 -3.10 10.90 38.13
C LEU A 503 -4.17 10.12 37.33
N HIS A 504 -3.94 9.97 36.03
CA HIS A 504 -4.86 9.24 35.15
C HIS A 504 -4.72 7.74 35.38
N ASN A 505 -3.60 7.18 34.90
CA ASN A 505 -3.33 5.76 35.06
C ASN A 505 -1.85 5.56 35.40
N PRO A 506 -1.36 6.25 36.45
CA PRO A 506 0.04 6.16 36.86
C PRO A 506 0.37 4.82 37.52
N ASN A 507 0.88 3.89 36.73
CA ASN A 507 1.24 2.56 37.22
C ASN A 507 2.11 2.68 38.48
N LEU A 508 2.27 1.57 39.20
CA LEU A 508 3.07 1.59 40.44
C LEU A 508 4.40 0.83 40.34
N SER A 509 5.06 0.92 39.20
CA SER A 509 6.35 0.24 39.00
C SER A 509 7.46 1.29 38.90
N VAL A 510 8.22 1.46 39.98
CA VAL A 510 9.30 2.44 40.00
C VAL A 510 10.33 2.20 38.90
N ASP A 511 10.42 3.16 37.98
CA ASP A 511 11.37 3.06 36.87
C ASP A 511 12.05 4.41 36.58
N GLU A 512 12.93 4.40 35.59
CA GLU A 512 13.67 5.60 35.20
C GLU A 512 13.10 6.23 33.91
N PRO A 513 12.94 7.56 33.89
CA PRO A 513 12.41 8.27 32.72
C PRO A 513 13.20 7.99 31.45
N LEU A 514 12.66 8.37 30.30
CA LEU A 514 13.32 8.13 29.02
C LEU A 514 14.07 9.33 28.47
N ASP A 515 14.89 9.07 27.46
CA ASP A 515 15.70 10.10 26.81
C ASP A 515 15.13 10.46 25.43
N VAL A 516 13.86 10.15 25.21
CA VAL A 516 13.22 10.44 23.94
C VAL A 516 13.19 11.96 23.74
N ASP A 517 13.53 12.41 22.53
CA ASP A 517 13.56 13.84 22.21
C ASP A 517 12.15 14.38 21.98
N TYR A 518 11.68 15.24 22.88
CA TYR A 518 10.36 15.80 22.78
C TYR A 518 10.21 16.70 21.56
N ARG A 519 11.34 17.09 20.98
CA ARG A 519 11.34 17.93 19.79
C ARG A 519 10.51 17.17 18.76
N PHE A 520 10.70 15.85 18.76
CA PHE A 520 9.99 14.96 17.85
C PHE A 520 9.06 14.06 18.67
N ASP A 521 7.76 14.14 18.37
CA ASP A 521 6.78 13.36 19.10
C ASP A 521 7.08 11.86 19.11
N PHE A 522 6.42 11.14 20.01
CA PHE A 522 6.61 9.70 20.17
C PHE A 522 5.83 8.89 19.15
N SER A 523 6.33 7.68 18.86
CA SER A 523 5.69 6.78 17.91
C SER A 523 5.24 5.52 18.66
N ASP A 524 6.18 4.60 18.87
CA ASP A 524 5.90 3.37 19.58
C ASP A 524 7.14 3.00 20.39
N GLU A 525 8.28 3.52 19.95
CA GLU A 525 9.55 3.28 20.63
C GLU A 525 9.40 3.52 22.13
N ILE A 526 9.13 4.77 22.51
CA ILE A 526 8.94 5.11 23.91
C ILE A 526 7.46 5.42 24.16
N LYS A 527 6.71 5.60 23.08
CA LYS A 527 5.29 5.87 23.18
C LYS A 527 4.59 4.72 23.89
N GLU A 528 5.08 3.51 23.63
CA GLU A 528 4.53 2.31 24.25
C GLU A 528 4.90 2.30 25.73
N LYS A 529 6.14 2.68 26.01
CA LYS A 529 6.67 2.74 27.37
C LYS A 529 6.30 4.06 28.06
N ILE A 530 5.03 4.20 28.38
CA ILE A 530 4.51 5.39 29.06
C ILE A 530 3.45 4.94 30.06
N LYS A 531 3.05 3.68 29.92
CA LYS A 531 2.04 3.07 30.78
C LYS A 531 2.67 2.47 32.04
N LYS A 532 3.53 1.48 31.86
CA LYS A 532 4.20 0.81 32.98
C LYS A 532 5.00 1.78 33.85
N LEU A 533 5.14 3.02 33.37
CA LEU A 533 5.88 4.04 34.10
C LEU A 533 5.15 4.45 35.37
N SER A 534 5.89 4.59 36.45
CA SER A 534 5.33 4.97 37.75
C SER A 534 4.71 6.36 37.72
N ALA A 535 4.08 6.76 38.82
CA ALA A 535 3.44 8.07 38.93
C ALA A 535 4.50 9.12 39.22
N LYS A 536 5.73 8.68 39.44
CA LYS A 536 6.84 9.57 39.73
C LYS A 536 7.62 9.91 38.45
N SER A 537 7.94 8.89 37.67
CA SER A 537 8.67 9.09 36.43
C SER A 537 7.85 9.99 35.50
N LEU A 538 6.55 9.71 35.41
CA LEU A 538 5.66 10.49 34.56
C LEU A 538 5.84 11.99 34.76
N ASN A 539 6.10 12.38 36.00
CA ASN A 539 6.29 13.80 36.32
C ASN A 539 7.71 14.30 36.06
N GLU A 540 8.71 13.46 36.27
CA GLU A 540 10.10 13.87 36.03
C GLU A 540 10.34 13.93 34.52
N MET A 541 9.48 13.25 33.78
CA MET A 541 9.59 13.21 32.32
C MET A 541 8.92 14.41 31.67
N LEU A 542 7.78 14.83 32.21
CA LEU A 542 7.06 15.99 31.67
C LEU A 542 7.83 17.25 32.04
N PHE A 543 8.81 17.10 32.93
CA PHE A 543 9.64 18.20 33.37
C PHE A 543 10.65 18.49 32.26
N ARG A 544 10.96 17.44 31.50
CA ARG A 544 11.89 17.51 30.40
C ARG A 544 11.15 17.81 29.09
N ALA A 545 9.82 17.66 29.13
CA ALA A 545 8.99 17.89 27.96
C ALA A 545 8.59 19.36 27.84
N GLN A 546 8.07 19.91 28.93
CA GLN A 546 7.66 21.31 28.95
C GLN A 546 8.88 22.21 28.76
N ARG A 547 9.99 21.81 29.37
CA ARG A 547 11.24 22.57 29.29
C ARG A 547 11.60 22.99 27.87
N THR A 548 11.27 22.13 26.90
CA THR A 548 11.55 22.44 25.50
C THR A 548 10.49 23.39 24.94
N GLU A 549 9.26 23.29 25.45
CA GLU A 549 8.16 24.14 25.01
C GLU A 549 8.67 25.57 24.84
N VAL A 550 9.46 26.02 25.81
CA VAL A 550 10.01 27.37 25.76
C VAL A 550 11.25 27.41 24.88
N ALA A 551 12.05 26.34 24.93
CA ALA A 551 13.27 26.24 24.13
C ALA A 551 13.04 26.78 22.73
N GLY A 552 11.95 26.34 22.09
CA GLY A 552 11.64 26.79 20.76
C GLY A 552 11.34 28.27 20.72
N MET A 553 10.54 28.74 21.68
CA MET A 553 10.17 30.15 21.76
C MET A 553 11.36 31.07 21.69
N THR A 554 12.34 30.84 22.57
CA THR A 554 13.54 31.66 22.61
C THR A 554 14.08 31.87 21.21
N ALA A 555 14.33 30.77 20.51
CA ALA A 555 14.86 30.80 19.16
C ALA A 555 13.86 31.34 18.13
N GLN A 556 12.67 30.74 18.07
CA GLN A 556 11.66 31.16 17.11
C GLN A 556 11.34 32.65 17.24
N ILE A 557 11.03 33.10 18.45
CA ILE A 557 10.71 34.50 18.67
C ILE A 557 11.96 35.32 18.41
N ASN A 558 13.12 34.71 18.64
CA ASN A 558 14.36 35.41 18.40
C ASN A 558 14.55 35.58 16.89
N ARG A 559 14.05 34.62 16.12
CA ARG A 559 14.13 34.66 14.66
C ARG A 559 13.15 35.71 14.15
N LYS A 560 12.03 35.86 14.86
CA LYS A 560 11.04 36.85 14.47
C LYS A 560 11.65 38.23 14.57
N LEU A 561 12.44 38.47 15.62
CA LEU A 561 13.12 39.75 15.84
C LEU A 561 14.09 40.04 14.68
N LEU A 562 14.85 39.02 14.30
CA LEU A 562 15.78 39.15 13.19
C LEU A 562 14.99 39.54 11.95
N ILE A 563 14.10 38.66 11.52
CA ILE A 563 13.29 38.92 10.35
C ILE A 563 12.79 40.36 10.33
N ASN A 564 12.17 40.79 11.43
CA ASN A 564 11.63 42.14 11.48
C ASN A 564 12.65 43.28 11.46
N SER A 565 13.91 43.01 11.80
CA SER A 565 14.89 44.09 11.80
C SER A 565 15.66 44.25 10.49
N LEU A 566 15.65 43.21 9.66
CA LEU A 566 16.36 43.27 8.39
C LEU A 566 16.09 44.52 7.57
N TYR A 567 14.83 44.93 7.47
CA TYR A 567 14.51 46.11 6.68
C TYR A 567 15.29 47.35 7.14
N GLY A 568 15.23 47.61 8.45
CA GLY A 568 15.90 48.77 9.02
C GLY A 568 17.36 48.79 8.61
N ALA A 569 18.05 47.68 8.85
CA ALA A 569 19.45 47.61 8.46
C ALA A 569 19.58 47.91 6.97
N LEU A 570 18.78 47.22 6.15
CA LEU A 570 18.85 47.43 4.70
C LEU A 570 18.66 48.88 4.29
N GLY A 571 17.92 49.64 5.08
CA GLY A 571 17.69 51.03 4.75
C GLY A 571 18.66 52.01 5.41
N ASN A 572 19.65 51.46 6.11
CA ASN A 572 20.63 52.26 6.80
C ASN A 572 21.98 52.22 6.10
N VAL A 573 22.48 53.42 5.78
CA VAL A 573 23.75 53.60 5.09
C VAL A 573 24.96 52.94 5.74
N TRP A 574 24.92 52.69 7.04
CA TRP A 574 26.08 52.06 7.67
C TRP A 574 26.05 50.56 7.51
N PHE A 575 25.16 50.08 6.66
CA PHE A 575 25.03 48.65 6.42
C PHE A 575 25.84 48.28 5.20
N ARG A 576 26.63 47.23 5.31
CA ARG A 576 27.49 46.77 4.21
C ARG A 576 26.70 46.51 2.91
N TYR A 577 25.48 46.01 3.05
CA TYR A 577 24.63 45.69 1.91
C TYR A 577 23.57 46.73 1.63
N TYR A 578 23.80 47.95 2.05
CA TYR A 578 22.81 48.98 1.81
C TYR A 578 22.86 49.45 0.37
N ASP A 579 21.70 49.79 -0.15
CA ASP A 579 21.57 50.28 -1.52
C ASP A 579 20.30 51.11 -1.60
N LEU A 580 20.47 52.39 -1.87
CA LEU A 580 19.34 53.29 -1.97
C LEU A 580 18.24 52.66 -2.85
N ARG A 581 18.58 52.33 -4.09
CA ARG A 581 17.64 51.74 -5.03
C ARG A 581 16.93 50.50 -4.51
N ASN A 582 17.69 49.57 -3.93
CA ASN A 582 17.07 48.38 -3.40
C ASN A 582 16.06 48.69 -2.30
N ALA A 583 16.39 49.67 -1.45
CA ALA A 583 15.48 50.06 -0.38
C ALA A 583 14.21 50.58 -1.00
N THR A 584 14.35 51.45 -1.98
CA THR A 584 13.21 52.03 -2.66
C THR A 584 12.45 50.96 -3.41
N ALA A 585 13.17 49.96 -3.91
CA ALA A 585 12.56 48.85 -4.63
C ALA A 585 11.50 48.26 -3.69
N ILE A 586 11.95 47.88 -2.51
CA ILE A 586 11.12 47.31 -1.48
C ILE A 586 9.88 48.09 -1.15
N THR A 587 10.09 49.33 -0.72
CA THR A 587 9.04 50.25 -0.32
C THR A 587 7.99 50.54 -1.39
N THR A 588 8.45 50.74 -2.61
CA THR A 588 7.54 51.04 -3.70
C THR A 588 6.75 49.80 -4.09
N PHE A 589 7.39 48.64 -4.06
CA PHE A 589 6.69 47.41 -4.38
C PHE A 589 5.52 47.30 -3.39
N GLY A 590 5.78 47.58 -2.11
CA GLY A 590 4.74 47.50 -1.12
C GLY A 590 3.62 48.50 -1.38
N GLN A 591 3.97 49.70 -1.85
CA GLN A 591 2.94 50.70 -2.11
C GLN A 591 2.02 50.16 -3.16
N MET A 592 2.61 49.56 -4.20
CA MET A 592 1.86 48.97 -5.29
C MET A 592 1.00 47.85 -4.75
N ALA A 593 1.66 46.89 -4.10
CA ALA A 593 0.99 45.75 -3.52
C ALA A 593 -0.27 46.13 -2.77
N LEU A 594 -0.14 46.92 -1.73
CA LEU A 594 -1.31 47.29 -0.95
C LEU A 594 -2.45 47.93 -1.73
N GLN A 595 -2.13 48.71 -2.76
CA GLN A 595 -3.18 49.36 -3.53
C GLN A 595 -3.66 48.50 -4.70
N TRP A 596 -2.85 47.57 -5.13
CA TRP A 596 -3.25 46.69 -6.21
C TRP A 596 -4.40 45.87 -5.63
N ILE A 597 -4.15 45.33 -4.43
CA ILE A 597 -5.14 44.51 -3.76
C ILE A 597 -6.40 45.28 -3.35
N GLU A 598 -6.28 46.58 -3.19
CA GLU A 598 -7.44 47.41 -2.84
C GLU A 598 -8.33 47.44 -4.07
N ARG A 599 -7.71 47.54 -5.24
CA ARG A 599 -8.46 47.57 -6.48
C ARG A 599 -9.16 46.23 -6.66
N LYS A 600 -8.44 45.15 -6.38
CA LYS A 600 -8.99 43.80 -6.51
C LYS A 600 -10.11 43.56 -5.53
N VAL A 601 -9.87 43.83 -4.25
CA VAL A 601 -10.93 43.61 -3.29
C VAL A 601 -12.18 44.42 -3.64
N ASN A 602 -12.00 45.64 -4.14
CA ASN A 602 -13.13 46.46 -4.50
C ASN A 602 -13.89 45.84 -5.65
N GLU A 603 -13.16 45.50 -6.70
CA GLU A 603 -13.79 44.93 -7.87
C GLU A 603 -14.55 43.66 -7.54
N TYR A 604 -13.96 42.83 -6.69
CA TYR A 604 -14.59 41.57 -6.32
C TYR A 604 -15.84 41.74 -5.47
N LEU A 605 -15.86 42.73 -4.59
CA LEU A 605 -17.02 42.93 -3.76
C LEU A 605 -18.14 43.60 -4.56
N ASN A 606 -17.76 44.30 -5.63
CA ASN A 606 -18.74 44.96 -6.48
C ASN A 606 -19.53 43.94 -7.30
N GLU A 607 -18.91 42.82 -7.66
CA GLU A 607 -19.61 41.81 -8.44
C GLU A 607 -20.51 41.00 -7.54
N VAL A 608 -19.98 40.55 -6.42
CA VAL A 608 -20.77 39.75 -5.50
C VAL A 608 -21.90 40.58 -4.87
N CYS A 609 -21.94 41.86 -5.19
CA CYS A 609 -22.99 42.74 -4.66
C CYS A 609 -23.71 43.41 -5.82
N GLY A 610 -23.31 43.09 -7.05
CA GLY A 610 -23.92 43.69 -8.21
C GLY A 610 -23.88 45.20 -8.21
N THR A 611 -23.09 45.78 -7.30
CA THR A 611 -22.96 47.22 -7.20
C THR A 611 -22.01 47.73 -8.27
N GLU A 612 -21.84 49.05 -8.34
CA GLU A 612 -20.97 49.65 -9.34
C GLU A 612 -20.12 50.79 -8.79
N GLY A 613 -18.81 50.60 -8.82
CA GLY A 613 -17.90 51.62 -8.35
C GLY A 613 -17.74 51.69 -6.84
N GLU A 614 -18.76 51.27 -6.10
CA GLU A 614 -18.72 51.29 -4.65
C GLU A 614 -17.32 51.08 -4.09
N ALA A 615 -16.99 51.84 -3.06
CA ALA A 615 -15.68 51.74 -2.45
C ALA A 615 -15.73 50.93 -1.16
N PHE A 616 -15.40 49.65 -1.25
CA PHE A 616 -15.43 48.81 -0.05
C PHE A 616 -14.23 48.99 0.87
N VAL A 617 -13.05 49.20 0.30
CA VAL A 617 -11.88 49.39 1.13
C VAL A 617 -11.90 50.82 1.64
N LEU A 618 -11.99 50.97 2.95
CA LEU A 618 -12.05 52.30 3.52
C LEU A 618 -10.74 52.81 4.11
N TYR A 619 -9.77 51.92 4.30
CA TYR A 619 -8.52 52.39 4.86
C TYR A 619 -7.40 51.37 4.70
N GLY A 620 -6.22 51.82 4.31
CA GLY A 620 -5.10 50.94 4.12
C GLY A 620 -3.86 51.54 4.71
N ASP A 621 -3.06 50.73 5.38
CA ASP A 621 -1.86 51.26 6.02
C ASP A 621 -0.69 50.29 5.94
N THR A 622 0.23 50.53 5.01
CA THR A 622 1.43 49.69 4.88
C THR A 622 1.18 48.25 4.42
N ASP A 623 0.75 47.41 5.36
CA ASP A 623 0.51 45.99 5.09
C ASP A 623 -0.91 45.51 5.42
N SER A 624 -1.82 46.42 5.70
CA SER A 624 -3.18 46.04 6.03
C SER A 624 -4.22 46.92 5.38
N ILE A 625 -5.41 46.36 5.23
CA ILE A 625 -6.54 47.08 4.65
C ILE A 625 -7.78 46.76 5.48
N TYR A 626 -8.72 47.71 5.53
CA TYR A 626 -9.93 47.52 6.29
C TYR A 626 -11.09 47.68 5.32
N VAL A 627 -11.97 46.69 5.28
CA VAL A 627 -13.12 46.73 4.38
C VAL A 627 -14.45 47.00 5.09
N SER A 628 -15.31 47.76 4.42
CA SER A 628 -16.61 48.05 4.99
C SER A 628 -17.48 46.88 4.62
N ALA A 629 -17.96 46.15 5.62
CA ALA A 629 -18.79 44.97 5.39
C ALA A 629 -20.29 45.28 5.42
N ASP A 630 -20.65 46.56 5.36
CA ASP A 630 -22.06 46.94 5.39
C ASP A 630 -22.83 46.31 4.23
N LYS A 631 -22.44 46.62 3.01
CA LYS A 631 -23.12 46.09 1.82
C LYS A 631 -23.27 44.59 1.86
N ILE A 632 -22.38 43.90 2.55
CA ILE A 632 -22.45 42.45 2.64
C ILE A 632 -23.58 42.07 3.60
N ILE A 633 -23.45 42.42 4.87
CA ILE A 633 -24.46 42.12 5.88
C ILE A 633 -25.87 42.43 5.36
N ASP A 634 -25.98 43.36 4.42
CA ASP A 634 -27.28 43.75 3.89
C ASP A 634 -27.90 42.84 2.85
N LYS A 635 -27.07 42.01 2.22
CA LYS A 635 -27.56 41.08 1.20
C LYS A 635 -28.42 40.10 1.97
N VAL A 636 -27.83 39.63 3.06
CA VAL A 636 -28.45 38.66 3.94
C VAL A 636 -29.51 39.26 4.86
N GLY A 637 -29.50 40.58 5.01
CA GLY A 637 -30.48 41.21 5.88
C GLY A 637 -30.03 41.09 7.32
N GLU A 638 -29.91 42.24 7.99
CA GLU A 638 -29.46 42.29 9.37
C GLU A 638 -30.43 41.61 10.33
N SER A 639 -31.71 41.66 10.00
CA SER A 639 -32.75 41.09 10.85
C SER A 639 -32.83 39.57 10.78
N LYS A 640 -31.90 38.92 10.11
CA LYS A 640 -31.95 37.48 9.98
C LYS A 640 -30.87 36.75 10.78
N PHE A 641 -30.16 37.48 11.64
CA PHE A 641 -29.11 36.87 12.45
C PHE A 641 -29.64 36.67 13.87
N ARG A 642 -29.38 35.49 14.42
CA ARG A 642 -29.84 35.15 15.75
C ARG A 642 -29.23 36.03 16.82
N ASP A 643 -27.98 36.44 16.61
CA ASP A 643 -27.28 37.30 17.56
C ASP A 643 -25.92 37.72 17.03
N THR A 644 -25.22 38.55 17.81
CA THR A 644 -23.90 39.04 17.45
C THR A 644 -23.07 37.93 16.80
N ASN A 645 -22.84 36.85 17.55
CA ASN A 645 -22.05 35.75 17.03
C ASN A 645 -22.52 35.17 15.72
N HIS A 646 -23.81 35.31 15.43
CA HIS A 646 -24.30 34.77 14.17
C HIS A 646 -23.68 35.52 12.98
N TRP A 647 -23.77 36.84 12.97
CA TRP A 647 -23.18 37.58 11.85
C TRP A 647 -21.64 37.56 11.85
N VAL A 648 -21.01 37.45 13.02
CA VAL A 648 -19.56 37.37 13.01
C VAL A 648 -19.15 36.13 12.20
N ASP A 649 -19.77 34.99 12.47
CA ASP A 649 -19.45 33.76 11.75
C ASP A 649 -19.76 33.89 10.26
N PHE A 650 -20.82 34.64 9.96
CA PHE A 650 -21.17 34.83 8.56
C PHE A 650 -20.03 35.53 7.81
N LEU A 651 -19.48 36.58 8.41
CA LEU A 651 -18.40 37.34 7.82
C LEU A 651 -17.16 36.48 7.76
N ASP A 652 -16.87 35.83 8.89
CA ASP A 652 -15.73 34.94 9.00
C ASP A 652 -15.74 33.91 7.85
N LYS A 653 -16.93 33.40 7.52
CA LYS A 653 -17.07 32.41 6.46
C LYS A 653 -16.82 33.06 5.09
N PHE A 654 -17.51 34.16 4.83
CA PHE A 654 -17.35 34.85 3.55
C PHE A 654 -15.89 35.23 3.32
N ALA A 655 -15.20 35.55 4.40
CA ALA A 655 -13.80 35.91 4.31
C ALA A 655 -12.99 34.73 3.77
N ARG A 656 -12.93 33.68 4.58
CA ARG A 656 -12.18 32.46 4.28
C ARG A 656 -12.57 31.75 2.97
N GLU A 657 -13.87 31.72 2.65
CA GLU A 657 -14.39 31.06 1.46
C GLU A 657 -14.49 31.88 0.17
N ARG A 658 -14.58 33.20 0.29
CA ARG A 658 -14.73 34.03 -0.89
C ARG A 658 -13.59 35.02 -1.16
N MET A 659 -13.32 35.87 -0.19
CA MET A 659 -12.28 36.88 -0.36
C MET A 659 -10.85 36.37 -0.44
N GLU A 660 -10.42 35.60 0.55
CA GLU A 660 -9.06 35.06 0.52
C GLU A 660 -8.73 34.56 -0.89
N PRO A 661 -9.57 33.68 -1.45
CA PRO A 661 -9.32 33.16 -2.80
C PRO A 661 -9.22 34.25 -3.84
N ALA A 662 -10.09 35.25 -3.74
CA ALA A 662 -10.08 36.33 -4.71
C ALA A 662 -8.82 37.14 -4.51
N ILE A 663 -8.40 37.22 -3.25
CA ILE A 663 -7.20 37.95 -2.88
C ILE A 663 -5.97 37.27 -3.44
N ASP A 664 -5.85 35.94 -3.23
CA ASP A 664 -4.70 35.21 -3.74
C ASP A 664 -4.65 35.21 -5.26
N ARG A 665 -5.80 35.20 -5.90
CA ARG A 665 -5.82 35.24 -7.36
C ARG A 665 -5.25 36.60 -7.75
N GLY A 666 -5.67 37.62 -7.02
CA GLY A 666 -5.20 38.98 -7.27
C GLY A 666 -3.70 39.07 -7.15
N PHE A 667 -3.15 38.69 -6.01
CA PHE A 667 -1.73 38.79 -5.86
C PHE A 667 -0.96 37.92 -6.83
N ARG A 668 -1.55 36.79 -7.22
CA ARG A 668 -0.87 35.89 -8.16
C ARG A 668 -0.72 36.53 -9.54
N GLU A 669 -1.65 37.42 -9.89
CA GLU A 669 -1.58 38.10 -11.16
C GLU A 669 -0.47 39.16 -11.06
N MET A 670 -0.48 39.88 -9.94
CA MET A 670 0.51 40.91 -9.70
C MET A 670 1.90 40.30 -9.80
N CYS A 671 2.08 39.11 -9.26
CA CYS A 671 3.38 38.44 -9.30
C CYS A 671 3.83 38.20 -10.74
N GLU A 672 2.84 37.93 -11.60
CA GLU A 672 3.11 37.68 -13.01
C GLU A 672 3.44 38.98 -13.74
N TYR A 673 2.66 40.01 -13.45
CA TYR A 673 2.84 41.33 -14.04
C TYR A 673 4.25 41.83 -13.80
N MET A 674 4.77 41.64 -12.59
CA MET A 674 6.13 42.08 -12.28
C MET A 674 7.18 41.03 -12.58
N ASN A 675 6.72 39.84 -13.01
CA ASN A 675 7.58 38.72 -13.37
C ASN A 675 8.53 38.38 -12.21
N ASN A 676 7.95 38.30 -11.02
CA ASN A 676 8.70 38.00 -9.80
C ASN A 676 9.18 36.57 -9.64
N LYS A 677 10.29 36.41 -8.94
CA LYS A 677 10.87 35.09 -8.72
C LYS A 677 10.00 34.14 -7.94
N GLN A 678 9.09 34.66 -7.12
CA GLN A 678 8.24 33.80 -6.31
C GLN A 678 7.09 34.55 -5.62
N HIS A 679 5.88 34.06 -5.82
CA HIS A 679 4.69 34.64 -5.23
C HIS A 679 4.75 34.40 -3.73
N LEU A 680 4.74 35.48 -2.95
CA LEU A 680 4.80 35.41 -1.51
C LEU A 680 3.88 36.42 -0.85
N MET A 681 2.99 37.01 -1.63
CA MET A 681 2.04 37.97 -1.10
C MET A 681 0.84 37.23 -0.54
N PHE A 682 0.82 37.04 0.78
CA PHE A 682 -0.24 36.32 1.46
C PHE A 682 -1.02 37.17 2.46
N MET A 683 -2.32 37.31 2.27
CA MET A 683 -3.12 38.09 3.22
C MET A 683 -3.96 37.20 4.12
N ASP A 684 -4.22 37.69 5.33
CA ASP A 684 -4.99 36.93 6.30
C ASP A 684 -6.11 37.78 6.84
N ARG A 685 -7.29 37.19 7.06
CA ARG A 685 -8.34 38.00 7.65
C ARG A 685 -7.81 38.26 9.04
N GLU A 686 -7.96 39.50 9.49
CA GLU A 686 -7.48 39.87 10.79
C GLU A 686 -8.58 40.04 11.83
N ALA A 687 -9.25 41.18 11.80
CA ALA A 687 -10.30 41.39 12.77
C ALA A 687 -11.65 41.48 12.12
N ILE A 688 -12.68 41.40 12.95
CA ILE A 688 -14.06 41.51 12.49
C ILE A 688 -14.66 42.39 13.56
N ALA A 689 -15.25 43.51 13.16
CA ALA A 689 -15.84 44.40 14.15
C ALA A 689 -17.22 44.92 13.76
N GLY A 690 -17.94 45.38 14.77
CA GLY A 690 -19.27 45.91 14.54
C GLY A 690 -19.94 46.13 15.89
N PRO A 691 -21.13 46.75 15.90
CA PRO A 691 -21.80 46.96 17.18
C PRO A 691 -22.51 45.69 17.59
N PRO A 692 -22.85 45.56 18.88
CA PRO A 692 -23.54 44.36 19.36
C PRO A 692 -24.86 44.25 18.61
N LEU A 693 -25.22 43.06 18.15
CA LEU A 693 -26.46 42.90 17.42
C LEU A 693 -27.67 43.40 18.23
N GLY A 694 -28.50 44.21 17.57
CA GLY A 694 -29.68 44.74 18.21
C GLY A 694 -29.40 45.90 19.14
N SER A 695 -28.33 46.64 18.87
CA SER A 695 -27.99 47.79 19.72
C SER A 695 -27.86 49.04 18.90
N LYS A 696 -27.89 50.19 19.57
CA LYS A 696 -27.76 51.46 18.87
C LYS A 696 -26.31 51.92 18.68
N GLY A 697 -25.35 51.01 18.88
CA GLY A 697 -23.95 51.34 18.73
C GLY A 697 -23.52 51.51 17.28
N ILE A 698 -22.42 52.24 17.04
CA ILE A 698 -21.96 52.47 15.67
C ILE A 698 -20.85 51.55 15.20
N GLY A 699 -20.23 50.82 16.12
CA GLY A 699 -19.19 49.89 15.72
C GLY A 699 -17.80 50.49 15.63
N GLY A 700 -17.61 51.38 14.65
CA GLY A 700 -16.30 52.00 14.51
C GLY A 700 -16.36 53.39 13.95
N PHE A 701 -15.19 53.95 13.71
CA PHE A 701 -15.05 55.28 13.14
C PHE A 701 -13.59 55.65 12.97
N TRP A 702 -13.33 56.42 11.92
CA TRP A 702 -12.00 56.91 11.63
C TRP A 702 -12.08 58.41 11.78
N THR A 703 -10.97 58.99 12.24
CA THR A 703 -10.86 60.43 12.41
C THR A 703 -10.00 60.86 11.23
N GLY A 704 -9.02 60.02 10.90
CA GLY A 704 -8.12 60.28 9.80
C GLY A 704 -6.99 59.27 9.87
N LYS A 705 -6.01 59.37 8.97
CA LYS A 705 -4.87 58.45 8.97
C LYS A 705 -4.38 58.13 10.37
N LYS A 706 -4.05 56.86 10.59
CA LYS A 706 -3.54 56.42 11.86
C LYS A 706 -4.45 56.75 13.04
N ARG A 707 -5.70 57.11 12.77
CA ARG A 707 -6.61 57.46 13.87
C ARG A 707 -8.02 56.88 13.79
N TYR A 708 -8.24 55.75 14.47
CA TYR A 708 -9.54 55.07 14.46
C TYR A 708 -9.83 54.18 15.66
N ALA A 709 -11.06 53.70 15.75
CA ALA A 709 -11.49 52.81 16.83
C ALA A 709 -12.54 51.80 16.34
N LEU A 710 -12.38 50.55 16.72
CA LEU A 710 -13.30 49.49 16.32
C LEU A 710 -13.80 48.69 17.52
N ASN A 711 -14.88 47.95 17.31
CA ASN A 711 -15.41 47.10 18.38
C ASN A 711 -15.24 45.70 17.77
N VAL A 712 -14.12 45.05 18.10
CA VAL A 712 -13.81 43.74 17.57
C VAL A 712 -14.34 42.57 18.38
N TRP A 713 -14.86 41.58 17.67
CA TRP A 713 -15.43 40.40 18.28
C TRP A 713 -14.51 39.20 18.13
N ASP A 714 -13.89 39.09 16.95
CA ASP A 714 -13.00 37.99 16.66
C ASP A 714 -11.74 38.47 15.96
N MET A 715 -10.58 38.02 16.44
CA MET A 715 -9.29 38.39 15.88
C MET A 715 -8.52 37.19 15.35
N GLU A 716 -8.22 37.22 14.07
CA GLU A 716 -7.49 36.13 13.42
C GLU A 716 -8.11 34.79 13.70
N GLY A 717 -9.40 34.79 14.05
CA GLY A 717 -10.08 33.52 14.32
C GLY A 717 -10.25 33.18 15.78
N THR A 718 -10.04 34.14 16.67
CA THR A 718 -10.20 33.90 18.08
C THR A 718 -11.34 34.71 18.69
N ARG A 719 -12.55 34.14 18.63
CA ARG A 719 -13.77 34.76 19.13
C ARG A 719 -13.72 35.18 20.60
N TYR A 720 -13.67 36.49 20.86
CA TYR A 720 -13.59 37.00 22.24
C TYR A 720 -14.83 36.72 23.08
N ALA A 721 -14.62 36.68 24.40
CA ALA A 721 -15.71 36.45 25.34
C ALA A 721 -16.62 37.68 25.30
N GLU A 722 -15.99 38.84 25.33
CA GLU A 722 -16.66 40.13 25.27
C GLU A 722 -15.94 40.92 24.19
N PRO A 723 -16.64 41.84 23.51
CA PRO A 723 -16.02 42.63 22.46
C PRO A 723 -14.82 43.43 22.96
N LYS A 724 -13.76 43.47 22.15
CA LYS A 724 -12.56 44.20 22.49
C LYS A 724 -12.44 45.52 21.72
N LEU A 725 -12.16 46.61 22.43
CA LEU A 725 -12.01 47.92 21.81
C LEU A 725 -10.61 48.06 21.24
N LYS A 726 -10.51 48.22 19.93
CA LYS A 726 -9.22 48.42 19.29
C LYS A 726 -9.11 49.89 18.95
N ILE A 727 -8.28 50.61 19.69
CA ILE A 727 -8.10 52.03 19.44
C ILE A 727 -6.68 52.38 19.00
N MET A 728 -6.56 53.11 17.89
CA MET A 728 -5.27 53.54 17.35
C MET A 728 -5.25 55.08 17.31
N GLY A 729 -4.09 55.66 17.61
CA GLY A 729 -3.93 57.10 17.57
C GLY A 729 -4.73 58.02 18.49
N LEU A 730 -5.98 57.72 18.78
CA LEU A 730 -6.77 58.61 19.62
C LEU A 730 -6.06 58.88 20.94
N GLU A 731 -6.41 59.99 21.56
CA GLU A 731 -5.77 60.40 22.82
C GLU A 731 -5.73 59.34 23.92
N THR A 732 -6.62 58.36 23.86
CA THR A 732 -6.61 57.33 24.89
C THR A 732 -5.38 56.44 24.75
N GLN A 733 -4.58 56.70 23.72
CA GLN A 733 -3.36 55.94 23.46
C GLN A 733 -2.20 56.93 23.56
N LYS A 734 -2.55 58.16 23.92
CA LYS A 734 -1.60 59.25 24.05
C LYS A 734 -0.94 59.15 25.42
N SER A 735 0.29 58.63 25.44
CA SER A 735 1.02 58.49 26.70
C SER A 735 1.03 59.83 27.44
N SER A 736 0.69 60.89 26.71
CA SER A 736 0.65 62.26 27.24
C SER A 736 -0.71 62.75 27.68
N THR A 737 -1.70 61.87 27.74
CA THR A 737 -3.03 62.28 28.13
C THR A 737 -3.32 61.93 29.58
N PRO A 738 -3.87 62.88 30.34
CA PRO A 738 -4.18 62.62 31.75
C PRO A 738 -4.80 61.24 31.92
N LYS A 739 -4.80 60.73 33.15
CA LYS A 739 -5.37 59.40 33.40
C LYS A 739 -6.88 59.42 33.63
N ALA A 740 -7.37 60.39 34.41
CA ALA A 740 -8.81 60.46 34.65
C ALA A 740 -9.54 60.69 33.33
N VAL A 741 -8.89 61.41 32.43
CA VAL A 741 -9.41 61.73 31.11
C VAL A 741 -9.18 60.59 30.14
N GLN A 742 -8.00 59.96 30.22
CA GLN A 742 -7.70 58.84 29.33
C GLN A 742 -8.72 57.73 29.60
N LYS A 743 -9.31 57.75 30.81
CA LYS A 743 -10.28 56.75 31.17
C LYS A 743 -11.61 57.07 30.49
N ALA A 744 -12.14 58.27 30.75
CA ALA A 744 -13.40 58.68 30.14
C ALA A 744 -13.37 58.49 28.63
N LEU A 745 -12.45 59.17 27.95
CA LEU A 745 -12.36 59.05 26.51
C LEU A 745 -12.55 57.61 26.09
N LYS A 746 -11.97 56.70 26.87
CA LYS A 746 -12.08 55.28 26.60
C LYS A 746 -13.53 54.86 26.78
N GLU A 747 -14.11 55.24 27.91
CA GLU A 747 -15.50 54.89 28.18
C GLU A 747 -16.38 55.49 27.09
N CYS A 748 -16.14 56.77 26.80
CA CYS A 748 -16.89 57.48 25.77
C CYS A 748 -16.93 56.70 24.46
N ILE A 749 -15.77 56.24 24.00
CA ILE A 749 -15.69 55.47 22.77
C ILE A 749 -16.50 54.20 22.89
N ARG A 750 -16.34 53.49 24.00
CA ARG A 750 -17.07 52.24 24.20
C ARG A 750 -18.57 52.47 24.13
N ARG A 751 -19.03 53.57 24.71
CA ARG A 751 -20.45 53.84 24.69
C ARG A 751 -20.90 54.20 23.27
N MET A 752 -19.98 54.78 22.50
CA MET A 752 -20.25 55.17 21.12
C MET A 752 -20.38 53.97 20.19
N LEU A 753 -19.47 53.02 20.34
CA LEU A 753 -19.44 51.86 19.48
C LEU A 753 -20.38 50.73 19.85
N GLN A 754 -20.72 50.63 21.13
CA GLN A 754 -21.58 49.54 21.58
C GLN A 754 -22.93 49.95 22.15
N GLU A 755 -23.05 51.20 22.58
CA GLU A 755 -24.31 51.62 23.18
C GLU A 755 -25.09 52.68 22.41
N GLY A 756 -24.39 53.61 21.76
CA GLY A 756 -25.09 54.61 21.00
C GLY A 756 -24.99 56.03 21.53
N GLU A 757 -25.55 56.96 20.76
CA GLU A 757 -25.54 58.37 21.09
C GLU A 757 -26.11 58.77 22.46
N GLU A 758 -27.25 58.19 22.85
CA GLU A 758 -27.83 58.57 24.13
C GLU A 758 -26.95 58.16 25.31
N SER A 759 -26.26 57.04 25.16
CA SER A 759 -25.38 56.55 26.21
C SER A 759 -24.24 57.55 26.37
N LEU A 760 -23.53 57.82 25.28
CA LEU A 760 -22.44 58.77 25.31
C LEU A 760 -22.91 60.09 25.90
N GLN A 761 -24.11 60.51 25.54
CA GLN A 761 -24.63 61.76 26.05
C GLN A 761 -24.89 61.75 27.54
N GLU A 762 -25.25 60.61 28.09
CA GLU A 762 -25.52 60.53 29.52
C GLU A 762 -24.22 60.50 30.31
N TYR A 763 -23.18 59.93 29.72
CA TYR A 763 -21.88 59.86 30.39
C TYR A 763 -21.27 61.25 30.43
N PHE A 764 -21.02 61.80 29.25
CA PHE A 764 -20.43 63.12 29.11
C PHE A 764 -21.01 64.13 30.08
N LYS A 765 -22.33 64.17 30.20
CA LYS A 765 -22.97 65.13 31.10
C LYS A 765 -22.64 64.91 32.56
N GLU A 766 -22.46 63.65 32.95
CA GLU A 766 -22.14 63.36 34.33
C GLU A 766 -20.70 63.72 34.59
N PHE A 767 -19.83 63.29 33.67
CA PHE A 767 -18.41 63.55 33.78
C PHE A 767 -18.12 65.04 33.89
N GLU A 768 -19.13 65.87 33.66
CA GLU A 768 -18.98 67.31 33.75
C GLU A 768 -19.46 67.79 35.09
N LYS A 769 -20.63 67.33 35.50
CA LYS A 769 -21.19 67.71 36.79
C LYS A 769 -20.24 67.27 37.91
N GLU A 770 -19.40 66.28 37.60
CA GLU A 770 -18.49 65.75 38.60
C GLU A 770 -17.02 65.83 38.19
N PHE A 771 -16.63 66.85 37.45
CA PHE A 771 -15.22 66.95 37.03
C PHE A 771 -14.38 67.63 38.11
N ARG A 772 -14.97 68.63 38.74
CA ARG A 772 -14.28 69.33 39.80
C ARG A 772 -13.92 68.28 40.85
N GLN A 773 -14.95 67.71 41.48
CA GLN A 773 -14.79 66.68 42.52
C GLN A 773 -13.70 65.66 42.21
N LEU A 774 -13.31 65.57 40.95
CA LEU A 774 -12.27 64.63 40.59
C LEU A 774 -10.99 65.06 41.25
N ASN A 775 -10.16 64.08 41.61
CA ASN A 775 -8.88 64.39 42.26
C ASN A 775 -8.10 65.37 41.40
N TYR A 776 -7.65 66.45 42.02
CA TYR A 776 -6.91 67.49 41.33
C TYR A 776 -5.65 67.05 40.57
N ILE A 777 -5.07 65.92 40.93
CA ILE A 777 -3.86 65.45 40.27
C ILE A 777 -4.15 64.45 39.17
N SER A 778 -5.37 63.94 39.15
CA SER A 778 -5.78 62.98 38.13
C SER A 778 -6.17 63.73 36.85
N ILE A 779 -5.54 64.87 36.61
CA ILE A 779 -5.86 65.66 35.43
C ILE A 779 -4.67 66.06 34.56
N ALA A 780 -3.57 66.45 35.18
CA ALA A 780 -2.38 66.90 34.45
C ALA A 780 -1.96 66.01 33.29
N SER A 781 -1.17 66.58 32.37
CA SER A 781 -0.69 65.87 31.18
C SER A 781 0.77 65.41 31.23
N VAL A 782 1.29 64.95 30.09
CA VAL A 782 2.66 64.43 30.00
C VAL A 782 3.40 64.78 28.71
N SER A 783 4.72 64.93 28.79
CA SER A 783 5.55 65.23 27.63
C SER A 783 7.04 65.28 27.95
N SER A 784 7.86 65.04 26.94
CA SER A 784 9.30 65.06 27.08
C SER A 784 9.81 66.47 27.27
N ALA A 785 10.95 66.61 27.94
CA ALA A 785 11.57 67.90 28.19
C ALA A 785 12.89 67.99 27.44
N ASN A 786 12.87 68.65 26.28
CA ASN A 786 14.06 68.83 25.46
C ASN A 786 14.33 70.31 25.25
N ASN A 787 15.62 70.68 25.23
CA ASN A 787 16.01 72.06 25.05
C ASN A 787 15.37 72.97 26.10
N ILE A 788 15.15 72.43 27.29
CA ILE A 788 14.54 73.20 28.38
C ILE A 788 15.28 74.51 28.62
N ALA A 789 16.60 74.47 28.46
CA ALA A 789 17.46 75.63 28.65
C ALA A 789 17.68 76.35 27.33
N LYS A 790 16.58 76.73 26.68
CA LYS A 790 16.65 77.42 25.41
C LYS A 790 15.56 78.49 25.37
N TYR A 791 14.43 78.17 25.98
CA TYR A 791 13.29 79.08 26.03
C TYR A 791 13.22 79.70 27.42
N ASP A 792 14.39 79.81 28.05
CA ASP A 792 14.49 80.40 29.38
C ASP A 792 15.34 81.66 29.32
N VAL A 793 14.72 82.79 29.67
CA VAL A 793 15.38 84.09 29.69
C VAL A 793 15.35 84.57 31.14
N GLY A 794 16.35 84.16 31.91
CA GLY A 794 16.37 84.52 33.30
C GLY A 794 15.29 83.69 33.95
N GLY A 795 15.09 82.49 33.39
CA GLY A 795 14.08 81.59 33.89
C GLY A 795 12.71 82.09 33.49
N PHE A 796 12.61 82.66 32.29
CA PHE A 796 11.35 83.19 31.79
C PHE A 796 11.05 82.74 30.37
N PRO A 797 9.78 82.85 29.96
CA PRO A 797 9.35 82.45 28.61
C PRO A 797 9.99 83.25 27.47
N GLY A 798 10.72 82.55 26.61
CA GLY A 798 11.36 83.20 25.48
C GLY A 798 10.58 83.05 24.18
N PRO A 799 11.26 82.96 23.04
CA PRO A 799 10.62 82.83 21.73
C PRO A 799 10.23 81.38 21.44
N LYS A 800 8.98 81.15 21.05
CA LYS A 800 8.49 79.81 20.75
C LYS A 800 8.52 78.92 22.00
N CYS A 801 8.34 79.55 23.16
CA CYS A 801 8.34 78.84 24.44
C CYS A 801 7.12 77.96 24.66
N PRO A 802 7.30 76.63 24.63
CA PRO A 802 6.20 75.67 24.82
C PRO A 802 5.36 75.96 26.05
N PHE A 803 4.18 75.34 26.12
CA PHE A 803 3.24 75.57 27.21
C PHE A 803 3.62 75.06 28.61
N HIS A 804 4.39 73.98 28.66
CA HIS A 804 4.81 73.40 29.93
C HIS A 804 6.04 74.10 30.49
N ILE A 805 7.02 74.32 29.62
CA ILE A 805 8.25 74.97 30.00
C ILE A 805 7.94 76.34 30.62
N ARG A 806 6.74 76.85 30.40
CA ARG A 806 6.34 78.13 30.98
C ARG A 806 5.82 77.94 32.41
N GLY A 807 4.94 76.95 32.58
CA GLY A 807 4.41 76.65 33.89
C GLY A 807 5.59 76.36 34.81
N ILE A 808 6.49 75.49 34.33
CA ILE A 808 7.71 75.11 35.06
C ILE A 808 8.27 76.27 35.85
N LEU A 809 8.41 77.40 35.16
CA LEU A 809 8.96 78.61 35.72
C LEU A 809 8.08 79.31 36.76
N THR A 810 6.79 79.46 36.49
CA THR A 810 5.92 80.11 37.45
C THR A 810 5.82 79.25 38.72
N TYR A 811 6.62 78.19 38.73
CA TYR A 811 6.72 77.26 39.86
C TYR A 811 8.04 77.60 40.54
N ASN A 812 9.09 77.70 39.75
CA ASN A 812 10.40 78.04 40.24
C ASN A 812 10.33 79.40 40.92
N ARG A 813 9.40 80.24 40.44
CA ARG A 813 9.19 81.58 41.00
C ARG A 813 8.33 81.58 42.26
N ALA A 814 7.29 80.75 42.30
CA ALA A 814 6.41 80.68 43.47
C ALA A 814 7.13 80.08 44.68
N ILE A 815 8.25 79.40 44.43
CA ILE A 815 9.05 78.78 45.51
C ILE A 815 10.55 79.10 45.39
N LYS A 816 10.89 80.19 44.71
CA LYS A 816 12.30 80.55 44.54
C LYS A 816 13.08 80.58 45.83
N GLY A 817 14.33 80.16 45.74
CA GLY A 817 15.18 80.12 46.91
C GLY A 817 14.68 79.10 47.92
N ASN A 818 14.49 77.86 47.48
CA ASN A 818 14.02 76.80 48.37
C ASN A 818 14.30 75.44 47.75
N ILE A 819 14.97 74.57 48.52
CA ILE A 819 15.29 73.22 48.08
C ILE A 819 14.69 72.26 49.11
N ASP A 820 13.65 72.74 49.78
CA ASP A 820 12.92 71.99 50.80
C ASP A 820 11.58 71.58 50.17
N ALA A 821 11.31 72.13 48.99
CA ALA A 821 10.09 71.84 48.24
C ALA A 821 10.48 70.98 47.05
N PRO A 822 9.63 70.03 46.63
CA PRO A 822 9.94 69.15 45.50
C PRO A 822 10.82 69.83 44.42
N GLN A 823 11.97 69.22 44.15
CA GLN A 823 12.92 69.74 43.17
C GLN A 823 12.67 69.27 41.74
N VAL A 824 12.54 70.24 40.82
CA VAL A 824 12.32 69.93 39.41
C VAL A 824 13.64 69.49 38.75
N VAL A 825 13.56 69.08 37.49
CA VAL A 825 14.74 68.63 36.75
C VAL A 825 14.44 68.53 35.27
N GLU A 826 15.38 67.97 34.51
CA GLU A 826 15.20 67.83 33.06
C GLU A 826 15.21 66.39 32.61
N GLY A 827 14.66 66.16 31.42
CA GLY A 827 14.59 64.83 30.84
C GLY A 827 13.40 64.09 31.42
N GLU A 828 12.79 64.71 32.42
CA GLU A 828 11.64 64.15 33.11
C GLU A 828 10.32 64.51 32.44
N LYS A 829 9.29 64.64 33.26
CA LYS A 829 7.95 64.98 32.83
C LYS A 829 7.28 65.66 34.02
N VAL A 830 6.39 66.61 33.76
CA VAL A 830 5.72 67.30 34.85
C VAL A 830 4.21 67.40 34.74
N TYR A 831 3.60 67.61 35.91
CA TYR A 831 2.17 67.77 36.03
C TYR A 831 1.89 69.18 35.55
N VAL A 832 1.13 69.33 34.48
CA VAL A 832 0.81 70.65 33.95
C VAL A 832 -0.58 71.04 34.41
N LEU A 833 -0.89 72.34 34.41
CA LEU A 833 -2.21 72.75 34.86
C LEU A 833 -2.49 74.25 34.70
N PRO A 834 -3.60 74.58 34.05
CA PRO A 834 -3.99 75.99 33.83
C PRO A 834 -4.55 76.66 35.09
N LEU A 835 -4.24 77.95 35.24
CA LEU A 835 -4.68 78.76 36.38
C LEU A 835 -5.49 79.95 35.92
N ARG A 836 -6.53 80.27 36.66
CA ARG A 836 -7.37 81.41 36.30
C ARG A 836 -6.54 82.69 36.20
N GLU A 837 -7.19 83.79 35.82
CA GLU A 837 -6.52 85.07 35.71
C GLU A 837 -6.78 85.86 36.98
N GLY A 838 -5.78 86.65 37.39
CA GLY A 838 -5.91 87.41 38.61
C GLY A 838 -5.37 86.57 39.76
N ASN A 839 -4.55 85.57 39.40
CA ASN A 839 -3.93 84.64 40.34
C ASN A 839 -2.54 85.14 40.70
N PRO A 840 -2.24 85.22 42.01
CA PRO A 840 -0.95 85.68 42.49
C PRO A 840 0.18 84.67 42.29
N PHE A 841 0.14 83.91 41.21
CA PHE A 841 1.19 82.91 41.03
C PHE A 841 2.26 83.18 39.97
N GLY A 842 1.86 83.71 38.82
CA GLY A 842 2.84 83.97 37.80
C GLY A 842 2.33 84.04 36.37
N ASP A 843 1.77 82.95 35.85
CA ASP A 843 1.27 82.93 34.50
C ASP A 843 -0.16 82.41 34.44
N LYS A 844 -0.53 81.89 33.27
CA LYS A 844 -1.85 81.34 33.06
C LYS A 844 -1.85 79.90 33.56
N CYS A 845 -0.69 79.25 33.46
CA CYS A 845 -0.55 77.87 33.90
C CYS A 845 0.55 77.73 34.94
N ILE A 846 0.82 76.48 35.33
CA ILE A 846 1.84 76.15 36.31
C ILE A 846 2.07 74.62 36.31
N ALA A 847 3.29 74.21 36.00
CA ALA A 847 3.63 72.79 35.96
C ALA A 847 4.39 72.46 37.23
N TRP A 848 4.66 71.17 37.46
CA TRP A 848 5.41 70.74 38.63
C TRP A 848 5.81 69.25 38.61
N PRO A 849 6.84 68.89 39.40
CA PRO A 849 7.38 67.53 39.50
C PRO A 849 6.39 66.39 39.28
N SER A 850 6.82 65.34 38.58
CA SER A 850 5.95 64.18 38.32
C SER A 850 6.00 63.23 39.52
N GLY A 851 5.04 62.32 39.58
CA GLY A 851 5.00 61.36 40.68
C GLY A 851 4.91 61.99 42.07
N THR A 852 4.64 63.28 42.14
CA THR A 852 4.56 63.94 43.44
C THR A 852 3.38 64.90 43.51
N GLU A 853 3.04 65.30 44.74
CA GLU A 853 1.97 66.25 44.97
C GLU A 853 2.61 67.62 45.16
N ILE A 854 1.84 68.68 44.93
CA ILE A 854 2.36 70.03 45.06
C ILE A 854 2.69 70.36 46.51
N THR A 855 3.91 70.86 46.74
CA THR A 855 4.38 71.23 48.07
C THR A 855 3.36 72.11 48.80
N ASP A 856 3.05 71.75 50.05
CA ASP A 856 2.07 72.47 50.85
C ASP A 856 2.35 73.96 51.06
N LEU A 857 3.34 74.47 50.32
CA LEU A 857 3.73 75.88 50.39
C LEU A 857 3.04 76.67 49.28
N ILE A 858 2.47 75.94 48.31
CA ILE A 858 1.77 76.53 47.17
C ILE A 858 0.54 75.71 46.78
N LYS A 859 0.40 74.54 47.41
CA LYS A 859 -0.71 73.63 47.18
C LYS A 859 -2.06 74.29 47.42
N ASP A 860 -2.28 74.74 48.65
CA ASP A 860 -3.52 75.39 49.07
C ASP A 860 -4.15 76.33 48.03
N ASP A 861 -3.39 77.31 47.54
CA ASP A 861 -3.89 78.27 46.56
C ASP A 861 -3.91 77.76 45.11
N VAL A 862 -2.90 76.97 44.73
CA VAL A 862 -2.83 76.43 43.37
C VAL A 862 -4.20 75.85 43.03
N LEU A 863 -4.71 75.01 43.92
CA LEU A 863 -6.01 74.42 43.72
C LEU A 863 -7.03 75.56 43.71
N HIS A 864 -6.89 76.48 44.65
CA HIS A 864 -7.82 77.61 44.72
C HIS A 864 -7.95 78.38 43.41
N TRP A 865 -6.89 78.38 42.60
CA TRP A 865 -6.89 79.12 41.34
C TRP A 865 -6.92 78.29 40.06
N MET A 866 -6.47 77.04 40.13
CA MET A 866 -6.44 76.20 38.94
C MET A 866 -7.65 76.37 38.03
N ASP A 867 -7.40 76.23 36.73
CA ASP A 867 -8.43 76.36 35.70
C ASP A 867 -9.00 74.99 35.37
N TYR A 868 -10.22 74.74 35.85
CA TYR A 868 -10.88 73.47 35.59
C TYR A 868 -11.45 73.57 34.19
N THR A 869 -12.24 74.62 33.97
CA THR A 869 -12.85 74.87 32.68
C THR A 869 -11.80 74.59 31.61
N VAL A 870 -10.85 75.50 31.48
CA VAL A 870 -9.77 75.36 30.51
C VAL A 870 -9.17 73.97 30.48
N LEU A 871 -9.20 73.29 31.62
CA LEU A 871 -8.62 71.97 31.75
C LEU A 871 -9.47 70.88 31.09
N LEU A 872 -10.76 70.93 31.35
CA LEU A 872 -11.70 69.98 30.79
C LEU A 872 -11.70 70.17 29.28
N GLU A 873 -11.82 71.43 28.88
CA GLU A 873 -11.86 71.83 27.49
C GLU A 873 -10.74 71.27 26.62
N LYS A 874 -9.53 71.73 26.84
CA LYS A 874 -8.42 71.30 26.02
C LYS A 874 -7.98 69.84 26.14
N THR A 875 -8.32 69.18 27.24
CA THR A 875 -7.88 67.79 27.42
C THR A 875 -8.95 66.73 27.19
N PHE A 876 -10.21 67.09 27.42
CA PHE A 876 -11.31 66.16 27.26
C PHE A 876 -12.25 66.43 26.08
N ILE A 877 -12.83 67.63 26.06
CA ILE A 877 -13.76 68.02 25.02
C ILE A 877 -13.17 68.14 23.62
N LYS A 878 -12.20 69.04 23.44
CA LYS A 878 -11.59 69.21 22.13
C LYS A 878 -11.45 67.85 21.42
N PRO A 879 -10.86 66.85 22.10
CA PRO A 879 -10.69 65.53 21.48
C PRO A 879 -11.98 64.73 21.25
N LEU A 880 -12.95 64.87 22.14
CA LEU A 880 -14.23 64.17 21.99
C LEU A 880 -14.92 64.78 20.77
N GLU A 881 -15.02 66.10 20.79
CA GLU A 881 -15.60 66.85 19.68
C GLU A 881 -15.00 66.26 18.43
N GLY A 882 -13.71 65.99 18.50
CA GLY A 882 -13.01 65.41 17.36
C GLY A 882 -13.56 64.05 17.00
N PHE A 883 -13.81 63.20 18.00
CA PHE A 883 -14.33 61.85 17.73
C PHE A 883 -15.77 61.88 17.24
N THR A 884 -16.62 62.57 17.97
CA THR A 884 -18.02 62.63 17.64
C THR A 884 -18.38 63.34 16.33
N SER A 885 -17.56 64.28 15.88
CA SER A 885 -17.88 64.96 14.64
C SER A 885 -17.62 63.98 13.50
N ALA A 886 -16.57 63.19 13.65
CA ALA A 886 -16.23 62.20 12.65
C ALA A 886 -17.29 61.11 12.59
N ALA A 887 -17.69 60.62 13.75
CA ALA A 887 -18.66 59.55 13.85
C ALA A 887 -20.06 60.07 13.66
N LYS A 888 -20.19 61.38 13.46
CA LYS A 888 -21.52 61.95 13.27
C LYS A 888 -22.49 61.74 14.44
N LEU A 889 -21.97 61.89 15.65
CA LEU A 889 -22.73 61.74 16.87
C LEU A 889 -22.61 63.04 17.64
N ASP A 890 -23.55 63.26 18.55
CA ASP A 890 -23.49 64.46 19.38
C ASP A 890 -23.26 63.99 20.79
N TYR A 891 -22.43 64.70 21.55
CA TYR A 891 -22.18 64.32 22.92
C TYR A 891 -23.00 65.23 23.81
N GLU A 892 -23.86 66.02 23.18
CA GLU A 892 -24.68 66.96 23.90
C GLU A 892 -25.89 67.36 23.08
N LYS A 893 -27.08 67.10 23.61
CA LYS A 893 -28.31 67.42 22.92
C LYS A 893 -28.42 68.88 22.53
N LYS A 894 -29.41 69.18 21.69
CA LYS A 894 -29.68 70.54 21.22
C LYS A 894 -28.53 71.17 20.43
N ALA A 895 -27.58 70.34 20.01
CA ALA A 895 -26.45 70.81 19.21
C ALA A 895 -27.08 71.14 17.85
N SER A 896 -26.44 72.01 17.08
CA SER A 896 -27.02 72.36 15.79
C SER A 896 -26.34 71.70 14.62
N LEU A 897 -27.16 71.27 13.66
CA LEU A 897 -26.70 70.59 12.46
C LEU A 897 -25.80 71.45 11.59
N PHE A 898 -26.19 72.70 11.38
CA PHE A 898 -25.40 73.57 10.53
C PHE A 898 -23.96 73.75 10.98
N ASP A 899 -23.73 73.63 12.28
CA ASP A 899 -22.39 73.79 12.82
C ASP A 899 -21.33 72.92 12.14
N MET A 900 -21.77 72.00 11.28
CA MET A 900 -20.82 71.10 10.61
C MET A 900 -20.36 71.57 9.24
N PHE A 901 -20.88 72.69 8.78
CA PHE A 901 -20.51 73.21 7.48
C PHE A 901 -19.44 74.28 7.55
N ASP A 902 -18.53 74.24 6.58
CA ASP A 902 -17.42 75.18 6.53
C ASP A 902 -17.80 76.42 5.73
N PHE A 903 -18.88 77.07 6.14
CA PHE A 903 -19.30 78.30 5.48
C PHE A 903 -19.39 79.44 6.47
N MET B 1 -40.26 26.41 -39.33
CA MET B 1 -38.99 25.79 -38.86
C MET B 1 -37.78 26.44 -39.49
N LYS B 2 -36.62 26.26 -38.86
CA LYS B 2 -35.36 26.81 -39.37
C LYS B 2 -34.91 26.08 -40.64
N GLU B 3 -34.42 26.86 -41.60
CA GLU B 3 -33.95 26.30 -42.86
C GLU B 3 -32.55 25.70 -42.73
N PHE B 4 -32.32 24.61 -43.46
CA PHE B 4 -31.03 23.99 -43.48
C PHE B 4 -30.80 23.46 -44.88
N TYR B 5 -29.54 23.45 -45.31
CA TYR B 5 -29.19 22.98 -46.65
C TYR B 5 -29.11 21.47 -46.77
N LEU B 6 -29.17 20.99 -48.00
CA LEU B 6 -29.07 19.57 -48.23
C LEU B 6 -27.79 19.27 -49.01
N THR B 7 -27.63 19.89 -50.16
CA THR B 7 -26.43 19.68 -50.94
C THR B 7 -26.07 21.03 -51.50
N VAL B 8 -24.78 21.25 -51.72
CA VAL B 8 -24.34 22.51 -52.30
C VAL B 8 -23.30 22.17 -53.37
N GLU B 9 -23.26 22.95 -54.43
CA GLU B 9 -22.35 22.64 -55.51
C GLU B 9 -21.96 23.93 -56.23
N GLN B 10 -20.77 23.92 -56.84
CA GLN B 10 -20.30 25.06 -57.61
C GLN B 10 -20.20 24.61 -59.04
N ILE B 11 -20.88 25.31 -59.92
CA ILE B 11 -20.83 25.00 -61.34
C ILE B 11 -20.54 26.31 -62.04
N GLY B 12 -19.26 26.61 -62.24
CA GLY B 12 -18.87 27.85 -62.88
C GLY B 12 -19.13 29.00 -61.94
N ASP B 13 -19.88 29.99 -62.41
CA ASP B 13 -20.19 31.14 -61.60
C ASP B 13 -21.46 30.99 -60.77
N SER B 14 -21.96 29.77 -60.66
CA SER B 14 -23.19 29.58 -59.88
C SER B 14 -23.12 28.53 -58.79
N ILE B 15 -23.76 28.86 -57.67
CA ILE B 15 -23.86 27.94 -56.54
C ILE B 15 -25.23 27.29 -56.69
N PHE B 16 -25.26 25.97 -56.80
CA PHE B 16 -26.51 25.24 -56.90
C PHE B 16 -26.75 24.59 -55.57
N GLU B 17 -27.82 25.00 -54.90
CA GLU B 17 -28.12 24.46 -53.59
C GLU B 17 -29.47 23.81 -53.51
N ARG B 18 -29.53 22.72 -52.76
CA ARG B 18 -30.78 22.03 -52.52
C ARG B 18 -30.93 22.17 -51.03
N TYR B 19 -32.12 22.54 -50.58
CA TYR B 19 -32.36 22.71 -49.15
C TYR B 19 -33.84 22.53 -48.78
N ILE B 20 -34.10 22.63 -47.48
CA ILE B 20 -35.44 22.54 -46.93
C ILE B 20 -35.74 23.97 -46.48
N ASP B 21 -36.92 24.47 -46.85
CA ASP B 21 -37.34 25.84 -46.49
C ASP B 21 -38.08 25.84 -45.16
N SER B 22 -38.68 26.97 -44.82
CA SER B 22 -39.41 27.07 -43.55
C SER B 22 -40.65 26.19 -43.46
N ASN B 23 -41.13 25.70 -44.60
CA ASN B 23 -42.30 24.83 -44.60
C ASN B 23 -41.91 23.35 -44.67
N GLY B 24 -40.61 23.07 -44.54
CA GLY B 24 -40.15 21.69 -44.57
C GLY B 24 -40.26 21.12 -45.96
N ARG B 25 -40.11 22.00 -46.94
CA ARG B 25 -40.20 21.56 -48.33
C ARG B 25 -38.86 21.64 -49.03
N GLU B 26 -38.55 20.61 -49.81
CA GLU B 26 -37.28 20.59 -50.52
C GLU B 26 -37.34 21.58 -51.67
N ARG B 27 -36.38 22.48 -51.71
CA ARG B 27 -36.34 23.48 -52.76
C ARG B 27 -34.93 23.45 -53.33
N THR B 28 -34.77 24.06 -54.50
CA THR B 28 -33.47 24.13 -55.16
C THR B 28 -33.34 25.51 -55.75
N ARG B 29 -32.22 26.16 -55.48
CA ARG B 29 -31.97 27.50 -55.97
C ARG B 29 -30.58 27.57 -56.60
N GLU B 30 -30.41 28.52 -57.50
CA GLU B 30 -29.14 28.74 -58.19
C GLU B 30 -28.73 30.15 -57.78
N VAL B 31 -27.59 30.29 -57.12
CA VAL B 31 -27.16 31.60 -56.66
C VAL B 31 -25.89 32.04 -57.35
N GLU B 32 -25.86 33.29 -57.76
CA GLU B 32 -24.70 33.86 -58.42
C GLU B 32 -23.82 34.44 -57.30
N TYR B 33 -23.35 33.56 -56.42
CA TYR B 33 -22.55 33.94 -55.26
C TYR B 33 -21.33 34.81 -55.53
N LYS B 34 -21.27 35.94 -54.83
CA LYS B 34 -20.15 36.88 -54.94
C LYS B 34 -19.21 36.60 -53.78
N PRO B 35 -18.09 35.94 -54.05
CA PRO B 35 -17.13 35.63 -52.99
C PRO B 35 -16.23 36.80 -52.63
N SER B 36 -15.58 36.68 -51.49
CA SER B 36 -14.65 37.68 -50.99
C SER B 36 -13.34 37.00 -50.61
N LEU B 37 -12.24 37.70 -50.89
CA LEU B 37 -10.90 37.23 -50.52
C LEU B 37 -10.22 38.48 -49.90
N PHE B 38 -9.00 38.34 -49.41
CA PHE B 38 -8.35 39.48 -48.76
C PHE B 38 -6.87 39.54 -49.04
N ALA B 39 -6.30 40.73 -48.85
CA ALA B 39 -4.89 40.94 -49.08
C ALA B 39 -4.38 41.84 -47.97
N HIS B 40 -3.10 41.73 -47.65
CA HIS B 40 -2.48 42.55 -46.62
C HIS B 40 -2.48 43.97 -47.09
N CYS B 41 -2.89 44.88 -46.23
CA CYS B 41 -2.91 46.30 -46.55
C CYS B 41 -1.93 46.98 -45.62
N PRO B 42 -1.57 48.23 -45.93
CA PRO B 42 -0.64 48.96 -45.06
C PRO B 42 -1.34 49.37 -43.77
N GLU B 43 -0.57 49.62 -42.72
CA GLU B 43 -1.11 50.00 -41.40
C GLU B 43 -2.24 51.05 -41.41
N SER B 44 -2.01 52.14 -42.15
CA SER B 44 -2.95 53.25 -42.24
C SER B 44 -4.34 52.90 -42.74
N GLN B 45 -4.50 51.75 -43.39
CA GLN B 45 -5.79 51.35 -43.90
C GLN B 45 -6.66 50.74 -42.81
N ALA B 46 -7.46 51.58 -42.15
CA ALA B 46 -8.33 51.09 -41.09
C ALA B 46 -9.20 49.98 -41.66
N THR B 47 -9.31 48.89 -40.93
CA THR B 47 -10.09 47.75 -41.36
C THR B 47 -10.47 46.97 -40.11
N LYS B 48 -11.50 46.15 -40.21
CA LYS B 48 -11.91 45.35 -39.08
C LYS B 48 -11.45 43.91 -39.33
N TYR B 49 -10.69 43.72 -40.40
CA TYR B 49 -10.19 42.41 -40.81
C TYR B 49 -8.70 42.22 -40.51
N PHE B 50 -8.36 41.11 -39.88
CA PHE B 50 -6.97 40.82 -39.52
C PHE B 50 -6.68 39.35 -39.70
N ASP B 51 -5.47 39.04 -40.17
CA ASP B 51 -5.08 37.65 -40.37
C ASP B 51 -4.71 37.02 -39.02
N ILE B 52 -4.48 35.71 -38.99
CA ILE B 52 -4.19 35.04 -37.72
C ILE B 52 -2.90 35.47 -37.09
N TYR B 53 -2.11 36.25 -37.82
CA TYR B 53 -0.85 36.75 -37.28
C TYR B 53 -1.03 38.20 -36.88
N GLY B 54 -2.27 38.60 -36.67
CA GLY B 54 -2.54 39.98 -36.28
C GLY B 54 -2.27 41.08 -37.29
N LYS B 55 -2.08 40.72 -38.57
CA LYS B 55 -1.82 41.72 -39.61
C LYS B 55 -3.10 42.20 -40.29
N PRO B 56 -3.19 43.52 -40.56
CA PRO B 56 -4.36 44.11 -41.21
C PRO B 56 -4.55 43.67 -42.68
N CYS B 57 -5.82 43.46 -43.06
CA CYS B 57 -6.16 43.00 -44.38
C CYS B 57 -7.33 43.78 -44.95
N THR B 58 -7.43 43.82 -46.27
CA THR B 58 -8.53 44.50 -46.96
C THR B 58 -9.45 43.46 -47.62
N ARG B 59 -10.76 43.60 -47.45
CA ARG B 59 -11.70 42.68 -48.05
C ARG B 59 -11.91 43.05 -49.50
N LYS B 60 -11.90 42.07 -50.38
CA LYS B 60 -12.10 42.31 -51.79
C LYS B 60 -13.30 41.47 -52.34
N LEU B 61 -14.37 42.16 -52.72
CA LEU B 61 -15.57 41.52 -53.25
C LEU B 61 -15.35 41.26 -54.73
N PHE B 62 -15.92 40.18 -55.24
CA PHE B 62 -15.74 39.85 -56.64
C PHE B 62 -17.09 39.69 -57.32
N ALA B 63 -17.14 40.03 -58.59
CA ALA B 63 -18.38 39.94 -59.33
C ALA B 63 -18.89 38.49 -59.35
N ASN B 64 -17.95 37.55 -59.49
CA ASN B 64 -18.27 36.12 -59.52
C ASN B 64 -17.08 35.30 -59.03
N MET B 65 -17.30 34.00 -58.84
CA MET B 65 -16.27 33.12 -58.33
C MET B 65 -15.09 32.87 -59.26
N ARG B 66 -15.31 32.94 -60.55
CA ARG B 66 -14.23 32.72 -61.50
C ARG B 66 -13.25 33.86 -61.34
N ASP B 67 -13.77 35.07 -61.18
CA ASP B 67 -12.93 36.25 -61.00
C ASP B 67 -12.06 36.11 -59.78
N ALA B 68 -12.61 35.54 -58.73
CA ALA B 68 -11.87 35.32 -57.50
C ALA B 68 -10.71 34.34 -57.70
N SER B 69 -11.02 33.18 -58.30
CA SER B 69 -10.02 32.16 -58.53
C SER B 69 -8.88 32.68 -59.37
N GLN B 70 -9.22 33.42 -60.42
CA GLN B 70 -8.21 33.98 -61.29
C GLN B 70 -7.36 34.93 -60.47
N TRP B 71 -8.01 35.71 -59.62
CA TRP B 71 -7.31 36.67 -58.80
C TRP B 71 -6.30 35.95 -57.92
N ILE B 72 -6.71 34.82 -57.34
CA ILE B 72 -5.77 34.10 -56.50
C ILE B 72 -4.53 33.74 -57.31
N LYS B 73 -4.74 33.24 -58.52
CA LYS B 73 -3.64 32.83 -59.37
C LYS B 73 -2.62 33.94 -59.67
N ARG B 74 -3.14 35.12 -60.03
CA ARG B 74 -2.28 36.25 -60.34
C ARG B 74 -1.49 36.67 -59.13
N MET B 75 -2.18 36.73 -57.98
CA MET B 75 -1.54 37.10 -56.73
C MET B 75 -0.39 36.15 -56.39
N GLU B 76 -0.65 34.85 -56.53
CA GLU B 76 0.37 33.87 -56.23
C GLU B 76 1.54 33.92 -57.19
N ASP B 77 1.29 34.29 -58.43
CA ASP B 77 2.35 34.41 -59.43
C ASP B 77 3.17 35.69 -59.15
N ILE B 78 2.52 36.73 -58.63
CA ILE B 78 3.22 37.97 -58.36
C ILE B 78 3.90 38.02 -56.99
N GLY B 79 3.53 37.10 -56.10
CA GLY B 79 4.19 37.10 -54.80
C GLY B 79 3.43 37.65 -53.61
N LEU B 80 2.18 38.05 -53.79
CA LEU B 80 1.38 38.59 -52.69
C LEU B 80 0.40 37.53 -52.17
N GLU B 81 0.33 37.36 -50.85
CA GLU B 81 -0.58 36.39 -50.29
C GLU B 81 -2.05 36.68 -50.60
N ALA B 82 -2.82 35.63 -50.86
CA ALA B 82 -4.25 35.77 -51.14
C ALA B 82 -4.94 35.05 -50.00
N LEU B 83 -5.44 35.82 -49.05
CA LEU B 83 -6.07 35.26 -47.89
C LEU B 83 -7.54 35.09 -48.08
N GLY B 84 -8.16 34.26 -47.25
CA GLY B 84 -9.59 34.06 -47.36
C GLY B 84 -9.92 32.66 -47.78
N MET B 85 -11.18 32.27 -47.61
CA MET B 85 -11.62 30.92 -47.97
C MET B 85 -11.66 30.72 -49.49
N ASP B 86 -10.68 29.97 -50.01
CA ASP B 86 -10.57 29.70 -51.44
C ASP B 86 -11.55 28.65 -52.01
N ASP B 87 -12.25 27.95 -51.11
CA ASP B 87 -13.27 26.96 -51.46
C ASP B 87 -14.60 27.71 -51.21
N PHE B 88 -15.16 28.28 -52.28
CA PHE B 88 -16.37 29.07 -52.21
C PHE B 88 -17.65 28.35 -51.78
N LYS B 89 -17.69 27.02 -51.83
CA LYS B 89 -18.89 26.33 -51.37
C LYS B 89 -18.99 26.49 -49.85
N LEU B 90 -17.85 26.38 -49.17
CA LEU B 90 -17.79 26.53 -47.73
C LEU B 90 -18.13 27.95 -47.38
N ALA B 91 -17.71 28.88 -48.23
CA ALA B 91 -17.97 30.30 -47.95
C ALA B 91 -19.48 30.61 -48.05
N TYR B 92 -20.09 30.16 -49.13
CA TYR B 92 -21.50 30.39 -49.35
C TYR B 92 -22.30 29.71 -48.25
N LEU B 93 -21.85 28.55 -47.82
CA LEU B 93 -22.56 27.81 -46.78
C LEU B 93 -22.45 28.58 -45.47
N SER B 94 -21.29 29.20 -45.26
CA SER B 94 -21.05 29.96 -44.05
C SER B 94 -21.98 31.17 -44.00
N ASP B 95 -21.94 31.96 -45.06
CA ASP B 95 -22.77 33.16 -45.18
C ASP B 95 -24.27 32.85 -45.17
N THR B 96 -24.68 31.85 -45.94
CA THR B 96 -26.08 31.49 -46.03
C THR B 96 -26.65 30.95 -44.73
N TYR B 97 -25.80 30.35 -43.91
CA TYR B 97 -26.26 29.78 -42.66
C TYR B 97 -25.42 30.26 -41.49
N ASN B 98 -25.51 31.55 -41.19
CA ASN B 98 -24.77 32.15 -40.09
C ASN B 98 -25.47 31.80 -38.78
N TYR B 99 -25.53 30.51 -38.47
CA TYR B 99 -26.17 30.05 -37.27
C TYR B 99 -26.02 28.55 -37.10
N GLU B 100 -26.03 28.09 -35.85
CA GLU B 100 -25.90 26.66 -35.55
C GLU B 100 -27.05 25.94 -36.24
N ILE B 101 -26.72 25.25 -37.32
CA ILE B 101 -27.70 24.54 -38.12
C ILE B 101 -28.46 23.44 -37.39
N LYS B 102 -29.78 23.54 -37.41
CA LYS B 102 -30.64 22.54 -36.76
C LYS B 102 -31.35 21.82 -37.91
N TYR B 103 -31.27 20.49 -37.93
CA TYR B 103 -31.87 19.73 -39.03
C TYR B 103 -32.81 18.62 -38.62
N ASP B 104 -33.71 18.29 -39.55
CA ASP B 104 -34.70 17.26 -39.34
C ASP B 104 -34.49 16.15 -40.35
N HIS B 105 -33.82 15.09 -39.91
CA HIS B 105 -33.51 13.96 -40.78
C HIS B 105 -34.68 13.35 -41.54
N THR B 106 -35.92 13.59 -41.09
CA THR B 106 -37.07 13.01 -41.79
C THR B 106 -37.38 13.80 -43.05
N LYS B 107 -36.83 15.01 -43.12
CA LYS B 107 -37.03 15.87 -44.29
C LYS B 107 -35.97 15.51 -45.34
N ILE B 108 -34.85 14.98 -44.87
CA ILE B 108 -33.74 14.60 -45.74
C ILE B 108 -34.03 13.26 -46.38
N ARG B 109 -33.97 13.22 -47.70
CA ARG B 109 -34.24 11.98 -48.42
C ARG B 109 -33.00 11.11 -48.57
N VAL B 110 -32.93 10.05 -47.76
CA VAL B 110 -31.82 9.11 -47.79
C VAL B 110 -32.20 7.88 -48.62
N ALA B 111 -31.51 7.65 -49.73
CA ALA B 111 -31.84 6.50 -50.56
C ALA B 111 -30.77 5.39 -50.60
N ASN B 112 -31.23 4.14 -50.53
CA ASN B 112 -30.37 2.95 -50.57
C ASN B 112 -30.85 2.14 -51.77
N PHE B 113 -29.95 1.68 -52.62
CA PHE B 113 -30.38 0.88 -53.75
C PHE B 113 -29.37 -0.18 -54.15
N ASP B 114 -29.78 -1.07 -55.04
CA ASP B 114 -28.93 -2.15 -55.52
C ASP B 114 -29.39 -2.67 -56.88
N ILE B 115 -28.47 -2.86 -57.82
CA ILE B 115 -28.87 -3.37 -59.12
C ILE B 115 -28.35 -4.78 -59.32
N GLU B 116 -28.92 -5.47 -60.31
CA GLU B 116 -28.55 -6.84 -60.61
C GLU B 116 -28.48 -7.03 -62.12
N VAL B 117 -27.28 -7.31 -62.62
CA VAL B 117 -27.07 -7.51 -64.05
C VAL B 117 -26.49 -8.89 -64.33
N THR B 118 -27.19 -9.65 -65.17
CA THR B 118 -26.77 -11.00 -65.54
C THR B 118 -25.65 -10.94 -66.57
N SER B 119 -24.58 -11.69 -66.31
CA SER B 119 -23.44 -11.70 -67.22
C SER B 119 -22.95 -13.13 -67.45
N PRO B 120 -23.16 -13.66 -68.67
CA PRO B 120 -22.72 -15.02 -69.01
C PRO B 120 -21.23 -15.13 -69.23
N ASP B 121 -20.51 -14.01 -69.17
CA ASP B 121 -19.08 -14.01 -69.38
C ASP B 121 -18.32 -13.12 -68.41
N GLY B 122 -18.35 -13.49 -67.13
CA GLY B 122 -17.64 -12.74 -66.12
C GLY B 122 -18.26 -11.41 -65.70
N PHE B 123 -17.80 -10.90 -64.57
CA PHE B 123 -18.26 -9.65 -63.99
C PHE B 123 -18.48 -8.55 -65.05
N PRO B 124 -19.61 -7.82 -64.95
CA PRO B 124 -19.99 -6.75 -65.87
C PRO B 124 -19.29 -5.42 -65.54
N GLU B 125 -18.29 -5.05 -66.32
CA GLU B 125 -17.57 -3.81 -66.08
C GLU B 125 -18.51 -2.62 -66.22
N PRO B 126 -18.58 -1.77 -65.18
CA PRO B 126 -19.45 -0.60 -65.22
C PRO B 126 -19.06 0.46 -66.25
N SER B 127 -17.88 0.32 -66.84
CA SER B 127 -17.37 1.25 -67.85
C SER B 127 -18.05 1.06 -69.20
N GLN B 128 -18.43 -0.19 -69.48
CA GLN B 128 -19.08 -0.55 -70.73
C GLN B 128 -20.57 -0.87 -70.56
N ALA B 129 -20.91 -1.55 -69.47
CA ALA B 129 -22.30 -1.91 -69.19
C ALA B 129 -22.96 -2.48 -70.44
N LYS B 130 -22.25 -3.39 -71.10
CA LYS B 130 -22.74 -4.01 -72.33
C LYS B 130 -23.88 -4.99 -72.08
N HIS B 131 -24.24 -5.15 -70.82
CA HIS B 131 -25.32 -6.06 -70.44
C HIS B 131 -26.53 -5.34 -69.86
N PRO B 132 -27.73 -5.92 -70.05
CA PRO B 132 -28.96 -5.31 -69.53
C PRO B 132 -29.05 -5.38 -68.01
N ILE B 133 -29.76 -4.42 -67.43
CA ILE B 133 -29.96 -4.36 -65.99
C ILE B 133 -31.25 -5.14 -65.76
N ASP B 134 -31.13 -6.34 -65.22
CA ASP B 134 -32.29 -7.18 -64.97
C ASP B 134 -33.15 -6.69 -63.83
N ALA B 135 -32.51 -6.23 -62.76
CA ALA B 135 -33.25 -5.75 -61.60
C ALA B 135 -32.64 -4.56 -60.88
N ILE B 136 -33.51 -3.81 -60.22
CA ILE B 136 -33.12 -2.65 -59.44
C ILE B 136 -34.10 -2.59 -58.27
N THR B 137 -33.57 -2.37 -57.07
CA THR B 137 -34.35 -2.23 -55.86
C THR B 137 -33.84 -0.93 -55.25
N HIS B 138 -34.74 0.02 -55.03
CA HIS B 138 -34.37 1.32 -54.51
C HIS B 138 -35.26 1.73 -53.34
N TYR B 139 -34.69 1.72 -52.14
CA TYR B 139 -35.41 2.12 -50.94
C TYR B 139 -35.34 3.64 -50.85
N ASP B 140 -36.34 4.24 -50.24
CA ASP B 140 -36.40 5.68 -50.07
C ASP B 140 -36.90 5.88 -48.65
N SER B 141 -36.06 6.46 -47.79
CA SER B 141 -36.41 6.65 -46.40
C SER B 141 -37.64 7.52 -46.12
N ILE B 142 -37.96 8.44 -47.02
CA ILE B 142 -39.11 9.32 -46.81
C ILE B 142 -40.44 8.59 -47.03
N ASP B 143 -40.45 7.71 -48.02
CA ASP B 143 -41.64 6.92 -48.35
C ASP B 143 -41.65 5.65 -47.52
N ASP B 144 -40.45 5.19 -47.18
CA ASP B 144 -40.28 3.97 -46.41
C ASP B 144 -40.68 2.78 -47.28
N ARG B 145 -40.49 2.89 -48.58
CA ARG B 145 -40.83 1.81 -49.51
C ARG B 145 -39.63 1.22 -50.28
N PHE B 146 -39.74 -0.05 -50.64
CA PHE B 146 -38.69 -0.71 -51.38
C PHE B 146 -39.20 -0.86 -52.82
N TYR B 147 -38.86 0.10 -53.68
CA TYR B 147 -39.32 0.03 -55.06
C TYR B 147 -38.49 -0.98 -55.83
N VAL B 148 -39.17 -1.88 -56.55
CA VAL B 148 -38.47 -2.92 -57.30
C VAL B 148 -38.82 -2.93 -58.79
N PHE B 149 -37.82 -2.75 -59.63
CA PHE B 149 -38.03 -2.75 -61.08
C PHE B 149 -37.50 -4.06 -61.64
N ASP B 150 -38.40 -4.94 -62.04
CA ASP B 150 -38.01 -6.24 -62.57
C ASP B 150 -38.19 -6.34 -64.07
N LEU B 151 -37.12 -6.73 -64.76
CA LEU B 151 -37.15 -6.91 -66.20
C LEU B 151 -37.54 -8.36 -66.49
N LEU B 152 -38.69 -8.52 -67.14
CA LEU B 152 -39.21 -9.84 -67.44
C LEU B 152 -38.56 -10.47 -68.68
N ASN B 153 -38.03 -9.64 -69.56
CA ASN B 153 -37.41 -10.15 -70.78
C ASN B 153 -36.09 -9.48 -71.13
N SER B 154 -35.16 -10.27 -71.65
CA SER B 154 -33.85 -9.77 -72.06
C SER B 154 -33.13 -10.88 -72.84
N PRO B 155 -32.00 -10.55 -73.46
CA PRO B 155 -31.26 -11.56 -74.23
C PRO B 155 -30.65 -12.67 -73.35
N TYR B 156 -31.17 -12.79 -72.12
CA TYR B 156 -30.69 -13.82 -71.19
C TYR B 156 -31.87 -14.34 -70.39
N GLY B 157 -32.83 -14.92 -71.10
CA GLY B 157 -34.01 -15.46 -70.44
C GLY B 157 -35.17 -14.49 -70.38
N ASN B 158 -36.37 -15.04 -70.25
CA ASN B 158 -37.59 -14.25 -70.18
C ASN B 158 -38.41 -14.77 -69.03
N VAL B 159 -37.96 -14.50 -67.81
CA VAL B 159 -38.63 -14.96 -66.61
C VAL B 159 -40.06 -14.49 -66.46
N GLU B 160 -40.79 -15.12 -65.54
CA GLU B 160 -42.17 -14.77 -65.26
C GLU B 160 -42.21 -13.72 -64.15
N GLU B 161 -43.40 -13.44 -63.64
CA GLU B 161 -43.58 -12.46 -62.58
C GLU B 161 -42.93 -12.88 -61.28
N TRP B 162 -42.87 -11.95 -60.34
CA TRP B 162 -42.30 -12.18 -59.01
C TRP B 162 -43.53 -12.12 -58.11
N SER B 163 -43.44 -12.70 -56.92
CA SER B 163 -44.58 -12.66 -56.02
C SER B 163 -44.18 -12.55 -54.55
N ILE B 164 -44.74 -11.55 -53.87
CA ILE B 164 -44.46 -11.36 -52.46
C ILE B 164 -44.89 -12.61 -51.73
N GLU B 165 -45.81 -13.34 -52.34
CA GLU B 165 -46.33 -14.57 -51.76
C GLU B 165 -45.23 -15.59 -51.47
N ILE B 166 -44.68 -16.19 -52.52
CA ILE B 166 -43.62 -17.19 -52.36
C ILE B 166 -42.46 -16.61 -51.56
N ALA B 167 -42.25 -15.30 -51.70
CA ALA B 167 -41.18 -14.62 -50.99
C ALA B 167 -41.40 -14.64 -49.49
N ALA B 168 -42.63 -14.37 -49.06
CA ALA B 168 -42.97 -14.34 -47.64
C ALA B 168 -43.02 -15.75 -47.04
N LYS B 169 -43.00 -16.75 -47.92
CA LYS B 169 -43.04 -18.15 -47.48
C LYS B 169 -41.70 -18.60 -46.92
N LEU B 170 -41.73 -19.33 -45.81
CA LEU B 170 -40.51 -19.80 -45.17
C LEU B 170 -39.64 -20.67 -46.09
N GLN B 171 -38.39 -20.87 -45.71
CA GLN B 171 -37.43 -21.66 -46.49
C GLN B 171 -37.95 -23.04 -46.89
N GLU B 172 -38.08 -23.93 -45.90
CA GLU B 172 -38.55 -25.29 -46.12
C GLU B 172 -39.90 -25.32 -46.83
N GLN B 173 -40.58 -24.18 -46.86
CA GLN B 173 -41.89 -24.09 -47.51
C GLN B 173 -41.77 -23.95 -49.03
N GLY B 174 -40.63 -23.44 -49.48
CA GLY B 174 -40.41 -23.25 -50.90
C GLY B 174 -40.35 -21.77 -51.21
N GLY B 175 -39.95 -20.99 -50.21
CA GLY B 175 -39.86 -19.55 -50.37
C GLY B 175 -38.49 -18.96 -50.11
N ASP B 176 -38.46 -17.65 -49.88
CA ASP B 176 -37.21 -16.94 -49.63
C ASP B 176 -37.21 -16.32 -48.23
N GLU B 177 -38.36 -16.38 -47.57
CA GLU B 177 -38.55 -15.85 -46.22
C GLU B 177 -38.08 -14.41 -46.02
N VAL B 178 -38.38 -13.55 -47.00
CA VAL B 178 -37.99 -12.15 -46.88
C VAL B 178 -38.61 -11.59 -45.60
N PRO B 179 -37.91 -10.66 -44.93
CA PRO B 179 -38.39 -10.06 -43.69
C PRO B 179 -39.87 -9.74 -43.65
N SER B 180 -40.41 -9.69 -42.44
CA SER B 180 -41.82 -9.43 -42.23
C SER B 180 -42.16 -7.94 -42.14
N GLU B 181 -41.22 -7.15 -41.62
CA GLU B 181 -41.44 -5.71 -41.47
C GLU B 181 -41.17 -4.88 -42.72
N ILE B 182 -41.07 -5.54 -43.87
CA ILE B 182 -40.82 -4.83 -45.12
C ILE B 182 -41.63 -5.43 -46.28
N ILE B 183 -42.23 -6.59 -46.03
CA ILE B 183 -43.02 -7.31 -47.01
C ILE B 183 -44.16 -6.45 -47.57
N ASP B 184 -44.76 -5.65 -46.69
CA ASP B 184 -45.86 -4.79 -47.11
C ASP B 184 -45.35 -3.46 -47.63
N LYS B 185 -44.05 -3.21 -47.42
CA LYS B 185 -43.46 -1.96 -47.87
C LYS B 185 -42.84 -2.08 -49.24
N ILE B 186 -42.83 -3.28 -49.79
CA ILE B 186 -42.26 -3.54 -51.11
C ILE B 186 -43.21 -3.17 -52.26
N ILE B 187 -42.75 -2.34 -53.18
CA ILE B 187 -43.57 -1.94 -54.32
C ILE B 187 -42.97 -2.50 -55.61
N TYR B 188 -43.47 -3.67 -56.01
CA TYR B 188 -42.99 -4.36 -57.20
C TYR B 188 -43.55 -3.79 -58.50
N MET B 189 -42.70 -3.73 -59.53
CA MET B 189 -43.07 -3.20 -60.84
C MET B 189 -42.37 -4.01 -61.93
N PRO B 190 -43.13 -4.83 -62.68
CA PRO B 190 -42.58 -5.65 -63.74
C PRO B 190 -42.49 -4.94 -65.09
N PHE B 191 -41.34 -5.01 -65.73
CA PHE B 191 -41.15 -4.38 -67.03
C PHE B 191 -40.75 -5.41 -68.06
N ASP B 192 -41.44 -5.41 -69.20
CA ASP B 192 -41.15 -6.36 -70.26
C ASP B 192 -39.84 -6.02 -70.96
N ASN B 193 -39.67 -4.75 -71.30
CA ASN B 193 -38.47 -4.28 -71.98
C ASN B 193 -37.53 -3.55 -71.03
N GLU B 194 -36.24 -3.58 -71.33
CA GLU B 194 -35.25 -2.90 -70.49
C GLU B 194 -35.29 -1.39 -70.65
N LYS B 195 -35.10 -0.93 -71.88
CA LYS B 195 -35.10 0.50 -72.17
C LYS B 195 -36.30 1.14 -71.48
N GLU B 196 -37.39 0.39 -71.38
CA GLU B 196 -38.62 0.87 -70.75
C GLU B 196 -38.48 0.86 -69.24
N LEU B 197 -37.66 -0.05 -68.73
CA LEU B 197 -37.42 -0.14 -67.30
C LEU B 197 -36.62 1.08 -66.86
N LEU B 198 -35.49 1.30 -67.52
CA LEU B 198 -34.63 2.44 -67.23
C LEU B 198 -35.39 3.74 -67.42
N MET B 199 -36.04 3.86 -68.58
CA MET B 199 -36.81 5.04 -68.90
C MET B 199 -37.67 5.42 -67.70
N GLU B 200 -38.27 4.40 -67.07
CA GLU B 200 -39.15 4.60 -65.91
C GLU B 200 -38.38 4.94 -64.63
N TYR B 201 -37.30 4.21 -64.39
CA TYR B 201 -36.50 4.43 -63.20
C TYR B 201 -35.93 5.85 -63.16
N LEU B 202 -35.39 6.29 -64.30
CA LEU B 202 -34.82 7.62 -64.38
C LEU B 202 -35.90 8.65 -64.09
N ASN B 203 -37.12 8.34 -64.47
CA ASN B 203 -38.25 9.24 -64.23
C ASN B 203 -38.62 9.26 -62.74
N PHE B 204 -38.42 8.12 -62.09
CA PHE B 204 -38.66 7.91 -60.66
C PHE B 204 -37.62 8.76 -59.91
N TRP B 205 -36.41 8.74 -60.43
CA TRP B 205 -35.31 9.48 -59.84
C TRP B 205 -35.56 10.99 -59.84
N GLN B 206 -36.28 11.49 -60.83
CA GLN B 206 -36.56 12.91 -60.90
C GLN B 206 -37.59 13.28 -59.85
N GLN B 207 -38.46 12.33 -59.52
CA GLN B 207 -39.52 12.58 -58.55
C GLN B 207 -39.18 12.24 -57.10
N LYS B 208 -38.04 11.59 -56.90
CA LYS B 208 -37.60 11.23 -55.57
C LYS B 208 -36.08 11.22 -55.56
N THR B 209 -35.50 12.25 -56.17
CA THR B 209 -34.05 12.39 -56.24
C THR B 209 -33.41 12.37 -54.86
N PRO B 210 -32.50 11.41 -54.63
CA PRO B 210 -31.80 11.25 -53.35
C PRO B 210 -30.97 12.45 -52.95
N VAL B 211 -30.86 12.67 -51.64
CA VAL B 211 -30.01 13.73 -51.13
C VAL B 211 -28.78 12.96 -50.69
N ILE B 212 -28.99 12.00 -49.81
CA ILE B 212 -27.90 11.13 -49.40
C ILE B 212 -28.13 9.84 -50.17
N LEU B 213 -27.14 9.38 -50.93
CA LEU B 213 -27.31 8.14 -51.69
C LEU B 213 -26.35 7.09 -51.20
N THR B 214 -26.87 6.08 -50.49
CA THR B 214 -26.04 5.01 -49.95
C THR B 214 -26.31 3.62 -50.53
N GLY B 215 -25.66 2.62 -49.94
CA GLY B 215 -25.79 1.25 -50.40
C GLY B 215 -24.53 0.44 -50.08
N TRP B 216 -24.01 -0.28 -51.08
CA TRP B 216 -22.81 -1.10 -50.88
C TRP B 216 -22.10 -1.22 -52.23
N ASN B 217 -20.96 -0.54 -52.37
CA ASN B 217 -20.23 -0.54 -53.63
C ASN B 217 -21.12 0.14 -54.66
N VAL B 218 -21.89 1.10 -54.16
CA VAL B 218 -22.81 1.87 -54.98
C VAL B 218 -22.05 2.89 -55.81
N GLU B 219 -20.92 3.32 -55.25
CA GLU B 219 -20.05 4.29 -55.89
C GLU B 219 -19.19 3.65 -57.00
N SER B 220 -18.69 2.45 -56.76
CA SER B 220 -17.83 1.77 -57.75
C SER B 220 -18.54 0.92 -58.81
N PHE B 221 -19.76 0.47 -58.54
CA PHE B 221 -20.48 -0.35 -59.51
C PHE B 221 -21.86 0.18 -59.86
N ALA B 222 -22.76 0.16 -58.89
CA ALA B 222 -24.14 0.61 -59.06
C ALA B 222 -24.31 1.90 -59.86
N ILE B 223 -23.93 3.02 -59.24
CA ILE B 223 -24.05 4.33 -59.89
C ILE B 223 -23.41 4.30 -61.29
N PRO B 224 -22.15 3.84 -61.37
CA PRO B 224 -21.45 3.77 -62.65
C PRO B 224 -22.21 3.03 -63.76
N TYR B 225 -22.62 1.80 -63.44
CA TYR B 225 -23.33 0.97 -64.41
C TYR B 225 -24.58 1.65 -64.94
N VAL B 226 -25.45 2.04 -64.03
CA VAL B 226 -26.71 2.68 -64.40
C VAL B 226 -26.43 3.80 -65.39
N TYR B 227 -25.50 4.70 -65.01
CA TYR B 227 -25.14 5.83 -65.84
C TYR B 227 -24.78 5.39 -67.25
N ASN B 228 -23.66 4.70 -67.38
CA ASN B 228 -23.20 4.24 -68.68
C ASN B 228 -24.21 3.41 -69.44
N ARG B 229 -24.92 2.53 -68.72
CA ARG B 229 -25.94 1.70 -69.37
C ARG B 229 -26.93 2.64 -70.07
N ILE B 230 -27.48 3.59 -69.31
CA ILE B 230 -28.44 4.55 -69.86
C ILE B 230 -27.78 5.38 -70.94
N LYS B 231 -26.53 5.78 -70.70
CA LYS B 231 -25.79 6.60 -71.64
C LYS B 231 -25.65 5.95 -73.01
N ASN B 232 -25.39 4.64 -73.05
CA ASN B 232 -25.23 3.92 -74.33
C ASN B 232 -26.53 3.85 -75.14
N ILE B 233 -27.63 3.59 -74.44
CA ILE B 233 -28.94 3.45 -75.08
C ILE B 233 -29.62 4.75 -75.54
N PHE B 234 -29.85 5.67 -74.60
CA PHE B 234 -30.53 6.91 -74.94
C PHE B 234 -29.60 8.05 -75.23
N GLY B 235 -28.40 8.02 -74.66
CA GLY B 235 -27.46 9.09 -74.91
C GLY B 235 -26.97 9.85 -73.70
N GLU B 236 -25.68 10.19 -73.72
CA GLU B 236 -25.02 10.94 -72.65
C GLU B 236 -25.96 11.90 -71.95
N SER B 237 -26.71 12.66 -72.74
CA SER B 237 -27.66 13.63 -72.22
C SER B 237 -28.62 13.02 -71.21
N THR B 238 -29.47 12.09 -71.66
CA THR B 238 -30.44 11.46 -70.76
C THR B 238 -29.81 10.84 -69.50
N ALA B 239 -28.58 10.35 -69.62
CA ALA B 239 -27.91 9.76 -68.47
C ALA B 239 -27.64 10.82 -67.41
N LYS B 240 -27.35 12.04 -67.86
CA LYS B 240 -27.07 13.15 -66.96
C LYS B 240 -28.28 13.59 -66.15
N ARG B 241 -29.44 13.04 -66.47
CA ARG B 241 -30.65 13.38 -65.74
C ARG B 241 -30.55 12.81 -64.34
N LEU B 242 -29.65 11.85 -64.14
CA LEU B 242 -29.45 11.26 -62.82
C LEU B 242 -28.94 12.31 -61.84
N SER B 243 -28.50 13.46 -62.37
CA SER B 243 -28.02 14.55 -61.53
C SER B 243 -29.09 15.61 -61.49
N PRO B 244 -29.43 16.09 -60.29
CA PRO B 244 -30.48 17.11 -60.22
C PRO B 244 -30.08 18.37 -60.98
N HIS B 245 -28.79 18.53 -61.24
CA HIS B 245 -28.33 19.71 -61.96
C HIS B 245 -27.81 19.36 -63.35
N ARG B 246 -28.21 18.18 -63.83
CA ARG B 246 -27.81 17.70 -65.15
C ARG B 246 -26.32 17.84 -65.37
N LYS B 247 -25.55 17.48 -64.36
CA LYS B 247 -24.12 17.55 -64.49
C LYS B 247 -23.44 16.44 -63.71
N THR B 248 -22.52 15.77 -64.40
CA THR B 248 -21.78 14.68 -63.81
C THR B 248 -20.35 14.85 -64.24
N ARG B 249 -19.45 14.12 -63.62
CA ARG B 249 -18.05 14.21 -63.98
C ARG B 249 -17.40 12.90 -63.58
N VAL B 250 -16.54 12.38 -64.44
CA VAL B 250 -15.84 11.15 -64.13
C VAL B 250 -14.69 11.54 -63.22
N LYS B 251 -14.43 10.74 -62.20
CA LYS B 251 -13.34 11.01 -61.29
C LYS B 251 -12.51 9.73 -61.31
N VAL B 252 -11.24 9.87 -61.70
CA VAL B 252 -10.35 8.72 -61.77
C VAL B 252 -9.48 8.62 -60.51
N ILE B 253 -9.94 7.87 -59.52
CA ILE B 253 -9.16 7.72 -58.29
C ILE B 253 -8.09 6.66 -58.52
N GLU B 254 -6.88 6.93 -58.01
CA GLU B 254 -5.77 6.00 -58.15
C GLU B 254 -5.14 5.70 -56.80
N ASN B 255 -4.57 4.51 -56.68
CA ASN B 255 -3.92 4.08 -55.46
C ASN B 255 -2.62 3.39 -55.84
N MET B 256 -1.85 3.01 -54.84
CA MET B 256 -0.56 2.35 -55.04
C MET B 256 -0.49 1.27 -56.13
N TYR B 257 -1.63 0.69 -56.53
CA TYR B 257 -1.59 -0.37 -57.53
C TYR B 257 -2.35 -0.13 -58.84
N GLY B 258 -2.68 1.13 -59.13
CA GLY B 258 -3.41 1.40 -60.36
C GLY B 258 -4.52 2.40 -60.15
N SER B 259 -5.52 2.38 -61.02
CA SER B 259 -6.64 3.32 -60.91
C SER B 259 -7.99 2.81 -61.40
N ARG B 260 -9.06 3.46 -60.96
CA ARG B 260 -10.42 3.12 -61.37
C ARG B 260 -11.20 4.42 -61.44
N GLU B 261 -12.37 4.38 -62.05
CA GLU B 261 -13.17 5.60 -62.16
C GLU B 261 -14.53 5.51 -61.52
N ILE B 262 -14.99 6.65 -61.01
CA ILE B 262 -16.30 6.77 -60.38
C ILE B 262 -17.01 7.97 -61.02
N ILE B 263 -18.32 8.05 -60.86
CA ILE B 263 -19.07 9.15 -61.43
C ILE B 263 -19.66 10.01 -60.32
N THR B 264 -19.25 11.26 -60.21
CA THR B 264 -19.82 12.10 -59.16
C THR B 264 -21.04 12.78 -59.74
N LEU B 265 -22.17 12.66 -59.03
CA LEU B 265 -23.40 13.28 -59.48
C LEU B 265 -23.57 14.59 -58.74
N PHE B 266 -23.49 15.70 -59.48
CA PHE B 266 -23.63 17.02 -58.88
C PHE B 266 -25.02 17.20 -58.29
N GLY B 267 -25.07 17.69 -57.05
CA GLY B 267 -26.35 17.91 -56.41
C GLY B 267 -26.78 16.73 -55.56
N ILE B 268 -25.86 15.80 -55.33
CA ILE B 268 -26.16 14.64 -54.52
C ILE B 268 -24.94 14.32 -53.67
N SER B 269 -25.17 13.64 -52.55
CA SER B 269 -24.08 13.27 -51.68
C SER B 269 -24.03 11.78 -51.43
N VAL B 270 -23.13 11.12 -52.15
CA VAL B 270 -22.95 9.68 -52.07
C VAL B 270 -22.12 9.23 -50.89
N LEU B 271 -22.74 8.48 -50.00
CA LEU B 271 -22.04 7.95 -48.85
C LEU B 271 -22.10 6.41 -48.98
N ASP B 272 -21.26 5.86 -49.85
CA ASP B 272 -21.22 4.41 -50.06
C ASP B 272 -21.02 3.82 -48.67
N TYR B 273 -21.94 2.98 -48.23
CA TYR B 273 -21.84 2.41 -46.88
C TYR B 273 -20.62 1.54 -46.65
N ILE B 274 -20.17 0.85 -47.70
CA ILE B 274 -19.00 0.00 -47.56
C ILE B 274 -17.85 0.91 -47.12
N ASP B 275 -17.84 2.13 -47.65
CA ASP B 275 -16.82 3.12 -47.30
C ASP B 275 -17.14 3.76 -45.95
N LEU B 276 -18.41 3.79 -45.58
CA LEU B 276 -18.81 4.34 -44.30
C LEU B 276 -18.44 3.28 -43.29
N TYR B 277 -18.65 2.02 -43.68
CA TYR B 277 -18.36 0.87 -42.86
C TYR B 277 -16.87 0.77 -42.57
N LYS B 278 -16.04 0.94 -43.61
CA LYS B 278 -14.60 0.86 -43.41
C LYS B 278 -14.06 2.02 -42.59
N LYS B 279 -14.69 3.19 -42.70
CA LYS B 279 -14.25 4.37 -41.98
C LYS B 279 -14.63 4.42 -40.50
N PHE B 280 -15.78 3.85 -40.15
CA PHE B 280 -16.23 3.91 -38.77
C PHE B 280 -16.25 2.61 -37.98
N SER B 281 -15.69 1.56 -38.56
CA SER B 281 -15.59 0.29 -37.85
C SER B 281 -14.12 0.23 -37.41
N PHE B 282 -13.84 -0.44 -36.30
CA PHE B 282 -12.46 -0.51 -35.85
C PHE B 282 -12.00 -1.95 -35.71
N THR B 283 -12.27 -2.70 -36.77
CA THR B 283 -11.90 -4.10 -36.86
C THR B 283 -11.92 -4.47 -38.35
N ASN B 284 -10.77 -4.93 -38.85
CA ASN B 284 -10.63 -5.31 -40.25
C ASN B 284 -11.27 -6.69 -40.51
N GLN B 285 -12.15 -6.74 -41.49
CA GLN B 285 -12.85 -7.96 -41.83
C GLN B 285 -12.16 -8.72 -42.97
N PRO B 286 -12.13 -10.07 -42.92
CA PRO B 286 -11.50 -10.90 -43.95
C PRO B 286 -12.20 -10.87 -45.30
N SER B 287 -13.37 -10.23 -45.35
CA SER B 287 -14.14 -10.09 -46.58
C SER B 287 -15.12 -8.94 -46.39
N TYR B 288 -15.16 -8.02 -47.34
CA TYR B 288 -16.10 -6.91 -47.22
C TYR B 288 -17.28 -7.06 -48.16
N SER B 289 -17.77 -8.28 -48.26
CA SER B 289 -18.93 -8.58 -49.10
C SER B 289 -20.15 -8.30 -48.21
N LEU B 290 -21.22 -7.78 -48.81
CA LEU B 290 -22.42 -7.49 -48.03
C LEU B 290 -22.90 -8.75 -47.32
N ASP B 291 -22.65 -9.91 -47.91
CA ASP B 291 -23.06 -11.17 -47.33
C ASP B 291 -22.26 -11.52 -46.08
N TYR B 292 -20.99 -11.17 -46.10
CA TYR B 292 -20.08 -11.44 -44.98
C TYR B 292 -20.21 -10.40 -43.85
N ILE B 293 -20.47 -9.15 -44.21
CA ILE B 293 -20.62 -8.09 -43.22
C ILE B 293 -21.99 -8.16 -42.53
N SER B 294 -23.00 -8.64 -43.27
CA SER B 294 -24.33 -8.77 -42.70
C SER B 294 -24.23 -9.89 -41.67
N GLU B 295 -23.78 -11.05 -42.14
CA GLU B 295 -23.63 -12.23 -41.31
C GLU B 295 -22.92 -11.84 -40.01
N PHE B 296 -21.90 -11.01 -40.13
CA PHE B 296 -21.14 -10.56 -38.98
C PHE B 296 -21.94 -9.66 -38.03
N GLU B 297 -22.67 -8.71 -38.62
CA GLU B 297 -23.46 -7.73 -37.86
C GLU B 297 -24.84 -8.17 -37.43
N LEU B 298 -25.65 -8.58 -38.39
CA LEU B 298 -27.03 -8.98 -38.13
C LEU B 298 -27.16 -10.45 -37.76
N ASN B 299 -26.04 -11.15 -37.71
CA ASN B 299 -26.04 -12.57 -37.39
C ASN B 299 -26.88 -13.31 -38.43
N VAL B 300 -26.94 -12.74 -39.63
CA VAL B 300 -27.70 -13.31 -40.73
C VAL B 300 -27.32 -12.58 -42.02
N GLY B 301 -26.79 -13.32 -43.00
CA GLY B 301 -26.38 -12.71 -44.25
C GLY B 301 -27.43 -12.71 -45.34
N LYS B 302 -26.99 -12.52 -46.58
CA LYS B 302 -27.89 -12.50 -47.73
C LYS B 302 -28.65 -13.82 -47.81
N LEU B 303 -29.55 -13.93 -48.79
CA LEU B 303 -30.35 -15.13 -48.98
C LEU B 303 -29.53 -16.38 -49.30
N LYS B 304 -30.19 -17.54 -49.26
CA LYS B 304 -29.54 -18.80 -49.57
C LYS B 304 -29.18 -18.71 -51.06
N TYR B 305 -27.91 -18.94 -51.37
CA TYR B 305 -27.42 -18.87 -52.74
C TYR B 305 -27.42 -20.24 -53.41
N ASP B 306 -28.54 -20.59 -54.05
CA ASP B 306 -28.67 -21.88 -54.71
C ASP B 306 -28.33 -21.81 -56.21
N GLY B 307 -27.08 -22.08 -56.55
CA GLY B 307 -26.66 -22.06 -57.94
C GLY B 307 -26.03 -20.73 -58.35
N PRO B 308 -25.01 -20.75 -59.23
CA PRO B 308 -24.32 -19.54 -59.70
C PRO B 308 -25.28 -18.41 -60.10
N ILE B 309 -25.13 -17.25 -59.46
CA ILE B 309 -25.98 -16.10 -59.74
C ILE B 309 -25.88 -15.71 -61.21
N SER B 310 -24.73 -16.02 -61.80
CA SER B 310 -24.49 -15.71 -63.21
C SER B 310 -25.54 -16.43 -64.06
N LYS B 311 -26.28 -17.34 -63.41
CA LYS B 311 -27.33 -18.10 -64.07
C LYS B 311 -28.52 -18.20 -63.12
N LEU B 312 -28.49 -17.37 -62.08
CA LEU B 312 -29.55 -17.35 -61.07
C LEU B 312 -30.88 -16.85 -61.63
N ARG B 313 -30.83 -15.97 -62.62
CA ARG B 313 -32.05 -15.44 -63.20
C ARG B 313 -32.79 -16.43 -64.08
N GLU B 314 -32.05 -17.35 -64.70
CA GLU B 314 -32.64 -18.35 -65.59
C GLU B 314 -33.28 -19.47 -64.77
N SER B 315 -32.62 -19.87 -63.69
CA SER B 315 -33.14 -20.94 -62.84
C SER B 315 -34.19 -20.41 -61.85
N ASN B 316 -33.74 -19.94 -60.70
CA ASN B 316 -34.65 -19.43 -59.68
C ASN B 316 -34.77 -17.91 -59.68
N HIS B 317 -35.63 -17.38 -60.56
CA HIS B 317 -35.82 -15.93 -60.67
C HIS B 317 -36.56 -15.32 -59.47
N GLN B 318 -37.37 -16.12 -58.78
CA GLN B 318 -38.10 -15.61 -57.62
C GLN B 318 -37.07 -15.27 -56.54
N ARG B 319 -36.27 -16.25 -56.16
CA ARG B 319 -35.23 -16.08 -55.16
C ARG B 319 -34.28 -14.99 -55.64
N TYR B 320 -34.21 -14.83 -56.96
CA TYR B 320 -33.35 -13.82 -57.62
C TYR B 320 -33.77 -12.40 -57.24
N ILE B 321 -35.00 -12.02 -57.61
CA ILE B 321 -35.52 -10.70 -57.31
C ILE B 321 -35.68 -10.51 -55.79
N SER B 322 -35.96 -11.59 -55.08
CA SER B 322 -36.12 -11.51 -53.63
C SER B 322 -34.76 -11.38 -52.99
N TYR B 323 -33.73 -11.81 -53.73
CA TYR B 323 -32.36 -11.73 -53.28
C TYR B 323 -31.99 -10.24 -53.29
N ASN B 324 -32.36 -9.58 -54.39
CA ASN B 324 -32.10 -8.17 -54.60
C ASN B 324 -32.70 -7.29 -53.49
N ILE B 325 -33.91 -7.62 -53.05
CA ILE B 325 -34.57 -6.85 -51.99
C ILE B 325 -33.91 -7.07 -50.64
N ILE B 326 -33.49 -8.29 -50.36
CA ILE B 326 -32.84 -8.60 -49.10
C ILE B 326 -31.59 -7.73 -48.97
N ALA B 327 -30.86 -7.60 -50.09
CA ALA B 327 -29.63 -6.81 -50.15
C ALA B 327 -29.84 -5.40 -49.64
N VAL B 328 -30.76 -4.68 -50.27
CA VAL B 328 -31.05 -3.31 -49.87
C VAL B 328 -31.41 -3.28 -48.39
N TYR B 329 -32.23 -4.24 -47.96
CA TYR B 329 -32.64 -4.27 -46.58
C TYR B 329 -31.46 -4.48 -45.67
N ARG B 330 -30.66 -5.49 -45.99
CA ARG B 330 -29.48 -5.83 -45.21
C ARG B 330 -28.65 -4.59 -44.85
N VAL B 331 -28.59 -3.64 -45.78
CA VAL B 331 -27.85 -2.40 -45.56
C VAL B 331 -28.57 -1.59 -44.48
N LEU B 332 -29.86 -1.32 -44.71
CA LEU B 332 -30.68 -0.56 -43.77
C LEU B 332 -30.54 -1.12 -42.37
N GLN B 333 -30.49 -2.45 -42.31
CA GLN B 333 -30.35 -3.11 -41.03
C GLN B 333 -29.01 -2.75 -40.41
N ILE B 334 -27.95 -2.82 -41.19
CA ILE B 334 -26.62 -2.51 -40.69
C ILE B 334 -26.56 -1.08 -40.16
N ASP B 335 -27.23 -0.14 -40.85
CA ASP B 335 -27.22 1.25 -40.40
C ASP B 335 -28.13 1.53 -39.22
N ALA B 336 -29.27 0.85 -39.17
CA ALA B 336 -30.20 1.01 -38.06
C ALA B 336 -29.38 0.80 -36.80
N LYS B 337 -28.52 -0.20 -36.87
CA LYS B 337 -27.63 -0.59 -35.78
C LYS B 337 -26.45 0.38 -35.61
N ARG B 338 -25.75 0.64 -36.71
CA ARG B 338 -24.56 1.49 -36.70
C ARG B 338 -24.73 3.01 -36.63
N GLN B 339 -25.74 3.55 -37.31
CA GLN B 339 -26.00 4.99 -37.30
C GLN B 339 -24.92 5.80 -38.06
N PHE B 340 -24.23 5.16 -39.00
CA PHE B 340 -23.18 5.84 -39.75
C PHE B 340 -23.65 6.97 -40.66
N ILE B 341 -24.94 6.95 -41.04
CA ILE B 341 -25.52 7.99 -41.88
C ILE B 341 -25.82 9.19 -40.98
N ASN B 342 -26.50 8.94 -39.86
CA ASN B 342 -26.81 10.03 -38.97
C ASN B 342 -25.54 10.61 -38.33
N LEU B 343 -24.50 9.79 -38.23
CA LEU B 343 -23.24 10.28 -37.67
C LEU B 343 -22.70 11.27 -38.70
N SER B 344 -22.70 10.84 -39.97
CA SER B 344 -22.23 11.66 -41.06
C SER B 344 -22.98 12.98 -41.06
N LEU B 345 -24.31 12.89 -41.16
CA LEU B 345 -25.16 14.09 -41.17
C LEU B 345 -24.80 15.08 -40.06
N ASP B 346 -24.65 14.58 -38.84
CA ASP B 346 -24.33 15.45 -37.71
C ASP B 346 -22.98 16.12 -37.85
N MET B 347 -21.99 15.37 -38.30
CA MET B 347 -20.66 15.93 -38.45
C MET B 347 -20.67 17.03 -39.51
N GLY B 348 -21.29 16.72 -40.65
CA GLY B 348 -21.38 17.65 -41.75
C GLY B 348 -22.05 18.97 -41.43
N TYR B 349 -23.23 18.92 -40.83
CA TYR B 349 -23.94 20.15 -40.47
C TYR B 349 -23.22 20.95 -39.41
N TYR B 350 -22.44 20.26 -38.58
CA TYR B 350 -21.70 20.93 -37.52
C TYR B 350 -20.59 21.80 -38.11
N ALA B 351 -19.83 21.23 -39.05
CA ALA B 351 -18.73 21.93 -39.69
C ALA B 351 -19.20 22.85 -40.82
N LYS B 352 -20.39 22.57 -41.36
CA LYS B 352 -20.96 23.34 -42.47
C LYS B 352 -20.19 23.03 -43.75
N ILE B 353 -20.11 21.75 -44.05
CA ILE B 353 -19.41 21.28 -45.23
C ILE B 353 -20.36 20.36 -45.95
N GLN B 354 -20.04 19.95 -47.17
CA GLN B 354 -20.92 19.02 -47.87
C GLN B 354 -20.92 17.78 -46.96
N ILE B 355 -21.97 17.00 -46.97
CA ILE B 355 -21.98 15.85 -46.09
C ILE B 355 -20.86 14.86 -46.45
N GLN B 356 -20.67 14.56 -47.72
CA GLN B 356 -19.63 13.60 -48.12
C GLN B 356 -18.24 13.99 -47.71
N SER B 357 -18.03 15.23 -47.25
CA SER B 357 -16.71 15.66 -46.84
C SER B 357 -16.25 15.14 -45.48
N VAL B 358 -17.16 14.52 -44.73
CA VAL B 358 -16.80 13.96 -43.41
C VAL B 358 -15.70 12.89 -43.58
N PHE B 359 -15.58 12.33 -44.78
CA PHE B 359 -14.55 11.35 -45.08
C PHE B 359 -13.18 12.03 -45.00
N SER B 360 -13.18 13.36 -44.98
CA SER B 360 -11.95 14.14 -44.96
C SER B 360 -11.78 15.07 -43.76
N PRO B 361 -10.81 14.76 -42.87
CA PRO B 361 -10.52 15.55 -41.67
C PRO B 361 -9.99 16.95 -42.04
N ILE B 362 -9.26 17.01 -43.16
CA ILE B 362 -8.69 18.26 -43.64
C ILE B 362 -9.81 19.26 -43.88
N LYS B 363 -10.74 18.84 -44.72
CA LYS B 363 -11.89 19.65 -45.10
C LYS B 363 -12.72 20.02 -43.88
N THR B 364 -13.04 19.02 -43.06
CA THR B 364 -13.85 19.20 -41.86
C THR B 364 -13.23 20.24 -40.92
N TRP B 365 -11.96 20.05 -40.59
CA TRP B 365 -11.32 20.99 -39.73
C TRP B 365 -11.12 22.35 -40.38
N ASP B 366 -10.89 22.40 -41.69
CA ASP B 366 -10.69 23.69 -42.35
C ASP B 366 -11.96 24.56 -42.23
N ALA B 367 -13.11 23.93 -42.44
CA ALA B 367 -14.39 24.61 -42.37
C ALA B 367 -14.73 25.01 -40.94
N ILE B 368 -14.38 24.15 -39.99
CA ILE B 368 -14.66 24.44 -38.60
C ILE B 368 -13.90 25.66 -38.15
N ILE B 369 -12.63 25.74 -38.55
CA ILE B 369 -11.79 26.88 -38.19
C ILE B 369 -12.16 28.16 -38.96
N PHE B 370 -12.44 28.03 -40.26
CA PHE B 370 -12.83 29.19 -41.08
C PHE B 370 -14.03 29.86 -40.42
N ASN B 371 -15.09 29.08 -40.27
CA ASN B 371 -16.31 29.57 -39.65
C ASN B 371 -16.02 30.24 -38.32
N SER B 372 -15.11 29.67 -37.54
CA SER B 372 -14.76 30.25 -36.27
C SER B 372 -13.97 31.54 -36.40
N LEU B 373 -12.91 31.53 -37.20
CA LEU B 373 -12.14 32.75 -37.35
C LEU B 373 -13.02 33.85 -37.93
N LYS B 374 -14.01 33.49 -38.73
CA LYS B 374 -14.87 34.49 -39.35
C LYS B 374 -15.66 35.31 -38.35
N GLU B 375 -16.19 34.65 -37.32
CA GLU B 375 -16.97 35.32 -36.29
C GLU B 375 -16.15 36.44 -35.64
N GLN B 376 -14.84 36.42 -35.83
CA GLN B 376 -13.98 37.42 -35.22
C GLN B 376 -13.37 38.35 -36.26
N ASN B 377 -13.91 38.31 -37.48
CA ASN B 377 -13.41 39.14 -38.56
C ASN B 377 -11.94 38.85 -38.81
N LYS B 378 -11.53 37.60 -38.59
CA LYS B 378 -10.16 37.18 -38.78
C LYS B 378 -10.15 36.48 -40.14
N VAL B 379 -9.07 36.63 -40.89
CA VAL B 379 -9.00 35.99 -42.20
C VAL B 379 -8.00 34.84 -42.18
N ILE B 380 -8.46 33.69 -42.65
CA ILE B 380 -7.62 32.50 -42.69
C ILE B 380 -6.48 32.66 -43.72
N PRO B 381 -5.33 32.03 -43.47
CA PRO B 381 -4.15 32.08 -44.34
C PRO B 381 -4.36 31.43 -45.69
N GLN B 382 -3.51 31.80 -46.63
CA GLN B 382 -3.54 31.22 -47.97
C GLN B 382 -2.92 29.83 -47.77
N GLY B 383 -3.54 28.80 -48.31
CA GLY B 383 -2.95 27.49 -48.19
C GLY B 383 -1.66 27.57 -48.98
N ARG B 384 -0.58 27.02 -48.45
CA ARG B 384 0.71 27.07 -49.15
C ARG B 384 1.18 25.65 -49.33
N SER B 385 1.87 25.36 -50.42
CA SER B 385 2.34 24.00 -50.65
C SER B 385 3.63 23.68 -49.91
N HIS B 386 3.76 22.41 -49.53
CA HIS B 386 4.96 21.91 -48.85
C HIS B 386 5.33 20.53 -49.36
N PRO B 387 6.63 20.26 -49.39
CA PRO B 387 7.14 18.96 -49.84
C PRO B 387 6.71 17.92 -48.81
N VAL B 388 6.14 16.81 -49.24
CA VAL B 388 5.80 15.78 -48.25
C VAL B 388 7.14 15.40 -47.60
N GLN B 389 7.26 15.63 -46.31
CA GLN B 389 8.50 15.31 -45.64
C GLN B 389 8.21 14.47 -44.42
N PRO B 390 9.01 13.42 -44.20
CA PRO B 390 8.78 12.54 -43.03
C PRO B 390 9.23 13.21 -41.73
N TYR B 391 8.55 12.87 -40.63
CA TYR B 391 8.89 13.41 -39.33
C TYR B 391 8.71 12.29 -38.28
N PRO B 392 9.37 12.43 -37.12
CA PRO B 392 9.36 11.50 -35.99
C PRO B 392 7.96 11.08 -35.56
N GLY B 393 7.88 9.92 -34.92
CA GLY B 393 6.61 9.40 -34.44
C GLY B 393 6.65 9.14 -32.94
N ALA B 394 5.85 8.18 -32.49
CA ALA B 394 5.76 7.85 -31.08
C ALA B 394 6.87 6.92 -30.56
N PHE B 395 7.25 7.13 -29.32
CA PHE B 395 8.27 6.28 -28.70
C PHE B 395 7.64 4.95 -28.33
N VAL B 396 8.30 3.85 -28.69
CA VAL B 396 7.79 2.53 -28.32
C VAL B 396 8.92 1.78 -27.64
N LYS B 397 8.71 1.46 -26.35
CA LYS B 397 9.72 0.76 -25.55
C LYS B 397 9.84 -0.71 -25.94
N GLU B 398 11.07 -1.22 -25.96
CA GLU B 398 11.31 -2.63 -26.29
C GLU B 398 11.05 -3.44 -25.03
N PRO B 399 10.00 -4.26 -25.05
CA PRO B 399 9.66 -5.08 -23.88
C PRO B 399 10.50 -6.34 -23.81
N ILE B 400 10.84 -6.76 -22.59
CA ILE B 400 11.59 -8.01 -22.42
C ILE B 400 10.54 -9.12 -22.54
N PRO B 401 10.63 -9.97 -23.59
CA PRO B 401 9.65 -11.05 -23.79
C PRO B 401 9.59 -11.88 -22.53
N ASN B 402 8.39 -12.01 -21.97
CA ASN B 402 8.26 -12.77 -20.73
C ASN B 402 6.81 -12.83 -20.27
N ARG B 403 6.61 -13.52 -19.16
CA ARG B 403 5.30 -13.62 -18.56
C ARG B 403 5.37 -12.50 -17.55
N TYR B 404 4.23 -11.89 -17.30
CA TYR B 404 4.10 -10.80 -16.35
C TYR B 404 2.80 -11.08 -15.60
N LYS B 405 2.92 -11.53 -14.35
CA LYS B 405 1.76 -11.88 -13.56
C LYS B 405 0.83 -10.72 -13.27
N TYR B 406 1.26 -9.79 -12.42
CA TYR B 406 0.44 -8.65 -12.06
C TYR B 406 0.82 -7.40 -12.85
N VAL B 407 -0.15 -6.84 -13.56
CA VAL B 407 0.06 -5.66 -14.38
C VAL B 407 -1.02 -4.58 -14.24
N MET B 408 -0.59 -3.32 -14.15
CA MET B 408 -1.48 -2.16 -14.07
C MET B 408 -1.07 -1.18 -15.17
N SER B 409 -1.99 -0.83 -16.07
CA SER B 409 -1.66 0.13 -17.12
C SER B 409 -2.14 1.55 -16.79
N PHE B 410 -1.60 2.52 -17.52
CA PHE B 410 -1.98 3.92 -17.35
C PHE B 410 -1.95 4.60 -18.70
N ASP B 411 -2.98 5.35 -19.02
CA ASP B 411 -3.01 6.05 -20.30
C ASP B 411 -3.13 7.54 -20.12
N LEU B 412 -2.51 8.26 -21.05
CA LEU B 412 -2.56 9.71 -21.07
C LEU B 412 -3.82 10.09 -21.85
N THR B 413 -4.46 11.17 -21.42
CA THR B 413 -5.70 11.64 -22.03
C THR B 413 -5.44 12.44 -23.30
N SER B 414 -6.10 12.02 -24.39
CA SER B 414 -6.01 12.68 -25.70
C SER B 414 -4.66 13.33 -25.83
N LEU B 415 -3.61 12.50 -25.80
CA LEU B 415 -2.25 13.00 -25.83
C LEU B 415 -1.94 14.17 -26.76
N TYR B 416 -2.09 13.97 -28.06
CA TYR B 416 -1.75 15.03 -29.00
C TYR B 416 -2.59 16.29 -28.90
N PRO B 417 -3.91 16.12 -28.83
CA PRO B 417 -4.69 17.37 -28.71
C PRO B 417 -4.23 18.08 -27.45
N SER B 418 -3.94 17.32 -26.39
CA SER B 418 -3.50 17.93 -25.13
C SER B 418 -2.15 18.60 -25.26
N ILE B 419 -1.23 17.99 -26.00
CA ILE B 419 0.10 18.60 -26.17
C ILE B 419 -0.01 19.93 -26.91
N ILE B 420 -0.94 20.01 -27.86
CA ILE B 420 -1.12 21.23 -28.63
C ILE B 420 -1.63 22.33 -27.71
N ARG B 421 -2.51 21.93 -26.81
CA ARG B 421 -3.09 22.86 -25.85
C ARG B 421 -2.04 23.33 -24.85
N GLN B 422 -1.32 22.39 -24.25
CA GLN B 422 -0.31 22.69 -23.26
C GLN B 422 0.83 23.58 -23.75
N VAL B 423 1.52 23.11 -24.77
CA VAL B 423 2.65 23.85 -25.34
C VAL B 423 2.21 25.08 -26.12
N ASN B 424 0.94 25.10 -26.52
CA ASN B 424 0.35 26.20 -27.30
C ASN B 424 0.87 26.20 -28.75
N ILE B 425 0.83 25.03 -29.38
CA ILE B 425 1.31 24.87 -30.75
C ILE B 425 0.29 25.28 -31.81
N SER B 426 0.74 26.19 -32.68
CA SER B 426 -0.08 26.71 -33.75
C SER B 426 0.87 27.52 -34.63
N PRO B 427 0.56 27.69 -35.92
CA PRO B 427 1.47 28.46 -36.76
C PRO B 427 1.79 29.90 -36.39
N GLU B 428 0.80 30.63 -35.84
CA GLU B 428 1.05 32.01 -35.49
C GLU B 428 1.66 32.19 -34.11
N THR B 429 1.68 31.14 -33.31
CA THR B 429 2.22 31.25 -31.96
C THR B 429 3.69 30.86 -31.88
N ILE B 430 4.28 30.51 -33.02
CA ILE B 430 5.69 30.13 -33.08
C ILE B 430 6.54 31.32 -32.70
N ALA B 431 7.24 31.20 -31.58
CA ALA B 431 8.10 32.26 -31.08
C ALA B 431 9.55 32.13 -31.54
N GLY B 432 10.02 30.89 -31.69
CA GLY B 432 11.40 30.73 -32.13
C GLY B 432 12.00 29.35 -31.94
N THR B 433 13.29 29.32 -31.63
CA THR B 433 14.00 28.06 -31.42
C THR B 433 15.00 28.21 -30.29
N PHE B 434 15.63 27.12 -29.92
CA PHE B 434 16.63 27.14 -28.85
C PHE B 434 17.59 25.99 -29.11
N LYS B 435 18.82 26.10 -28.61
CA LYS B 435 19.81 25.04 -28.83
C LYS B 435 19.33 23.80 -28.11
N VAL B 436 18.95 22.80 -28.89
CA VAL B 436 18.39 21.57 -28.38
C VAL B 436 19.40 20.47 -28.11
N ALA B 437 19.26 19.85 -26.96
CA ALA B 437 20.13 18.76 -26.55
C ALA B 437 19.49 17.45 -27.00
N PRO B 438 20.16 16.32 -26.73
CA PRO B 438 19.63 15.01 -27.12
C PRO B 438 18.37 14.74 -26.30
N LEU B 439 17.35 14.17 -26.94
CA LEU B 439 16.09 13.89 -26.25
C LEU B 439 16.30 13.29 -24.85
N HIS B 440 17.19 12.30 -24.78
CA HIS B 440 17.53 11.61 -23.54
C HIS B 440 17.81 12.58 -22.39
N ASP B 441 18.52 13.67 -22.66
CA ASP B 441 18.85 14.66 -21.63
C ASP B 441 17.67 15.46 -21.08
N TYR B 442 16.57 15.54 -21.82
CA TYR B 442 15.40 16.26 -21.35
C TYR B 442 14.60 15.26 -20.56
N ILE B 443 14.62 14.01 -21.00
CA ILE B 443 13.87 12.98 -20.30
C ILE B 443 14.42 12.84 -18.89
N ASN B 444 15.73 12.88 -18.74
CA ASN B 444 16.33 12.76 -17.40
C ASN B 444 16.41 14.10 -16.70
N ALA B 445 16.02 15.15 -17.41
CA ALA B 445 16.01 16.50 -16.85
C ALA B 445 17.39 17.03 -16.47
N VAL B 446 18.43 16.57 -17.17
CA VAL B 446 19.79 17.02 -16.91
C VAL B 446 20.23 18.04 -17.97
N ALA B 447 19.25 18.58 -18.70
CA ALA B 447 19.54 19.55 -19.76
C ALA B 447 19.03 20.94 -19.40
N GLU B 448 19.80 21.95 -19.81
CA GLU B 448 19.46 23.32 -19.52
C GLU B 448 18.02 23.64 -19.90
N ARG B 449 17.27 24.17 -18.95
CA ARG B 449 15.88 24.55 -19.21
C ARG B 449 15.90 25.37 -20.51
N PRO B 450 15.09 24.98 -21.49
CA PRO B 450 15.03 25.68 -22.77
C PRO B 450 14.76 27.18 -22.70
N SER B 451 13.75 27.57 -21.93
CA SER B 451 13.39 28.98 -21.85
C SER B 451 12.56 29.40 -20.64
N ASP B 452 12.73 30.64 -20.21
CA ASP B 452 11.94 31.12 -19.11
C ASP B 452 10.96 32.14 -19.62
N VAL B 453 10.87 32.24 -20.94
CA VAL B 453 9.96 33.18 -21.58
C VAL B 453 8.86 32.48 -22.39
N TYR B 454 9.23 31.48 -23.18
CA TYR B 454 8.25 30.78 -24.04
C TYR B 454 7.97 29.33 -23.67
N SER B 455 6.85 28.81 -24.17
CA SER B 455 6.48 27.42 -23.95
C SER B 455 7.31 26.61 -24.94
N CYS B 456 7.93 25.55 -24.47
CA CYS B 456 8.81 24.78 -25.33
C CYS B 456 8.50 23.32 -25.57
N SER B 457 9.23 22.78 -26.55
CA SER B 457 9.13 21.37 -26.94
C SER B 457 10.54 20.86 -27.20
N PRO B 458 10.83 19.60 -26.80
CA PRO B 458 12.13 18.93 -26.96
C PRO B 458 12.74 18.99 -28.38
N ASN B 459 11.98 19.38 -29.40
CA ASN B 459 12.57 19.45 -30.73
C ASN B 459 13.24 20.78 -31.00
N GLY B 460 13.18 21.70 -30.04
CA GLY B 460 13.82 22.98 -30.17
C GLY B 460 12.89 24.12 -30.53
N MET B 461 11.59 23.86 -30.53
CA MET B 461 10.64 24.90 -30.86
C MET B 461 10.15 25.64 -29.61
N MET B 462 9.90 26.94 -29.76
CA MET B 462 9.42 27.77 -28.65
C MET B 462 8.14 28.46 -29.08
N TYR B 463 7.17 28.56 -28.17
CA TYR B 463 5.91 29.20 -28.52
C TYR B 463 5.50 30.28 -27.52
N TYR B 464 4.74 31.25 -28.00
CA TYR B 464 4.27 32.33 -27.15
C TYR B 464 3.29 31.84 -26.09
N LYS B 465 3.40 32.39 -24.88
CA LYS B 465 2.51 32.05 -23.78
C LYS B 465 1.51 33.18 -23.62
N ASP B 466 2.00 34.40 -23.83
CA ASP B 466 1.23 35.62 -23.70
C ASP B 466 -0.04 35.63 -24.52
N ARG B 467 -0.26 34.62 -25.36
CA ARG B 467 -1.46 34.60 -26.20
C ARG B 467 -1.96 33.20 -26.47
N ASP B 468 -3.21 33.10 -26.89
CA ASP B 468 -3.81 31.82 -27.21
C ASP B 468 -3.75 31.67 -28.73
N GLY B 469 -3.52 30.46 -29.21
CA GLY B 469 -3.43 30.25 -30.65
C GLY B 469 -4.68 29.68 -31.28
N VAL B 470 -4.82 29.86 -32.57
CA VAL B 470 -5.98 29.38 -33.32
C VAL B 470 -6.24 27.89 -33.11
N VAL B 471 -5.22 27.06 -33.35
CA VAL B 471 -5.39 25.62 -33.20
C VAL B 471 -5.71 25.23 -31.77
N PRO B 472 -4.88 25.63 -30.81
CA PRO B 472 -5.20 25.28 -29.42
C PRO B 472 -6.59 25.78 -29.01
N THR B 473 -6.90 27.03 -29.34
CA THR B 473 -8.20 27.59 -28.99
C THR B 473 -9.33 26.77 -29.60
N GLU B 474 -9.24 26.43 -30.88
CA GLU B 474 -10.31 25.66 -31.48
C GLU B 474 -10.41 24.25 -30.90
N ILE B 475 -9.28 23.62 -30.69
CA ILE B 475 -9.33 22.27 -30.15
C ILE B 475 -9.99 22.32 -28.76
N THR B 476 -9.72 23.40 -28.02
CA THR B 476 -10.31 23.53 -26.69
C THR B 476 -11.83 23.69 -26.74
N LYS B 477 -12.35 24.46 -27.69
CA LYS B 477 -13.79 24.62 -27.79
C LYS B 477 -14.41 23.24 -27.95
N VAL B 478 -13.82 22.42 -28.80
CA VAL B 478 -14.34 21.09 -29.04
C VAL B 478 -14.30 20.19 -27.80
N PHE B 479 -13.40 20.48 -26.86
CA PHE B 479 -13.32 19.70 -25.62
C PHE B 479 -14.49 20.11 -24.73
N ASN B 480 -14.63 21.42 -24.51
CA ASN B 480 -15.70 21.97 -23.68
C ASN B 480 -17.05 21.62 -24.26
N GLN B 481 -17.15 21.55 -25.58
CA GLN B 481 -18.42 21.22 -26.20
C GLN B 481 -18.75 19.77 -25.93
N ARG B 482 -17.74 18.93 -25.81
CA ARG B 482 -17.98 17.52 -25.57
C ARG B 482 -18.49 17.29 -24.16
N LYS B 483 -18.01 18.11 -23.22
CA LYS B 483 -18.41 17.97 -21.83
C LYS B 483 -19.76 18.57 -21.51
N GLU B 484 -20.11 19.69 -22.15
CA GLU B 484 -21.42 20.28 -21.87
C GLU B 484 -22.49 19.31 -22.35
N HIS B 485 -22.21 18.59 -23.43
CA HIS B 485 -23.15 17.61 -23.96
C HIS B 485 -23.25 16.44 -23.00
N LYS B 486 -22.16 16.21 -22.27
CA LYS B 486 -22.15 15.13 -21.29
C LYS B 486 -23.22 15.53 -20.28
N GLY B 487 -23.12 16.76 -19.80
CA GLY B 487 -24.08 17.27 -18.84
C GLY B 487 -25.49 17.19 -19.39
N TYR B 488 -25.59 17.13 -20.72
CA TYR B 488 -26.89 17.04 -21.38
C TYR B 488 -27.40 15.60 -21.38
N MET B 489 -26.80 14.75 -22.19
CA MET B 489 -27.21 13.36 -22.27
C MET B 489 -27.31 12.72 -20.90
N LEU B 490 -26.63 13.33 -19.93
CA LEU B 490 -26.63 12.82 -18.55
C LEU B 490 -27.93 13.19 -17.86
N ALA B 491 -28.36 14.43 -18.02
CA ALA B 491 -29.60 14.90 -17.42
C ALA B 491 -30.78 14.17 -18.03
N ALA B 492 -30.79 14.03 -19.35
CA ALA B 492 -31.86 13.35 -20.06
C ALA B 492 -31.88 11.86 -19.74
N GLN B 493 -30.88 11.40 -18.99
CA GLN B 493 -30.80 9.99 -18.61
C GLN B 493 -31.11 9.86 -17.12
N ARG B 494 -30.71 10.87 -16.35
CA ARG B 494 -30.98 10.87 -14.91
C ARG B 494 -32.40 11.40 -14.70
N ASN B 495 -32.68 12.56 -15.29
CA ASN B 495 -34.00 13.19 -15.20
C ASN B 495 -34.99 12.44 -16.08
N GLY B 496 -35.85 11.63 -15.45
CA GLY B 496 -36.83 10.89 -16.21
C GLY B 496 -37.22 9.55 -15.60
N GLU B 497 -36.24 8.81 -15.09
CA GLU B 497 -36.52 7.50 -14.50
C GLU B 497 -37.44 7.66 -13.28
N ILE B 498 -37.38 8.82 -12.64
CA ILE B 498 -38.21 9.09 -11.47
C ILE B 498 -39.65 9.35 -11.91
N ILE B 499 -39.88 9.33 -13.22
CA ILE B 499 -41.20 9.56 -13.78
C ILE B 499 -41.75 8.26 -14.37
N LYS B 500 -42.36 7.44 -13.52
CA LYS B 500 -42.94 6.16 -13.94
C LYS B 500 -44.09 5.79 -13.01
N GLU B 501 -45.09 6.68 -12.93
CA GLU B 501 -46.26 6.46 -12.09
C GLU B 501 -47.56 6.61 -12.88
N ALA B 502 -47.69 5.81 -13.94
CA ALA B 502 -48.88 5.85 -14.79
C ALA B 502 -49.57 4.48 -14.84
N LEU B 503 -50.10 4.03 -13.70
CA LEU B 503 -50.78 2.74 -13.62
C LEU B 503 -52.23 2.86 -14.10
N HIS B 504 -52.40 3.05 -15.40
CA HIS B 504 -53.72 3.16 -16.04
C HIS B 504 -54.75 3.99 -15.26
N ASN B 505 -54.50 5.29 -15.14
CA ASN B 505 -55.42 6.20 -14.44
C ASN B 505 -55.63 7.48 -15.25
N PRO B 506 -56.14 7.34 -16.49
CA PRO B 506 -56.41 8.48 -17.38
C PRO B 506 -57.86 8.99 -17.33
N ASN B 507 -58.39 9.15 -16.12
CA ASN B 507 -59.77 9.62 -15.93
C ASN B 507 -60.15 10.79 -16.84
N LEU B 508 -59.19 11.69 -17.06
CA LEU B 508 -59.39 12.86 -17.92
C LEU B 508 -58.01 13.41 -18.28
N SER B 509 -58.00 14.56 -18.93
CA SER B 509 -56.75 15.19 -19.34
C SER B 509 -56.98 16.64 -19.72
N VAL B 510 -56.16 17.53 -19.16
CA VAL B 510 -56.27 18.96 -19.45
C VAL B 510 -55.21 19.37 -20.47
N ASP B 511 -55.66 19.95 -21.58
CA ASP B 511 -54.77 20.38 -22.65
C ASP B 511 -54.08 21.72 -22.41
N GLU B 512 -52.86 21.67 -21.90
CA GLU B 512 -52.06 22.86 -21.64
C GLU B 512 -50.60 22.48 -21.85
N PRO B 513 -50.30 21.83 -23.00
CA PRO B 513 -48.95 21.39 -23.37
C PRO B 513 -47.80 22.32 -22.98
N LEU B 514 -46.98 21.89 -22.02
CA LEU B 514 -45.83 22.67 -21.56
C LEU B 514 -44.55 22.07 -22.14
N ASP B 515 -43.53 22.91 -22.27
CA ASP B 515 -42.24 22.46 -22.82
C ASP B 515 -41.20 22.25 -21.71
N VAL B 516 -40.65 21.05 -21.67
CA VAL B 516 -39.62 20.69 -20.69
C VAL B 516 -38.24 20.74 -21.33
N ASP B 517 -37.20 20.82 -20.52
CA ASP B 517 -35.82 20.87 -21.02
C ASP B 517 -34.90 19.99 -20.18
N TYR B 518 -34.45 18.88 -20.77
CA TYR B 518 -33.57 17.94 -20.08
C TYR B 518 -32.13 18.39 -20.17
N ARG B 519 -31.89 19.42 -20.98
CA ARG B 519 -30.54 19.94 -21.16
C ARG B 519 -29.96 20.58 -19.88
N PHE B 520 -30.51 21.70 -19.45
CA PHE B 520 -30.00 22.34 -18.25
C PHE B 520 -30.91 22.07 -17.06
N ASP B 521 -30.30 21.89 -15.89
CA ASP B 521 -31.04 21.59 -14.67
C ASP B 521 -32.39 22.33 -14.60
N PHE B 522 -33.47 21.55 -14.47
CA PHE B 522 -34.83 22.12 -14.39
C PHE B 522 -35.20 22.37 -12.93
N SER B 523 -35.94 23.46 -12.71
CA SER B 523 -36.37 23.84 -11.36
C SER B 523 -37.11 22.70 -10.67
N ASP B 524 -36.77 22.45 -9.41
CA ASP B 524 -37.39 21.39 -8.62
C ASP B 524 -38.80 21.76 -8.15
N GLU B 525 -39.26 22.95 -8.55
CA GLU B 525 -40.57 23.43 -8.17
C GLU B 525 -41.62 23.06 -9.22
N ILE B 526 -41.36 21.99 -9.97
CA ILE B 526 -42.27 21.53 -11.00
C ILE B 526 -42.23 20.01 -11.13
N LYS B 527 -41.71 19.36 -10.11
CA LYS B 527 -41.60 17.90 -10.10
C LYS B 527 -42.98 17.24 -10.01
N GLU B 528 -43.71 17.53 -8.93
CA GLU B 528 -45.04 16.95 -8.72
C GLU B 528 -46.03 17.34 -9.82
N LYS B 529 -45.71 18.38 -10.58
CA LYS B 529 -46.57 18.88 -11.65
C LYS B 529 -46.74 17.84 -12.75
N ILE B 530 -46.00 16.74 -12.65
CA ILE B 530 -46.08 15.67 -13.62
C ILE B 530 -46.17 14.27 -13.01
N LYS B 531 -45.64 14.10 -11.80
CA LYS B 531 -45.66 12.81 -11.13
C LYS B 531 -47.10 12.33 -10.98
N LYS B 532 -48.03 13.29 -10.93
CA LYS B 532 -49.45 12.99 -10.80
C LYS B 532 -50.27 13.86 -11.74
N LEU B 533 -49.71 14.17 -12.91
CA LEU B 533 -50.37 15.00 -13.90
C LEU B 533 -51.22 14.16 -14.85
N SER B 534 -50.82 12.90 -15.05
CA SER B 534 -51.55 11.98 -15.93
C SER B 534 -50.85 10.63 -16.04
N ALA B 535 -51.54 9.67 -16.66
CA ALA B 535 -51.00 8.33 -16.84
C ALA B 535 -50.76 8.04 -18.32
N LYS B 536 -51.70 8.48 -19.16
CA LYS B 536 -51.59 8.27 -20.60
C LYS B 536 -51.00 9.51 -21.27
N SER B 537 -50.88 10.59 -20.49
CA SER B 537 -50.32 11.84 -20.98
C SER B 537 -48.95 12.10 -20.34
N LEU B 538 -48.49 11.14 -19.54
CA LEU B 538 -47.20 11.24 -18.87
C LEU B 538 -46.16 10.27 -19.44
N ASN B 539 -46.56 9.02 -19.66
CA ASN B 539 -45.64 8.02 -20.21
C ASN B 539 -45.49 8.12 -21.72
N GLU B 540 -45.60 9.34 -22.24
CA GLU B 540 -45.46 9.62 -23.66
C GLU B 540 -44.42 10.71 -23.78
N MET B 541 -44.25 11.45 -22.69
CA MET B 541 -43.29 12.55 -22.59
C MET B 541 -42.02 12.01 -21.94
N LEU B 542 -42.08 10.77 -21.45
CA LEU B 542 -40.94 10.12 -20.82
C LEU B 542 -40.02 9.56 -21.90
N PHE B 543 -40.55 9.46 -23.11
CA PHE B 543 -39.78 8.99 -24.24
C PHE B 543 -39.00 10.16 -24.81
N ARG B 544 -39.43 11.36 -24.42
CA ARG B 544 -38.79 12.60 -24.85
C ARG B 544 -37.33 12.65 -24.40
N ALA B 545 -37.06 12.05 -23.24
CA ALA B 545 -35.71 12.00 -22.69
C ALA B 545 -34.81 11.12 -23.55
N GLN B 546 -35.34 9.96 -23.95
CA GLN B 546 -34.59 9.03 -24.79
C GLN B 546 -34.51 9.56 -26.23
N ARG B 547 -35.20 10.67 -26.49
CA ARG B 547 -35.19 11.28 -27.80
C ARG B 547 -34.05 12.29 -27.87
N THR B 548 -33.80 12.96 -26.75
CA THR B 548 -32.73 13.95 -26.66
C THR B 548 -31.48 13.26 -26.11
N GLU B 549 -31.68 12.10 -25.51
CA GLU B 549 -30.56 11.35 -24.95
C GLU B 549 -29.79 10.70 -26.10
N VAL B 550 -30.28 10.89 -27.32
CA VAL B 550 -29.65 10.35 -28.53
C VAL B 550 -28.65 11.39 -29.03
N ALA B 551 -29.17 12.52 -29.48
CA ALA B 551 -28.31 13.59 -29.97
C ALA B 551 -27.20 13.80 -28.95
N GLY B 552 -27.56 13.75 -27.67
CA GLY B 552 -26.60 13.93 -26.61
C GLY B 552 -25.30 13.18 -26.86
N MET B 553 -25.41 11.87 -27.08
CA MET B 553 -24.23 11.05 -27.31
C MET B 553 -23.61 11.38 -28.67
N THR B 554 -24.44 11.38 -29.70
CA THR B 554 -23.97 11.66 -31.06
C THR B 554 -23.21 12.99 -31.09
N ALA B 555 -23.45 13.84 -30.09
CA ALA B 555 -22.77 15.12 -30.01
C ALA B 555 -21.39 14.85 -29.44
N GLN B 556 -21.38 14.22 -28.27
CA GLN B 556 -20.15 13.87 -27.59
C GLN B 556 -19.26 12.98 -28.45
N ILE B 557 -19.87 12.11 -29.23
CA ILE B 557 -19.12 11.22 -30.09
C ILE B 557 -18.47 11.89 -31.28
N ASN B 558 -19.22 12.80 -31.92
CA ASN B 558 -18.68 13.50 -33.06
C ASN B 558 -17.47 14.31 -32.62
N ARG B 559 -17.55 14.89 -31.42
CA ARG B 559 -16.43 15.65 -30.89
C ARG B 559 -15.25 14.70 -30.69
N LYS B 560 -15.52 13.53 -30.11
CA LYS B 560 -14.44 12.58 -29.90
C LYS B 560 -13.75 12.36 -31.25
N LEU B 561 -14.52 11.95 -32.26
CA LEU B 561 -13.96 11.73 -33.58
C LEU B 561 -13.22 12.97 -34.09
N LEU B 562 -13.80 14.15 -33.88
CA LEU B 562 -13.13 15.37 -34.32
C LEU B 562 -11.81 15.56 -33.61
N ILE B 563 -11.83 15.50 -32.29
CA ILE B 563 -10.64 15.67 -31.49
C ILE B 563 -9.51 14.72 -31.92
N ASN B 564 -9.87 13.51 -32.31
CA ASN B 564 -8.83 12.55 -32.70
C ASN B 564 -8.33 12.65 -34.14
N SER B 565 -9.01 13.39 -35.00
CA SER B 565 -8.58 13.52 -36.39
C SER B 565 -7.74 14.77 -36.64
N LEU B 566 -7.72 15.67 -35.66
CA LEU B 566 -7.00 16.92 -35.77
C LEU B 566 -5.53 16.73 -36.06
N TYR B 567 -4.91 15.80 -35.33
CA TYR B 567 -3.49 15.54 -35.52
C TYR B 567 -3.22 15.08 -36.94
N GLY B 568 -3.99 14.11 -37.40
CA GLY B 568 -3.81 13.59 -38.75
C GLY B 568 -3.69 14.72 -39.77
N ALA B 569 -4.58 15.70 -39.64
CA ALA B 569 -4.61 16.86 -40.51
C ALA B 569 -3.38 17.72 -40.31
N LEU B 570 -3.11 18.09 -39.05
CA LEU B 570 -1.95 18.93 -38.72
C LEU B 570 -0.67 18.34 -39.29
N GLY B 571 -0.64 17.04 -39.48
CA GLY B 571 0.55 16.42 -40.01
C GLY B 571 0.47 16.23 -41.51
N ASN B 572 -0.63 16.69 -42.11
CA ASN B 572 -0.77 16.55 -43.54
C ASN B 572 -0.39 17.83 -44.27
N VAL B 573 0.47 17.66 -45.26
CA VAL B 573 1.00 18.76 -46.04
C VAL B 573 -0.08 19.66 -46.68
N TRP B 574 -1.27 19.10 -46.91
CA TRP B 574 -2.35 19.84 -47.53
C TRP B 574 -3.23 20.67 -46.60
N PHE B 575 -3.16 20.45 -45.30
CA PHE B 575 -3.98 21.20 -44.33
C PHE B 575 -3.37 22.59 -44.28
N ARG B 576 -4.17 23.65 -44.32
CA ARG B 576 -3.60 24.99 -44.33
C ARG B 576 -2.91 25.51 -43.06
N TYR B 577 -3.00 24.75 -41.98
CA TYR B 577 -2.39 25.17 -40.72
C TYR B 577 -1.14 24.35 -40.44
N TYR B 578 -0.91 23.38 -41.31
CA TYR B 578 0.23 22.50 -41.21
C TYR B 578 1.55 23.27 -41.15
N ASP B 579 2.50 22.67 -40.44
CA ASP B 579 3.84 23.20 -40.32
C ASP B 579 4.67 22.04 -39.83
N LEU B 580 5.70 21.69 -40.58
CA LEU B 580 6.56 20.56 -40.21
C LEU B 580 7.12 20.70 -38.80
N ARG B 581 7.62 21.89 -38.46
CA ARG B 581 8.18 22.12 -37.13
C ARG B 581 7.11 21.83 -36.06
N ASN B 582 5.89 22.30 -36.28
CA ASN B 582 4.86 22.05 -35.28
C ASN B 582 4.51 20.56 -35.12
N ALA B 583 4.51 19.82 -36.23
CA ALA B 583 4.19 18.40 -36.14
C ALA B 583 5.25 17.71 -35.34
N THR B 584 6.49 18.00 -35.70
CA THR B 584 7.59 17.36 -34.99
C THR B 584 7.55 17.73 -33.50
N ALA B 585 7.13 18.97 -33.24
CA ALA B 585 6.99 19.45 -31.88
C ALA B 585 6.01 18.57 -31.12
N ILE B 586 4.88 18.29 -31.73
CA ILE B 586 3.88 17.47 -31.07
C ILE B 586 4.33 16.04 -30.80
N THR B 587 4.91 15.36 -31.77
CA THR B 587 5.33 13.97 -31.51
C THR B 587 6.59 13.91 -30.67
N THR B 588 7.53 14.81 -30.89
CA THR B 588 8.73 14.77 -30.08
C THR B 588 8.39 14.98 -28.61
N PHE B 589 7.64 16.04 -28.31
CA PHE B 589 7.25 16.30 -26.93
C PHE B 589 6.53 15.08 -26.37
N GLY B 590 5.70 14.45 -27.21
CA GLY B 590 4.95 13.29 -26.77
C GLY B 590 5.88 12.18 -26.30
N GLN B 591 7.03 12.11 -26.95
CA GLN B 591 8.01 11.12 -26.61
C GLN B 591 8.69 11.48 -25.34
N MET B 592 8.98 12.76 -25.16
CA MET B 592 9.62 13.13 -23.93
C MET B 592 8.65 12.85 -22.78
N ALA B 593 7.37 13.07 -23.04
CA ALA B 593 6.38 12.89 -22.00
C ALA B 593 6.29 11.46 -21.50
N LEU B 594 6.11 10.52 -22.42
CA LEU B 594 6.00 9.13 -22.04
C LEU B 594 7.23 8.67 -21.29
N GLN B 595 8.41 9.06 -21.76
CA GLN B 595 9.63 8.64 -21.11
C GLN B 595 9.90 9.37 -19.80
N TRP B 596 9.31 10.55 -19.65
CA TRP B 596 9.47 11.29 -18.42
C TRP B 596 8.77 10.50 -17.32
N ILE B 597 7.50 10.15 -17.50
CA ILE B 597 6.81 9.39 -16.46
C ILE B 597 7.35 7.99 -16.27
N GLU B 598 7.91 7.38 -17.31
CA GLU B 598 8.47 6.04 -17.16
C GLU B 598 9.50 6.18 -16.05
N ARG B 599 10.41 7.14 -16.23
CA ARG B 599 11.46 7.41 -15.26
C ARG B 599 10.86 7.74 -13.90
N LYS B 600 9.87 8.63 -13.89
CA LYS B 600 9.21 9.04 -12.65
C LYS B 600 8.50 7.88 -11.94
N VAL B 601 7.62 7.18 -12.65
CA VAL B 601 6.92 6.05 -12.04
C VAL B 601 7.96 5.08 -11.48
N ASN B 602 9.01 4.81 -12.26
CA ASN B 602 10.06 3.91 -11.81
C ASN B 602 10.68 4.43 -10.52
N GLU B 603 10.90 5.73 -10.45
CA GLU B 603 11.50 6.29 -9.25
C GLU B 603 10.53 6.16 -8.09
N TYR B 604 9.26 6.47 -8.32
CA TYR B 604 8.29 6.38 -7.25
C TYR B 604 8.22 4.97 -6.68
N LEU B 605 7.87 3.99 -7.51
CA LEU B 605 7.77 2.62 -7.06
C LEU B 605 9.01 2.13 -6.34
N ASN B 606 10.19 2.52 -6.81
CA ASN B 606 11.42 2.11 -6.17
C ASN B 606 11.49 2.77 -4.80
N GLU B 607 10.88 3.94 -4.69
CA GLU B 607 10.82 4.64 -3.42
C GLU B 607 9.96 3.78 -2.46
N VAL B 608 8.65 3.77 -2.73
CA VAL B 608 7.69 3.04 -1.92
C VAL B 608 8.02 1.56 -1.64
N CYS B 609 8.54 0.86 -2.64
CA CYS B 609 8.88 -0.55 -2.46
C CYS B 609 10.25 -0.71 -1.82
N GLY B 610 10.99 0.40 -1.71
CA GLY B 610 12.31 0.34 -1.10
C GLY B 610 13.27 -0.56 -1.85
N THR B 611 13.46 -0.29 -3.14
CA THR B 611 14.37 -1.07 -3.97
C THR B 611 15.48 -0.15 -4.49
N GLU B 612 16.26 -0.61 -5.47
CA GLU B 612 17.34 0.20 -6.00
C GLU B 612 17.17 0.60 -7.47
N GLY B 613 17.36 -0.36 -8.37
CA GLY B 613 17.22 -0.07 -9.78
C GLY B 613 16.21 -0.97 -10.45
N GLU B 614 15.02 -1.07 -9.88
CA GLU B 614 13.97 -1.91 -10.44
C GLU B 614 13.20 -1.24 -11.58
N ALA B 615 13.01 -1.98 -12.66
CA ALA B 615 12.30 -1.46 -13.81
C ALA B 615 10.81 -1.85 -13.75
N PHE B 616 10.01 -1.10 -12.99
CA PHE B 616 8.59 -1.41 -12.91
C PHE B 616 7.82 -1.20 -14.19
N VAL B 617 8.26 -0.25 -15.02
CA VAL B 617 7.58 -0.01 -16.28
C VAL B 617 8.11 -1.09 -17.21
N LEU B 618 7.24 -1.97 -17.66
CA LEU B 618 7.68 -3.04 -18.51
C LEU B 618 7.45 -2.74 -19.98
N TYR B 619 6.57 -1.81 -20.27
CA TYR B 619 6.29 -1.47 -21.65
C TYR B 619 5.59 -0.14 -21.73
N GLY B 620 5.68 0.48 -22.90
CA GLY B 620 5.08 1.77 -23.12
C GLY B 620 4.96 1.93 -24.61
N ASP B 621 3.93 2.65 -25.03
CA ASP B 621 3.69 2.83 -26.45
C ASP B 621 2.88 4.09 -26.63
N THR B 622 3.51 5.11 -27.21
CA THR B 622 2.83 6.36 -27.48
C THR B 622 2.33 7.10 -26.23
N ASP B 623 1.20 6.69 -25.70
CA ASP B 623 0.62 7.33 -24.53
C ASP B 623 0.29 6.39 -23.36
N SER B 624 0.63 5.12 -23.49
CA SER B 624 0.36 4.14 -22.45
C SER B 624 1.64 3.58 -21.86
N ILE B 625 1.56 3.19 -20.59
CA ILE B 625 2.68 2.58 -19.91
C ILE B 625 2.08 1.44 -19.09
N TYR B 626 2.80 0.33 -18.99
CA TYR B 626 2.32 -0.81 -18.24
C TYR B 626 3.27 -1.06 -17.11
N VAL B 627 2.73 -1.24 -15.92
CA VAL B 627 3.56 -1.46 -14.75
C VAL B 627 3.47 -2.85 -14.13
N SER B 628 4.57 -3.29 -13.55
CA SER B 628 4.60 -4.59 -12.89
C SER B 628 4.15 -4.36 -11.46
N ALA B 629 3.08 -5.06 -11.07
CA ALA B 629 2.54 -4.94 -9.71
C ALA B 629 3.06 -6.05 -8.81
N ASP B 630 3.91 -6.91 -9.36
CA ASP B 630 4.50 -8.00 -8.60
C ASP B 630 5.04 -7.51 -7.25
N LYS B 631 6.12 -6.73 -7.26
CA LYS B 631 6.69 -6.21 -6.02
C LYS B 631 5.65 -5.51 -5.14
N ILE B 632 4.62 -4.93 -5.76
CA ILE B 632 3.58 -4.25 -5.01
C ILE B 632 2.81 -5.32 -4.25
N ILE B 633 2.19 -6.23 -5.00
CA ILE B 633 1.44 -7.34 -4.43
C ILE B 633 2.16 -7.94 -3.22
N ASP B 634 3.46 -8.18 -3.40
CA ASP B 634 4.30 -8.76 -2.37
C ASP B 634 4.24 -8.04 -1.03
N LYS B 635 4.33 -6.71 -1.05
CA LYS B 635 4.29 -5.93 0.18
C LYS B 635 3.18 -6.38 1.11
N VAL B 636 2.24 -7.14 0.58
CA VAL B 636 1.14 -7.65 1.36
C VAL B 636 1.21 -9.17 1.39
N GLY B 637 1.43 -9.77 0.22
CA GLY B 637 1.52 -11.21 0.13
C GLY B 637 0.26 -11.80 -0.47
N GLU B 638 0.41 -12.48 -1.60
CA GLU B 638 -0.73 -13.08 -2.28
C GLU B 638 -1.57 -13.89 -1.30
N SER B 639 -0.91 -14.46 -0.30
CA SER B 639 -1.57 -15.28 0.71
C SER B 639 -2.49 -14.48 1.65
N LYS B 640 -2.20 -13.21 1.83
CA LYS B 640 -3.02 -12.41 2.72
C LYS B 640 -4.22 -11.78 2.04
N PHE B 641 -4.67 -12.39 0.94
CA PHE B 641 -5.80 -11.89 0.20
C PHE B 641 -6.93 -12.90 0.24
N ARG B 642 -8.14 -12.43 0.51
CA ARG B 642 -9.31 -13.30 0.59
C ARG B 642 -9.70 -13.94 -0.74
N ASP B 643 -9.67 -13.16 -1.82
CA ASP B 643 -10.03 -13.66 -3.15
C ASP B 643 -9.38 -12.81 -4.25
N THR B 644 -9.69 -13.11 -5.52
CA THR B 644 -9.13 -12.35 -6.63
C THR B 644 -9.48 -10.88 -6.45
N ASN B 645 -10.78 -10.62 -6.31
CA ASN B 645 -11.30 -9.27 -6.14
C ASN B 645 -10.63 -8.50 -5.00
N HIS B 646 -10.15 -9.22 -4.00
CA HIS B 646 -9.50 -8.59 -2.86
C HIS B 646 -8.19 -7.92 -3.26
N TRP B 647 -7.33 -8.59 -4.04
CA TRP B 647 -6.08 -7.93 -4.44
C TRP B 647 -6.30 -6.82 -5.48
N VAL B 648 -7.36 -6.98 -6.29
CA VAL B 648 -7.70 -5.96 -7.27
C VAL B 648 -7.96 -4.65 -6.52
N ASP B 649 -8.95 -4.64 -5.63
CA ASP B 649 -9.27 -3.43 -4.87
C ASP B 649 -7.98 -2.84 -4.33
N PHE B 650 -7.09 -3.70 -3.86
CA PHE B 650 -5.83 -3.23 -3.32
C PHE B 650 -5.11 -2.37 -4.35
N LEU B 651 -4.82 -2.95 -5.50
CA LEU B 651 -4.12 -2.23 -6.56
C LEU B 651 -4.91 -1.01 -7.01
N ASP B 652 -6.19 -1.22 -7.30
CA ASP B 652 -7.06 -0.14 -7.72
C ASP B 652 -6.86 1.07 -6.81
N LYS B 653 -6.84 0.81 -5.51
CA LYS B 653 -6.68 1.87 -4.52
C LYS B 653 -5.23 2.37 -4.46
N PHE B 654 -4.28 1.46 -4.54
CA PHE B 654 -2.88 1.88 -4.49
C PHE B 654 -2.59 2.85 -5.62
N ALA B 655 -3.18 2.58 -6.78
CA ALA B 655 -2.99 3.43 -7.95
C ALA B 655 -3.66 4.78 -7.74
N ARG B 656 -4.89 4.75 -7.23
CA ARG B 656 -5.65 5.98 -7.04
C ARG B 656 -5.15 6.94 -5.98
N GLU B 657 -4.65 6.42 -4.87
CA GLU B 657 -4.19 7.26 -3.78
C GLU B 657 -2.68 7.42 -3.69
N ARG B 658 -1.95 6.52 -4.32
CA ARG B 658 -0.50 6.56 -4.28
C ARG B 658 0.19 6.93 -5.60
N MET B 659 -0.07 6.12 -6.63
CA MET B 659 0.56 6.34 -7.93
C MET B 659 0.04 7.56 -8.69
N GLU B 660 -1.28 7.65 -8.88
CA GLU B 660 -1.84 8.78 -9.60
C GLU B 660 -1.25 10.10 -9.11
N PRO B 661 -1.20 10.32 -7.79
CA PRO B 661 -0.64 11.55 -7.22
C PRO B 661 0.82 11.80 -7.58
N ALA B 662 1.60 10.73 -7.67
CA ALA B 662 3.02 10.86 -8.00
C ALA B 662 3.17 11.19 -9.48
N ILE B 663 2.32 10.59 -10.28
CA ILE B 663 2.35 10.82 -11.71
C ILE B 663 2.05 12.30 -11.98
N ASP B 664 1.00 12.82 -11.34
CA ASP B 664 0.64 14.23 -11.53
C ASP B 664 1.79 15.13 -11.04
N ARG B 665 2.42 14.74 -9.96
CA ARG B 665 3.53 15.52 -9.44
C ARG B 665 4.62 15.55 -10.52
N GLY B 666 4.84 14.39 -11.16
CA GLY B 666 5.84 14.28 -12.22
C GLY B 666 5.54 15.12 -13.45
N PHE B 667 4.28 15.14 -13.90
CA PHE B 667 3.93 15.91 -15.07
C PHE B 667 3.86 17.41 -14.83
N ARG B 668 3.67 17.82 -13.58
CA ARG B 668 3.66 19.25 -13.28
C ARG B 668 5.12 19.70 -13.27
N GLU B 669 6.02 18.79 -12.93
CA GLU B 669 7.43 19.16 -12.92
C GLU B 669 7.90 19.38 -14.35
N MET B 670 7.53 18.46 -15.23
CA MET B 670 7.91 18.54 -16.63
C MET B 670 7.33 19.81 -17.28
N CYS B 671 6.11 20.15 -16.90
CA CYS B 671 5.46 21.34 -17.43
C CYS B 671 6.27 22.60 -17.13
N GLU B 672 6.88 22.67 -15.94
CA GLU B 672 7.67 23.82 -15.52
C GLU B 672 9.00 23.81 -16.24
N TYR B 673 9.50 22.60 -16.45
CA TYR B 673 10.77 22.39 -17.11
C TYR B 673 10.70 22.96 -18.52
N MET B 674 9.63 22.60 -19.24
CA MET B 674 9.42 23.06 -20.61
C MET B 674 8.70 24.42 -20.65
N ASN B 675 8.34 24.94 -19.48
CA ASN B 675 7.70 26.24 -19.33
C ASN B 675 6.42 26.37 -20.16
N ASN B 676 5.60 25.35 -20.12
CA ASN B 676 4.38 25.33 -20.90
C ASN B 676 3.27 26.24 -20.38
N LYS B 677 2.36 26.61 -21.28
CA LYS B 677 1.23 27.46 -20.98
C LYS B 677 0.34 26.89 -19.89
N GLN B 678 -0.04 25.62 -20.04
CA GLN B 678 -0.89 24.96 -19.06
C GLN B 678 -0.66 23.46 -18.99
N HIS B 679 -0.54 22.97 -17.76
CA HIS B 679 -0.32 21.54 -17.52
C HIS B 679 -1.57 20.75 -17.91
N LEU B 680 -1.42 19.85 -18.88
CA LEU B 680 -2.56 19.04 -19.33
C LEU B 680 -2.23 17.56 -19.44
N MET B 681 -1.03 17.19 -19.02
CA MET B 681 -0.63 15.80 -19.07
C MET B 681 -1.34 15.04 -17.95
N PHE B 682 -2.54 14.55 -18.24
CA PHE B 682 -3.32 13.81 -17.27
C PHE B 682 -3.28 12.33 -17.64
N MET B 683 -2.78 11.52 -16.72
CA MET B 683 -2.64 10.08 -16.97
C MET B 683 -3.45 9.26 -15.96
N ASP B 684 -4.58 8.73 -16.39
CA ASP B 684 -5.40 7.93 -15.49
C ASP B 684 -5.13 6.43 -15.64
N ARG B 685 -5.31 5.69 -14.53
CA ARG B 685 -5.07 4.25 -14.52
C ARG B 685 -6.10 3.55 -15.41
N GLU B 686 -5.63 2.64 -16.25
CA GLU B 686 -6.50 1.94 -17.18
C GLU B 686 -6.88 0.52 -16.77
N ALA B 687 -6.06 -0.45 -17.11
CA ALA B 687 -6.38 -1.85 -16.79
C ALA B 687 -5.67 -2.42 -15.57
N ILE B 688 -6.29 -3.45 -15.01
CA ILE B 688 -5.75 -4.19 -13.88
C ILE B 688 -5.86 -5.64 -14.33
N ALA B 689 -4.70 -6.23 -14.56
CA ALA B 689 -4.64 -7.62 -15.00
C ALA B 689 -3.82 -8.46 -14.04
N GLY B 690 -4.09 -9.76 -14.07
CA GLY B 690 -3.40 -10.70 -13.21
C GLY B 690 -4.06 -12.06 -13.37
N PRO B 691 -3.59 -13.10 -12.67
CA PRO B 691 -4.23 -14.40 -12.82
C PRO B 691 -5.21 -14.67 -11.67
N PRO B 692 -6.12 -15.63 -11.85
CA PRO B 692 -7.07 -15.93 -10.80
C PRO B 692 -6.32 -16.29 -9.53
N LEU B 693 -6.64 -15.64 -8.42
CA LEU B 693 -5.99 -15.92 -7.14
C LEU B 693 -6.07 -17.39 -6.81
N GLY B 694 -4.97 -17.94 -6.32
CA GLY B 694 -4.94 -19.35 -5.97
C GLY B 694 -4.99 -20.27 -7.18
N SER B 695 -4.65 -19.75 -8.36
CA SER B 695 -4.66 -20.57 -9.57
C SER B 695 -3.25 -20.67 -10.15
N LYS B 696 -3.12 -21.44 -11.21
CA LYS B 696 -1.81 -21.57 -11.82
C LYS B 696 -1.73 -20.88 -13.18
N GLY B 697 -2.38 -19.72 -13.28
CA GLY B 697 -2.33 -18.96 -14.51
C GLY B 697 -1.15 -18.01 -14.43
N ILE B 698 -0.68 -17.51 -15.57
CA ILE B 698 0.46 -16.59 -15.56
C ILE B 698 0.09 -15.10 -15.51
N GLY B 699 -1.15 -14.77 -15.85
CA GLY B 699 -1.55 -13.38 -15.83
C GLY B 699 -1.43 -12.80 -17.22
N GLY B 700 -0.20 -12.63 -17.68
CA GLY B 700 0.00 -12.09 -19.01
C GLY B 700 1.39 -12.32 -19.56
N PHE B 701 1.53 -12.14 -20.86
CA PHE B 701 2.83 -12.30 -21.49
C PHE B 701 3.00 -11.33 -22.63
N TRP B 702 4.26 -11.00 -22.91
CA TRP B 702 4.64 -10.11 -23.99
C TRP B 702 5.65 -10.85 -24.85
N THR B 703 5.44 -10.87 -26.16
CA THR B 703 6.40 -11.53 -27.02
C THR B 703 7.38 -10.48 -27.51
N GLY B 704 6.85 -9.29 -27.79
CA GLY B 704 7.66 -8.17 -28.26
C GLY B 704 6.80 -6.93 -28.50
N LYS B 705 7.44 -5.81 -28.81
CA LYS B 705 6.71 -4.57 -29.07
C LYS B 705 5.38 -4.78 -29.79
N LYS B 706 4.32 -4.24 -29.19
CA LYS B 706 2.96 -4.30 -29.72
C LYS B 706 2.30 -5.68 -29.78
N ARG B 707 2.88 -6.66 -29.10
CA ARG B 707 2.30 -8.00 -29.07
C ARG B 707 2.24 -8.46 -27.63
N TYR B 708 1.04 -8.50 -27.07
CA TYR B 708 0.87 -8.93 -25.70
C TYR B 708 -0.55 -9.34 -25.38
N ALA B 709 -0.72 -10.01 -24.24
CA ALA B 709 -2.03 -10.49 -23.79
C ALA B 709 -2.14 -10.28 -22.30
N LEU B 710 -3.36 -9.97 -21.84
CA LEU B 710 -3.61 -9.75 -20.43
C LEU B 710 -4.94 -10.30 -19.98
N ASN B 711 -4.99 -10.76 -18.73
CA ASN B 711 -6.21 -11.27 -18.13
C ASN B 711 -6.68 -10.07 -17.30
N VAL B 712 -7.67 -9.34 -17.82
CA VAL B 712 -8.17 -8.14 -17.16
C VAL B 712 -9.35 -8.33 -16.21
N TRP B 713 -9.26 -7.67 -15.06
CA TRP B 713 -10.32 -7.74 -14.06
C TRP B 713 -11.06 -6.40 -13.92
N ASP B 714 -10.36 -5.29 -14.15
CA ASP B 714 -10.97 -3.99 -14.02
C ASP B 714 -10.41 -3.02 -15.04
N MET B 715 -11.31 -2.25 -15.66
CA MET B 715 -10.94 -1.25 -16.66
C MET B 715 -11.56 0.11 -16.35
N GLU B 716 -10.72 1.05 -15.93
CA GLU B 716 -11.14 2.41 -15.61
C GLU B 716 -12.19 2.52 -14.51
N GLY B 717 -12.12 1.62 -13.53
CA GLY B 717 -13.08 1.67 -12.44
C GLY B 717 -14.20 0.67 -12.60
N THR B 718 -14.35 0.10 -13.78
CA THR B 718 -15.39 -0.88 -14.06
C THR B 718 -14.96 -2.32 -13.77
N ARG B 719 -15.34 -2.84 -12.61
CA ARG B 719 -14.99 -4.20 -12.22
C ARG B 719 -15.78 -5.15 -13.11
N TYR B 720 -15.08 -5.85 -13.99
CA TYR B 720 -15.74 -6.80 -14.91
C TYR B 720 -16.49 -7.90 -14.16
N ALA B 721 -17.58 -8.38 -14.76
CA ALA B 721 -18.38 -9.44 -14.16
C ALA B 721 -17.63 -10.77 -14.18
N GLU B 722 -16.77 -10.90 -15.20
CA GLU B 722 -15.95 -12.07 -15.41
C GLU B 722 -14.65 -11.55 -15.98
N PRO B 723 -13.55 -12.29 -15.80
CA PRO B 723 -12.30 -11.76 -16.36
C PRO B 723 -12.40 -11.71 -17.90
N LYS B 724 -11.74 -10.71 -18.47
CA LYS B 724 -11.75 -10.52 -19.91
C LYS B 724 -10.31 -10.40 -20.40
N LEU B 725 -10.02 -11.04 -21.53
CA LEU B 725 -8.65 -11.02 -22.10
C LEU B 725 -8.37 -9.85 -23.02
N LYS B 726 -7.34 -9.09 -22.69
CA LYS B 726 -6.94 -7.97 -23.53
C LYS B 726 -5.78 -8.48 -24.39
N ILE B 727 -6.08 -8.90 -25.61
CA ILE B 727 -5.01 -9.39 -26.49
C ILE B 727 -4.65 -8.41 -27.59
N MET B 728 -3.41 -7.94 -27.56
CA MET B 728 -2.89 -6.97 -28.51
C MET B 728 -1.86 -7.54 -29.51
N GLY B 729 -2.16 -7.43 -30.79
CA GLY B 729 -1.24 -7.88 -31.82
C GLY B 729 -1.02 -9.34 -32.16
N LEU B 730 -1.31 -10.25 -31.23
CA LEU B 730 -1.07 -11.64 -31.53
C LEU B 730 -2.02 -12.10 -32.63
N GLU B 731 -1.60 -13.13 -33.36
CA GLU B 731 -2.36 -13.69 -34.48
C GLU B 731 -3.85 -13.83 -34.20
N THR B 732 -4.19 -13.92 -32.92
CA THR B 732 -5.58 -14.06 -32.53
C THR B 732 -6.32 -12.78 -32.88
N GLN B 733 -5.58 -11.70 -33.09
CA GLN B 733 -6.15 -10.40 -33.44
C GLN B 733 -6.10 -10.10 -34.94
N LYS B 734 -5.23 -10.81 -35.67
CA LYS B 734 -5.06 -10.59 -37.13
C LYS B 734 -6.19 -11.22 -37.96
N SER B 735 -6.44 -10.63 -39.13
CA SER B 735 -7.49 -11.09 -40.05
C SER B 735 -7.02 -12.29 -40.84
N SER B 736 -5.74 -12.27 -41.19
CA SER B 736 -5.11 -13.33 -41.96
C SER B 736 -5.22 -14.65 -41.24
N THR B 737 -5.21 -14.61 -39.91
CA THR B 737 -5.33 -15.80 -39.08
C THR B 737 -6.70 -16.47 -39.30
N PRO B 738 -6.72 -17.81 -39.40
CA PRO B 738 -7.97 -18.55 -39.62
C PRO B 738 -8.92 -18.45 -38.43
N LYS B 739 -10.22 -18.43 -38.71
CA LYS B 739 -11.24 -18.34 -37.66
C LYS B 739 -10.98 -19.40 -36.58
N ALA B 740 -11.24 -20.67 -36.91
CA ALA B 740 -11.05 -21.78 -35.98
C ALA B 740 -9.72 -21.67 -35.24
N VAL B 741 -8.70 -21.19 -35.93
CA VAL B 741 -7.39 -21.05 -35.32
C VAL B 741 -7.34 -19.89 -34.32
N GLN B 742 -8.17 -18.87 -34.55
CA GLN B 742 -8.20 -17.73 -33.63
C GLN B 742 -8.75 -18.17 -32.28
N LYS B 743 -9.83 -18.97 -32.33
CA LYS B 743 -10.45 -19.49 -31.12
C LYS B 743 -9.41 -20.28 -30.32
N ALA B 744 -8.91 -21.35 -30.95
CA ALA B 744 -7.94 -22.22 -30.32
C ALA B 744 -6.85 -21.44 -29.61
N LEU B 745 -6.22 -20.50 -30.32
CA LEU B 745 -5.15 -19.70 -29.73
C LEU B 745 -5.64 -18.81 -28.59
N LYS B 746 -6.87 -18.32 -28.73
CA LYS B 746 -7.45 -17.48 -27.70
C LYS B 746 -7.70 -18.35 -26.48
N GLU B 747 -8.21 -19.55 -26.74
CA GLU B 747 -8.49 -20.54 -25.70
C GLU B 747 -7.17 -20.92 -25.01
N CYS B 748 -6.12 -21.14 -25.80
CA CYS B 748 -4.81 -21.47 -25.25
C CYS B 748 -4.30 -20.31 -24.38
N ILE B 749 -4.37 -19.11 -24.94
CA ILE B 749 -3.93 -17.92 -24.21
C ILE B 749 -4.69 -17.80 -22.90
N ARG B 750 -5.99 -18.08 -22.96
CA ARG B 750 -6.85 -18.01 -21.79
C ARG B 750 -6.40 -19.01 -20.72
N ARG B 751 -6.11 -20.23 -21.17
CA ARG B 751 -5.66 -21.28 -20.25
C ARG B 751 -4.31 -20.97 -19.62
N MET B 752 -3.45 -20.31 -20.37
CA MET B 752 -2.14 -19.96 -19.86
C MET B 752 -2.30 -18.91 -18.79
N LEU B 753 -3.19 -17.95 -19.09
CA LEU B 753 -3.39 -16.82 -18.20
C LEU B 753 -4.23 -17.05 -16.96
N GLN B 754 -5.27 -17.88 -17.09
CA GLN B 754 -6.15 -18.14 -15.97
C GLN B 754 -5.88 -19.47 -15.28
N GLU B 755 -5.66 -20.52 -16.08
CA GLU B 755 -5.45 -21.84 -15.53
C GLU B 755 -4.02 -22.33 -15.38
N GLY B 756 -3.22 -22.30 -16.45
CA GLY B 756 -1.85 -22.74 -16.34
C GLY B 756 -1.33 -23.71 -17.38
N GLU B 757 -0.03 -24.01 -17.27
CA GLU B 757 0.65 -24.91 -18.19
C GLU B 757 -0.07 -26.23 -18.43
N GLU B 758 -0.59 -26.84 -17.37
CA GLU B 758 -1.29 -28.13 -17.50
C GLU B 758 -2.55 -28.04 -18.34
N SER B 759 -3.34 -26.99 -18.14
CA SER B 759 -4.55 -26.82 -18.92
C SER B 759 -4.17 -26.69 -20.40
N LEU B 760 -3.13 -25.91 -20.66
CA LEU B 760 -2.65 -25.68 -22.02
C LEU B 760 -2.30 -26.99 -22.70
N GLN B 761 -1.45 -27.77 -22.05
CA GLN B 761 -1.01 -29.05 -22.57
C GLN B 761 -2.18 -29.94 -22.99
N GLU B 762 -3.26 -29.90 -22.20
CA GLU B 762 -4.44 -30.70 -22.50
C GLU B 762 -5.17 -30.15 -23.71
N TYR B 763 -5.53 -28.88 -23.66
CA TYR B 763 -6.24 -28.26 -24.77
C TYR B 763 -5.47 -28.47 -26.07
N PHE B 764 -4.15 -28.36 -25.98
CA PHE B 764 -3.32 -28.56 -27.15
C PHE B 764 -3.63 -29.89 -27.85
N LYS B 765 -3.67 -30.98 -27.08
CA LYS B 765 -3.96 -32.29 -27.66
C LYS B 765 -5.41 -32.42 -28.16
N GLU B 766 -6.34 -31.78 -27.44
CA GLU B 766 -7.75 -31.82 -27.83
C GLU B 766 -7.93 -31.26 -29.23
N PHE B 767 -7.52 -30.01 -29.42
CA PHE B 767 -7.65 -29.34 -30.69
C PHE B 767 -6.97 -30.10 -31.83
N GLU B 768 -5.88 -30.78 -31.50
CA GLU B 768 -5.12 -31.54 -32.49
C GLU B 768 -5.90 -32.78 -32.97
N LYS B 769 -6.65 -33.39 -32.05
CA LYS B 769 -7.44 -34.56 -32.38
C LYS B 769 -8.63 -34.19 -33.26
N GLU B 770 -9.13 -32.97 -33.09
CA GLU B 770 -10.29 -32.50 -33.84
C GLU B 770 -9.94 -31.59 -35.03
N PHE B 771 -8.66 -31.30 -35.21
CA PHE B 771 -8.25 -30.42 -36.29
C PHE B 771 -8.64 -30.88 -37.70
N ARG B 772 -8.36 -32.15 -38.01
CA ARG B 772 -8.69 -32.67 -39.34
C ARG B 772 -10.19 -32.63 -39.63
N GLN B 773 -11.00 -32.52 -38.58
CA GLN B 773 -12.46 -32.50 -38.74
C GLN B 773 -13.03 -31.11 -38.93
N LEU B 774 -12.17 -30.10 -38.80
CA LEU B 774 -12.61 -28.71 -38.93
C LEU B 774 -12.99 -28.28 -40.35
N ASN B 775 -14.00 -27.42 -40.42
CA ASN B 775 -14.46 -26.91 -41.71
C ASN B 775 -13.27 -26.29 -42.42
N TYR B 776 -13.18 -26.51 -43.73
CA TYR B 776 -12.05 -25.99 -44.48
C TYR B 776 -12.00 -24.45 -44.55
N ILE B 777 -13.15 -23.80 -44.62
CA ILE B 777 -13.19 -22.34 -44.69
C ILE B 777 -12.82 -21.69 -43.35
N SER B 778 -12.80 -22.49 -42.29
CA SER B 778 -12.47 -22.00 -40.96
C SER B 778 -11.01 -22.20 -40.57
N ILE B 779 -10.31 -23.07 -41.30
CA ILE B 779 -8.90 -23.32 -41.03
C ILE B 779 -8.03 -22.61 -42.06
N ALA B 780 -8.70 -22.00 -43.03
CA ALA B 780 -8.02 -21.28 -44.10
C ALA B 780 -7.48 -19.92 -43.66
N SER B 781 -6.48 -19.43 -44.38
CA SER B 781 -5.87 -18.13 -44.09
C SER B 781 -6.47 -17.12 -45.05
N VAL B 782 -6.33 -15.85 -44.69
CA VAL B 782 -6.86 -14.79 -45.51
C VAL B 782 -5.72 -13.87 -45.93
N SER B 783 -5.94 -13.08 -46.98
CA SER B 783 -4.91 -12.15 -47.44
C SER B 783 -5.42 -11.24 -48.55
N SER B 784 -4.69 -10.15 -48.78
CA SER B 784 -5.03 -9.20 -49.83
C SER B 784 -4.15 -9.52 -51.04
N ALA B 785 -4.78 -9.75 -52.19
CA ALA B 785 -4.03 -10.03 -53.41
C ALA B 785 -3.79 -8.71 -54.14
N ASN B 786 -2.66 -8.06 -53.89
CA ASN B 786 -2.41 -6.76 -54.49
C ASN B 786 -1.70 -6.58 -55.82
N ASN B 787 -0.79 -7.47 -56.19
CA ASN B 787 -0.12 -7.29 -57.48
C ASN B 787 -0.12 -8.58 -58.29
N ILE B 788 -1.28 -9.21 -58.41
CA ILE B 788 -1.40 -10.46 -59.16
C ILE B 788 -0.76 -10.33 -60.53
N ALA B 789 -1.20 -9.34 -61.29
CA ALA B 789 -0.69 -9.09 -62.63
C ALA B 789 0.83 -9.25 -62.79
N LYS B 790 1.59 -8.63 -61.90
CA LYS B 790 3.05 -8.68 -61.96
C LYS B 790 3.69 -10.05 -61.86
N TYR B 791 3.40 -10.76 -60.77
CA TYR B 791 3.99 -12.07 -60.55
C TYR B 791 3.43 -13.17 -61.43
N ASP B 792 2.52 -12.80 -62.33
CA ASP B 792 1.89 -13.78 -63.22
C ASP B 792 2.70 -13.85 -64.52
N VAL B 793 3.53 -14.89 -64.64
CA VAL B 793 4.36 -15.08 -65.82
C VAL B 793 3.99 -16.38 -66.54
N GLY B 794 3.03 -16.28 -67.46
CA GLY B 794 2.59 -17.45 -68.18
C GLY B 794 1.68 -18.28 -67.31
N GLY B 795 1.01 -17.62 -66.36
CA GLY B 795 0.11 -18.29 -65.46
C GLY B 795 0.86 -18.91 -64.30
N PHE B 796 2.18 -18.76 -64.30
CA PHE B 796 3.03 -19.31 -63.25
C PHE B 796 3.74 -18.23 -62.46
N PRO B 797 4.21 -18.56 -61.26
CA PRO B 797 4.91 -17.62 -60.38
C PRO B 797 6.26 -17.12 -60.88
N GLY B 798 6.34 -15.81 -61.09
CA GLY B 798 7.55 -15.18 -61.54
C GLY B 798 8.51 -14.94 -60.38
N PRO B 799 9.55 -14.13 -60.58
CA PRO B 799 10.53 -13.84 -59.53
C PRO B 799 10.02 -13.06 -58.31
N LYS B 800 10.22 -13.65 -57.14
CA LYS B 800 9.82 -13.07 -55.86
C LYS B 800 8.32 -13.18 -55.56
N CYS B 801 7.66 -14.13 -56.20
CA CYS B 801 6.22 -14.30 -56.01
C CYS B 801 5.78 -14.65 -54.60
N PRO B 802 4.91 -13.81 -53.99
CA PRO B 802 4.38 -14.00 -52.64
C PRO B 802 3.51 -15.27 -52.55
N PHE B 803 3.48 -15.88 -51.36
CA PHE B 803 2.72 -17.11 -51.13
C PHE B 803 1.24 -17.06 -51.52
N HIS B 804 0.54 -16.03 -51.10
CA HIS B 804 -0.89 -15.91 -51.41
C HIS B 804 -1.10 -15.63 -52.89
N ILE B 805 -0.18 -14.90 -53.50
CA ILE B 805 -0.29 -14.61 -54.92
C ILE B 805 -0.10 -15.90 -55.69
N ARG B 806 0.84 -16.73 -55.22
CA ARG B 806 1.10 -18.03 -55.84
C ARG B 806 -0.17 -18.88 -55.79
N GLY B 807 -0.87 -18.85 -54.66
CA GLY B 807 -2.09 -19.62 -54.51
C GLY B 807 -3.16 -19.22 -55.50
N ILE B 808 -3.18 -17.94 -55.87
CA ILE B 808 -4.17 -17.43 -56.82
C ILE B 808 -3.80 -17.88 -58.24
N LEU B 809 -2.51 -17.75 -58.58
CA LEU B 809 -2.03 -18.15 -59.90
C LEU B 809 -2.33 -19.63 -60.12
N THR B 810 -2.38 -20.38 -59.03
CA THR B 810 -2.65 -21.82 -59.07
C THR B 810 -4.16 -22.03 -59.25
N TYR B 811 -4.96 -21.12 -58.71
CA TYR B 811 -6.41 -21.18 -58.82
C TYR B 811 -6.88 -20.79 -60.22
N ASN B 812 -6.49 -19.60 -60.67
CA ASN B 812 -6.88 -19.11 -62.00
C ASN B 812 -6.42 -20.09 -63.07
N ARG B 813 -5.41 -20.87 -62.74
CA ARG B 813 -4.86 -21.86 -63.65
C ARG B 813 -5.75 -23.09 -63.64
N ALA B 814 -6.28 -23.43 -62.46
CA ALA B 814 -7.14 -24.59 -62.30
C ALA B 814 -8.57 -24.34 -62.77
N ILE B 815 -8.91 -23.07 -63.01
CA ILE B 815 -10.24 -22.74 -63.49
C ILE B 815 -10.16 -22.18 -64.91
N LYS B 816 -9.04 -22.44 -65.58
CA LYS B 816 -8.87 -21.95 -66.94
C LYS B 816 -9.93 -22.59 -67.84
N GLY B 817 -10.51 -21.78 -68.73
CA GLY B 817 -11.54 -22.30 -69.62
C GLY B 817 -12.91 -22.30 -68.98
N ASN B 818 -12.98 -21.85 -67.73
CA ASN B 818 -14.23 -21.79 -66.99
C ASN B 818 -15.17 -20.78 -67.61
N ILE B 819 -16.41 -21.17 -67.83
CA ILE B 819 -17.40 -20.28 -68.43
C ILE B 819 -17.60 -19.04 -67.57
N ASP B 820 -17.98 -19.24 -66.31
CA ASP B 820 -18.22 -18.10 -65.42
C ASP B 820 -18.07 -18.48 -63.95
N ALA B 821 -16.91 -19.03 -63.59
CA ALA B 821 -16.63 -19.40 -62.21
C ALA B 821 -16.12 -18.19 -61.43
N PRO B 822 -16.14 -18.24 -60.09
CA PRO B 822 -15.67 -17.13 -59.27
C PRO B 822 -14.24 -16.68 -59.59
N GLN B 823 -14.05 -15.38 -59.74
CA GLN B 823 -12.74 -14.81 -60.07
C GLN B 823 -12.09 -14.10 -58.89
N VAL B 824 -10.77 -14.22 -58.79
CA VAL B 824 -10.02 -13.55 -57.72
C VAL B 824 -9.79 -12.14 -58.24
N VAL B 825 -10.24 -11.13 -57.50
CA VAL B 825 -10.11 -9.74 -57.93
C VAL B 825 -8.97 -8.92 -57.31
N GLU B 826 -8.31 -8.16 -58.18
CA GLU B 826 -7.19 -7.31 -57.81
C GLU B 826 -7.48 -6.38 -56.63
N GLY B 827 -6.70 -6.51 -55.56
CA GLY B 827 -6.88 -5.66 -54.40
C GLY B 827 -7.86 -6.20 -53.38
N GLU B 828 -8.60 -7.25 -53.75
CA GLU B 828 -9.58 -7.82 -52.83
C GLU B 828 -8.91 -8.84 -51.93
N LYS B 829 -9.68 -9.67 -51.26
CA LYS B 829 -9.11 -10.67 -50.37
C LYS B 829 -9.32 -12.10 -50.84
N VAL B 830 -8.49 -13.01 -50.35
CA VAL B 830 -8.55 -14.42 -50.72
C VAL B 830 -8.28 -15.40 -49.58
N TYR B 831 -8.82 -16.61 -49.72
CA TYR B 831 -8.60 -17.67 -48.74
C TYR B 831 -7.39 -18.45 -49.27
N VAL B 832 -6.45 -18.77 -48.38
CA VAL B 832 -5.24 -19.49 -48.77
C VAL B 832 -5.10 -20.80 -48.00
N LEU B 833 -4.88 -21.89 -48.75
CA LEU B 833 -4.70 -23.23 -48.17
C LEU B 833 -3.51 -23.93 -48.81
N PRO B 834 -2.74 -24.70 -48.02
CA PRO B 834 -1.58 -25.42 -48.54
C PRO B 834 -1.99 -26.77 -49.18
N LEU B 835 -1.19 -27.23 -50.14
CA LEU B 835 -1.48 -28.49 -50.81
C LEU B 835 -0.32 -29.47 -50.61
N ARG B 836 -0.65 -30.75 -50.40
CA ARG B 836 0.37 -31.77 -50.21
C ARG B 836 1.07 -32.00 -51.56
N GLU B 837 2.37 -32.27 -51.52
CA GLU B 837 3.12 -32.46 -52.76
C GLU B 837 2.52 -33.56 -53.62
N GLY B 838 2.72 -33.43 -54.93
CA GLY B 838 2.19 -34.41 -55.86
C GLY B 838 0.72 -34.22 -56.15
N ASN B 839 0.20 -33.00 -55.96
CA ASN B 839 -1.21 -32.74 -56.21
C ASN B 839 -1.48 -32.34 -57.66
N PRO B 840 -2.75 -32.43 -58.09
CA PRO B 840 -3.22 -32.10 -59.44
C PRO B 840 -3.01 -30.64 -59.86
N PHE B 841 -2.72 -29.78 -58.89
CA PHE B 841 -2.54 -28.36 -59.17
C PHE B 841 -1.10 -27.97 -59.41
N GLY B 842 -0.18 -28.87 -59.10
CA GLY B 842 1.23 -28.61 -59.33
C GLY B 842 1.95 -27.75 -58.31
N ASP B 843 1.26 -26.82 -57.68
CA ASP B 843 1.89 -25.98 -56.69
C ASP B 843 1.66 -26.47 -55.27
N LYS B 844 2.17 -25.72 -54.31
CA LYS B 844 2.05 -26.07 -52.90
C LYS B 844 0.92 -25.34 -52.20
N CYS B 845 0.07 -24.65 -52.94
CA CYS B 845 -1.03 -23.92 -52.32
C CYS B 845 -2.03 -23.36 -53.34
N ILE B 846 -3.26 -23.17 -52.89
CA ILE B 846 -4.33 -22.63 -53.72
C ILE B 846 -5.09 -21.52 -52.99
N ALA B 847 -5.47 -20.50 -53.72
CA ALA B 847 -6.22 -19.38 -53.15
C ALA B 847 -7.50 -19.17 -53.95
N TRP B 848 -8.52 -18.60 -53.31
CA TRP B 848 -9.78 -18.34 -54.00
C TRP B 848 -10.46 -17.15 -53.31
N PRO B 849 -11.54 -16.60 -53.90
CA PRO B 849 -12.24 -15.46 -53.29
C PRO B 849 -12.69 -15.66 -51.85
N SER B 850 -12.24 -14.78 -50.96
CA SER B 850 -12.59 -14.87 -49.55
C SER B 850 -14.06 -14.52 -49.32
N GLY B 851 -14.56 -14.88 -48.14
CA GLY B 851 -15.95 -14.61 -47.81
C GLY B 851 -16.90 -15.41 -48.68
N THR B 852 -16.36 -16.41 -49.38
CA THR B 852 -17.15 -17.27 -50.27
C THR B 852 -16.63 -18.70 -50.17
N GLU B 853 -17.31 -19.62 -50.83
CA GLU B 853 -16.91 -21.03 -50.84
C GLU B 853 -16.28 -21.34 -52.19
N ILE B 854 -15.10 -21.93 -52.17
CA ILE B 854 -14.40 -22.25 -53.40
C ILE B 854 -15.29 -23.05 -54.35
N THR B 855 -15.45 -22.55 -55.57
CA THR B 855 -16.28 -23.19 -56.59
C THR B 855 -16.15 -24.71 -56.55
N ASP B 856 -17.28 -25.41 -56.69
CA ASP B 856 -17.29 -26.88 -56.65
C ASP B 856 -16.45 -27.58 -57.69
N LEU B 857 -15.90 -26.82 -58.64
CA LEU B 857 -15.07 -27.39 -59.70
C LEU B 857 -13.77 -28.01 -59.18
N ILE B 858 -13.23 -27.43 -58.12
CA ILE B 858 -12.00 -27.94 -57.53
C ILE B 858 -12.20 -28.04 -56.03
N LYS B 859 -13.46 -27.99 -55.59
CA LYS B 859 -13.78 -28.06 -54.17
C LYS B 859 -13.36 -29.36 -53.50
N ASP B 860 -13.73 -30.47 -54.11
CA ASP B 860 -13.41 -31.77 -53.55
C ASP B 860 -12.00 -32.26 -53.89
N ASP B 861 -11.25 -31.46 -54.63
CA ASP B 861 -9.88 -31.82 -54.98
C ASP B 861 -8.89 -31.06 -54.10
N VAL B 862 -9.36 -29.94 -53.53
CA VAL B 862 -8.54 -29.16 -52.64
C VAL B 862 -8.82 -29.75 -51.27
N LEU B 863 -10.07 -30.17 -51.09
CA LEU B 863 -10.54 -30.77 -49.85
C LEU B 863 -9.79 -32.08 -49.55
N HIS B 864 -9.25 -32.72 -50.59
CA HIS B 864 -8.54 -33.97 -50.40
C HIS B 864 -7.01 -33.84 -50.49
N TRP B 865 -6.54 -32.71 -51.00
CA TRP B 865 -5.09 -32.51 -51.13
C TRP B 865 -4.54 -31.45 -50.18
N MET B 866 -5.40 -30.68 -49.54
CA MET B 866 -4.93 -29.65 -48.62
C MET B 866 -4.07 -30.26 -47.52
N ASP B 867 -2.85 -29.74 -47.39
CA ASP B 867 -1.90 -30.21 -46.40
C ASP B 867 -2.27 -29.80 -44.98
N TYR B 868 -2.77 -30.76 -44.21
CA TYR B 868 -3.17 -30.50 -42.84
C TYR B 868 -1.99 -30.33 -41.89
N THR B 869 -1.06 -31.27 -41.95
CA THR B 869 0.11 -31.23 -41.08
C THR B 869 0.80 -29.87 -41.17
N VAL B 870 0.91 -29.35 -42.39
CA VAL B 870 1.54 -28.06 -42.64
C VAL B 870 0.62 -26.92 -42.21
N LEU B 871 -0.67 -27.11 -42.44
CA LEU B 871 -1.66 -26.09 -42.09
C LEU B 871 -1.64 -25.80 -40.59
N LEU B 872 -1.58 -26.84 -39.77
CA LEU B 872 -1.55 -26.71 -38.31
C LEU B 872 -0.24 -26.09 -37.80
N GLU B 873 0.87 -26.53 -38.38
CA GLU B 873 2.20 -26.04 -38.01
C GLU B 873 2.35 -24.55 -38.28
N LYS B 874 1.97 -24.12 -39.49
CA LYS B 874 2.07 -22.73 -39.88
C LYS B 874 1.12 -21.81 -39.13
N THR B 875 -0.16 -22.11 -39.23
CA THR B 875 -1.20 -21.29 -38.59
C THR B 875 -1.35 -21.44 -37.08
N PHE B 876 -1.21 -22.66 -36.57
CA PHE B 876 -1.39 -22.86 -35.13
C PHE B 876 -0.15 -23.10 -34.28
N ILE B 877 0.65 -24.09 -34.65
CA ILE B 877 1.84 -24.43 -33.86
C ILE B 877 2.89 -23.31 -33.77
N LYS B 878 3.39 -22.84 -34.90
CA LYS B 878 4.41 -21.79 -34.87
C LYS B 878 3.94 -20.65 -33.94
N PRO B 879 2.79 -20.03 -34.25
CA PRO B 879 2.29 -18.95 -33.39
C PRO B 879 2.25 -19.29 -31.90
N LEU B 880 1.68 -20.44 -31.56
CA LEU B 880 1.60 -20.86 -30.16
C LEU B 880 3.00 -21.01 -29.51
N GLU B 881 3.95 -21.59 -30.24
CA GLU B 881 5.30 -21.77 -29.71
C GLU B 881 5.83 -20.39 -29.34
N GLY B 882 5.52 -19.40 -30.19
CA GLY B 882 5.92 -18.03 -29.93
C GLY B 882 5.41 -17.58 -28.58
N PHE B 883 4.10 -17.74 -28.34
CA PHE B 883 3.51 -17.35 -27.05
C PHE B 883 4.23 -18.06 -25.91
N THR B 884 4.22 -19.40 -25.98
CA THR B 884 4.82 -20.26 -24.96
C THR B 884 6.27 -19.94 -24.67
N SER B 885 7.10 -19.92 -25.71
CA SER B 885 8.51 -19.59 -25.52
C SER B 885 8.66 -18.27 -24.77
N ALA B 886 7.90 -17.28 -25.20
CA ALA B 886 7.92 -15.97 -24.56
C ALA B 886 7.43 -16.11 -23.13
N ALA B 887 6.37 -16.88 -22.96
CA ALA B 887 5.79 -17.09 -21.63
C ALA B 887 6.58 -18.09 -20.77
N LYS B 888 7.47 -18.86 -21.39
CA LYS B 888 8.24 -19.87 -20.68
C LYS B 888 7.29 -20.99 -20.19
N LEU B 889 6.60 -21.61 -21.14
CA LEU B 889 5.64 -22.69 -20.87
C LEU B 889 5.66 -23.66 -22.05
N ASP B 890 5.13 -24.86 -21.86
CA ASP B 890 5.13 -25.85 -22.93
C ASP B 890 3.76 -26.39 -23.20
N TYR B 891 3.36 -26.45 -24.46
CA TYR B 891 2.06 -27.00 -24.82
C TYR B 891 2.17 -28.52 -24.86
N GLU B 892 3.41 -29.00 -24.83
CA GLU B 892 3.72 -30.41 -24.82
C GLU B 892 4.66 -30.64 -23.66
N LYS B 893 4.35 -31.60 -22.80
CA LYS B 893 5.22 -31.86 -21.67
C LYS B 893 6.42 -32.71 -22.10
N LYS B 894 7.59 -32.34 -21.61
CA LYS B 894 8.83 -33.06 -21.92
C LYS B 894 9.90 -32.68 -20.90
N ALA B 895 10.72 -33.66 -20.52
CA ALA B 895 11.79 -33.44 -19.56
C ALA B 895 13.01 -32.90 -20.31
N SER B 896 13.00 -31.60 -20.57
CA SER B 896 14.07 -30.96 -21.31
C SER B 896 14.11 -29.44 -21.14
N LEU B 897 14.42 -28.99 -19.92
CA LEU B 897 14.49 -27.56 -19.64
C LEU B 897 15.53 -26.90 -20.53
N PHE B 898 16.53 -27.68 -20.94
CA PHE B 898 17.59 -27.17 -21.78
C PHE B 898 17.16 -26.75 -23.18
N ASP B 899 15.93 -27.09 -23.55
CA ASP B 899 15.38 -26.74 -24.86
C ASP B 899 15.17 -25.24 -24.96
N MET B 900 14.98 -24.62 -23.81
CA MET B 900 14.74 -23.18 -23.73
C MET B 900 15.96 -22.35 -24.09
N PHE B 901 17.15 -22.90 -23.86
CA PHE B 901 18.37 -22.18 -24.19
C PHE B 901 18.63 -22.20 -25.68
N ASP B 902 19.68 -21.48 -26.09
CA ASP B 902 20.04 -21.39 -27.49
C ASP B 902 21.46 -21.92 -27.72
N PHE B 903 21.61 -23.23 -27.54
CA PHE B 903 22.90 -23.90 -27.73
C PHE B 903 23.25 -23.95 -29.21
N MET C 1 -32.09 -56.35 7.53
CA MET C 1 -32.59 -54.95 7.67
C MET C 1 -31.74 -53.99 6.85
N LYS C 2 -32.39 -53.24 5.97
CA LYS C 2 -31.68 -52.26 5.15
C LYS C 2 -31.22 -51.20 6.14
N GLU C 3 -29.98 -50.74 6.03
CA GLU C 3 -29.50 -49.71 6.95
C GLU C 3 -29.73 -48.29 6.48
N PHE C 4 -30.05 -47.41 7.42
CA PHE C 4 -30.30 -46.00 7.14
C PHE C 4 -29.40 -45.14 8.01
N TYR C 5 -29.20 -43.89 7.62
CA TYR C 5 -28.36 -42.99 8.38
C TYR C 5 -29.18 -42.25 9.44
N LEU C 6 -28.47 -41.55 10.32
CA LEU C 6 -29.12 -40.78 11.37
C LEU C 6 -28.81 -39.31 11.24
N THR C 7 -27.53 -38.99 11.17
CA THR C 7 -27.09 -37.63 11.04
C THR C 7 -25.80 -37.66 10.24
N VAL C 8 -25.60 -36.67 9.38
CA VAL C 8 -24.37 -36.62 8.61
C VAL C 8 -23.76 -35.24 8.71
N GLU C 9 -22.47 -35.18 8.96
CA GLU C 9 -21.77 -33.91 9.09
C GLU C 9 -20.52 -33.89 8.24
N GLN C 10 -20.03 -32.69 7.97
CA GLN C 10 -18.82 -32.55 7.20
C GLN C 10 -17.86 -31.64 7.94
N ILE C 11 -16.66 -32.16 8.20
CA ILE C 11 -15.63 -31.40 8.90
C ILE C 11 -14.32 -31.75 8.21
N GLY C 12 -13.64 -30.73 7.69
CA GLY C 12 -12.39 -30.99 7.01
C GLY C 12 -12.71 -31.82 5.77
N ASP C 13 -11.83 -32.75 5.41
CA ASP C 13 -12.06 -33.55 4.23
C ASP C 13 -12.76 -34.85 4.52
N SER C 14 -13.35 -34.95 5.70
CA SER C 14 -14.06 -36.17 6.06
C SER C 14 -15.48 -35.95 6.57
N ILE C 15 -16.37 -36.85 6.18
CA ILE C 15 -17.75 -36.82 6.60
C ILE C 15 -17.86 -37.71 7.83
N PHE C 16 -18.70 -37.32 8.78
CA PHE C 16 -18.94 -38.10 9.99
C PHE C 16 -20.39 -38.56 9.96
N GLU C 17 -20.60 -39.85 9.95
CA GLU C 17 -21.95 -40.35 9.87
C GLU C 17 -22.40 -41.23 11.03
N ARG C 18 -23.51 -40.85 11.66
CA ARG C 18 -24.06 -41.67 12.73
C ARG C 18 -25.16 -42.41 12.00
N TYR C 19 -25.02 -43.72 11.86
CA TYR C 19 -26.03 -44.50 11.16
C TYR C 19 -26.43 -45.75 11.94
N ILE C 20 -27.42 -46.46 11.42
CA ILE C 20 -27.89 -47.70 12.01
C ILE C 20 -27.64 -48.82 10.99
N ASP C 21 -26.84 -49.83 11.37
CA ASP C 21 -26.48 -50.93 10.45
C ASP C 21 -27.53 -52.00 10.15
N SER C 22 -27.09 -53.08 9.51
CA SER C 22 -27.98 -54.19 9.17
C SER C 22 -28.58 -54.87 10.38
N ASN C 23 -27.84 -54.89 11.49
CA ASN C 23 -28.30 -55.50 12.75
C ASN C 23 -29.11 -54.53 13.61
N GLY C 24 -29.40 -53.35 13.07
CA GLY C 24 -30.15 -52.37 13.83
C GLY C 24 -29.34 -51.74 14.95
N ARG C 25 -28.02 -51.82 14.86
CA ARG C 25 -27.16 -51.25 15.89
C ARG C 25 -26.68 -49.85 15.48
N GLU C 26 -26.49 -48.95 16.43
CA GLU C 26 -26.02 -47.62 16.10
C GLU C 26 -24.51 -47.54 16.06
N ARG C 27 -23.99 -47.17 14.89
CA ARG C 27 -22.55 -47.04 14.67
C ARG C 27 -22.24 -45.59 14.33
N THR C 28 -20.96 -45.28 14.22
CA THR C 28 -20.50 -43.94 13.89
C THR C 28 -19.15 -44.02 13.18
N ARG C 29 -19.14 -43.74 11.89
CA ARG C 29 -17.91 -43.80 11.11
C ARG C 29 -17.44 -42.46 10.57
N GLU C 30 -16.17 -42.40 10.19
CA GLU C 30 -15.58 -41.20 9.61
C GLU C 30 -15.15 -41.62 8.22
N VAL C 31 -15.53 -40.86 7.20
CA VAL C 31 -15.17 -41.23 5.84
C VAL C 31 -14.59 -40.10 5.02
N GLU C 32 -13.49 -40.40 4.33
CA GLU C 32 -12.84 -39.43 3.47
C GLU C 32 -13.59 -39.53 2.15
N TYR C 33 -14.71 -38.82 2.08
CA TYR C 33 -15.53 -38.86 0.88
C TYR C 33 -14.77 -38.25 -0.28
N LYS C 34 -14.88 -38.90 -1.43
CA LYS C 34 -14.24 -38.41 -2.63
C LYS C 34 -15.34 -37.87 -3.53
N PRO C 35 -15.72 -36.60 -3.31
CA PRO C 35 -16.77 -35.99 -4.12
C PRO C 35 -16.32 -35.94 -5.55
N SER C 36 -17.30 -35.97 -6.43
CA SER C 36 -17.05 -35.94 -7.86
C SER C 36 -17.90 -34.81 -8.44
N LEU C 37 -17.28 -33.90 -9.22
CA LEU C 37 -18.01 -32.80 -9.83
C LEU C 37 -17.98 -32.95 -11.34
N PHE C 38 -18.64 -32.05 -12.05
CA PHE C 38 -18.67 -32.14 -13.50
C PHE C 38 -18.33 -30.83 -14.22
N ALA C 39 -17.98 -30.97 -15.50
CA ALA C 39 -17.64 -29.83 -16.33
C ALA C 39 -18.11 -30.15 -17.74
N HIS C 40 -18.45 -29.13 -18.51
CA HIS C 40 -18.88 -29.37 -19.88
C HIS C 40 -17.65 -29.80 -20.66
N CYS C 41 -17.81 -30.79 -21.54
CA CYS C 41 -16.68 -31.25 -22.33
C CYS C 41 -17.05 -31.29 -23.81
N PRO C 42 -16.04 -31.16 -24.69
CA PRO C 42 -16.25 -31.18 -26.13
C PRO C 42 -16.85 -32.47 -26.63
N GLU C 43 -17.79 -32.34 -27.56
CA GLU C 43 -18.46 -33.49 -28.16
C GLU C 43 -17.53 -34.68 -28.34
N SER C 44 -16.27 -34.40 -28.66
CA SER C 44 -15.28 -35.44 -28.87
C SER C 44 -15.12 -36.42 -27.68
N GLN C 45 -15.00 -35.88 -26.47
CA GLN C 45 -14.83 -36.69 -25.26
C GLN C 45 -16.14 -37.23 -24.71
N ALA C 46 -16.72 -38.21 -25.40
CA ALA C 46 -17.98 -38.81 -24.96
C ALA C 46 -17.93 -39.33 -23.52
N THR C 47 -19.11 -39.62 -22.99
CA THR C 47 -19.29 -40.15 -21.63
C THR C 47 -20.76 -40.54 -21.53
N LYS C 48 -21.20 -40.78 -20.30
CA LYS C 48 -22.59 -41.13 -20.06
C LYS C 48 -23.25 -39.99 -19.30
N TYR C 49 -22.49 -38.93 -19.04
CA TYR C 49 -23.00 -37.79 -18.31
C TYR C 49 -23.43 -36.60 -19.16
N PHE C 50 -24.65 -36.13 -18.91
CA PHE C 50 -25.22 -35.01 -19.64
C PHE C 50 -25.98 -34.13 -18.68
N ASP C 51 -25.88 -32.82 -18.83
CA ASP C 51 -26.61 -31.90 -17.98
C ASP C 51 -28.10 -31.96 -18.38
N ILE C 52 -28.94 -31.20 -17.69
CA ILE C 52 -30.37 -31.23 -18.01
C ILE C 52 -30.64 -30.73 -19.41
N TYR C 53 -29.69 -29.97 -19.95
CA TYR C 53 -29.83 -29.42 -21.28
C TYR C 53 -29.46 -30.40 -22.40
N GLY C 54 -28.78 -31.49 -22.06
CA GLY C 54 -28.41 -32.47 -23.08
C GLY C 54 -26.95 -32.37 -23.53
N LYS C 55 -26.21 -31.43 -22.93
CA LYS C 55 -24.81 -31.17 -23.21
C LYS C 55 -23.91 -32.14 -22.44
N PRO C 56 -23.03 -32.88 -23.14
CA PRO C 56 -22.13 -33.84 -22.47
C PRO C 56 -21.21 -33.17 -21.43
N CYS C 57 -20.87 -33.94 -20.39
CA CYS C 57 -20.01 -33.44 -19.31
C CYS C 57 -18.93 -34.46 -18.96
N THR C 58 -17.86 -33.94 -18.39
CA THR C 58 -16.74 -34.76 -17.96
C THR C 58 -16.80 -34.83 -16.44
N ARG C 59 -16.56 -36.01 -15.88
CA ARG C 59 -16.59 -36.17 -14.42
C ARG C 59 -15.20 -35.99 -13.82
N LYS C 60 -15.09 -35.21 -12.75
CA LYS C 60 -13.81 -34.99 -12.11
C LYS C 60 -13.84 -35.46 -10.67
N LEU C 61 -13.15 -36.56 -10.41
CA LEU C 61 -13.07 -37.15 -9.08
C LEU C 61 -11.97 -36.42 -8.30
N PHE C 62 -12.22 -36.10 -7.05
CA PHE C 62 -11.21 -35.40 -6.27
C PHE C 62 -10.57 -36.27 -5.20
N ALA C 63 -9.44 -35.81 -4.68
CA ALA C 63 -8.75 -36.57 -3.65
C ALA C 63 -9.53 -36.39 -2.38
N ASN C 64 -9.93 -35.16 -2.11
CA ASN C 64 -10.69 -34.88 -0.92
C ASN C 64 -11.76 -33.84 -1.23
N MET C 65 -12.46 -33.39 -0.20
CA MET C 65 -13.52 -32.41 -0.42
C MET C 65 -13.05 -30.97 -0.52
N ARG C 66 -12.03 -30.59 0.25
CA ARG C 66 -11.56 -29.22 0.16
C ARG C 66 -11.04 -28.94 -1.25
N ASP C 67 -10.56 -29.97 -1.94
CA ASP C 67 -10.07 -29.80 -3.29
C ASP C 67 -11.17 -29.58 -4.29
N ALA C 68 -12.34 -30.17 -4.04
CA ALA C 68 -13.46 -30.02 -4.95
C ALA C 68 -14.10 -28.65 -4.82
N SER C 69 -14.18 -28.16 -3.58
CA SER C 69 -14.77 -26.86 -3.32
C SER C 69 -13.91 -25.74 -3.89
N GLN C 70 -12.59 -25.90 -3.79
CA GLN C 70 -11.65 -24.93 -4.33
C GLN C 70 -11.86 -24.87 -5.84
N TRP C 71 -11.87 -26.04 -6.46
CA TRP C 71 -12.07 -26.16 -7.90
C TRP C 71 -13.34 -25.42 -8.31
N ILE C 72 -14.30 -25.28 -7.39
CA ILE C 72 -15.53 -24.56 -7.71
C ILE C 72 -15.25 -23.05 -7.69
N LYS C 73 -14.56 -22.60 -6.66
CA LYS C 73 -14.24 -21.20 -6.54
C LYS C 73 -13.51 -20.76 -7.81
N ARG C 74 -12.47 -21.50 -8.15
CA ARG C 74 -11.69 -21.22 -9.34
C ARG C 74 -12.61 -21.19 -10.55
N MET C 75 -13.38 -22.25 -10.71
CA MET C 75 -14.30 -22.35 -11.84
C MET C 75 -15.24 -21.17 -11.93
N GLU C 76 -15.72 -20.67 -10.81
CA GLU C 76 -16.65 -19.57 -10.87
C GLU C 76 -15.94 -18.24 -10.95
N ASP C 77 -14.74 -18.19 -10.39
CA ASP C 77 -13.93 -16.96 -10.41
C ASP C 77 -13.60 -16.56 -11.84
N ILE C 78 -13.60 -17.53 -12.76
CA ILE C 78 -13.31 -17.25 -14.15
C ILE C 78 -14.45 -17.55 -15.10
N GLY C 79 -15.67 -17.50 -14.59
CA GLY C 79 -16.82 -17.74 -15.44
C GLY C 79 -17.20 -19.12 -15.91
N LEU C 80 -16.34 -20.12 -15.76
CA LEU C 80 -16.73 -21.46 -16.21
C LEU C 80 -17.70 -22.15 -15.22
N GLU C 81 -18.73 -22.79 -15.76
CA GLU C 81 -19.72 -23.47 -14.92
C GLU C 81 -19.22 -24.76 -14.26
N ALA C 82 -19.54 -24.94 -12.99
CA ALA C 82 -19.16 -26.11 -12.21
C ALA C 82 -20.41 -26.94 -11.87
N LEU C 83 -20.68 -27.94 -12.69
CA LEU C 83 -21.85 -28.79 -12.49
C LEU C 83 -21.68 -29.76 -11.32
N GLY C 84 -22.80 -30.33 -10.87
CA GLY C 84 -22.78 -31.29 -9.77
C GLY C 84 -23.24 -30.81 -8.41
N MET C 85 -23.62 -31.75 -7.55
CA MET C 85 -24.09 -31.43 -6.20
C MET C 85 -22.96 -30.85 -5.36
N ASP C 86 -22.96 -29.53 -5.21
CA ASP C 86 -21.92 -28.84 -4.47
C ASP C 86 -21.95 -29.10 -2.97
N ASP C 87 -23.08 -29.60 -2.47
CA ASP C 87 -23.22 -29.95 -1.05
C ASP C 87 -22.78 -31.41 -0.95
N PHE C 88 -21.65 -31.64 -0.30
CA PHE C 88 -21.11 -32.99 -0.23
C PHE C 88 -21.87 -33.97 0.64
N LYS C 89 -22.53 -33.48 1.68
CA LYS C 89 -23.31 -34.36 2.53
C LYS C 89 -24.42 -35.00 1.67
N LEU C 90 -25.16 -34.17 0.94
CA LEU C 90 -26.25 -34.65 0.08
C LEU C 90 -25.78 -35.68 -0.91
N ALA C 91 -24.53 -35.56 -1.31
CA ALA C 91 -23.93 -36.46 -2.28
C ALA C 91 -23.46 -37.74 -1.60
N TYR C 92 -22.88 -37.60 -0.40
CA TYR C 92 -22.43 -38.74 0.35
C TYR C 92 -23.65 -39.60 0.64
N LEU C 93 -24.70 -38.94 1.13
CA LEU C 93 -25.93 -39.62 1.47
C LEU C 93 -26.53 -40.33 0.28
N SER C 94 -26.62 -39.65 -0.85
CA SER C 94 -27.20 -40.25 -2.04
C SER C 94 -26.35 -41.40 -2.52
N ASP C 95 -25.05 -41.28 -2.29
CA ASP C 95 -24.12 -42.33 -2.71
C ASP C 95 -24.29 -43.54 -1.80
N THR C 96 -24.06 -43.32 -0.52
CA THR C 96 -24.14 -44.36 0.50
C THR C 96 -25.51 -45.00 0.65
N TYR C 97 -26.56 -44.39 0.12
CA TYR C 97 -27.91 -44.96 0.22
C TYR C 97 -28.67 -44.83 -1.08
N ASN C 98 -28.17 -45.41 -2.15
CA ASN C 98 -28.86 -45.28 -3.40
C ASN C 98 -29.96 -46.33 -3.53
N TYR C 99 -31.00 -46.14 -2.73
CA TYR C 99 -32.15 -47.02 -2.73
C TYR C 99 -33.15 -46.39 -1.79
N GLU C 100 -34.44 -46.65 -2.03
CA GLU C 100 -35.50 -46.10 -1.18
C GLU C 100 -35.28 -46.53 0.27
N ILE C 101 -35.01 -45.56 1.13
CA ILE C 101 -34.77 -45.84 2.53
C ILE C 101 -36.01 -46.25 3.31
N LYS C 102 -35.79 -47.12 4.28
CA LYS C 102 -36.84 -47.60 5.18
C LYS C 102 -36.18 -47.37 6.52
N TYR C 103 -36.86 -46.65 7.40
CA TYR C 103 -36.31 -46.37 8.72
C TYR C 103 -37.20 -46.93 9.80
N ASP C 104 -36.57 -47.25 10.92
CA ASP C 104 -37.23 -47.80 12.09
C ASP C 104 -37.13 -46.77 13.22
N HIS C 105 -38.14 -45.91 13.34
CA HIS C 105 -38.13 -44.86 14.35
C HIS C 105 -37.80 -45.41 15.73
N THR C 106 -38.05 -46.69 15.90
CA THR C 106 -37.77 -47.39 17.15
C THR C 106 -36.30 -47.32 17.52
N LYS C 107 -35.45 -47.34 16.50
CA LYS C 107 -34.00 -47.30 16.70
C LYS C 107 -33.42 -45.89 16.78
N ILE C 108 -34.23 -44.87 16.47
CA ILE C 108 -33.77 -43.48 16.48
C ILE C 108 -33.94 -42.82 17.84
N ARG C 109 -32.84 -42.42 18.45
CA ARG C 109 -32.92 -41.80 19.76
C ARG C 109 -33.42 -40.37 19.63
N VAL C 110 -34.61 -40.12 20.15
CA VAL C 110 -35.20 -38.81 20.10
C VAL C 110 -35.29 -38.17 21.51
N ALA C 111 -34.29 -37.35 21.82
CA ALA C 111 -34.23 -36.67 23.12
C ALA C 111 -35.16 -35.48 23.15
N ASN C 112 -35.84 -35.35 24.28
CA ASN C 112 -36.80 -34.30 24.51
C ASN C 112 -36.45 -33.80 25.91
N PHE C 113 -35.96 -32.57 26.05
CA PHE C 113 -35.59 -32.11 27.38
C PHE C 113 -35.90 -30.66 27.70
N ASP C 114 -35.71 -30.32 28.97
CA ASP C 114 -35.97 -28.97 29.46
C ASP C 114 -35.23 -28.68 30.77
N ILE C 115 -34.68 -27.48 30.89
CA ILE C 115 -33.96 -27.11 32.10
C ILE C 115 -34.69 -26.04 32.91
N GLU C 116 -34.12 -25.70 34.05
CA GLU C 116 -34.69 -24.71 34.95
C GLU C 116 -33.53 -23.92 35.52
N VAL C 117 -33.71 -22.62 35.62
CA VAL C 117 -32.67 -21.75 36.13
C VAL C 117 -33.26 -20.63 36.97
N THR C 118 -33.05 -20.70 38.29
CA THR C 118 -33.55 -19.67 39.17
C THR C 118 -32.72 -18.43 38.94
N SER C 119 -33.40 -17.31 38.72
CA SER C 119 -32.73 -16.05 38.46
C SER C 119 -33.43 -14.90 39.16
N PRO C 120 -32.75 -14.29 40.15
CA PRO C 120 -33.33 -13.18 40.91
C PRO C 120 -33.22 -11.86 40.15
N ASP C 121 -32.67 -11.89 38.94
CA ASP C 121 -32.53 -10.66 38.16
C ASP C 121 -33.21 -10.78 36.79
N GLY C 122 -34.38 -11.40 36.77
CA GLY C 122 -35.12 -11.55 35.53
C GLY C 122 -34.73 -12.75 34.70
N PHE C 123 -34.90 -12.63 33.39
CA PHE C 123 -34.56 -13.72 32.48
C PHE C 123 -33.04 -13.86 32.37
N PRO C 124 -32.55 -15.10 32.41
CA PRO C 124 -31.14 -15.46 32.33
C PRO C 124 -30.59 -15.61 30.91
N GLU C 125 -30.03 -14.55 30.36
CA GLU C 125 -29.47 -14.63 29.02
C GLU C 125 -28.48 -15.76 28.91
N PRO C 126 -28.77 -16.75 28.06
CA PRO C 126 -27.91 -17.92 27.85
C PRO C 126 -26.62 -17.51 27.14
N SER C 127 -26.62 -16.31 26.59
CA SER C 127 -25.44 -15.80 25.90
C SER C 127 -24.31 -15.76 26.92
N GLN C 128 -24.68 -15.67 28.20
CA GLN C 128 -23.69 -15.62 29.27
C GLN C 128 -23.96 -16.65 30.37
N ALA C 129 -25.22 -17.06 30.52
CA ALA C 129 -25.62 -18.06 31.51
C ALA C 129 -24.90 -17.84 32.83
N LYS C 130 -25.18 -16.73 33.49
CA LYS C 130 -24.56 -16.38 34.76
C LYS C 130 -25.21 -16.97 36.01
N HIS C 131 -25.98 -18.05 35.85
CA HIS C 131 -26.62 -18.67 37.01
C HIS C 131 -26.57 -20.18 36.89
N PRO C 132 -26.67 -20.89 38.04
CA PRO C 132 -26.63 -22.35 38.04
C PRO C 132 -27.86 -23.07 37.54
N ILE C 133 -27.63 -24.06 36.68
CA ILE C 133 -28.69 -24.87 36.16
C ILE C 133 -29.17 -25.71 37.35
N ASP C 134 -30.33 -25.37 37.92
CA ASP C 134 -30.83 -26.13 39.07
C ASP C 134 -31.88 -27.22 38.85
N ALA C 135 -32.02 -27.66 37.60
CA ALA C 135 -32.98 -28.70 37.28
C ALA C 135 -33.01 -29.05 35.81
N ILE C 136 -33.12 -30.35 35.52
CA ILE C 136 -33.13 -30.83 34.13
C ILE C 136 -33.93 -32.11 33.94
N THR C 137 -34.98 -32.06 33.14
CA THR C 137 -35.73 -33.28 32.86
C THR C 137 -35.33 -33.59 31.42
N HIS C 138 -35.05 -34.86 31.12
CA HIS C 138 -34.61 -35.24 29.78
C HIS C 138 -35.12 -36.62 29.38
N TYR C 139 -36.23 -36.64 28.66
CA TYR C 139 -36.85 -37.89 28.23
C TYR C 139 -36.21 -38.54 27.00
N ASP C 140 -35.75 -39.78 27.16
CA ASP C 140 -35.13 -40.54 26.08
C ASP C 140 -36.19 -41.45 25.43
N SER C 141 -36.46 -41.23 24.15
CA SER C 141 -37.47 -42.04 23.46
C SER C 141 -37.16 -43.53 23.49
N ILE C 142 -35.88 -43.88 23.46
CA ILE C 142 -35.46 -45.28 23.45
C ILE C 142 -35.75 -45.99 24.79
N ASP C 143 -35.40 -45.36 25.90
CA ASP C 143 -35.66 -45.95 27.20
C ASP C 143 -37.09 -45.64 27.66
N ASP C 144 -37.73 -44.67 27.01
CA ASP C 144 -39.08 -44.27 27.36
C ASP C 144 -39.10 -43.84 28.81
N ARG C 145 -38.01 -43.26 29.27
CA ARG C 145 -37.90 -42.80 30.65
C ARG C 145 -37.59 -41.31 30.67
N PHE C 146 -37.96 -40.64 31.77
CA PHE C 146 -37.67 -39.23 31.96
C PHE C 146 -36.53 -39.23 32.96
N TYR C 147 -35.46 -38.49 32.68
CA TYR C 147 -34.35 -38.46 33.61
C TYR C 147 -34.25 -37.09 34.24
N VAL C 148 -34.66 -37.00 35.50
CA VAL C 148 -34.63 -35.74 36.26
C VAL C 148 -33.32 -35.57 37.01
N PHE C 149 -32.75 -34.37 36.96
CA PHE C 149 -31.49 -34.10 37.63
C PHE C 149 -31.63 -32.90 38.56
N ASP C 150 -32.14 -33.16 39.77
CA ASP C 150 -32.36 -32.10 40.76
C ASP C 150 -31.09 -31.55 41.43
N LEU C 151 -31.15 -30.28 41.81
CA LEU C 151 -30.03 -29.63 42.47
C LEU C 151 -30.50 -29.31 43.88
N LEU C 152 -30.07 -30.14 44.83
CA LEU C 152 -30.47 -29.97 46.24
C LEU C 152 -29.85 -28.76 46.93
N ASN C 153 -28.66 -28.36 46.49
CA ASN C 153 -27.99 -27.20 47.09
C ASN C 153 -27.53 -26.25 46.02
N SER C 154 -27.91 -24.98 46.18
CA SER C 154 -27.55 -23.96 45.21
C SER C 154 -27.29 -22.61 45.86
N PRO C 155 -26.46 -21.78 45.22
CA PRO C 155 -26.15 -20.46 45.75
C PRO C 155 -27.42 -19.62 45.93
N TYR C 156 -28.57 -20.25 45.77
CA TYR C 156 -29.86 -19.58 45.91
C TYR C 156 -30.81 -20.40 46.76
N GLY C 157 -30.28 -21.41 47.43
CA GLY C 157 -31.11 -22.25 48.27
C GLY C 157 -30.57 -23.64 48.48
N ASN C 158 -30.86 -24.21 49.65
CA ASN C 158 -30.43 -25.55 49.99
C ASN C 158 -31.66 -26.36 50.36
N VAL C 159 -32.35 -26.87 49.35
CA VAL C 159 -33.56 -27.66 49.56
C VAL C 159 -33.24 -29.16 49.54
N GLU C 160 -34.26 -29.97 49.78
CA GLU C 160 -34.08 -31.42 49.78
C GLU C 160 -34.78 -32.10 48.61
N GLU C 161 -34.57 -33.41 48.52
CA GLU C 161 -35.14 -34.23 47.45
C GLU C 161 -36.57 -33.96 47.07
N TRP C 162 -36.95 -34.46 45.90
CA TRP C 162 -38.29 -34.30 45.34
C TRP C 162 -39.15 -35.54 45.65
N SER C 163 -40.33 -35.33 46.20
CA SER C 163 -41.21 -36.44 46.52
C SER C 163 -42.05 -36.91 45.35
N ILE C 164 -41.73 -38.09 44.82
CA ILE C 164 -42.50 -38.61 43.70
C ILE C 164 -43.88 -39.03 44.16
N GLU C 165 -43.98 -39.44 45.43
CA GLU C 165 -45.26 -39.86 45.99
C GLU C 165 -46.20 -38.66 46.10
N ILE C 166 -45.64 -37.53 46.53
CA ILE C 166 -46.42 -36.30 46.68
C ILE C 166 -46.80 -35.70 45.33
N ALA C 167 -45.87 -35.76 44.38
CA ALA C 167 -46.10 -35.22 43.05
C ALA C 167 -47.32 -35.87 42.38
N ALA C 168 -47.63 -37.11 42.76
CA ALA C 168 -48.75 -37.84 42.17
C ALA C 168 -50.13 -37.51 42.74
N LYS C 169 -50.17 -37.09 44.00
CA LYS C 169 -51.44 -36.77 44.66
C LYS C 169 -52.20 -35.64 43.99
N LEU C 170 -53.51 -35.57 44.20
CA LEU C 170 -54.32 -34.50 43.62
C LEU C 170 -53.88 -33.22 44.28
N GLN C 171 -54.34 -32.08 43.76
CA GLN C 171 -53.94 -30.79 44.32
C GLN C 171 -54.54 -30.49 45.69
N GLU C 172 -55.86 -30.58 45.85
CA GLU C 172 -56.48 -30.30 47.15
C GLU C 172 -55.97 -31.17 48.30
N GLN C 173 -54.94 -31.97 48.03
CA GLN C 173 -54.36 -32.81 49.06
C GLN C 173 -52.85 -32.59 49.07
N GLY C 174 -52.44 -31.46 48.49
CA GLY C 174 -51.04 -31.10 48.42
C GLY C 174 -50.26 -31.73 47.27
N GLY C 175 -50.97 -32.39 46.36
CA GLY C 175 -50.33 -33.04 45.24
C GLY C 175 -49.93 -32.12 44.09
N ASP C 176 -49.05 -32.63 43.24
CA ASP C 176 -48.54 -31.90 42.08
C ASP C 176 -49.30 -32.29 40.82
N GLU C 177 -50.07 -33.37 40.91
CA GLU C 177 -50.89 -33.85 39.80
C GLU C 177 -50.12 -34.61 38.72
N VAL C 178 -48.79 -34.67 38.84
CA VAL C 178 -47.95 -35.36 37.86
C VAL C 178 -48.61 -36.63 37.35
N PRO C 179 -49.10 -36.61 36.09
CA PRO C 179 -49.78 -37.74 35.45
C PRO C 179 -49.28 -39.12 35.87
N SER C 180 -50.20 -40.07 35.94
CA SER C 180 -49.87 -41.42 36.35
C SER C 180 -49.23 -42.25 35.24
N GLU C 181 -49.42 -41.85 33.98
CA GLU C 181 -48.85 -42.60 32.86
C GLU C 181 -47.34 -42.50 32.84
N ILE C 182 -46.80 -41.42 33.37
CA ILE C 182 -45.34 -41.27 33.38
C ILE C 182 -44.75 -41.32 34.78
N ILE C 183 -45.62 -41.45 35.78
CA ILE C 183 -45.17 -41.51 37.15
C ILE C 183 -44.20 -42.67 37.36
N ASP C 184 -44.45 -43.77 36.66
CA ASP C 184 -43.60 -44.97 36.75
C ASP C 184 -42.35 -44.88 35.88
N LYS C 185 -42.40 -44.02 34.87
CA LYS C 185 -41.27 -43.89 33.95
C LYS C 185 -40.28 -42.84 34.36
N ILE C 186 -40.46 -42.23 35.53
CA ILE C 186 -39.54 -41.20 36.00
C ILE C 186 -38.32 -41.84 36.68
N ILE C 187 -37.22 -41.10 36.76
CA ILE C 187 -36.00 -41.59 37.39
C ILE C 187 -35.28 -40.39 38.00
N TYR C 188 -35.57 -40.16 39.27
CA TYR C 188 -35.02 -39.04 40.04
C TYR C 188 -33.53 -39.20 40.36
N MET C 189 -32.79 -38.11 40.25
CA MET C 189 -31.36 -38.14 40.54
C MET C 189 -30.92 -36.81 41.18
N PRO C 190 -31.12 -36.66 42.50
CA PRO C 190 -30.73 -35.43 43.21
C PRO C 190 -29.21 -35.30 43.38
N PHE C 191 -28.70 -34.08 43.22
CA PHE C 191 -27.27 -33.83 43.35
C PHE C 191 -26.94 -32.80 44.42
N ASP C 192 -25.78 -32.99 45.05
CA ASP C 192 -25.30 -32.11 46.12
C ASP C 192 -24.78 -30.75 45.63
N ASN C 193 -24.61 -30.62 44.32
CA ASN C 193 -24.14 -29.35 43.74
C ASN C 193 -24.12 -29.43 42.22
N GLU C 194 -23.98 -28.26 41.60
CA GLU C 194 -23.97 -28.15 40.14
C GLU C 194 -22.78 -28.83 39.47
N LYS C 195 -21.58 -28.49 39.90
CA LYS C 195 -20.38 -29.09 39.31
C LYS C 195 -20.58 -30.57 39.09
N GLU C 196 -21.37 -31.19 39.96
CA GLU C 196 -21.64 -32.61 39.87
C GLU C 196 -22.87 -32.99 39.05
N LEU C 197 -23.90 -32.15 39.10
CA LEU C 197 -25.13 -32.41 38.33
C LEU C 197 -24.79 -32.41 36.85
N LEU C 198 -24.00 -31.43 36.43
CA LEU C 198 -23.60 -31.27 35.05
C LEU C 198 -22.80 -32.44 34.51
N MET C 199 -21.69 -32.76 35.18
CA MET C 199 -20.83 -33.86 34.73
C MET C 199 -21.59 -35.15 34.50
N GLU C 200 -22.49 -35.50 35.42
CA GLU C 200 -23.26 -36.71 35.25
C GLU C 200 -24.13 -36.59 34.01
N TYR C 201 -24.86 -35.48 33.89
CA TYR C 201 -25.72 -35.26 32.73
C TYR C 201 -24.86 -35.40 31.48
N LEU C 202 -23.65 -34.84 31.55
CA LEU C 202 -22.73 -34.88 30.42
C LEU C 202 -22.34 -36.31 30.02
N ASN C 203 -22.20 -37.19 31.02
CA ASN C 203 -21.84 -38.58 30.76
C ASN C 203 -23.11 -39.32 30.34
N PHE C 204 -24.22 -38.86 30.89
CA PHE C 204 -25.52 -39.42 30.58
C PHE C 204 -25.73 -39.18 29.09
N TRP C 205 -25.29 -38.01 28.65
CA TRP C 205 -25.39 -37.57 27.25
C TRP C 205 -24.57 -38.48 26.37
N GLN C 206 -23.34 -38.74 26.81
CA GLN C 206 -22.41 -39.60 26.10
C GLN C 206 -22.99 -40.99 25.95
N GLN C 207 -23.63 -41.45 27.02
CA GLN C 207 -24.22 -42.78 27.06
C GLN C 207 -25.53 -42.81 26.28
N LYS C 208 -26.28 -41.72 26.33
CA LYS C 208 -27.57 -41.65 25.64
C LYS C 208 -27.64 -40.54 24.58
N THR C 209 -26.57 -40.41 23.80
CA THR C 209 -26.50 -39.39 22.75
C THR C 209 -27.70 -39.35 21.82
N PRO C 210 -28.42 -38.21 21.83
CA PRO C 210 -29.61 -37.87 21.05
C PRO C 210 -29.38 -37.69 19.56
N VAL C 211 -30.26 -38.26 18.75
CA VAL C 211 -30.16 -38.12 17.30
C VAL C 211 -31.05 -36.94 16.89
N ILE C 212 -32.24 -36.88 17.46
CA ILE C 212 -33.17 -35.79 17.21
C ILE C 212 -33.34 -35.14 18.57
N LEU C 213 -32.90 -33.90 18.71
CA LEU C 213 -33.02 -33.20 19.97
C LEU C 213 -34.14 -32.17 19.89
N THR C 214 -35.20 -32.36 20.68
CA THR C 214 -36.33 -31.43 20.64
C THR C 214 -36.72 -30.81 22.00
N GLY C 215 -37.87 -30.15 22.02
CA GLY C 215 -38.34 -29.47 23.22
C GLY C 215 -38.98 -28.15 22.84
N TRP C 216 -39.23 -27.29 23.83
CA TRP C 216 -39.85 -26.00 23.52
C TRP C 216 -38.88 -24.85 23.77
N ASN C 217 -38.28 -24.36 22.69
CA ASN C 217 -37.30 -23.27 22.72
C ASN C 217 -35.94 -23.81 23.05
N VAL C 218 -35.78 -25.11 22.88
CA VAL C 218 -34.53 -25.74 23.20
C VAL C 218 -33.39 -25.15 22.37
N GLU C 219 -33.66 -24.77 21.14
CA GLU C 219 -32.62 -24.21 20.27
C GLU C 219 -32.19 -22.78 20.64
N SER C 220 -33.10 -22.00 21.21
CA SER C 220 -32.79 -20.63 21.56
C SER C 220 -32.46 -20.39 23.05
N PHE C 221 -32.77 -21.37 23.89
CA PHE C 221 -32.52 -21.24 25.32
C PHE C 221 -31.77 -22.45 25.92
N ALA C 222 -32.48 -23.54 26.15
CA ALA C 222 -31.89 -24.76 26.71
C ALA C 222 -30.51 -25.15 26.18
N ILE C 223 -30.42 -25.54 24.92
CA ILE C 223 -29.12 -25.94 24.37
C ILE C 223 -28.04 -24.92 24.61
N PRO C 224 -28.23 -23.66 24.14
CA PRO C 224 -27.23 -22.62 24.33
C PRO C 224 -26.83 -22.45 25.80
N TYR C 225 -27.80 -22.55 26.69
CA TYR C 225 -27.51 -22.38 28.10
C TYR C 225 -26.59 -23.49 28.58
N VAL C 226 -27.12 -24.71 28.64
CA VAL C 226 -26.33 -25.86 29.08
C VAL C 226 -24.91 -25.82 28.51
N TYR C 227 -24.79 -25.42 27.25
CA TYR C 227 -23.47 -25.34 26.61
C TYR C 227 -22.61 -24.27 27.24
N ASN C 228 -23.10 -23.03 27.21
CA ASN C 228 -22.36 -21.91 27.77
C ASN C 228 -22.10 -22.06 29.26
N ARG C 229 -22.99 -22.73 29.98
CA ARG C 229 -22.81 -22.92 31.42
C ARG C 229 -21.59 -23.85 31.61
N ILE C 230 -21.65 -25.02 31.01
CA ILE C 230 -20.57 -26.00 31.11
C ILE C 230 -19.25 -25.44 30.60
N LYS C 231 -19.30 -24.52 29.65
CA LYS C 231 -18.09 -23.93 29.09
C LYS C 231 -17.52 -22.91 30.06
N ASN C 232 -18.28 -22.58 31.10
CA ASN C 232 -17.85 -21.61 32.08
C ASN C 232 -17.51 -22.25 33.42
N ILE C 233 -17.52 -23.58 33.45
CA ILE C 233 -17.23 -24.33 34.65
C ILE C 233 -16.28 -25.44 34.30
N PHE C 234 -15.99 -25.58 33.01
CA PHE C 234 -15.11 -26.65 32.56
C PHE C 234 -14.31 -26.22 31.34
N GLY C 235 -14.74 -25.14 30.69
CA GLY C 235 -14.01 -24.69 29.52
C GLY C 235 -14.55 -25.31 28.25
N GLU C 236 -14.62 -24.51 27.20
CA GLU C 236 -15.13 -24.96 25.91
C GLU C 236 -14.86 -26.44 25.65
N SER C 237 -13.59 -26.84 25.69
CA SER C 237 -13.20 -28.23 25.46
C SER C 237 -14.18 -29.26 26.00
N THR C 238 -14.68 -29.04 27.22
CA THR C 238 -15.60 -29.98 27.84
C THR C 238 -17.01 -29.86 27.28
N ALA C 239 -17.48 -28.61 27.17
CA ALA C 239 -18.81 -28.36 26.64
C ALA C 239 -18.93 -28.97 25.26
N LYS C 240 -17.88 -28.83 24.44
CA LYS C 240 -17.91 -29.36 23.09
C LYS C 240 -18.12 -30.87 23.04
N ARG C 241 -18.33 -31.46 24.21
CA ARG C 241 -18.58 -32.88 24.33
C ARG C 241 -20.07 -33.12 24.13
N LEU C 242 -20.84 -32.04 24.11
CA LEU C 242 -22.28 -32.13 23.89
C LEU C 242 -22.51 -32.60 22.46
N SER C 243 -21.44 -32.62 21.67
CA SER C 243 -21.48 -33.06 20.30
C SER C 243 -20.72 -34.39 20.13
N PRO C 244 -21.39 -35.40 19.56
CA PRO C 244 -20.74 -36.71 19.37
C PRO C 244 -19.43 -36.65 18.59
N HIS C 245 -19.21 -35.55 17.86
CA HIS C 245 -17.98 -35.41 17.09
C HIS C 245 -17.10 -34.32 17.67
N ARG C 246 -17.47 -33.84 18.85
CA ARG C 246 -16.69 -32.81 19.53
C ARG C 246 -16.39 -31.59 18.66
N LYS C 247 -17.45 -30.97 18.16
CA LYS C 247 -17.30 -29.78 17.32
C LYS C 247 -18.60 -29.00 17.31
N THR C 248 -18.58 -27.81 17.90
CA THR C 248 -19.77 -26.97 17.94
C THR C 248 -19.55 -25.72 17.10
N ARG C 249 -20.53 -24.84 17.07
CA ARG C 249 -20.43 -23.61 16.30
C ARG C 249 -21.48 -22.59 16.75
N VAL C 250 -21.08 -21.33 16.81
CA VAL C 250 -21.99 -20.26 17.23
C VAL C 250 -22.73 -19.66 16.04
N LYS C 251 -23.89 -20.26 15.73
CA LYS C 251 -24.71 -19.81 14.61
C LYS C 251 -25.39 -18.47 14.87
N VAL C 252 -25.04 -17.48 14.05
CA VAL C 252 -25.62 -16.15 14.18
C VAL C 252 -26.82 -16.00 13.25
N ILE C 253 -28.01 -15.98 13.83
CA ILE C 253 -29.25 -15.83 13.09
C ILE C 253 -29.74 -14.40 13.25
N GLU C 254 -29.68 -13.62 12.18
CA GLU C 254 -30.13 -12.23 12.21
C GLU C 254 -31.41 -12.03 11.41
N ASN C 255 -32.12 -10.95 11.71
CA ASN C 255 -33.37 -10.66 11.05
C ASN C 255 -33.50 -9.21 10.60
N MET C 256 -34.67 -8.86 10.09
CA MET C 256 -34.93 -7.49 9.67
C MET C 256 -34.68 -6.65 10.90
N TYR C 257 -35.08 -7.22 12.04
CA TYR C 257 -34.92 -6.61 13.35
C TYR C 257 -34.26 -7.65 14.24
N GLY C 258 -33.16 -7.27 14.87
CA GLY C 258 -32.48 -8.18 15.77
C GLY C 258 -31.47 -9.11 15.11
N SER C 259 -30.66 -9.74 15.96
CA SER C 259 -29.63 -10.66 15.52
C SER C 259 -29.26 -11.53 16.72
N ARG C 260 -29.90 -12.68 16.85
CA ARG C 260 -29.62 -13.58 17.96
C ARG C 260 -28.69 -14.71 17.51
N GLU C 261 -28.05 -15.37 18.46
CA GLU C 261 -27.15 -16.46 18.13
C GLU C 261 -27.41 -17.74 18.92
N ILE C 262 -27.35 -18.85 18.21
CA ILE C 262 -27.57 -20.17 18.80
C ILE C 262 -26.31 -20.99 18.59
N ILE C 263 -26.22 -22.11 19.29
CA ILE C 263 -25.06 -22.99 19.18
C ILE C 263 -25.39 -24.16 18.27
N THR C 264 -24.41 -24.63 17.51
CA THR C 264 -24.66 -25.78 16.65
C THR C 264 -23.85 -26.98 17.10
N LEU C 265 -24.51 -28.12 17.18
CA LEU C 265 -23.85 -29.34 17.63
C LEU C 265 -23.78 -30.35 16.50
N PHE C 266 -22.62 -30.51 15.89
CA PHE C 266 -22.46 -31.47 14.81
C PHE C 266 -22.82 -32.87 15.28
N GLY C 267 -23.43 -33.66 14.41
CA GLY C 267 -23.79 -35.01 14.79
C GLY C 267 -25.15 -35.10 15.46
N ILE C 268 -25.85 -33.97 15.54
CA ILE C 268 -27.18 -33.93 16.14
C ILE C 268 -28.11 -33.07 15.28
N SER C 269 -29.34 -33.54 15.07
CA SER C 269 -30.32 -32.77 14.29
C SER C 269 -31.30 -32.13 15.28
N VAL C 270 -31.14 -30.83 15.57
CA VAL C 270 -32.05 -30.15 16.49
C VAL C 270 -33.34 -29.72 15.80
N LEU C 271 -34.47 -30.16 16.32
CA LEU C 271 -35.75 -29.79 15.77
C LEU C 271 -36.53 -29.21 16.92
N ASP C 272 -36.39 -27.90 17.16
CA ASP C 272 -37.11 -27.27 18.25
C ASP C 272 -38.60 -27.47 17.95
N TYR C 273 -39.36 -27.91 18.95
CA TYR C 273 -40.76 -28.19 18.68
C TYR C 273 -41.63 -26.97 18.45
N ILE C 274 -41.16 -25.83 18.90
CA ILE C 274 -41.93 -24.60 18.72
C ILE C 274 -41.79 -24.20 17.24
N ASP C 275 -40.62 -24.39 16.69
CA ASP C 275 -40.40 -24.06 15.30
C ASP C 275 -41.14 -25.05 14.43
N LEU C 276 -41.17 -26.29 14.91
CA LEU C 276 -41.84 -27.35 14.21
C LEU C 276 -43.32 -27.01 14.18
N TYR C 277 -43.84 -26.65 15.35
CA TYR C 277 -45.24 -26.30 15.49
C TYR C 277 -45.62 -25.13 14.59
N LYS C 278 -44.82 -24.06 14.62
CA LYS C 278 -45.07 -22.89 13.80
C LYS C 278 -45.03 -23.19 12.31
N LYS C 279 -44.23 -24.17 11.93
CA LYS C 279 -44.06 -24.55 10.54
C LYS C 279 -45.16 -25.44 9.96
N PHE C 280 -45.62 -26.44 10.72
CA PHE C 280 -46.62 -27.36 10.22
C PHE C 280 -47.99 -27.23 10.84
N SER C 281 -48.18 -26.22 11.69
CA SER C 281 -49.47 -26.01 12.36
C SER C 281 -50.50 -25.39 11.44
N PHE C 282 -50.06 -24.45 10.60
CA PHE C 282 -50.95 -23.80 9.64
C PHE C 282 -52.18 -23.12 10.25
N THR C 283 -51.90 -22.31 11.27
CA THR C 283 -52.93 -21.56 11.98
C THR C 283 -52.21 -20.68 13.01
N ASN C 284 -52.26 -19.38 12.77
CA ASN C 284 -51.61 -18.37 13.62
C ASN C 284 -52.22 -18.26 15.01
N GLN C 285 -51.39 -18.53 16.02
CA GLN C 285 -51.84 -18.47 17.41
C GLN C 285 -51.52 -17.15 18.11
N PRO C 286 -52.38 -16.72 19.05
CA PRO C 286 -52.19 -15.48 19.80
C PRO C 286 -50.84 -15.55 20.54
N SER C 287 -50.48 -16.74 20.98
CA SER C 287 -49.23 -16.96 21.71
C SER C 287 -48.58 -18.31 21.42
N TYR C 288 -47.26 -18.38 21.51
CA TYR C 288 -46.56 -19.64 21.30
C TYR C 288 -45.81 -20.13 22.54
N SER C 289 -46.38 -19.88 23.71
CA SER C 289 -45.78 -20.34 24.94
C SER C 289 -46.32 -21.75 25.13
N LEU C 290 -45.46 -22.69 25.49
CA LEU C 290 -45.84 -24.08 25.69
C LEU C 290 -47.12 -24.21 26.47
N ASP C 291 -47.24 -23.42 27.53
CA ASP C 291 -48.42 -23.44 28.37
C ASP C 291 -49.66 -23.15 27.53
N TYR C 292 -49.58 -22.10 26.71
CA TYR C 292 -50.70 -21.72 25.85
C TYR C 292 -51.04 -22.78 24.80
N ILE C 293 -50.03 -23.25 24.07
CA ILE C 293 -50.21 -24.26 23.05
C ILE C 293 -50.73 -25.58 23.66
N SER C 294 -50.28 -25.90 24.89
CA SER C 294 -50.74 -27.13 25.54
C SER C 294 -52.22 -27.02 25.80
N GLU C 295 -52.62 -25.86 26.28
CA GLU C 295 -54.00 -25.61 26.58
C GLU C 295 -54.85 -25.76 25.34
N PHE C 296 -54.34 -25.24 24.24
CA PHE C 296 -55.06 -25.33 22.99
C PHE C 296 -55.12 -26.74 22.42
N GLU C 297 -53.98 -27.41 22.35
CA GLU C 297 -53.93 -28.76 21.82
C GLU C 297 -54.39 -29.85 22.77
N LEU C 298 -54.10 -29.72 24.05
CA LEU C 298 -54.46 -30.77 25.00
C LEU C 298 -55.59 -30.51 25.99
N ASN C 299 -55.96 -29.25 26.18
CA ASN C 299 -57.02 -28.89 27.13
C ASN C 299 -56.43 -28.91 28.52
N VAL C 300 -55.18 -28.47 28.62
CA VAL C 300 -54.47 -28.43 29.89
C VAL C 300 -53.04 -27.98 29.63
N GLY C 301 -52.58 -27.01 30.40
CA GLY C 301 -51.23 -26.50 30.20
C GLY C 301 -50.28 -26.86 31.31
N LYS C 302 -49.16 -26.14 31.40
CA LYS C 302 -48.14 -26.38 32.41
C LYS C 302 -48.68 -26.25 33.84
N LEU C 303 -48.02 -26.91 34.79
CA LEU C 303 -48.42 -26.91 36.20
C LEU C 303 -48.51 -25.51 36.82
N LYS C 304 -49.55 -25.29 37.62
CA LYS C 304 -49.76 -24.00 38.28
C LYS C 304 -48.81 -23.83 39.47
N TYR C 305 -48.78 -22.62 40.04
CA TYR C 305 -47.94 -22.28 41.20
C TYR C 305 -48.18 -20.84 41.69
N ASP C 306 -47.81 -20.57 42.93
CA ASP C 306 -47.98 -19.24 43.51
C ASP C 306 -46.65 -18.50 43.66
N GLY C 307 -46.68 -17.18 43.49
CA GLY C 307 -45.46 -16.41 43.58
C GLY C 307 -44.67 -16.53 42.30
N PRO C 308 -43.66 -15.65 42.09
CA PRO C 308 -42.82 -15.65 40.88
C PRO C 308 -41.96 -16.90 40.73
N ILE C 309 -41.66 -17.28 39.48
CA ILE C 309 -40.84 -18.45 39.21
C ILE C 309 -39.48 -18.23 39.83
N SER C 310 -39.00 -16.99 39.74
CA SER C 310 -37.71 -16.61 40.27
C SER C 310 -37.46 -17.16 41.67
N LYS C 311 -38.45 -17.03 42.54
CA LYS C 311 -38.31 -17.52 43.91
C LYS C 311 -39.27 -18.66 44.25
N LEU C 312 -39.43 -19.60 43.33
CA LEU C 312 -40.32 -20.74 43.54
C LEU C 312 -39.56 -21.91 44.16
N ARG C 313 -38.24 -21.90 43.99
CA ARG C 313 -37.39 -22.94 44.53
C ARG C 313 -37.49 -22.94 46.05
N GLU C 314 -37.00 -21.86 46.65
CA GLU C 314 -37.00 -21.69 48.09
C GLU C 314 -38.39 -21.76 48.68
N SER C 315 -39.41 -21.47 47.89
CA SER C 315 -40.78 -21.49 48.40
C SER C 315 -41.57 -22.77 48.20
N ASN C 316 -41.35 -23.48 47.10
CA ASN C 316 -42.08 -24.71 46.86
C ASN C 316 -41.33 -25.60 45.89
N HIS C 317 -40.08 -25.89 46.20
CA HIS C 317 -39.25 -26.74 45.36
C HIS C 317 -39.96 -28.03 44.95
N GLN C 318 -40.90 -28.48 45.76
CA GLN C 318 -41.67 -29.69 45.45
C GLN C 318 -42.31 -29.52 44.07
N ARG C 319 -43.13 -28.47 43.95
CA ARG C 319 -43.84 -28.14 42.72
C ARG C 319 -42.83 -27.82 41.62
N TYR C 320 -41.86 -26.97 41.95
CA TYR C 320 -40.83 -26.56 41.01
C TYR C 320 -40.36 -27.71 40.12
N ILE C 321 -39.87 -28.78 40.73
CA ILE C 321 -39.38 -29.92 39.97
C ILE C 321 -40.50 -30.62 39.18
N SER C 322 -41.69 -30.71 39.77
CA SER C 322 -42.79 -31.37 39.06
C SER C 322 -43.24 -30.55 37.85
N TYR C 323 -43.12 -29.24 37.98
CA TYR C 323 -43.49 -28.31 36.94
C TYR C 323 -42.53 -28.50 35.77
N ASN C 324 -41.27 -28.77 36.09
CA ASN C 324 -40.27 -29.00 35.07
C ASN C 324 -40.49 -30.33 34.35
N ILE C 325 -40.87 -31.36 35.09
CA ILE C 325 -41.10 -32.68 34.49
C ILE C 325 -42.30 -32.64 33.56
N ILE C 326 -43.35 -31.97 34.00
CA ILE C 326 -44.56 -31.87 33.21
C ILE C 326 -44.30 -31.08 31.92
N ALA C 327 -43.44 -30.08 32.00
CA ALA C 327 -43.12 -29.30 30.82
C ALA C 327 -42.69 -30.27 29.72
N VAL C 328 -41.73 -31.11 30.05
CA VAL C 328 -41.21 -32.07 29.11
C VAL C 328 -42.32 -33.00 28.65
N TYR C 329 -43.13 -33.46 29.58
CA TYR C 329 -44.22 -34.36 29.22
C TYR C 329 -45.19 -33.67 28.24
N ARG C 330 -45.48 -32.40 28.47
CA ARG C 330 -46.39 -31.65 27.60
C ARG C 330 -46.02 -31.73 26.11
N VAL C 331 -44.76 -31.46 25.80
CA VAL C 331 -44.31 -31.51 24.42
C VAL C 331 -44.64 -32.90 23.85
N LEU C 332 -44.15 -33.95 24.51
CA LEU C 332 -44.40 -35.33 24.09
C LEU C 332 -45.88 -35.58 23.76
N GLN C 333 -46.78 -34.97 24.52
CA GLN C 333 -48.20 -35.14 24.29
C GLN C 333 -48.65 -34.43 23.01
N ILE C 334 -48.04 -33.28 22.76
CA ILE C 334 -48.35 -32.54 21.56
C ILE C 334 -47.88 -33.34 20.34
N ASP C 335 -46.65 -33.87 20.41
CA ASP C 335 -46.13 -34.66 19.32
C ASP C 335 -46.98 -35.91 19.15
N ALA C 336 -47.42 -36.47 20.28
CA ALA C 336 -48.26 -37.65 20.21
C ALA C 336 -49.49 -37.27 19.38
N LYS C 337 -49.96 -36.04 19.55
CA LYS C 337 -51.11 -35.60 18.78
C LYS C 337 -50.77 -35.13 17.34
N ARG C 338 -49.86 -34.17 17.19
CA ARG C 338 -49.54 -33.64 15.85
C ARG C 338 -48.60 -34.52 15.05
N GLN C 339 -47.72 -35.26 15.74
CA GLN C 339 -46.79 -36.19 15.07
C GLN C 339 -45.85 -35.49 14.10
N PHE C 340 -45.31 -34.34 14.46
CA PHE C 340 -44.44 -33.64 13.52
C PHE C 340 -43.01 -34.18 13.42
N ILE C 341 -42.55 -34.89 14.45
CA ILE C 341 -41.20 -35.43 14.38
C ILE C 341 -41.16 -36.58 13.39
N ASN C 342 -42.20 -37.39 13.40
CA ASN C 342 -42.29 -38.51 12.48
C ASN C 342 -42.47 -37.96 11.06
N LEU C 343 -43.19 -36.85 10.96
CA LEU C 343 -43.40 -36.19 9.68
C LEU C 343 -42.05 -35.73 9.12
N SER C 344 -41.24 -35.14 9.98
CA SER C 344 -39.92 -34.65 9.59
C SER C 344 -39.03 -35.80 9.18
N LEU C 345 -39.02 -36.87 9.97
CA LEU C 345 -38.20 -38.02 9.64
C LEU C 345 -38.59 -38.58 8.26
N ASP C 346 -39.89 -38.71 7.99
CA ASP C 346 -40.32 -39.26 6.72
C ASP C 346 -39.86 -38.39 5.56
N MET C 347 -39.95 -37.07 5.75
CA MET C 347 -39.54 -36.16 4.71
C MET C 347 -38.04 -36.27 4.50
N GLY C 348 -37.29 -36.11 5.59
CA GLY C 348 -35.84 -36.20 5.49
C GLY C 348 -35.34 -37.42 4.73
N TYR C 349 -35.84 -38.61 5.08
CA TYR C 349 -35.44 -39.85 4.44
C TYR C 349 -35.95 -40.04 3.01
N TYR C 350 -36.98 -39.30 2.67
CA TYR C 350 -37.53 -39.39 1.33
C TYR C 350 -36.65 -38.60 0.38
N ALA C 351 -36.22 -37.43 0.84
CA ALA C 351 -35.39 -36.53 0.05
C ALA C 351 -33.92 -36.92 0.17
N LYS C 352 -33.54 -37.45 1.32
CA LYS C 352 -32.17 -37.89 1.62
C LYS C 352 -31.32 -36.69 1.98
N ILE C 353 -31.77 -36.01 3.03
CA ILE C 353 -31.12 -34.83 3.53
C ILE C 353 -31.03 -34.97 5.04
N GLN C 354 -30.39 -33.99 5.68
CA GLN C 354 -30.30 -34.01 7.13
C GLN C 354 -31.72 -33.67 7.59
N ILE C 355 -32.17 -34.28 8.69
CA ILE C 355 -33.53 -34.04 9.14
C ILE C 355 -33.86 -32.57 9.41
N GLN C 356 -32.90 -31.80 9.89
CA GLN C 356 -33.15 -30.37 10.16
C GLN C 356 -33.45 -29.63 8.86
N SER C 357 -33.06 -30.20 7.73
CA SER C 357 -33.31 -29.51 6.46
C SER C 357 -34.76 -29.55 6.01
N VAL C 358 -35.64 -30.22 6.75
CA VAL C 358 -37.03 -30.27 6.34
C VAL C 358 -37.67 -28.89 6.38
N PHE C 359 -37.05 -27.99 7.14
CA PHE C 359 -37.55 -26.62 7.26
C PHE C 359 -37.40 -25.85 5.97
N SER C 360 -36.42 -26.22 5.16
CA SER C 360 -36.17 -25.53 3.91
C SER C 360 -36.73 -26.20 2.68
N PRO C 361 -37.70 -25.56 2.03
CA PRO C 361 -38.27 -26.16 0.82
C PRO C 361 -37.23 -26.23 -0.29
N ILE C 362 -36.31 -25.27 -0.33
CA ILE C 362 -35.32 -25.31 -1.39
C ILE C 362 -34.53 -26.59 -1.20
N LYS C 363 -33.79 -26.64 -0.09
CA LYS C 363 -32.95 -27.77 0.24
C LYS C 363 -33.62 -29.12 0.06
N THR C 364 -34.90 -29.22 0.39
CA THR C 364 -35.60 -30.48 0.25
C THR C 364 -35.81 -30.76 -1.22
N TRP C 365 -36.30 -29.79 -1.98
CA TRP C 365 -36.51 -30.00 -3.40
C TRP C 365 -35.22 -30.22 -4.19
N ASP C 366 -34.16 -29.53 -3.80
CA ASP C 366 -32.87 -29.68 -4.43
C ASP C 366 -32.46 -31.15 -4.35
N ALA C 367 -32.50 -31.71 -3.14
CA ALA C 367 -32.12 -33.11 -2.93
C ALA C 367 -32.99 -34.09 -3.71
N ILE C 368 -34.30 -33.89 -3.69
CA ILE C 368 -35.18 -34.80 -4.42
C ILE C 368 -34.83 -34.79 -5.92
N ILE C 369 -34.70 -33.60 -6.50
CA ILE C 369 -34.38 -33.45 -7.92
C ILE C 369 -32.99 -34.01 -8.22
N PHE C 370 -32.02 -33.69 -7.38
CA PHE C 370 -30.66 -34.20 -7.53
C PHE C 370 -30.70 -35.71 -7.66
N ASN C 371 -31.09 -36.36 -6.58
CA ASN C 371 -31.21 -37.81 -6.53
C ASN C 371 -31.87 -38.37 -7.77
N SER C 372 -33.05 -37.85 -8.12
CA SER C 372 -33.76 -38.35 -9.28
C SER C 372 -32.91 -38.30 -10.56
N LEU C 373 -32.28 -37.15 -10.82
CA LEU C 373 -31.45 -36.98 -12.00
C LEU C 373 -30.23 -37.92 -11.99
N LYS C 374 -29.49 -37.89 -10.88
CA LYS C 374 -28.31 -38.73 -10.74
C LYS C 374 -28.56 -40.17 -11.16
N GLU C 375 -29.75 -40.67 -10.84
CA GLU C 375 -30.10 -42.04 -11.20
C GLU C 375 -30.29 -42.22 -12.71
N GLN C 376 -30.14 -41.14 -13.46
CA GLN C 376 -30.26 -41.18 -14.92
C GLN C 376 -28.93 -40.73 -15.51
N ASN C 377 -27.97 -40.50 -14.63
CA ASN C 377 -26.64 -40.04 -14.99
C ASN C 377 -26.62 -38.59 -15.44
N LYS C 378 -27.66 -37.85 -15.09
CA LYS C 378 -27.69 -36.45 -15.47
C LYS C 378 -26.96 -35.63 -14.44
N VAL C 379 -26.50 -34.45 -14.84
CA VAL C 379 -25.74 -33.57 -13.95
C VAL C 379 -26.58 -32.33 -13.64
N ILE C 380 -26.71 -32.02 -12.35
CA ILE C 380 -27.51 -30.87 -11.98
C ILE C 380 -26.76 -29.59 -12.33
N PRO C 381 -27.48 -28.49 -12.59
CA PRO C 381 -26.86 -27.21 -12.94
C PRO C 381 -26.11 -26.63 -11.76
N GLN C 382 -25.19 -25.72 -12.03
CA GLN C 382 -24.46 -25.07 -10.95
C GLN C 382 -25.43 -24.05 -10.38
N GLY C 383 -25.22 -23.65 -9.13
CA GLY C 383 -26.08 -22.65 -8.54
C GLY C 383 -25.67 -21.29 -9.08
N ARG C 384 -26.64 -20.53 -9.59
CA ARG C 384 -26.34 -19.21 -10.12
C ARG C 384 -26.91 -18.14 -9.21
N SER C 385 -26.34 -16.96 -9.27
CA SER C 385 -26.82 -15.87 -8.44
C SER C 385 -27.83 -15.10 -9.29
N HIS C 386 -28.78 -14.46 -8.62
CA HIS C 386 -29.80 -13.69 -9.31
C HIS C 386 -30.21 -12.54 -8.41
N PRO C 387 -30.53 -11.39 -8.99
CA PRO C 387 -30.94 -10.27 -8.15
C PRO C 387 -32.41 -10.45 -7.73
N VAL C 388 -32.76 -10.07 -6.51
CA VAL C 388 -34.15 -10.19 -6.11
C VAL C 388 -34.97 -9.24 -6.99
N GLN C 389 -35.95 -9.78 -7.69
CA GLN C 389 -36.79 -8.98 -8.56
C GLN C 389 -38.24 -9.37 -8.41
N PRO C 390 -39.10 -8.40 -8.07
CA PRO C 390 -40.53 -8.67 -7.90
C PRO C 390 -41.10 -9.18 -9.20
N TYR C 391 -42.05 -10.10 -9.12
CA TYR C 391 -42.67 -10.62 -10.32
C TYR C 391 -44.19 -10.69 -10.08
N PRO C 392 -44.98 -10.57 -11.14
CA PRO C 392 -46.46 -10.60 -11.08
C PRO C 392 -47.06 -11.86 -10.45
N GLY C 393 -48.05 -11.66 -9.57
CA GLY C 393 -48.70 -12.78 -8.90
C GLY C 393 -50.06 -13.19 -9.46
N ALA C 394 -50.96 -13.64 -8.59
CA ALA C 394 -52.28 -14.08 -9.04
C ALA C 394 -53.24 -12.92 -9.27
N PHE C 395 -54.34 -13.24 -9.94
CA PHE C 395 -55.38 -12.29 -10.26
C PHE C 395 -56.47 -12.35 -9.20
N VAL C 396 -57.07 -11.20 -8.91
CA VAL C 396 -58.16 -11.13 -7.95
C VAL C 396 -59.17 -10.13 -8.49
N LYS C 397 -60.35 -10.63 -8.83
CA LYS C 397 -61.41 -9.79 -9.35
C LYS C 397 -61.90 -8.90 -8.23
N GLU C 398 -62.26 -7.65 -8.57
CA GLU C 398 -62.79 -6.71 -7.58
C GLU C 398 -64.30 -6.95 -7.56
N PRO C 399 -64.83 -7.41 -6.44
CA PRO C 399 -66.26 -7.71 -6.25
C PRO C 399 -67.08 -6.50 -5.84
N ILE C 400 -68.34 -6.50 -6.24
CA ILE C 400 -69.23 -5.41 -5.87
C ILE C 400 -69.71 -5.68 -4.44
N PRO C 401 -69.34 -4.81 -3.49
CA PRO C 401 -69.79 -5.08 -2.12
C PRO C 401 -71.30 -5.25 -2.16
N ASN C 402 -71.76 -6.42 -1.71
CA ASN C 402 -73.17 -6.69 -1.74
C ASN C 402 -73.46 -7.99 -1.01
N ARG C 403 -74.75 -8.28 -0.83
CA ARG C 403 -75.19 -9.53 -0.25
C ARG C 403 -75.38 -10.41 -1.49
N TYR C 404 -75.24 -11.72 -1.33
CA TYR C 404 -75.37 -12.67 -2.43
C TYR C 404 -76.12 -13.90 -1.93
N LYS C 405 -77.40 -13.99 -2.28
CA LYS C 405 -78.28 -15.08 -1.87
C LYS C 405 -77.77 -16.47 -2.20
N TYR C 406 -77.54 -16.77 -3.47
CA TYR C 406 -77.07 -18.12 -3.82
C TYR C 406 -75.71 -18.07 -4.51
N VAL C 407 -74.80 -18.91 -4.04
CA VAL C 407 -73.46 -18.91 -4.60
C VAL C 407 -73.00 -20.33 -4.70
N MET C 408 -72.25 -20.59 -5.76
CA MET C 408 -71.69 -21.90 -5.99
C MET C 408 -70.27 -21.59 -6.43
N SER C 409 -69.30 -22.26 -5.84
CA SER C 409 -67.93 -21.96 -6.21
C SER C 409 -67.22 -23.14 -6.89
N PHE C 410 -66.27 -22.80 -7.75
CA PHE C 410 -65.51 -23.83 -8.45
C PHE C 410 -64.02 -23.57 -8.23
N ASP C 411 -63.25 -24.64 -7.99
CA ASP C 411 -61.83 -24.50 -7.75
C ASP C 411 -60.97 -25.31 -8.72
N LEU C 412 -59.84 -24.74 -9.11
CA LEU C 412 -58.90 -25.42 -9.97
C LEU C 412 -57.94 -26.25 -9.12
N THR C 413 -57.81 -27.53 -9.44
CA THR C 413 -56.92 -28.47 -8.74
C THR C 413 -55.42 -28.13 -8.83
N SER C 414 -54.78 -27.92 -7.68
CA SER C 414 -53.34 -27.62 -7.63
C SER C 414 -52.94 -26.72 -8.79
N LEU C 415 -53.56 -25.56 -8.90
CA LEU C 415 -53.26 -24.69 -10.02
C LEU C 415 -51.80 -24.63 -10.45
N TYR C 416 -50.94 -24.01 -9.65
CA TYR C 416 -49.56 -23.88 -10.08
C TYR C 416 -48.84 -25.15 -10.50
N PRO C 417 -48.86 -26.20 -9.67
CA PRO C 417 -48.18 -27.42 -10.11
C PRO C 417 -48.77 -27.90 -11.44
N SER C 418 -50.09 -27.85 -11.54
CA SER C 418 -50.80 -28.28 -12.73
C SER C 418 -50.34 -27.48 -13.96
N ILE C 419 -50.16 -26.17 -13.77
CA ILE C 419 -49.74 -25.31 -14.85
C ILE C 419 -48.34 -25.70 -15.29
N ILE C 420 -47.47 -25.94 -14.32
CA ILE C 420 -46.12 -26.32 -14.66
C ILE C 420 -46.13 -27.54 -15.57
N ARG C 421 -47.05 -28.47 -15.28
CA ARG C 421 -47.15 -29.68 -16.07
C ARG C 421 -47.79 -29.38 -17.42
N GLN C 422 -48.89 -28.65 -17.42
CA GLN C 422 -49.58 -28.32 -18.66
C GLN C 422 -48.70 -27.62 -19.68
N VAL C 423 -48.15 -26.47 -19.27
CA VAL C 423 -47.31 -25.69 -20.16
C VAL C 423 -45.96 -26.37 -20.38
N ASN C 424 -45.57 -27.24 -19.45
CA ASN C 424 -44.28 -27.95 -19.53
C ASN C 424 -43.11 -27.01 -19.22
N ILE C 425 -43.29 -26.15 -18.22
CA ILE C 425 -42.27 -25.18 -17.80
C ILE C 425 -41.11 -25.83 -17.06
N SER C 426 -39.90 -25.34 -17.32
CA SER C 426 -38.70 -25.86 -16.68
C SER C 426 -37.52 -25.14 -17.32
N PRO C 427 -36.44 -24.89 -16.56
CA PRO C 427 -35.31 -24.20 -17.21
C PRO C 427 -34.73 -24.91 -18.44
N GLU C 428 -34.66 -26.23 -18.38
CA GLU C 428 -34.14 -26.96 -19.52
C GLU C 428 -35.12 -27.12 -20.68
N THR C 429 -36.30 -26.50 -20.62
CA THR C 429 -37.27 -26.62 -21.72
C THR C 429 -37.69 -25.32 -22.41
N ILE C 430 -37.13 -24.19 -21.95
CA ILE C 430 -37.45 -22.90 -22.55
C ILE C 430 -37.10 -22.95 -24.05
N ALA C 431 -38.09 -22.84 -24.92
CA ALA C 431 -37.83 -22.93 -26.35
C ALA C 431 -37.75 -21.61 -27.11
N GLY C 432 -37.67 -20.49 -26.40
CA GLY C 432 -37.62 -19.21 -27.08
C GLY C 432 -38.82 -18.36 -26.67
N THR C 433 -39.26 -17.45 -27.53
CA THR C 433 -40.40 -16.60 -27.17
C THR C 433 -41.33 -16.27 -28.33
N PHE C 434 -42.20 -15.29 -28.09
CA PHE C 434 -43.16 -14.79 -29.09
C PHE C 434 -43.63 -13.40 -28.65
N LYS C 435 -44.18 -12.60 -29.58
CA LYS C 435 -44.65 -11.24 -29.25
C LYS C 435 -45.94 -11.31 -28.43
N VAL C 436 -45.96 -10.65 -27.28
CA VAL C 436 -47.12 -10.71 -26.39
C VAL C 436 -48.12 -9.56 -26.42
N ALA C 437 -49.37 -9.91 -26.69
CA ALA C 437 -50.46 -8.95 -26.72
C ALA C 437 -50.93 -8.75 -25.29
N PRO C 438 -51.72 -7.69 -25.03
CA PRO C 438 -52.18 -7.51 -23.65
C PRO C 438 -52.90 -8.78 -23.18
N LEU C 439 -52.76 -9.09 -21.90
CA LEU C 439 -53.39 -10.28 -21.33
C LEU C 439 -54.86 -10.41 -21.76
N HIS C 440 -55.54 -9.27 -21.80
CA HIS C 440 -56.94 -9.21 -22.18
C HIS C 440 -57.30 -9.85 -23.52
N ASP C 441 -56.41 -9.74 -24.51
CA ASP C 441 -56.69 -10.33 -25.83
C ASP C 441 -56.61 -11.84 -25.83
N TYR C 442 -55.78 -12.38 -24.94
CA TYR C 442 -55.64 -13.83 -24.83
C TYR C 442 -56.85 -14.35 -24.07
N ILE C 443 -57.25 -13.60 -23.05
CA ILE C 443 -58.40 -13.98 -22.26
C ILE C 443 -59.60 -14.09 -23.18
N ASN C 444 -59.79 -13.11 -24.07
CA ASN C 444 -60.94 -13.15 -24.95
C ASN C 444 -60.73 -13.90 -26.25
N ALA C 445 -59.58 -14.55 -26.37
CA ALA C 445 -59.22 -15.35 -27.54
C ALA C 445 -59.21 -14.56 -28.84
N VAL C 446 -58.84 -13.28 -28.77
CA VAL C 446 -58.75 -12.45 -29.97
C VAL C 446 -57.32 -12.34 -30.43
N ALA C 447 -56.37 -12.57 -29.54
CA ALA C 447 -54.95 -12.51 -29.93
C ALA C 447 -54.67 -13.68 -30.89
N GLU C 448 -53.53 -13.66 -31.58
CA GLU C 448 -53.26 -14.76 -32.49
C GLU C 448 -52.53 -15.86 -31.74
N ARG C 449 -52.88 -17.10 -32.07
CA ARG C 449 -52.28 -18.27 -31.43
C ARG C 449 -50.77 -18.04 -31.44
N PRO C 450 -50.19 -17.82 -30.25
CA PRO C 450 -48.74 -17.57 -30.14
C PRO C 450 -47.80 -18.56 -30.78
N SER C 451 -48.26 -19.80 -31.00
CA SER C 451 -47.39 -20.80 -31.62
C SER C 451 -48.17 -22.03 -32.06
N ASP C 452 -47.61 -22.76 -33.01
CA ASP C 452 -48.27 -23.95 -33.50
C ASP C 452 -47.34 -25.15 -33.33
N VAL C 453 -46.15 -24.89 -32.79
CA VAL C 453 -45.19 -25.96 -32.59
C VAL C 453 -44.86 -26.19 -31.13
N TYR C 454 -44.91 -25.12 -30.34
CA TYR C 454 -44.58 -25.19 -28.92
C TYR C 454 -45.75 -24.92 -27.99
N SER C 455 -45.54 -25.20 -26.70
CA SER C 455 -46.53 -24.97 -25.66
C SER C 455 -46.14 -23.60 -25.11
N CYS C 456 -47.08 -22.66 -25.10
CA CYS C 456 -46.76 -21.30 -24.64
C CYS C 456 -47.45 -20.82 -23.37
N SER C 457 -47.10 -19.61 -22.99
CA SER C 457 -47.64 -18.93 -21.83
C SER C 457 -47.87 -17.46 -22.17
N PRO C 458 -49.03 -16.93 -21.79
CA PRO C 458 -49.43 -15.53 -22.02
C PRO C 458 -48.40 -14.47 -21.70
N ASN C 459 -47.25 -14.85 -21.15
CA ASN C 459 -46.24 -13.84 -20.83
C ASN C 459 -45.12 -13.79 -21.86
N GLY C 460 -45.24 -14.63 -22.90
CA GLY C 460 -44.25 -14.66 -23.95
C GLY C 460 -43.40 -15.91 -24.05
N MET C 461 -43.18 -16.58 -22.92
CA MET C 461 -42.37 -17.79 -22.91
C MET C 461 -42.96 -18.90 -23.77
N MET C 462 -42.06 -19.70 -24.34
CA MET C 462 -42.43 -20.81 -25.22
C MET C 462 -41.73 -22.07 -24.70
N TYR C 463 -42.35 -23.25 -24.85
CA TYR C 463 -41.77 -24.49 -24.34
C TYR C 463 -41.93 -25.73 -25.26
N TYR C 464 -40.97 -26.65 -25.20
CA TYR C 464 -41.00 -27.88 -26.02
C TYR C 464 -42.12 -28.83 -25.63
N LYS C 465 -42.66 -29.58 -26.59
CA LYS C 465 -43.74 -30.51 -26.32
C LYS C 465 -43.33 -31.95 -26.64
N ASP C 466 -42.12 -32.08 -27.16
CA ASP C 466 -41.59 -33.38 -27.55
C ASP C 466 -40.85 -34.08 -26.42
N ARG C 467 -40.72 -33.40 -25.28
CA ARG C 467 -40.06 -34.00 -24.13
C ARG C 467 -40.46 -33.28 -22.85
N ASP C 468 -40.91 -34.07 -21.88
CA ASP C 468 -41.33 -33.54 -20.58
C ASP C 468 -40.07 -33.04 -19.88
N GLY C 469 -40.15 -31.86 -19.26
CA GLY C 469 -39.00 -31.31 -18.60
C GLY C 469 -38.74 -31.86 -17.22
N VAL C 470 -37.59 -31.52 -16.65
CA VAL C 470 -37.24 -31.98 -15.33
C VAL C 470 -38.35 -31.69 -14.31
N VAL C 471 -38.50 -30.41 -13.95
CA VAL C 471 -39.50 -30.01 -12.96
C VAL C 471 -40.86 -30.65 -13.19
N PRO C 472 -41.36 -30.59 -14.42
CA PRO C 472 -42.67 -31.20 -14.69
C PRO C 472 -42.70 -32.69 -14.33
N THR C 473 -41.59 -33.37 -14.56
CA THR C 473 -41.51 -34.80 -14.29
C THR C 473 -41.44 -35.08 -12.80
N GLU C 474 -40.59 -34.34 -12.10
CA GLU C 474 -40.46 -34.54 -10.67
C GLU C 474 -41.77 -34.30 -9.97
N ILE C 475 -42.41 -33.16 -10.26
CA ILE C 475 -43.67 -32.83 -9.64
C ILE C 475 -44.71 -33.90 -9.99
N THR C 476 -44.72 -34.38 -11.23
CA THR C 476 -45.70 -35.39 -11.60
C THR C 476 -45.46 -36.67 -10.81
N LYS C 477 -44.22 -36.91 -10.44
CA LYS C 477 -43.89 -38.12 -9.68
C LYS C 477 -44.40 -38.00 -8.24
N VAL C 478 -44.28 -36.81 -7.66
CA VAL C 478 -44.74 -36.62 -6.29
C VAL C 478 -46.27 -36.61 -6.28
N PHE C 479 -46.86 -36.15 -7.37
CA PHE C 479 -48.30 -36.09 -7.50
C PHE C 479 -48.91 -37.49 -7.48
N ASN C 480 -48.26 -38.44 -8.16
CA ASN C 480 -48.77 -39.80 -8.21
C ASN C 480 -48.49 -40.54 -6.91
N GLN C 481 -47.34 -40.29 -6.32
CA GLN C 481 -46.98 -40.93 -5.07
C GLN C 481 -48.07 -40.61 -4.04
N ARG C 482 -48.53 -39.37 -4.03
CA ARG C 482 -49.57 -38.99 -3.08
C ARG C 482 -50.76 -39.92 -3.21
N LYS C 483 -51.25 -40.14 -4.44
CA LYS C 483 -52.37 -41.04 -4.65
C LYS C 483 -52.02 -42.43 -4.14
N GLU C 484 -50.86 -42.89 -4.55
CA GLU C 484 -50.38 -44.21 -4.16
C GLU C 484 -50.50 -44.44 -2.66
N HIS C 485 -49.98 -43.51 -1.85
CA HIS C 485 -50.04 -43.65 -0.40
C HIS C 485 -51.40 -43.31 0.15
N LYS C 486 -52.10 -42.40 -0.51
CA LYS C 486 -53.43 -42.03 -0.06
C LYS C 486 -54.28 -43.31 -0.12
N GLY C 487 -53.95 -44.17 -1.09
CA GLY C 487 -54.65 -45.42 -1.26
C GLY C 487 -54.19 -46.45 -0.26
N TYR C 488 -52.89 -46.48 0.03
CA TYR C 488 -52.34 -47.43 0.99
C TYR C 488 -52.98 -47.24 2.35
N MET C 489 -53.14 -45.97 2.73
CA MET C 489 -53.72 -45.58 4.00
C MET C 489 -55.15 -46.06 4.11
N LEU C 490 -55.99 -45.64 3.16
CA LEU C 490 -57.39 -46.03 3.15
C LEU C 490 -57.52 -47.56 3.23
N ALA C 491 -56.63 -48.26 2.56
CA ALA C 491 -56.65 -49.72 2.57
C ALA C 491 -56.40 -50.20 3.99
N ALA C 492 -55.19 -49.95 4.50
CA ALA C 492 -54.82 -50.36 5.85
C ALA C 492 -55.92 -49.99 6.85
N GLN C 493 -56.53 -48.84 6.62
CA GLN C 493 -57.60 -48.37 7.47
C GLN C 493 -58.76 -49.34 7.36
N ARG C 494 -59.26 -49.55 6.15
CA ARG C 494 -60.37 -50.47 5.92
C ARG C 494 -60.07 -51.88 6.42
N ASN C 495 -58.85 -52.34 6.17
CA ASN C 495 -58.46 -53.67 6.60
C ASN C 495 -58.43 -53.77 8.11
N GLY C 496 -58.02 -52.69 8.77
CA GLY C 496 -57.98 -52.69 10.23
C GLY C 496 -59.34 -52.99 10.78
N GLU C 497 -60.36 -52.36 10.20
CA GLU C 497 -61.73 -52.55 10.63
C GLU C 497 -62.13 -54.01 10.51
N ILE C 498 -61.46 -54.73 9.61
CA ILE C 498 -61.72 -56.15 9.40
C ILE C 498 -61.20 -56.89 10.61
N ILE C 499 -60.04 -56.47 11.12
CA ILE C 499 -59.45 -57.12 12.28
C ILE C 499 -60.25 -56.80 13.54
N LYS C 500 -60.70 -55.55 13.66
CA LYS C 500 -61.50 -55.10 14.81
C LYS C 500 -62.82 -55.86 14.86
N GLU C 501 -63.37 -56.12 13.68
CA GLU C 501 -64.62 -56.84 13.52
C GLU C 501 -64.45 -58.27 14.03
N ALA C 502 -63.37 -58.91 13.59
CA ALA C 502 -63.08 -60.29 13.96
C ALA C 502 -62.72 -60.46 15.44
N LEU C 503 -62.05 -59.46 16.02
CA LEU C 503 -61.65 -59.53 17.43
C LEU C 503 -62.81 -59.54 18.42
N HIS C 504 -64.01 -59.26 17.92
CA HIS C 504 -65.21 -59.25 18.75
C HIS C 504 -65.49 -60.62 19.36
N ASN C 505 -64.87 -61.65 18.79
CA ASN C 505 -65.00 -63.00 19.29
C ASN C 505 -63.81 -63.82 18.78
N PRO C 506 -62.73 -63.85 19.57
CA PRO C 506 -61.50 -64.56 19.25
C PRO C 506 -61.75 -66.05 18.97
N ASN C 507 -60.67 -66.79 18.79
CA ASN C 507 -60.80 -68.21 18.50
C ASN C 507 -59.79 -69.09 19.20
N LEU C 508 -60.27 -70.21 19.70
CA LEU C 508 -59.40 -71.17 20.37
C LEU C 508 -58.47 -71.71 19.32
N SER C 509 -57.26 -71.15 19.24
CA SER C 509 -56.28 -71.59 18.27
C SER C 509 -54.93 -70.96 18.51
N VAL C 510 -53.88 -71.77 18.45
CA VAL C 510 -52.54 -71.26 18.63
C VAL C 510 -51.91 -71.15 17.25
N ASP C 511 -51.88 -69.93 16.74
CA ASP C 511 -51.32 -69.66 15.41
C ASP C 511 -50.39 -68.45 15.46
N GLU C 512 -50.01 -67.95 14.28
CA GLU C 512 -49.12 -66.80 14.19
C GLU C 512 -49.65 -65.73 13.23
N PRO C 513 -49.28 -64.46 13.47
CA PRO C 513 -49.71 -63.30 12.66
C PRO C 513 -49.66 -63.53 11.16
N LEU C 514 -50.85 -63.66 10.56
CA LEU C 514 -51.00 -63.86 9.13
C LEU C 514 -50.19 -62.82 8.34
N ASP C 515 -49.32 -63.28 7.43
CA ASP C 515 -48.49 -62.36 6.64
C ASP C 515 -49.13 -61.87 5.35
N VAL C 516 -49.49 -60.59 5.34
CA VAL C 516 -50.10 -59.95 4.19
C VAL C 516 -49.63 -58.50 4.11
N ASP C 517 -49.96 -57.84 3.01
CA ASP C 517 -49.59 -56.45 2.79
C ASP C 517 -50.81 -55.62 3.14
N TYR C 518 -50.74 -54.94 4.29
CA TYR C 518 -51.87 -54.15 4.74
C TYR C 518 -52.19 -52.97 3.84
N ARG C 519 -51.35 -52.72 2.85
CA ARG C 519 -51.55 -51.61 1.93
C ARG C 519 -52.59 -51.86 0.85
N PHE C 520 -53.16 -53.06 0.86
CA PHE C 520 -54.17 -53.41 -0.14
C PHE C 520 -55.34 -54.14 0.52
N ASP C 521 -56.57 -53.76 0.15
CA ASP C 521 -57.77 -54.36 0.70
C ASP C 521 -57.62 -55.88 0.75
N PHE C 522 -57.88 -56.47 1.92
CA PHE C 522 -57.76 -57.91 2.06
C PHE C 522 -58.62 -58.64 1.03
N SER C 523 -58.19 -59.84 0.65
CA SER C 523 -58.92 -60.65 -0.33
C SER C 523 -59.99 -61.47 0.37
N ASP C 524 -61.07 -61.78 -0.33
CA ASP C 524 -62.17 -62.56 0.25
C ASP C 524 -61.64 -63.85 0.88
N GLU C 525 -60.47 -64.30 0.41
CA GLU C 525 -59.84 -65.51 0.91
C GLU C 525 -59.07 -65.25 2.20
N ILE C 526 -58.49 -64.06 2.33
CA ILE C 526 -57.74 -63.71 3.53
C ILE C 526 -58.70 -63.37 4.67
N LYS C 527 -59.93 -62.99 4.30
CA LYS C 527 -60.95 -62.64 5.28
C LYS C 527 -61.51 -63.87 5.99
N GLU C 528 -61.22 -65.05 5.46
CA GLU C 528 -61.68 -66.30 6.06
C GLU C 528 -60.67 -66.83 7.06
N LYS C 529 -59.39 -66.72 6.70
CA LYS C 529 -58.31 -67.19 7.57
C LYS C 529 -58.22 -66.32 8.82
N ILE C 530 -58.92 -65.19 8.79
CA ILE C 530 -58.93 -64.27 9.92
C ILE C 530 -60.01 -64.59 10.94
N LYS C 531 -61.25 -64.77 10.48
CA LYS C 531 -62.37 -65.10 11.36
C LYS C 531 -62.13 -66.35 12.21
N LYS C 532 -61.10 -67.11 11.85
CA LYS C 532 -60.76 -68.32 12.57
C LYS C 532 -59.42 -68.12 13.26
N LEU C 533 -59.00 -66.86 13.36
CA LEU C 533 -57.72 -66.51 13.96
C LEU C 533 -57.84 -66.27 15.47
N SER C 534 -56.71 -66.31 16.18
CA SER C 534 -56.68 -66.08 17.63
C SER C 534 -56.52 -64.60 17.95
N ALA C 535 -57.07 -64.17 19.08
CA ALA C 535 -56.97 -62.77 19.50
C ALA C 535 -55.51 -62.35 19.66
N LYS C 536 -54.63 -63.31 19.94
CA LYS C 536 -53.21 -63.04 20.12
C LYS C 536 -52.59 -62.61 18.79
N SER C 537 -53.07 -63.24 17.72
CA SER C 537 -52.58 -62.95 16.37
C SER C 537 -53.38 -61.87 15.67
N LEU C 538 -54.54 -61.53 16.21
CA LEU C 538 -55.37 -60.47 15.64
C LEU C 538 -54.95 -59.15 16.24
N ASN C 539 -54.39 -59.19 17.45
CA ASN C 539 -53.92 -58.00 18.13
C ASN C 539 -52.64 -57.53 17.48
N GLU C 540 -51.91 -58.48 16.90
CA GLU C 540 -50.64 -58.16 16.25
C GLU C 540 -50.88 -57.70 14.82
N MET C 541 -51.95 -58.18 14.21
CA MET C 541 -52.28 -57.78 12.85
C MET C 541 -52.87 -56.37 12.82
N LEU C 542 -53.84 -56.10 13.70
CA LEU C 542 -54.47 -54.79 13.77
C LEU C 542 -53.38 -53.73 13.98
N PHE C 543 -52.41 -54.06 14.82
CA PHE C 543 -51.28 -53.17 15.12
C PHE C 543 -50.46 -52.90 13.85
N ARG C 544 -50.13 -53.95 13.10
CA ARG C 544 -49.36 -53.79 11.87
C ARG C 544 -50.19 -52.99 10.88
N ALA C 545 -51.47 -53.31 10.81
CA ALA C 545 -52.40 -52.62 9.92
C ALA C 545 -52.47 -51.13 10.28
N GLN C 546 -52.30 -50.82 11.55
CA GLN C 546 -52.35 -49.43 11.97
C GLN C 546 -51.03 -48.72 11.70
N ARG C 547 -49.93 -49.42 11.92
CA ARG C 547 -48.62 -48.85 11.67
C ARG C 547 -48.58 -48.47 10.19
N THR C 548 -49.23 -49.29 9.37
CA THR C 548 -49.29 -49.08 7.92
C THR C 548 -50.12 -47.87 7.57
N GLU C 549 -51.26 -47.71 8.23
CA GLU C 549 -52.11 -46.58 7.98
C GLU C 549 -51.40 -45.26 8.29
N VAL C 550 -50.69 -45.23 9.42
CA VAL C 550 -49.97 -44.01 9.82
C VAL C 550 -48.85 -43.70 8.84
N ALA C 551 -48.17 -44.74 8.38
CA ALA C 551 -47.11 -44.54 7.42
C ALA C 551 -47.72 -43.95 6.14
N GLY C 552 -48.85 -44.51 5.71
CA GLY C 552 -49.52 -44.00 4.52
C GLY C 552 -49.91 -42.55 4.67
N MET C 553 -50.51 -42.22 5.81
CA MET C 553 -50.94 -40.86 6.09
C MET C 553 -49.74 -39.91 6.13
N THR C 554 -48.67 -40.33 6.81
CA THR C 554 -47.51 -39.48 6.89
C THR C 554 -46.88 -39.25 5.52
N ALA C 555 -46.87 -40.28 4.68
CA ALA C 555 -46.31 -40.15 3.35
C ALA C 555 -47.15 -39.21 2.50
N GLN C 556 -48.46 -39.39 2.56
CA GLN C 556 -49.35 -38.56 1.77
C GLN C 556 -49.29 -37.08 2.14
N ILE C 557 -49.17 -36.77 3.43
CA ILE C 557 -49.08 -35.38 3.86
C ILE C 557 -47.77 -34.79 3.34
N ASN C 558 -46.70 -35.56 3.40
CA ASN C 558 -45.44 -35.04 2.88
C ASN C 558 -45.50 -34.77 1.39
N ARG C 559 -46.07 -35.68 0.61
CA ARG C 559 -46.18 -35.42 -0.81
C ARG C 559 -46.91 -34.08 -0.96
N LYS C 560 -48.04 -33.93 -0.27
CA LYS C 560 -48.82 -32.71 -0.33
C LYS C 560 -47.99 -31.48 0.03
N LEU C 561 -47.17 -31.59 1.08
CA LEU C 561 -46.31 -30.50 1.52
C LEU C 561 -45.35 -30.08 0.41
N LEU C 562 -44.80 -31.07 -0.28
CA LEU C 562 -43.87 -30.81 -1.38
C LEU C 562 -44.61 -30.11 -2.50
N ILE C 563 -45.65 -30.76 -3.00
CA ILE C 563 -46.43 -30.21 -4.09
C ILE C 563 -46.71 -28.72 -3.90
N ASN C 564 -47.15 -28.35 -2.71
CA ASN C 564 -47.50 -26.96 -2.46
C ASN C 564 -46.35 -26.05 -2.14
N SER C 565 -45.13 -26.57 -2.16
CA SER C 565 -43.97 -25.74 -1.82
C SER C 565 -43.04 -25.56 -3.01
N LEU C 566 -43.20 -26.37 -4.04
CA LEU C 566 -42.38 -26.27 -5.24
C LEU C 566 -42.46 -24.85 -5.81
N TYR C 567 -43.68 -24.37 -6.03
CA TYR C 567 -43.91 -23.04 -6.57
C TYR C 567 -43.10 -21.99 -5.83
N GLY C 568 -43.06 -22.12 -4.51
CA GLY C 568 -42.35 -21.16 -3.70
C GLY C 568 -40.87 -21.25 -3.90
N ALA C 569 -40.37 -22.48 -4.05
CA ALA C 569 -38.95 -22.67 -4.27
C ALA C 569 -38.60 -22.02 -5.62
N LEU C 570 -39.41 -22.29 -6.65
CA LEU C 570 -39.21 -21.73 -7.97
C LEU C 570 -39.24 -20.19 -7.96
N GLY C 571 -39.95 -19.60 -7.01
CA GLY C 571 -39.99 -18.15 -6.97
C GLY C 571 -38.84 -17.60 -6.15
N ASN C 572 -37.92 -18.47 -5.75
CA ASN C 572 -36.81 -18.00 -4.94
C ASN C 572 -35.47 -18.05 -5.67
N VAL C 573 -34.76 -16.93 -5.63
CA VAL C 573 -33.46 -16.81 -6.31
C VAL C 573 -32.39 -17.79 -5.89
N TRP C 574 -32.50 -18.35 -4.69
CA TRP C 574 -31.51 -19.31 -4.21
C TRP C 574 -31.72 -20.74 -4.67
N PHE C 575 -32.81 -20.99 -5.40
CA PHE C 575 -33.14 -22.33 -5.87
C PHE C 575 -32.45 -22.66 -7.20
N ARG C 576 -31.62 -23.69 -7.19
CA ARG C 576 -30.86 -24.15 -8.35
C ARG C 576 -31.64 -24.12 -9.68
N TYR C 577 -32.96 -24.27 -9.63
CA TYR C 577 -33.78 -24.27 -10.85
C TYR C 577 -34.62 -23.02 -11.05
N TYR C 578 -34.30 -21.96 -10.32
CA TYR C 578 -35.03 -20.71 -10.44
C TYR C 578 -34.82 -20.01 -11.78
N ASP C 579 -35.88 -19.38 -12.27
CA ASP C 579 -35.84 -18.64 -13.52
C ASP C 579 -36.96 -17.61 -13.54
N LEU C 580 -36.60 -16.34 -13.33
CA LEU C 580 -37.56 -15.25 -13.33
C LEU C 580 -38.61 -15.42 -14.43
N ARG C 581 -38.17 -15.64 -15.66
CA ARG C 581 -39.11 -15.81 -16.77
C ARG C 581 -40.08 -16.96 -16.48
N ASN C 582 -39.55 -18.08 -16.03
CA ASN C 582 -40.40 -19.22 -15.74
C ASN C 582 -41.39 -18.95 -14.61
N ALA C 583 -40.97 -18.24 -13.57
CA ALA C 583 -41.88 -17.92 -12.48
C ALA C 583 -43.06 -17.14 -13.07
N THR C 584 -42.74 -16.01 -13.68
CA THR C 584 -43.75 -15.15 -14.28
C THR C 584 -44.63 -15.91 -15.28
N ALA C 585 -44.07 -16.93 -15.90
CA ALA C 585 -44.80 -17.71 -16.88
C ALA C 585 -45.94 -18.47 -16.23
N ILE C 586 -45.69 -18.95 -15.02
CA ILE C 586 -46.66 -19.72 -14.27
C ILE C 586 -47.75 -18.76 -13.81
N THR C 587 -47.33 -17.69 -13.17
CA THR C 587 -48.27 -16.71 -12.65
C THR C 587 -49.24 -16.17 -13.70
N THR C 588 -48.68 -15.59 -14.75
CA THR C 588 -49.48 -15.00 -15.81
C THR C 588 -50.41 -16.00 -16.44
N PHE C 589 -49.93 -17.22 -16.68
CA PHE C 589 -50.77 -18.23 -17.28
C PHE C 589 -51.98 -18.47 -16.38
N GLY C 590 -51.76 -18.33 -15.07
CA GLY C 590 -52.83 -18.51 -14.11
C GLY C 590 -53.87 -17.42 -14.21
N GLN C 591 -53.42 -16.18 -14.37
CA GLN C 591 -54.36 -15.07 -14.50
C GLN C 591 -55.21 -15.31 -15.72
N MET C 592 -54.58 -15.77 -16.80
CA MET C 592 -55.29 -16.05 -18.01
C MET C 592 -56.35 -17.15 -17.76
N ALA C 593 -55.92 -18.28 -17.21
CA ALA C 593 -56.83 -19.39 -16.95
C ALA C 593 -58.12 -18.99 -16.22
N LEU C 594 -57.95 -18.29 -15.11
CA LEU C 594 -59.08 -17.87 -14.30
C LEU C 594 -60.04 -16.97 -15.06
N GLN C 595 -59.51 -15.93 -15.70
CA GLN C 595 -60.33 -14.99 -16.44
C GLN C 595 -60.93 -15.61 -17.68
N TRP C 596 -60.21 -16.55 -18.27
CA TRP C 596 -60.69 -17.25 -19.43
C TRP C 596 -61.94 -18.02 -19.03
N ILE C 597 -61.82 -18.83 -17.98
CA ILE C 597 -62.95 -19.62 -17.56
C ILE C 597 -64.10 -18.75 -17.07
N GLU C 598 -63.76 -17.58 -16.55
CA GLU C 598 -64.76 -16.64 -16.04
C GLU C 598 -65.65 -16.27 -17.22
N ARG C 599 -65.00 -15.86 -18.31
CA ARG C 599 -65.64 -15.48 -19.55
C ARG C 599 -66.48 -16.65 -20.03
N LYS C 600 -65.86 -17.83 -20.10
CA LYS C 600 -66.60 -19.01 -20.55
C LYS C 600 -67.83 -19.31 -19.71
N VAL C 601 -67.70 -19.22 -18.39
CA VAL C 601 -68.82 -19.51 -17.50
C VAL C 601 -69.98 -18.51 -17.66
N ASN C 602 -69.66 -17.23 -17.87
CA ASN C 602 -70.70 -16.23 -18.06
C ASN C 602 -71.43 -16.48 -19.36
N GLU C 603 -70.67 -16.85 -20.40
CA GLU C 603 -71.27 -17.13 -21.70
C GLU C 603 -72.25 -18.28 -21.55
N TYR C 604 -71.78 -19.39 -20.98
CA TYR C 604 -72.64 -20.53 -20.81
C TYR C 604 -73.93 -20.30 -20.02
N LEU C 605 -73.84 -19.66 -18.87
CA LEU C 605 -75.04 -19.43 -18.07
C LEU C 605 -75.97 -18.40 -18.72
N ASN C 606 -75.40 -17.42 -19.40
CA ASN C 606 -76.24 -16.43 -20.06
C ASN C 606 -77.00 -17.16 -21.16
N GLU C 607 -76.33 -18.13 -21.78
CA GLU C 607 -76.96 -18.89 -22.83
C GLU C 607 -78.09 -19.71 -22.26
N VAL C 608 -77.75 -20.66 -21.38
CA VAL C 608 -78.75 -21.53 -20.80
C VAL C 608 -79.86 -20.82 -20.03
N CYS C 609 -79.63 -19.59 -19.61
CA CYS C 609 -80.66 -18.88 -18.87
C CYS C 609 -81.40 -17.87 -19.72
N GLY C 610 -81.19 -17.96 -21.02
CA GLY C 610 -81.85 -17.08 -21.96
C GLY C 610 -81.66 -15.61 -21.68
N THR C 611 -80.42 -15.18 -21.54
CA THR C 611 -80.14 -13.78 -21.27
C THR C 611 -78.79 -13.39 -21.84
N GLU C 612 -78.40 -12.13 -21.63
CA GLU C 612 -77.11 -11.64 -22.10
C GLU C 612 -76.59 -10.45 -21.28
N GLY C 613 -75.28 -10.42 -21.10
CA GLY C 613 -74.65 -9.34 -20.35
C GLY C 613 -74.76 -9.47 -18.84
N GLU C 614 -75.32 -10.58 -18.38
CA GLU C 614 -75.46 -10.81 -16.94
C GLU C 614 -74.17 -11.42 -16.42
N ALA C 615 -73.54 -10.75 -15.45
CA ALA C 615 -72.30 -11.25 -14.87
C ALA C 615 -72.64 -12.26 -13.79
N PHE C 616 -72.39 -13.54 -14.05
CA PHE C 616 -72.70 -14.55 -13.05
C PHE C 616 -71.55 -14.75 -12.10
N VAL C 617 -70.32 -14.69 -12.61
CA VAL C 617 -69.14 -14.85 -11.78
C VAL C 617 -69.00 -13.55 -10.98
N LEU C 618 -69.23 -13.59 -9.67
CA LEU C 618 -69.14 -12.37 -8.88
C LEU C 618 -67.78 -12.11 -8.31
N TYR C 619 -66.95 -13.13 -8.22
CA TYR C 619 -65.62 -12.96 -7.67
C TYR C 619 -64.70 -14.11 -8.08
N GLY C 620 -63.40 -13.85 -7.99
CA GLY C 620 -62.41 -14.85 -8.36
C GLY C 620 -61.09 -14.45 -7.74
N ASP C 621 -60.36 -15.43 -7.24
CA ASP C 621 -59.08 -15.16 -6.62
C ASP C 621 -58.13 -16.31 -6.87
N THR C 622 -57.01 -16.00 -7.51
CA THR C 622 -55.99 -16.99 -7.79
C THR C 622 -56.43 -18.20 -8.59
N ASP C 623 -57.07 -19.12 -7.89
CA ASP C 623 -57.49 -20.37 -8.51
C ASP C 623 -58.96 -20.72 -8.41
N SER C 624 -59.77 -19.77 -8.01
CA SER C 624 -61.18 -20.08 -7.86
C SER C 624 -62.11 -18.96 -8.31
N ILE C 625 -63.36 -19.35 -8.56
CA ILE C 625 -64.39 -18.42 -8.95
C ILE C 625 -65.66 -18.67 -8.13
N TYR C 626 -66.47 -17.63 -7.99
CA TYR C 626 -67.72 -17.75 -7.26
C TYR C 626 -68.87 -17.33 -8.17
N VAL C 627 -69.75 -18.28 -8.43
CA VAL C 627 -70.88 -18.02 -9.31
C VAL C 627 -72.18 -17.70 -8.57
N SER C 628 -72.84 -16.63 -8.98
CA SER C 628 -74.10 -16.28 -8.38
C SER C 628 -75.15 -17.18 -9.06
N ALA C 629 -75.91 -17.92 -8.27
CA ALA C 629 -76.88 -18.85 -8.84
C ALA C 629 -78.31 -18.33 -8.78
N ASP C 630 -78.47 -17.06 -8.44
CA ASP C 630 -79.80 -16.48 -8.37
C ASP C 630 -80.67 -16.77 -9.61
N LYS C 631 -80.24 -16.28 -10.77
CA LYS C 631 -81.00 -16.50 -12.01
C LYS C 631 -81.27 -17.97 -12.29
N ILE C 632 -80.37 -18.85 -11.86
CA ILE C 632 -80.56 -20.28 -12.07
C ILE C 632 -81.73 -20.73 -11.19
N ILE C 633 -81.72 -20.33 -9.93
CA ILE C 633 -82.80 -20.68 -9.03
C ILE C 633 -84.10 -20.00 -9.48
N ASP C 634 -83.97 -18.78 -9.99
CA ASP C 634 -85.16 -18.08 -10.41
C ASP C 634 -85.78 -18.68 -11.65
N LYS C 635 -84.95 -19.22 -12.54
CA LYS C 635 -85.50 -19.79 -13.76
C LYS C 635 -86.57 -20.81 -13.38
N VAL C 636 -86.23 -21.70 -12.45
CA VAL C 636 -87.20 -22.72 -12.03
C VAL C 636 -88.21 -22.19 -11.01
N GLY C 637 -87.80 -21.18 -10.25
CA GLY C 637 -88.70 -20.63 -9.25
C GLY C 637 -88.47 -21.28 -7.90
N GLU C 638 -88.27 -20.46 -6.87
CA GLU C 638 -88.02 -20.98 -5.55
C GLU C 638 -89.15 -21.86 -5.04
N SER C 639 -90.39 -21.43 -5.31
CA SER C 639 -91.60 -22.14 -4.88
C SER C 639 -91.55 -23.63 -5.20
N LYS C 640 -90.73 -23.98 -6.17
CA LYS C 640 -90.58 -25.34 -6.64
C LYS C 640 -89.83 -26.26 -5.66
N PHE C 641 -89.29 -25.72 -4.57
CA PHE C 641 -88.56 -26.56 -3.64
C PHE C 641 -89.23 -26.87 -2.32
N ARG C 642 -89.22 -28.16 -2.01
CA ARG C 642 -89.82 -28.73 -0.82
C ARG C 642 -89.12 -28.13 0.40
N ASP C 643 -87.80 -28.22 0.40
CA ASP C 643 -87.02 -27.74 1.51
C ASP C 643 -85.63 -27.37 1.01
N THR C 644 -84.74 -26.99 1.91
CA THR C 644 -83.39 -26.58 1.50
C THR C 644 -82.61 -27.68 0.80
N ASN C 645 -82.67 -28.91 1.30
CA ASN C 645 -81.91 -30.00 0.68
C ASN C 645 -82.22 -30.16 -0.81
N HIS C 646 -83.49 -29.99 -1.19
CA HIS C 646 -83.87 -30.11 -2.58
C HIS C 646 -83.22 -29.04 -3.45
N TRP C 647 -83.18 -27.79 -3.01
CA TRP C 647 -82.52 -26.82 -3.89
C TRP C 647 -81.01 -27.02 -3.89
N VAL C 648 -80.47 -27.64 -2.84
CA VAL C 648 -79.04 -27.90 -2.82
C VAL C 648 -78.77 -29.05 -3.81
N ASP C 649 -79.65 -30.06 -3.82
CA ASP C 649 -79.50 -31.20 -4.74
C ASP C 649 -79.56 -30.67 -6.17
N PHE C 650 -80.49 -29.74 -6.39
CA PHE C 650 -80.65 -29.15 -7.70
C PHE C 650 -79.37 -28.51 -8.20
N LEU C 651 -78.85 -27.53 -7.47
CA LEU C 651 -77.63 -26.87 -7.90
C LEU C 651 -76.50 -27.85 -8.01
N ASP C 652 -76.51 -28.86 -7.15
CA ASP C 652 -75.47 -29.89 -7.22
C ASP C 652 -75.53 -30.61 -8.57
N LYS C 653 -76.72 -31.04 -8.95
CA LYS C 653 -76.93 -31.75 -10.20
C LYS C 653 -76.60 -30.81 -11.36
N PHE C 654 -77.14 -29.60 -11.30
CA PHE C 654 -76.90 -28.65 -12.34
C PHE C 654 -75.42 -28.46 -12.59
N ALA C 655 -74.65 -28.24 -11.53
CA ALA C 655 -73.21 -28.02 -11.68
C ALA C 655 -72.47 -29.20 -12.27
N ARG C 656 -72.78 -30.40 -11.79
CA ARG C 656 -72.12 -31.60 -12.28
C ARG C 656 -72.50 -32.01 -13.71
N GLU C 657 -73.80 -32.01 -14.01
CA GLU C 657 -74.28 -32.42 -15.33
C GLU C 657 -74.24 -31.35 -16.42
N ARG C 658 -74.27 -30.08 -16.05
CA ARG C 658 -74.26 -29.00 -17.04
C ARG C 658 -72.99 -28.16 -17.04
N MET C 659 -72.77 -27.39 -15.99
CA MET C 659 -71.60 -26.52 -15.88
C MET C 659 -70.25 -27.21 -16.10
N GLU C 660 -70.01 -28.30 -15.37
CA GLU C 660 -68.75 -29.03 -15.48
C GLU C 660 -68.39 -29.27 -16.95
N PRO C 661 -69.24 -30.00 -17.68
CA PRO C 661 -68.99 -30.28 -19.09
C PRO C 661 -68.66 -29.01 -19.87
N ALA C 662 -69.36 -27.93 -19.56
CA ALA C 662 -69.09 -26.68 -20.25
C ALA C 662 -67.69 -26.16 -19.90
N ILE C 663 -67.33 -26.26 -18.63
CA ILE C 663 -66.03 -25.79 -18.18
C ILE C 663 -64.88 -26.59 -18.79
N ASP C 664 -65.01 -27.91 -18.86
CA ASP C 664 -63.94 -28.72 -19.45
C ASP C 664 -63.82 -28.42 -20.95
N ARG C 665 -64.95 -28.27 -21.64
CA ARG C 665 -64.94 -27.92 -23.07
C ARG C 665 -64.19 -26.60 -23.14
N GLY C 666 -64.63 -25.64 -22.34
CA GLY C 666 -64.00 -24.33 -22.31
C GLY C 666 -62.50 -24.36 -22.03
N PHE C 667 -62.04 -25.30 -21.21
CA PHE C 667 -60.62 -25.37 -20.91
C PHE C 667 -59.78 -26.10 -21.96
N ARG C 668 -60.35 -27.15 -22.56
CA ARG C 668 -59.60 -27.87 -23.60
C ARG C 668 -59.35 -26.88 -24.74
N GLU C 669 -60.35 -26.06 -25.02
CA GLU C 669 -60.20 -25.08 -26.08
C GLU C 669 -59.05 -24.16 -25.75
N MET C 670 -58.93 -23.75 -24.50
CA MET C 670 -57.84 -22.87 -24.10
C MET C 670 -56.50 -23.59 -24.25
N CYS C 671 -56.49 -24.88 -23.95
CA CYS C 671 -55.28 -25.69 -24.05
C CYS C 671 -54.75 -25.68 -25.48
N GLU C 672 -55.68 -25.84 -26.41
CA GLU C 672 -55.37 -25.84 -27.84
C GLU C 672 -54.80 -24.48 -28.24
N TYR C 673 -55.49 -23.42 -27.82
CA TYR C 673 -55.08 -22.05 -28.10
C TYR C 673 -53.64 -21.73 -27.69
N MET C 674 -53.16 -22.28 -26.57
CA MET C 674 -51.78 -22.07 -26.11
C MET C 674 -50.91 -23.24 -26.55
N ASN C 675 -51.52 -24.16 -27.31
CA ASN C 675 -50.86 -25.35 -27.82
C ASN C 675 -50.02 -26.02 -26.74
N ASN C 676 -50.63 -26.28 -25.59
CA ASN C 676 -49.96 -26.89 -24.46
C ASN C 676 -49.68 -28.37 -24.56
N LYS C 677 -48.65 -28.81 -23.84
CA LYS C 677 -48.27 -30.21 -23.81
C LYS C 677 -49.40 -31.10 -23.31
N GLN C 678 -50.11 -30.65 -22.28
CA GLN C 678 -51.18 -31.47 -21.72
C GLN C 678 -52.25 -30.67 -20.98
N HIS C 679 -53.51 -31.08 -21.16
CA HIS C 679 -54.65 -30.42 -20.50
C HIS C 679 -54.79 -30.89 -19.06
N LEU C 680 -54.48 -30.01 -18.12
CA LEU C 680 -54.55 -30.33 -16.69
C LEU C 680 -55.24 -29.26 -15.86
N MET C 681 -56.07 -28.46 -16.51
CA MET C 681 -56.79 -27.43 -15.80
C MET C 681 -58.12 -28.05 -15.40
N PHE C 682 -58.13 -28.68 -14.23
CA PHE C 682 -59.33 -29.33 -13.73
C PHE C 682 -60.01 -28.53 -12.61
N MET C 683 -61.19 -28.03 -12.92
CA MET C 683 -61.94 -27.23 -11.99
C MET C 683 -63.20 -27.95 -11.57
N ASP C 684 -63.29 -28.33 -10.30
CA ASP C 684 -64.46 -29.04 -9.80
C ASP C 684 -65.24 -28.21 -8.77
N ARG C 685 -66.57 -28.42 -8.74
CA ARG C 685 -67.45 -27.69 -7.83
C ARG C 685 -67.03 -27.82 -6.39
N GLU C 686 -66.97 -26.70 -5.69
CA GLU C 686 -66.56 -26.69 -4.29
C GLU C 686 -67.74 -26.54 -3.35
N ALA C 687 -68.18 -25.31 -3.11
CA ALA C 687 -69.27 -25.07 -2.18
C ALA C 687 -70.59 -24.59 -2.77
N ILE C 688 -71.68 -24.93 -2.11
CA ILE C 688 -73.00 -24.46 -2.51
C ILE C 688 -73.47 -23.68 -1.29
N ALA C 689 -73.79 -22.40 -1.48
CA ALA C 689 -74.21 -21.61 -0.36
C ALA C 689 -75.52 -20.92 -0.57
N GLY C 690 -76.23 -20.69 0.54
CA GLY C 690 -77.50 -19.99 0.47
C GLY C 690 -78.20 -19.91 1.81
N PRO C 691 -79.27 -19.13 1.90
CA PRO C 691 -79.99 -19.02 3.18
C PRO C 691 -80.90 -20.22 3.34
N PRO C 692 -81.31 -20.52 4.58
CA PRO C 692 -82.20 -21.68 4.78
C PRO C 692 -83.47 -21.33 3.99
N LEU C 693 -84.08 -22.31 3.33
CA LEU C 693 -85.27 -22.01 2.56
C LEU C 693 -86.37 -21.48 3.45
N GLY C 694 -87.05 -20.44 2.97
CA GLY C 694 -88.14 -19.85 3.74
C GLY C 694 -87.73 -18.80 4.75
N SER C 695 -86.44 -18.73 5.06
CA SER C 695 -85.90 -17.79 6.04
C SER C 695 -85.61 -16.42 5.44
N LYS C 696 -85.14 -15.51 6.29
CA LYS C 696 -84.78 -14.17 5.83
C LYS C 696 -83.27 -13.96 5.85
N GLY C 697 -82.50 -15.06 5.92
CA GLY C 697 -81.06 -14.93 5.90
C GLY C 697 -80.66 -14.42 4.54
N ILE C 698 -79.49 -13.82 4.39
CA ILE C 698 -79.10 -13.33 3.07
C ILE C 698 -78.19 -14.32 2.33
N GLY C 699 -77.86 -15.44 2.97
CA GLY C 699 -77.02 -16.43 2.33
C GLY C 699 -75.51 -16.14 2.34
N GLY C 700 -75.12 -14.92 1.98
CA GLY C 700 -73.71 -14.60 1.97
C GLY C 700 -73.45 -13.16 1.56
N PHE C 701 -72.22 -12.67 1.80
CA PHE C 701 -71.85 -11.32 1.42
C PHE C 701 -70.38 -11.17 1.16
N TRP C 702 -70.03 -10.10 0.43
CA TRP C 702 -68.65 -9.76 0.09
C TRP C 702 -68.48 -8.30 0.49
N THR C 703 -67.40 -7.99 1.19
CA THR C 703 -67.21 -6.59 1.55
C THR C 703 -66.14 -6.01 0.65
N GLY C 704 -65.28 -6.88 0.12
CA GLY C 704 -64.21 -6.44 -0.77
C GLY C 704 -63.27 -7.59 -1.10
N LYS C 705 -62.19 -7.32 -1.82
CA LYS C 705 -61.24 -8.35 -2.16
C LYS C 705 -60.84 -9.14 -0.92
N LYS C 706 -60.85 -10.46 -1.04
CA LYS C 706 -60.47 -11.33 0.06
C LYS C 706 -61.27 -11.23 1.36
N ARG C 707 -62.43 -10.58 1.33
CA ARG C 707 -63.22 -10.48 2.56
C ARG C 707 -64.67 -10.88 2.31
N TYR C 708 -65.04 -12.10 2.70
CA TYR C 708 -66.41 -12.56 2.49
C TYR C 708 -66.91 -13.68 3.42
N ALA C 709 -68.20 -13.94 3.38
CA ALA C 709 -68.79 -14.99 4.18
C ALA C 709 -69.93 -15.69 3.43
N LEU C 710 -69.97 -17.01 3.53
CA LEU C 710 -71.02 -17.80 2.87
C LEU C 710 -71.65 -18.82 3.83
N ASN C 711 -72.94 -19.04 3.69
CA ASN C 711 -73.59 -20.05 4.52
C ASN C 711 -73.57 -21.29 3.62
N VAL C 712 -72.63 -22.19 3.90
CA VAL C 712 -72.41 -23.38 3.10
C VAL C 712 -73.16 -24.64 3.51
N TRP C 713 -73.79 -25.30 2.53
CA TRP C 713 -74.56 -26.51 2.78
C TRP C 713 -73.89 -27.78 2.31
N ASP C 714 -73.12 -27.66 1.23
CA ASP C 714 -72.42 -28.77 0.63
C ASP C 714 -71.02 -28.32 0.22
N MET C 715 -70.04 -29.18 0.46
CA MET C 715 -68.66 -28.90 0.09
C MET C 715 -68.07 -30.11 -0.62
N GLU C 716 -67.69 -29.94 -1.88
CA GLU C 716 -67.09 -31.03 -2.66
C GLU C 716 -67.92 -32.30 -2.69
N GLY C 717 -69.17 -32.23 -2.23
CA GLY C 717 -69.99 -33.42 -2.23
C GLY C 717 -70.40 -33.92 -0.84
N THR C 718 -69.81 -33.36 0.21
CA THR C 718 -70.18 -33.73 1.57
C THR C 718 -71.39 -32.86 1.88
N ARG C 719 -72.55 -33.48 2.15
CA ARG C 719 -73.75 -32.72 2.45
C ARG C 719 -73.80 -32.57 3.96
N TYR C 720 -73.60 -31.35 4.44
CA TYR C 720 -73.60 -31.08 5.87
C TYR C 720 -74.94 -31.33 6.55
N ALA C 721 -74.88 -31.67 7.84
CA ALA C 721 -76.09 -31.89 8.63
C ALA C 721 -76.64 -30.52 9.00
N GLU C 722 -75.74 -29.62 9.38
CA GLU C 722 -76.10 -28.24 9.73
C GLU C 722 -75.25 -27.40 8.80
N PRO C 723 -75.75 -26.25 8.37
CA PRO C 723 -74.90 -25.46 7.48
C PRO C 723 -73.67 -24.92 8.22
N LYS C 724 -72.57 -24.75 7.49
CA LYS C 724 -71.33 -24.25 8.05
C LYS C 724 -70.96 -22.90 7.46
N LEU C 725 -70.57 -21.97 8.31
CA LEU C 725 -70.18 -20.65 7.84
C LEU C 725 -68.79 -20.77 7.26
N LYS C 726 -68.59 -20.25 6.07
CA LYS C 726 -67.28 -20.26 5.47
C LYS C 726 -67.00 -18.77 5.46
N ILE C 727 -66.00 -18.36 6.24
CA ILE C 727 -65.68 -16.95 6.33
C ILE C 727 -64.23 -16.77 5.98
N MET C 728 -63.98 -15.85 5.07
CA MET C 728 -62.62 -15.60 4.62
C MET C 728 -62.20 -14.16 4.86
N GLY C 729 -61.05 -14.00 5.49
CA GLY C 729 -60.52 -12.66 5.72
C GLY C 729 -61.14 -11.78 6.77
N LEU C 730 -62.44 -11.88 7.02
CA LEU C 730 -63.07 -11.03 8.02
C LEU C 730 -62.45 -11.16 9.42
N GLU C 731 -62.74 -10.20 10.29
CA GLU C 731 -62.15 -10.21 11.63
C GLU C 731 -62.26 -11.49 12.45
N THR C 732 -63.33 -12.25 12.27
CA THR C 732 -63.51 -13.51 13.00
C THR C 732 -62.40 -14.53 12.70
N GLN C 733 -61.63 -14.26 11.66
CA GLN C 733 -60.54 -15.16 11.27
C GLN C 733 -59.17 -14.63 11.64
N LYS C 734 -59.09 -13.38 12.09
CA LYS C 734 -57.79 -12.78 12.44
C LYS C 734 -57.32 -13.08 13.89
N SER C 735 -56.06 -13.50 14.04
CA SER C 735 -55.50 -13.81 15.35
C SER C 735 -55.41 -12.58 16.24
N SER C 736 -55.50 -11.40 15.64
CA SER C 736 -55.44 -10.16 16.37
C SER C 736 -56.77 -9.79 17.02
N THR C 737 -57.84 -10.49 16.64
CA THR C 737 -59.14 -10.16 17.17
C THR C 737 -59.43 -10.85 18.50
N PRO C 738 -59.80 -10.08 19.52
CA PRO C 738 -60.07 -10.76 20.80
C PRO C 738 -61.02 -11.96 20.61
N LYS C 739 -60.73 -13.04 21.34
CA LYS C 739 -61.52 -14.27 21.31
C LYS C 739 -63.02 -14.03 21.42
N ALA C 740 -63.46 -13.32 22.45
CA ALA C 740 -64.88 -13.07 22.65
C ALA C 740 -65.52 -12.30 21.51
N VAL C 741 -64.75 -11.45 20.85
CA VAL C 741 -65.28 -10.67 19.76
C VAL C 741 -65.36 -11.55 18.50
N GLN C 742 -64.48 -12.54 18.42
CA GLN C 742 -64.46 -13.45 17.27
C GLN C 742 -65.78 -14.20 17.28
N LYS C 743 -66.14 -14.75 18.44
CA LYS C 743 -67.38 -15.47 18.58
C LYS C 743 -68.60 -14.58 18.35
N ALA C 744 -68.52 -13.34 18.80
CA ALA C 744 -69.66 -12.44 18.67
C ALA C 744 -69.90 -12.04 17.23
N LEU C 745 -68.81 -11.73 16.52
CA LEU C 745 -68.90 -11.32 15.13
C LEU C 745 -69.37 -12.50 14.32
N LYS C 746 -68.92 -13.69 14.72
CA LYS C 746 -69.33 -14.90 14.02
C LYS C 746 -70.81 -15.14 14.22
N GLU C 747 -71.32 -14.84 15.41
CA GLU C 747 -72.76 -15.05 15.65
C GLU C 747 -73.53 -14.01 14.86
N CYS C 748 -72.91 -12.85 14.65
CA CYS C 748 -73.53 -11.77 13.91
C CYS C 748 -73.67 -12.21 12.47
N ILE C 749 -72.59 -12.74 11.93
CA ILE C 749 -72.61 -13.20 10.55
C ILE C 749 -73.57 -14.37 10.41
N ARG C 750 -73.55 -15.29 11.38
CA ARG C 750 -74.45 -16.43 11.31
C ARG C 750 -75.90 -15.97 11.21
N ARG C 751 -76.25 -14.91 11.93
CA ARG C 751 -77.62 -14.41 11.89
C ARG C 751 -77.94 -13.66 10.61
N MET C 752 -76.96 -12.96 10.07
CA MET C 752 -77.17 -12.24 8.84
C MET C 752 -77.44 -13.26 7.72
N LEU C 753 -76.59 -14.26 7.64
CA LEU C 753 -76.71 -15.26 6.60
C LEU C 753 -77.88 -16.22 6.73
N GLN C 754 -78.23 -16.60 7.94
CA GLN C 754 -79.31 -17.57 8.14
C GLN C 754 -80.62 -17.06 8.66
N GLU C 755 -80.61 -15.95 9.39
CA GLU C 755 -81.83 -15.45 9.99
C GLU C 755 -82.36 -14.10 9.56
N GLY C 756 -81.49 -13.16 9.22
CA GLY C 756 -81.98 -11.86 8.80
C GLY C 756 -81.65 -10.66 9.68
N GLU C 757 -82.08 -9.48 9.23
CA GLU C 757 -81.85 -8.21 9.90
C GLU C 757 -82.36 -8.14 11.33
N GLU C 758 -83.61 -8.54 11.54
CA GLU C 758 -84.17 -8.46 12.87
C GLU C 758 -83.35 -9.27 13.85
N SER C 759 -83.03 -10.51 13.49
CA SER C 759 -82.25 -11.38 14.34
C SER C 759 -80.87 -10.80 14.68
N LEU C 760 -80.29 -10.09 13.71
CA LEU C 760 -78.99 -9.46 13.86
C LEU C 760 -79.09 -8.38 14.92
N GLN C 761 -80.11 -7.53 14.79
CA GLN C 761 -80.33 -6.45 15.72
C GLN C 761 -80.54 -6.96 17.13
N GLU C 762 -81.22 -8.09 17.27
CA GLU C 762 -81.46 -8.65 18.59
C GLU C 762 -80.12 -9.01 19.28
N TYR C 763 -79.24 -9.72 18.58
CA TYR C 763 -77.97 -10.10 19.19
C TYR C 763 -77.02 -8.93 19.39
N PHE C 764 -77.14 -7.90 18.57
CA PHE C 764 -76.25 -6.75 18.72
C PHE C 764 -76.46 -6.20 20.11
N LYS C 765 -77.74 -6.06 20.49
CA LYS C 765 -78.07 -5.57 21.82
C LYS C 765 -77.57 -6.52 22.90
N GLU C 766 -77.85 -7.81 22.73
CA GLU C 766 -77.39 -8.79 23.71
C GLU C 766 -75.89 -8.69 23.99
N PHE C 767 -75.04 -8.76 22.96
CA PHE C 767 -73.60 -8.67 23.16
C PHE C 767 -73.14 -7.35 23.79
N GLU C 768 -73.80 -6.24 23.44
CA GLU C 768 -73.43 -4.95 24.00
C GLU C 768 -73.70 -4.89 25.50
N LYS C 769 -74.78 -5.52 25.94
CA LYS C 769 -75.12 -5.53 27.35
C LYS C 769 -74.25 -6.44 28.18
N GLU C 770 -73.65 -7.45 27.57
CA GLU C 770 -72.82 -8.38 28.34
C GLU C 770 -71.33 -8.16 28.20
N PHE C 771 -70.95 -7.25 27.32
CA PHE C 771 -69.55 -6.96 27.06
C PHE C 771 -68.71 -6.71 28.29
N ARG C 772 -69.22 -5.85 29.16
CA ARG C 772 -68.50 -5.48 30.38
C ARG C 772 -68.39 -6.55 31.45
N GLN C 773 -69.02 -7.71 31.23
CA GLN C 773 -68.94 -8.81 32.20
C GLN C 773 -67.86 -9.81 31.75
N LEU C 774 -67.42 -9.69 30.50
CA LEU C 774 -66.45 -10.63 29.95
C LEU C 774 -65.03 -10.54 30.49
N ASN C 775 -64.41 -11.68 30.68
CA ASN C 775 -63.06 -11.69 31.17
C ASN C 775 -62.22 -10.73 30.33
N TYR C 776 -61.23 -10.08 30.93
CA TYR C 776 -60.43 -9.10 30.19
C TYR C 776 -59.46 -9.71 29.20
N ILE C 777 -58.98 -10.92 29.45
CA ILE C 777 -58.11 -11.53 28.48
C ILE C 777 -58.90 -11.93 27.20
N SER C 778 -60.19 -12.18 27.33
CA SER C 778 -60.97 -12.58 26.19
C SER C 778 -61.46 -11.43 25.34
N ILE C 779 -61.21 -10.20 25.78
CA ILE C 779 -61.61 -9.04 24.98
C ILE C 779 -60.43 -8.16 24.60
N ALA C 780 -59.23 -8.69 24.79
CA ALA C 780 -58.05 -7.93 24.46
C ALA C 780 -57.57 -8.34 23.08
N SER C 781 -57.07 -7.35 22.34
CA SER C 781 -56.54 -7.54 20.99
C SER C 781 -55.18 -8.19 21.12
N VAL C 782 -54.58 -8.54 20.00
CA VAL C 782 -53.27 -9.17 20.00
C VAL C 782 -52.44 -8.60 18.86
N SER C 783 -51.13 -8.57 19.03
CA SER C 783 -50.26 -8.03 18.01
C SER C 783 -48.87 -8.56 18.23
N SER C 784 -47.97 -8.30 17.29
CA SER C 784 -46.57 -8.74 17.40
C SER C 784 -45.66 -7.60 17.81
N ALA C 785 -44.82 -7.86 18.80
CA ALA C 785 -43.89 -6.86 19.28
C ALA C 785 -42.69 -6.76 18.37
N ASN C 786 -42.76 -5.93 17.34
CA ASN C 786 -41.62 -5.78 16.44
C ASN C 786 -41.06 -4.38 16.43
N ASN C 787 -39.74 -4.29 16.34
CA ASN C 787 -39.04 -3.03 16.34
C ASN C 787 -39.38 -2.21 17.57
N ILE C 788 -39.51 -2.86 18.72
CA ILE C 788 -39.82 -2.14 19.94
C ILE C 788 -38.81 -1.04 20.13
N ALA C 789 -37.54 -1.41 20.06
CA ALA C 789 -36.43 -0.48 20.24
C ALA C 789 -36.54 0.74 19.33
N LYS C 790 -36.63 0.50 18.02
CA LYS C 790 -36.73 1.55 17.02
C LYS C 790 -37.65 2.70 17.44
N TYR C 791 -38.70 2.40 18.18
CA TYR C 791 -39.64 3.42 18.58
C TYR C 791 -39.55 3.82 20.03
N ASP C 792 -38.52 3.36 20.73
CA ASP C 792 -38.38 3.67 22.14
C ASP C 792 -37.45 4.84 22.41
N VAL C 793 -38.02 6.03 22.66
CA VAL C 793 -37.16 7.18 22.93
C VAL C 793 -37.24 7.56 24.42
N GLY C 794 -36.33 6.98 25.20
CA GLY C 794 -36.30 7.26 26.62
C GLY C 794 -37.53 6.71 27.30
N GLY C 795 -37.91 5.50 26.89
CA GLY C 795 -39.07 4.84 27.45
C GLY C 795 -40.39 5.50 27.06
N PHE C 796 -40.36 6.29 26.00
CA PHE C 796 -41.55 6.98 25.51
C PHE C 796 -41.71 6.78 24.00
N PRO C 797 -42.95 6.82 23.52
CA PRO C 797 -43.19 6.64 22.08
C PRO C 797 -42.54 7.68 21.17
N GLY C 798 -41.62 7.22 20.32
CA GLY C 798 -40.94 8.11 19.38
C GLY C 798 -41.79 8.44 18.16
N PRO C 799 -41.18 8.99 17.10
CA PRO C 799 -41.96 9.33 15.90
C PRO C 799 -42.50 8.09 15.18
N LYS C 800 -43.78 8.16 14.79
CA LYS C 800 -44.45 7.07 14.07
C LYS C 800 -44.61 5.79 14.90
N CYS C 801 -44.57 5.90 16.22
CA CYS C 801 -44.70 4.72 17.06
C CYS C 801 -46.03 4.01 16.89
N PRO C 802 -46.00 2.76 16.43
CA PRO C 802 -47.25 2.01 16.24
C PRO C 802 -48.01 1.90 17.56
N PHE C 803 -49.33 1.83 17.47
CA PHE C 803 -50.19 1.76 18.64
C PHE C 803 -49.84 0.67 19.65
N HIS C 804 -49.62 -0.56 19.16
CA HIS C 804 -49.31 -1.65 20.07
C HIS C 804 -47.97 -1.48 20.72
N ILE C 805 -47.05 -0.87 19.98
CA ILE C 805 -45.71 -0.63 20.52
C ILE C 805 -45.79 0.45 21.60
N ARG C 806 -46.69 1.40 21.41
CA ARG C 806 -46.87 2.45 22.41
C ARG C 806 -47.35 1.81 23.70
N GLY C 807 -48.13 0.75 23.58
CA GLY C 807 -48.65 0.07 24.74
C GLY C 807 -47.61 -0.80 25.42
N ILE C 808 -46.63 -1.28 24.66
CA ILE C 808 -45.59 -2.10 25.26
C ILE C 808 -44.76 -1.14 26.11
N LEU C 809 -44.46 0.02 25.54
CA LEU C 809 -43.69 1.04 26.23
C LEU C 809 -44.43 1.50 27.50
N THR C 810 -45.76 1.54 27.44
CA THR C 810 -46.51 1.96 28.60
C THR C 810 -46.33 0.93 29.69
N TYR C 811 -46.27 -0.33 29.29
CA TYR C 811 -46.11 -1.42 30.24
C TYR C 811 -44.70 -1.45 30.79
N ASN C 812 -43.71 -1.33 29.91
CA ASN C 812 -42.33 -1.35 30.35
C ASN C 812 -42.13 -0.31 31.45
N ARG C 813 -42.71 0.88 31.29
CA ARG C 813 -42.56 1.91 32.29
C ARG C 813 -43.27 1.52 33.57
N ALA C 814 -44.49 1.00 33.46
CA ALA C 814 -45.26 0.61 34.63
C ALA C 814 -44.60 -0.48 35.47
N ILE C 815 -43.59 -1.13 34.92
CA ILE C 815 -42.92 -2.20 35.65
C ILE C 815 -41.44 -1.88 35.84
N LYS C 816 -41.05 -0.67 35.45
CA LYS C 816 -39.68 -0.19 35.59
C LYS C 816 -39.39 -0.26 37.07
N GLY C 817 -38.56 -1.23 37.47
CA GLY C 817 -38.26 -1.39 38.87
C GLY C 817 -38.40 -2.83 39.28
N ASN C 818 -39.62 -3.38 39.24
CA ASN C 818 -39.80 -4.78 39.62
C ASN C 818 -39.19 -5.79 38.64
N ILE C 819 -38.14 -6.47 39.10
CA ILE C 819 -37.42 -7.46 38.28
C ILE C 819 -38.16 -8.80 38.13
N ASP C 820 -39.26 -8.96 38.88
CA ASP C 820 -40.05 -10.18 38.84
C ASP C 820 -41.16 -10.07 37.80
N ALA C 821 -41.36 -8.86 37.29
CA ALA C 821 -42.37 -8.56 36.29
C ALA C 821 -41.98 -9.14 34.96
N PRO C 822 -42.87 -9.92 34.34
CA PRO C 822 -42.64 -10.56 33.03
C PRO C 822 -42.29 -9.56 31.94
N GLN C 823 -41.26 -9.89 31.18
CA GLN C 823 -40.77 -9.04 30.11
C GLN C 823 -41.42 -9.32 28.75
N VAL C 824 -41.61 -8.26 27.98
CA VAL C 824 -42.17 -8.37 26.65
C VAL C 824 -40.98 -8.60 25.74
N VAL C 825 -40.86 -9.82 25.24
CA VAL C 825 -39.75 -10.19 24.37
C VAL C 825 -39.92 -9.72 22.91
N GLU C 826 -38.88 -9.07 22.42
CA GLU C 826 -38.87 -8.57 21.05
C GLU C 826 -39.22 -9.74 20.13
N GLY C 827 -40.17 -9.53 19.23
CA GLY C 827 -40.58 -10.58 18.32
C GLY C 827 -41.69 -11.50 18.83
N GLU C 828 -41.97 -11.45 20.13
CA GLU C 828 -43.04 -12.28 20.67
C GLU C 828 -44.37 -11.58 20.46
N LYS C 829 -45.42 -12.00 21.15
CA LYS C 829 -46.72 -11.37 20.96
C LYS C 829 -47.32 -10.77 22.21
N VAL C 830 -48.22 -9.81 22.04
CA VAL C 830 -48.82 -9.16 23.19
C VAL C 830 -50.30 -8.90 23.08
N TYR C 831 -50.94 -8.88 24.25
CA TYR C 831 -52.34 -8.55 24.38
C TYR C 831 -52.26 -7.03 24.43
N VAL C 832 -53.32 -6.33 24.08
CA VAL C 832 -53.30 -4.86 24.08
C VAL C 832 -54.65 -4.37 24.52
N LEU C 833 -54.67 -3.38 25.40
CA LEU C 833 -55.94 -2.82 25.85
C LEU C 833 -55.93 -1.32 25.81
N PRO C 834 -57.04 -0.71 25.43
CA PRO C 834 -56.98 0.76 25.44
C PRO C 834 -57.30 1.25 26.87
N LEU C 835 -56.67 2.37 27.27
CA LEU C 835 -56.88 2.93 28.63
C LEU C 835 -57.61 4.26 28.57
N ARG C 836 -58.54 4.49 29.49
CA ARG C 836 -59.24 5.77 29.48
C ARG C 836 -58.26 6.90 29.81
N GLU C 837 -58.55 8.10 29.35
CA GLU C 837 -57.65 9.24 29.61
C GLU C 837 -57.62 9.65 31.08
N GLY C 838 -56.42 10.00 31.54
CA GLY C 838 -56.25 10.43 32.92
C GLY C 838 -55.88 9.27 33.81
N ASN C 839 -55.44 8.19 33.18
CA ASN C 839 -55.09 6.99 33.89
C ASN C 839 -53.66 7.05 34.43
N PRO C 840 -53.39 6.27 35.49
CA PRO C 840 -52.10 6.16 36.18
C PRO C 840 -50.93 5.68 35.35
N PHE C 841 -51.19 5.32 34.09
CA PHE C 841 -50.13 4.81 33.21
C PHE C 841 -49.62 5.88 32.26
N GLY C 842 -50.38 6.96 32.14
CA GLY C 842 -49.98 8.05 31.28
C GLY C 842 -49.91 7.83 29.77
N ASP C 843 -50.88 7.09 29.25
CA ASP C 843 -50.98 6.86 27.82
C ASP C 843 -52.30 6.17 27.50
N LYS C 844 -52.67 6.20 26.22
CA LYS C 844 -53.95 5.66 25.75
C LYS C 844 -54.05 4.15 25.58
N CYS C 845 -52.99 3.43 25.87
CA CYS C 845 -53.02 1.99 25.75
C CYS C 845 -51.89 1.33 26.52
N ILE C 846 -52.04 0.04 26.78
CA ILE C 846 -51.04 -0.73 27.49
C ILE C 846 -51.05 -2.15 26.91
N ALA C 847 -49.90 -2.80 26.95
CA ALA C 847 -49.77 -4.14 26.41
C ALA C 847 -48.87 -5.00 27.26
N TRP C 848 -49.22 -6.27 27.44
CA TRP C 848 -48.39 -7.19 28.22
C TRP C 848 -48.17 -8.46 27.40
N PRO C 849 -47.24 -9.34 27.82
CA PRO C 849 -46.92 -10.60 27.12
C PRO C 849 -48.16 -11.50 26.93
N SER C 850 -48.46 -11.83 25.67
CA SER C 850 -49.64 -12.64 25.37
C SER C 850 -49.60 -14.04 25.95
N GLY C 851 -50.79 -14.59 26.10
CA GLY C 851 -50.93 -15.93 26.62
C GLY C 851 -50.77 -15.98 28.11
N THR C 852 -50.82 -14.82 28.76
CA THR C 852 -50.64 -14.79 30.21
C THR C 852 -51.56 -13.83 30.90
N GLU C 853 -51.58 -13.92 32.22
CA GLU C 853 -52.36 -12.99 33.02
C GLU C 853 -51.38 -11.85 33.24
N ILE C 854 -51.89 -10.62 33.36
CA ILE C 854 -51.04 -9.45 33.56
C ILE C 854 -50.53 -9.45 35.01
N THR C 855 -49.26 -9.06 35.21
CA THR C 855 -48.67 -9.00 36.55
C THR C 855 -49.65 -8.46 37.58
N ASP C 856 -49.65 -9.06 38.76
CA ASP C 856 -50.56 -8.61 39.80
C ASP C 856 -50.24 -7.17 40.22
N LEU C 857 -49.02 -6.72 39.96
CA LEU C 857 -48.61 -5.37 40.30
C LEU C 857 -49.57 -4.34 39.73
N ILE C 858 -49.70 -4.32 38.41
CA ILE C 858 -50.56 -3.34 37.76
C ILE C 858 -51.95 -3.80 37.37
N LYS C 859 -52.22 -5.10 37.52
CA LYS C 859 -53.51 -5.66 37.13
C LYS C 859 -54.79 -4.94 37.54
N ASP C 860 -54.95 -4.72 38.84
CA ASP C 860 -56.17 -4.06 39.28
C ASP C 860 -56.33 -2.68 38.67
N ASP C 861 -55.22 -2.02 38.39
CA ASP C 861 -55.29 -0.69 37.81
C ASP C 861 -55.79 -0.82 36.38
N VAL C 862 -55.13 -1.71 35.63
CA VAL C 862 -55.51 -1.95 34.25
C VAL C 862 -57.01 -2.26 34.15
N LEU C 863 -57.49 -3.10 35.04
CA LEU C 863 -58.90 -3.43 35.00
C LEU C 863 -59.76 -2.23 35.28
N HIS C 864 -59.25 -1.30 36.09
CA HIS C 864 -60.01 -0.10 36.44
C HIS C 864 -60.02 0.96 35.34
N TRP C 865 -58.95 1.03 34.55
CA TRP C 865 -58.85 2.03 33.51
C TRP C 865 -59.09 1.63 32.06
N MET C 866 -59.20 0.33 31.78
CA MET C 866 -59.42 -0.15 30.42
C MET C 866 -60.71 0.45 29.84
N ASP C 867 -60.58 1.07 28.67
CA ASP C 867 -61.69 1.76 27.99
C ASP C 867 -62.67 0.81 27.26
N TYR C 868 -63.66 0.26 27.96
CA TYR C 868 -64.64 -0.64 27.33
C TYR C 868 -65.27 -0.04 26.06
N THR C 869 -65.77 1.19 26.18
CA THR C 869 -66.40 1.88 25.05
C THR C 869 -65.51 1.92 23.80
N VAL C 870 -64.26 2.32 23.99
CA VAL C 870 -63.32 2.41 22.88
C VAL C 870 -62.92 1.01 22.45
N LEU C 871 -63.06 0.06 23.35
CA LEU C 871 -62.69 -1.30 23.03
C LEU C 871 -63.78 -1.95 22.18
N LEU C 872 -65.03 -1.78 22.62
CA LEU C 872 -66.15 -2.35 21.91
C LEU C 872 -66.24 -1.77 20.52
N GLU C 873 -66.00 -0.47 20.42
CA GLU C 873 -66.09 0.23 19.16
C GLU C 873 -65.00 -0.09 18.13
N LYS C 874 -63.77 -0.33 18.55
CA LYS C 874 -62.78 -0.59 17.53
C LYS C 874 -62.57 -2.06 17.19
N THR C 875 -63.10 -2.97 17.99
CA THR C 875 -62.91 -4.38 17.70
C THR C 875 -64.20 -5.09 17.27
N PHE C 876 -65.35 -4.53 17.67
CA PHE C 876 -66.64 -5.14 17.36
C PHE C 876 -67.49 -4.37 16.36
N ILE C 877 -67.94 -3.20 16.80
CA ILE C 877 -68.78 -2.35 16.02
C ILE C 877 -68.21 -1.86 14.68
N LYS C 878 -66.96 -1.45 14.67
CA LYS C 878 -66.39 -0.96 13.44
C LYS C 878 -66.43 -2.06 12.36
N PRO C 879 -65.95 -3.27 12.69
CA PRO C 879 -66.04 -4.25 11.61
C PRO C 879 -67.46 -4.73 11.30
N LEU C 880 -68.38 -4.60 12.26
CA LEU C 880 -69.75 -5.02 11.98
C LEU C 880 -70.32 -4.10 10.90
N GLU C 881 -70.26 -2.77 11.08
CA GLU C 881 -70.82 -1.90 10.05
C GLU C 881 -70.10 -2.16 8.75
N GLY C 882 -68.87 -2.63 8.83
CA GLY C 882 -68.17 -2.96 7.61
C GLY C 882 -68.97 -4.06 6.91
N PHE C 883 -69.34 -5.10 7.66
CA PHE C 883 -70.11 -6.21 7.10
C PHE C 883 -71.50 -5.75 6.67
N THR C 884 -72.17 -5.08 7.60
CA THR C 884 -73.53 -4.63 7.38
C THR C 884 -73.75 -3.64 6.26
N SER C 885 -72.89 -2.64 6.13
CA SER C 885 -73.10 -1.70 5.04
C SER C 885 -72.94 -2.45 3.71
N ALA C 886 -72.04 -3.42 3.68
CA ALA C 886 -71.82 -4.21 2.49
C ALA C 886 -73.02 -5.11 2.20
N ALA C 887 -73.55 -5.79 3.21
CA ALA C 887 -74.70 -6.66 3.03
C ALA C 887 -75.96 -5.80 2.91
N LYS C 888 -75.79 -4.50 3.15
CA LYS C 888 -76.88 -3.54 3.09
C LYS C 888 -77.97 -3.78 4.10
N LEU C 889 -77.56 -4.17 5.31
CA LEU C 889 -78.46 -4.41 6.44
C LEU C 889 -78.11 -3.35 7.49
N ASP C 890 -78.90 -3.33 8.55
CA ASP C 890 -78.66 -2.43 9.67
C ASP C 890 -78.55 -3.26 10.95
N TYR C 891 -77.52 -3.01 11.76
CA TYR C 891 -77.41 -3.77 12.99
C TYR C 891 -78.20 -3.08 14.10
N GLU C 892 -78.75 -1.92 13.79
CA GLU C 892 -79.56 -1.19 14.76
C GLU C 892 -80.82 -0.79 14.03
N LYS C 893 -81.97 -1.04 14.65
CA LYS C 893 -83.25 -0.71 14.02
C LYS C 893 -83.34 0.79 13.66
N LYS C 894 -83.85 1.08 12.47
CA LYS C 894 -84.04 2.46 12.01
C LYS C 894 -85.53 2.69 11.78
N ALA C 895 -85.94 3.93 11.68
CA ALA C 895 -87.37 4.18 11.49
C ALA C 895 -87.87 4.06 10.04
N SER C 896 -89.19 4.06 9.90
CA SER C 896 -89.87 3.98 8.62
C SER C 896 -91.34 4.11 8.94
N LEU C 897 -92.19 3.81 7.98
CA LEU C 897 -93.61 3.87 8.22
C LEU C 897 -94.04 2.54 8.82
N PHE C 898 -94.54 2.59 10.05
CA PHE C 898 -95.00 1.40 10.76
C PHE C 898 -96.12 1.75 11.75
N ASP C 899 -97.29 2.05 11.18
CA ASP C 899 -98.48 2.42 11.94
C ASP C 899 -99.71 2.43 11.02
N MET C 900 -100.81 3.00 11.50
CA MET C 900 -102.06 3.10 10.74
C MET C 900 -102.46 1.77 10.13
N MET D 1 64.04 -57.13 6.97
CA MET D 1 63.48 -55.75 6.98
C MET D 1 64.51 -54.74 6.50
N LYS D 2 64.28 -54.19 5.31
CA LYS D 2 65.17 -53.18 4.73
C LYS D 2 65.38 -52.14 5.81
N GLU D 3 66.58 -51.57 5.90
CA GLU D 3 66.82 -50.58 6.93
C GLU D 3 66.64 -49.14 6.47
N PHE D 4 66.25 -48.28 7.41
CA PHE D 4 66.03 -46.86 7.13
C PHE D 4 66.71 -45.98 8.18
N TYR D 5 67.47 -44.99 7.71
CA TYR D 5 68.17 -44.08 8.61
C TYR D 5 67.20 -43.41 9.57
N LEU D 6 67.73 -42.67 10.54
CA LEU D 6 66.89 -41.98 11.51
C LEU D 6 67.25 -40.51 11.53
N THR D 7 68.51 -40.23 11.86
CA THR D 7 69.02 -38.88 11.91
C THR D 7 70.42 -38.87 11.29
N VAL D 8 70.92 -37.69 10.94
CA VAL D 8 72.25 -37.59 10.33
C VAL D 8 72.90 -36.22 10.43
N GLU D 9 74.05 -36.16 11.12
CA GLU D 9 74.77 -34.91 11.29
C GLU D 9 76.11 -34.92 10.57
N GLN D 10 76.67 -33.74 10.36
CA GLN D 10 77.96 -33.62 9.71
C GLN D 10 78.87 -32.85 10.64
N ILE D 11 79.77 -33.58 11.30
CA ILE D 11 80.72 -32.96 12.21
C ILE D 11 82.11 -33.32 11.70
N GLY D 12 82.83 -32.32 11.20
CA GLY D 12 84.15 -32.57 10.68
C GLY D 12 84.08 -33.41 9.41
N ASP D 13 85.15 -34.14 9.14
CA ASP D 13 85.22 -34.98 7.96
C ASP D 13 84.45 -36.29 8.14
N SER D 14 83.51 -36.30 9.08
CA SER D 14 82.72 -37.50 9.33
C SER D 14 81.22 -37.23 9.48
N ILE D 15 80.44 -38.27 9.21
CA ILE D 15 78.97 -38.24 9.29
C ILE D 15 78.50 -39.20 10.40
N PHE D 16 77.57 -38.75 11.23
CA PHE D 16 77.05 -39.59 12.30
C PHE D 16 75.60 -39.91 12.02
N GLU D 17 75.32 -41.18 11.80
CA GLU D 17 73.97 -41.61 11.48
C GLU D 17 73.37 -42.66 12.39
N ARG D 18 72.41 -42.25 13.22
CA ARG D 18 71.73 -43.22 14.08
C ARG D 18 70.71 -43.86 13.14
N TYR D 19 70.69 -45.18 13.09
CA TYR D 19 69.74 -45.85 12.21
C TYR D 19 69.13 -47.11 12.82
N ILE D 20 68.45 -47.87 11.97
CA ILE D 20 67.80 -49.11 12.36
C ILE D 20 68.14 -50.19 11.34
N ASP D 21 69.08 -51.08 11.69
CA ASP D 21 69.52 -52.14 10.81
C ASP D 21 68.44 -53.11 10.35
N SER D 22 68.88 -54.18 9.71
CA SER D 22 67.99 -55.21 9.17
C SER D 22 66.99 -55.80 10.18
N ASN D 23 67.45 -56.04 11.41
CA ASN D 23 66.59 -56.62 12.45
C ASN D 23 65.64 -55.65 13.10
N GLY D 24 65.76 -54.37 12.77
CA GLY D 24 64.89 -53.38 13.38
C GLY D 24 65.46 -52.96 14.72
N ARG D 25 66.77 -53.09 14.85
CA ARG D 25 67.47 -52.71 16.08
C ARG D 25 68.21 -51.41 15.82
N GLU D 26 68.04 -50.44 16.71
CA GLU D 26 68.70 -49.16 16.54
C GLU D 26 70.20 -49.24 16.76
N ARG D 27 70.95 -48.66 15.83
CA ARG D 27 72.39 -48.65 15.92
C ARG D 27 72.86 -47.21 15.77
N THR D 28 74.14 -47.04 15.46
CA THR D 28 74.71 -45.70 15.29
C THR D 28 76.16 -45.86 14.87
N ARG D 29 76.52 -45.22 13.76
CA ARG D 29 77.89 -45.30 13.23
C ARG D 29 78.51 -43.93 13.00
N GLU D 30 79.70 -43.92 12.41
CA GLU D 30 80.39 -42.67 12.12
C GLU D 30 81.22 -42.86 10.86
N VAL D 31 80.59 -42.65 9.70
CA VAL D 31 81.25 -42.81 8.42
C VAL D 31 82.09 -41.61 7.97
N GLU D 32 83.26 -41.92 7.40
CA GLU D 32 84.17 -40.91 6.88
C GLU D 32 83.72 -40.66 5.44
N TYR D 33 82.56 -40.04 5.28
CA TYR D 33 82.03 -39.83 3.94
C TYR D 33 82.98 -39.16 2.95
N LYS D 34 83.19 -39.86 1.84
CA LYS D 34 84.05 -39.38 0.77
C LYS D 34 83.07 -38.82 -0.27
N PRO D 35 82.84 -37.50 -0.24
CA PRO D 35 81.92 -36.86 -1.18
C PRO D 35 82.24 -37.17 -2.64
N SER D 36 81.67 -36.39 -3.54
CA SER D 36 81.89 -36.59 -4.97
C SER D 36 81.23 -35.45 -5.74
N LEU D 37 81.98 -34.35 -5.92
CA LEU D 37 81.46 -33.19 -6.63
C LEU D 37 81.75 -33.22 -8.13
N PHE D 38 81.37 -32.15 -8.83
CA PHE D 38 81.59 -32.10 -10.27
C PHE D 38 82.04 -30.75 -10.81
N ALA D 39 82.55 -30.80 -12.04
CA ALA D 39 83.02 -29.62 -12.76
C ALA D 39 82.97 -29.96 -14.26
N HIS D 40 82.80 -28.95 -15.10
CA HIS D 40 82.72 -29.17 -16.54
C HIS D 40 84.05 -29.58 -17.15
N CYS D 41 84.01 -30.67 -17.93
CA CYS D 41 85.20 -31.18 -18.59
C CYS D 41 85.06 -30.94 -20.09
N PRO D 42 86.17 -30.98 -20.83
CA PRO D 42 86.08 -30.76 -22.28
C PRO D 42 85.31 -31.89 -22.95
N GLU D 43 84.67 -31.59 -24.07
CA GLU D 43 83.91 -32.59 -24.81
C GLU D 43 84.75 -33.86 -24.96
N SER D 44 86.06 -33.67 -24.97
CA SER D 44 87.00 -34.78 -25.09
C SER D 44 86.95 -35.74 -23.86
N GLN D 45 86.79 -35.18 -22.67
CA GLN D 45 86.74 -35.99 -21.44
C GLN D 45 85.37 -36.65 -21.30
N ALA D 46 85.18 -37.75 -22.03
CA ALA D 46 83.91 -38.47 -21.98
C ALA D 46 83.66 -39.25 -20.70
N THR D 47 82.39 -39.29 -20.30
CA THR D 47 81.93 -40.01 -19.11
C THR D 47 80.45 -40.31 -19.31
N LYS D 48 79.74 -40.55 -18.20
CA LYS D 48 78.31 -40.83 -18.27
C LYS D 48 77.59 -39.79 -17.43
N TYR D 49 78.29 -38.71 -17.11
CA TYR D 49 77.75 -37.65 -16.29
C TYR D 49 77.58 -36.33 -17.05
N PHE D 50 76.36 -35.82 -17.07
CA PHE D 50 76.05 -34.57 -17.75
C PHE D 50 75.17 -33.73 -16.82
N ASP D 51 75.26 -32.41 -16.93
CA ASP D 51 74.42 -31.57 -16.10
C ASP D 51 73.05 -31.51 -16.77
N ILE D 52 72.07 -30.90 -16.11
CA ILE D 52 70.73 -30.82 -16.68
C ILE D 52 70.75 -30.24 -18.10
N TYR D 53 71.82 -29.50 -18.42
CA TYR D 53 71.97 -28.86 -19.72
C TYR D 53 72.55 -29.75 -20.82
N GLY D 54 72.73 -31.03 -20.54
CA GLY D 54 73.28 -31.95 -21.53
C GLY D 54 74.80 -31.91 -21.61
N LYS D 55 75.39 -30.88 -21.00
CA LYS D 55 76.84 -30.70 -21.00
C LYS D 55 77.55 -31.84 -20.28
N PRO D 56 78.79 -32.16 -20.69
CA PRO D 56 79.57 -33.23 -20.08
C PRO D 56 80.22 -32.77 -18.77
N CYS D 57 80.38 -33.70 -17.83
CA CYS D 57 80.99 -33.38 -16.53
C CYS D 57 82.02 -34.39 -16.04
N THR D 58 82.92 -33.91 -15.20
CA THR D 58 83.98 -34.74 -14.61
C THR D 58 83.79 -34.86 -13.09
N ARG D 59 83.58 -36.08 -12.63
CA ARG D 59 83.37 -36.37 -11.22
C ARG D 59 84.61 -36.24 -10.35
N LYS D 60 84.66 -35.21 -9.53
CA LYS D 60 85.80 -34.98 -8.64
C LYS D 60 85.59 -35.60 -7.26
N LEU D 61 86.42 -36.60 -6.93
CA LEU D 61 86.32 -37.29 -5.64
C LEU D 61 87.28 -36.66 -4.62
N PHE D 62 86.86 -36.57 -3.36
CA PHE D 62 87.71 -35.99 -2.32
C PHE D 62 87.99 -36.98 -1.20
N ALA D 63 89.10 -36.78 -0.51
CA ALA D 63 89.49 -37.65 0.59
C ALA D 63 88.44 -37.57 1.69
N ASN D 64 88.15 -36.34 2.12
CA ASN D 64 87.16 -36.11 3.17
C ASN D 64 86.07 -35.16 2.66
N MET D 65 85.31 -34.57 3.59
CA MET D 65 84.25 -33.64 3.23
C MET D 65 84.73 -32.19 3.38
N ARG D 66 85.77 -31.99 4.17
CA ARG D 66 86.31 -30.65 4.39
C ARG D 66 86.94 -30.15 3.11
N ASP D 67 87.77 -31.00 2.49
CA ASP D 67 88.43 -30.65 1.24
C ASP D 67 87.40 -30.21 0.20
N ALA D 68 86.36 -31.02 0.04
CA ALA D 68 85.30 -30.74 -0.91
C ALA D 68 84.75 -29.32 -0.72
N SER D 69 84.29 -29.02 0.49
CA SER D 69 83.74 -27.71 0.79
C SER D 69 84.69 -26.59 0.38
N GLN D 70 85.99 -26.81 0.59
CA GLN D 70 86.99 -25.82 0.25
C GLN D 70 87.10 -25.72 -1.27
N TRP D 71 87.18 -26.88 -1.92
CA TRP D 71 87.26 -26.95 -3.37
C TRP D 71 86.13 -26.07 -3.92
N ILE D 72 84.96 -26.21 -3.30
CA ILE D 72 83.80 -25.43 -3.69
C ILE D 72 84.16 -23.96 -3.51
N LYS D 73 84.57 -23.60 -2.30
CA LYS D 73 84.95 -22.24 -1.99
C LYS D 73 85.91 -21.72 -3.04
N ARG D 74 86.81 -22.59 -3.49
CA ARG D 74 87.79 -22.23 -4.49
C ARG D 74 87.12 -21.93 -5.84
N MET D 75 86.60 -22.98 -6.47
CA MET D 75 85.93 -22.85 -7.76
C MET D 75 85.21 -21.52 -7.91
N GLU D 76 84.26 -21.28 -7.03
CA GLU D 76 83.44 -20.07 -7.04
C GLU D 76 84.20 -18.80 -6.70
N ASP D 77 85.53 -18.88 -6.59
CA ASP D 77 86.29 -17.70 -6.26
C ASP D 77 86.03 -16.54 -7.22
N ILE D 78 86.02 -16.83 -8.52
CA ILE D 78 85.71 -15.79 -9.50
C ILE D 78 85.05 -16.34 -10.77
N GLY D 79 84.11 -17.26 -10.61
CA GLY D 79 83.42 -17.79 -11.77
C GLY D 79 83.09 -19.26 -11.83
N LEU D 80 84.13 -20.09 -11.94
CA LEU D 80 83.99 -21.54 -12.06
C LEU D 80 82.76 -22.15 -11.36
N GLU D 81 82.13 -23.09 -12.05
CA GLU D 81 80.93 -23.76 -11.54
C GLU D 81 81.17 -25.09 -10.83
N ALA D 82 80.51 -25.25 -9.70
CA ALA D 82 80.62 -26.46 -8.88
C ALA D 82 79.32 -27.26 -8.90
N LEU D 83 79.26 -28.25 -9.77
CA LEU D 83 78.08 -29.10 -9.91
C LEU D 83 78.09 -30.16 -8.81
N GLY D 84 77.01 -30.93 -8.72
CA GLY D 84 76.89 -31.97 -7.72
C GLY D 84 76.31 -31.50 -6.40
N MET D 85 75.74 -32.44 -5.65
CA MET D 85 75.14 -32.11 -4.35
C MET D 85 76.18 -31.62 -3.35
N ASP D 86 76.02 -30.38 -2.89
CA ASP D 86 76.95 -29.80 -1.93
C ASP D 86 76.56 -30.06 -0.47
N ASP D 87 75.31 -30.44 -0.23
CA ASP D 87 74.90 -30.76 1.15
C ASP D 87 75.29 -32.22 1.30
N PHE D 88 76.39 -32.45 2.00
CA PHE D 88 76.89 -33.79 2.18
C PHE D 88 75.98 -34.69 2.99
N LYS D 89 75.12 -34.09 3.80
CA LYS D 89 74.18 -34.87 4.59
C LYS D 89 73.30 -35.60 3.57
N LEU D 90 72.69 -34.80 2.69
CA LEU D 90 71.81 -35.31 1.63
C LEU D 90 72.50 -36.31 0.72
N ALA D 91 73.74 -36.01 0.37
CA ALA D 91 74.49 -36.91 -0.51
C ALA D 91 74.59 -38.29 0.12
N TYR D 92 74.94 -38.33 1.40
CA TYR D 92 75.07 -39.59 2.11
C TYR D 92 73.83 -40.46 2.09
N LEU D 93 72.70 -39.89 2.50
CA LEU D 93 71.44 -40.64 2.52
C LEU D 93 71.11 -41.24 1.15
N SER D 94 71.34 -40.47 0.10
CA SER D 94 71.07 -40.93 -1.25
C SER D 94 71.91 -42.13 -1.58
N ASP D 95 73.23 -42.00 -1.38
CA ASP D 95 74.15 -43.09 -1.65
C ASP D 95 73.79 -44.29 -0.80
N THR D 96 73.74 -44.06 0.50
CA THR D 96 73.44 -45.11 1.47
C THR D 96 72.14 -45.85 1.24
N TYR D 97 71.05 -45.12 0.99
CA TYR D 97 69.76 -45.77 0.78
C TYR D 97 69.22 -45.65 -0.62
N ASN D 98 70.05 -46.02 -1.59
CA ASN D 98 69.66 -45.96 -3.00
C ASN D 98 68.48 -46.89 -3.28
N TYR D 99 67.31 -46.50 -2.79
CA TYR D 99 66.09 -47.26 -2.98
C TYR D 99 64.93 -46.58 -2.25
N GLU D 100 63.73 -47.16 -2.40
CA GLU D 100 62.55 -46.61 -1.75
C GLU D 100 62.49 -47.02 -0.28
N ILE D 101 62.67 -46.02 0.59
CA ILE D 101 62.66 -46.23 2.03
C ILE D 101 61.27 -46.54 2.63
N LYS D 102 61.21 -47.57 3.46
CA LYS D 102 59.99 -47.97 4.15
C LYS D 102 60.44 -47.90 5.60
N TYR D 103 59.61 -47.42 6.51
CA TYR D 103 60.04 -47.34 7.91
C TYR D 103 58.98 -47.78 8.91
N ASP D 104 59.43 -48.01 10.14
CA ASP D 104 58.54 -48.42 11.22
C ASP D 104 58.58 -47.37 12.33
N HIS D 105 57.49 -46.62 12.48
CA HIS D 105 57.41 -45.57 13.50
C HIS D 105 57.47 -46.20 14.89
N THR D 106 57.36 -47.53 14.93
CA THR D 106 57.40 -48.28 16.17
C THR D 106 58.85 -48.35 16.62
N LYS D 107 59.75 -48.36 15.64
CA LYS D 107 61.18 -48.43 15.91
C LYS D 107 61.82 -47.06 16.06
N ILE D 108 61.02 -46.00 15.92
CA ILE D 108 61.55 -44.64 16.04
C ILE D 108 61.20 -44.03 17.41
N ARG D 109 62.23 -43.51 18.08
CA ARG D 109 62.07 -42.93 19.40
C ARG D 109 61.61 -41.47 19.40
N VAL D 110 60.30 -41.28 19.49
CA VAL D 110 59.69 -39.96 19.51
C VAL D 110 59.47 -39.50 20.96
N ALA D 111 60.46 -38.81 21.53
CA ALA D 111 60.36 -38.32 22.91
C ALA D 111 59.62 -36.99 22.98
N ASN D 112 58.70 -36.89 23.93
CA ASN D 112 57.87 -35.70 24.12
C ASN D 112 57.88 -35.25 25.58
N PHE D 113 58.66 -34.22 25.92
CA PHE D 113 58.70 -33.78 27.32
C PHE D 113 58.23 -32.36 27.60
N ASP D 114 58.22 -32.02 28.89
CA ASP D 114 57.79 -30.71 29.37
C ASP D 114 58.36 -30.41 30.76
N ILE D 115 58.80 -29.17 30.97
CA ILE D 115 59.38 -28.79 32.26
C ILE D 115 58.50 -27.83 33.09
N GLU D 116 58.98 -27.50 34.29
CA GLU D 116 58.30 -26.61 35.21
C GLU D 116 59.32 -25.87 36.08
N VAL D 117 59.12 -24.58 36.28
CA VAL D 117 60.03 -23.78 37.11
C VAL D 117 59.27 -22.71 37.90
N THR D 118 59.22 -22.89 39.22
CA THR D 118 58.55 -21.95 40.09
C THR D 118 59.37 -20.67 40.13
N SER D 119 58.81 -19.60 39.57
CA SER D 119 59.51 -18.32 39.54
C SER D 119 58.74 -17.22 40.24
N PRO D 120 59.24 -16.74 41.38
CA PRO D 120 58.58 -15.68 42.14
C PRO D 120 58.75 -14.33 41.43
N ASP D 121 59.78 -14.25 40.59
CA ASP D 121 60.06 -13.04 39.85
C ASP D 121 59.63 -13.21 38.39
N GLY D 122 58.36 -12.93 38.12
CA GLY D 122 57.84 -13.04 36.78
C GLY D 122 58.28 -14.29 36.03
N PHE D 123 58.33 -14.20 34.71
CA PHE D 123 58.72 -15.31 33.86
C PHE D 123 60.23 -15.60 33.88
N PRO D 124 60.61 -16.87 34.02
CA PRO D 124 62.01 -17.29 34.06
C PRO D 124 62.67 -17.39 32.66
N GLU D 125 63.52 -16.41 32.35
CA GLU D 125 64.22 -16.36 31.07
C GLU D 125 65.11 -17.59 30.85
N PRO D 126 64.86 -18.33 29.76
CA PRO D 126 65.66 -19.53 29.45
C PRO D 126 67.11 -19.23 29.02
N SER D 127 67.43 -17.95 28.82
CA SER D 127 68.79 -17.58 28.43
C SER D 127 69.65 -17.49 29.69
N GLN D 128 69.04 -17.03 30.77
CA GLN D 128 69.73 -16.90 32.05
C GLN D 128 69.40 -18.10 32.93
N ALA D 129 68.11 -18.30 33.20
CA ALA D 129 67.63 -19.41 34.04
C ALA D 129 68.07 -19.25 35.49
N LYS D 130 67.73 -18.10 36.08
CA LYS D 130 68.09 -17.79 37.47
C LYS D 130 67.30 -18.58 38.51
N HIS D 131 66.53 -19.55 38.06
CA HIS D 131 65.74 -20.37 38.98
C HIS D 131 65.95 -21.86 38.69
N PRO D 132 65.66 -22.72 39.67
CA PRO D 132 65.83 -24.16 39.50
C PRO D 132 64.66 -24.85 38.82
N ILE D 133 64.94 -26.01 38.22
CA ILE D 133 63.92 -26.80 37.55
C ILE D 133 63.40 -27.80 38.59
N ASP D 134 62.14 -27.67 38.98
CA ASP D 134 61.57 -28.53 40.00
C ASP D 134 60.62 -29.62 39.53
N ALA D 135 60.52 -29.82 38.21
CA ALA D 135 59.64 -30.85 37.66
C ALA D 135 59.91 -31.10 36.18
N ILE D 136 59.70 -32.35 35.76
CA ILE D 136 59.92 -32.75 34.37
C ILE D 136 59.12 -34.02 34.05
N THR D 137 58.41 -34.01 32.93
CA THR D 137 57.66 -35.18 32.50
C THR D 137 58.12 -35.48 31.08
N HIS D 138 58.81 -36.61 30.92
CA HIS D 138 59.39 -37.02 29.65
C HIS D 138 58.81 -38.34 29.12
N TYR D 139 57.91 -38.24 28.15
CA TYR D 139 57.30 -39.43 27.56
C TYR D 139 58.18 -40.06 26.46
N ASP D 140 58.07 -41.38 26.30
CA ASP D 140 58.86 -42.14 25.33
C ASP D 140 58.02 -43.14 24.53
N SER D 141 57.62 -42.74 23.33
CA SER D 141 56.80 -43.57 22.44
C SER D 141 57.19 -45.05 22.39
N ILE D 142 58.49 -45.34 22.52
CA ILE D 142 58.95 -46.72 22.49
C ILE D 142 58.45 -47.48 23.72
N ASP D 143 58.60 -46.87 24.89
CA ASP D 143 58.15 -47.47 26.13
C ASP D 143 56.65 -47.25 26.32
N ASP D 144 56.20 -46.05 25.95
CA ASP D 144 54.80 -45.67 26.08
C ASP D 144 54.52 -45.33 27.55
N ARG D 145 55.55 -44.87 28.24
CA ARG D 145 55.44 -44.51 29.65
C ARG D 145 55.99 -43.10 29.90
N PHE D 146 55.36 -42.38 30.81
CA PHE D 146 55.81 -41.02 31.15
C PHE D 146 56.70 -41.13 32.38
N TYR D 147 57.89 -40.53 32.32
CA TYR D 147 58.83 -40.58 33.44
C TYR D 147 58.86 -39.25 34.19
N VAL D 148 58.11 -39.19 35.28
CA VAL D 148 58.01 -37.98 36.09
C VAL D 148 59.17 -37.74 37.05
N PHE D 149 59.99 -36.73 36.75
CA PHE D 149 61.12 -36.38 37.60
C PHE D 149 60.74 -35.20 38.48
N ASP D 150 60.21 -35.49 39.66
CA ASP D 150 59.77 -34.44 40.58
C ASP D 150 60.82 -34.07 41.64
N LEU D 151 60.85 -32.79 41.99
CA LEU D 151 61.80 -32.28 42.99
C LEU D 151 61.09 -32.03 44.31
N LEU D 152 61.46 -32.81 45.33
CA LEU D 152 60.86 -32.68 46.66
C LEU D 152 61.31 -31.39 47.38
N ASN D 153 62.62 -31.27 47.60
CA ASN D 153 63.16 -30.09 48.28
C ASN D 153 63.68 -29.08 47.27
N SER D 154 63.53 -27.79 47.58
CA SER D 154 64.00 -26.73 46.69
C SER D 154 64.11 -25.41 47.44
N PRO D 155 64.87 -24.44 46.90
CA PRO D 155 65.05 -23.13 47.54
C PRO D 155 63.74 -22.36 47.67
N TYR D 156 62.64 -22.94 47.19
CA TYR D 156 61.34 -22.29 47.27
C TYR D 156 60.30 -23.11 48.02
N GLY D 157 60.71 -24.25 48.55
CA GLY D 157 59.77 -25.08 49.29
C GLY D 157 60.11 -26.56 49.31
N ASN D 158 59.83 -27.21 50.44
CA ASN D 158 60.06 -28.64 50.62
C ASN D 158 58.68 -29.29 50.65
N VAL D 159 58.35 -30.02 49.60
CA VAL D 159 57.06 -30.69 49.52
C VAL D 159 57.13 -32.21 49.73
N GLU D 160 55.99 -32.82 50.01
CA GLU D 160 55.90 -34.26 50.19
C GLU D 160 55.84 -34.85 48.80
N GLU D 161 56.04 -36.16 48.66
CA GLU D 161 56.00 -36.77 47.34
C GLU D 161 54.67 -36.55 46.65
N TRP D 162 54.59 -37.04 45.41
CA TRP D 162 53.40 -36.94 44.58
C TRP D 162 52.61 -38.25 44.65
N SER D 163 51.30 -38.15 44.88
CA SER D 163 50.44 -39.33 44.96
C SER D 163 49.68 -39.59 43.66
N ILE D 164 49.93 -40.75 43.07
CA ILE D 164 49.25 -41.13 41.83
C ILE D 164 47.86 -41.67 42.14
N GLU D 165 47.67 -42.17 43.37
CA GLU D 165 46.37 -42.68 43.77
C GLU D 165 45.44 -41.48 43.79
N ILE D 166 45.88 -40.43 44.46
CA ILE D 166 45.12 -39.20 44.57
C ILE D 166 44.87 -38.62 43.17
N ALA D 167 45.93 -38.56 42.37
CA ALA D 167 45.84 -38.04 41.01
C ALA D 167 44.92 -38.86 40.11
N ALA D 168 44.40 -39.97 40.63
CA ALA D 168 43.51 -40.83 39.83
C ALA D 168 42.04 -40.57 40.11
N LYS D 169 41.72 -40.15 41.33
CA LYS D 169 40.34 -39.86 41.71
C LYS D 169 39.85 -38.57 41.07
N LEU D 170 38.54 -38.38 41.05
CA LEU D 170 37.95 -37.17 40.48
C LEU D 170 38.12 -36.00 41.44
N GLN D 171 37.91 -34.79 40.96
CA GLN D 171 38.05 -33.60 41.78
C GLN D 171 37.17 -33.73 43.04
N GLU D 172 36.11 -34.53 42.94
CA GLU D 172 35.19 -34.74 44.05
C GLU D 172 35.91 -35.02 45.37
N GLN D 173 36.90 -35.90 45.35
CA GLN D 173 37.66 -36.22 46.57
C GLN D 173 39.02 -35.52 46.56
N GLY D 174 39.09 -34.40 45.86
CA GLY D 174 40.35 -33.66 45.78
C GLY D 174 41.28 -34.32 44.78
N GLY D 175 40.68 -34.96 43.77
CA GLY D 175 41.45 -35.64 42.74
C GLY D 175 42.04 -34.70 41.71
N ASP D 176 42.88 -35.26 40.83
CA ASP D 176 43.53 -34.48 39.79
C ASP D 176 43.03 -34.79 38.38
N GLU D 177 42.04 -35.67 38.28
CA GLU D 177 41.44 -36.06 37.00
C GLU D 177 42.34 -36.83 36.03
N VAL D 178 43.63 -36.96 36.37
CA VAL D 178 44.58 -37.67 35.51
C VAL D 178 43.97 -38.92 34.89
N PRO D 179 43.77 -38.90 33.56
CA PRO D 179 43.18 -40.01 32.79
C PRO D 179 43.73 -41.40 33.15
N SER D 180 42.84 -42.39 33.11
CA SER D 180 43.20 -43.76 33.43
C SER D 180 43.94 -44.45 32.29
N GLU D 181 43.91 -43.86 31.10
CA GLU D 181 44.59 -44.45 29.95
C GLU D 181 46.10 -44.41 30.16
N ILE D 182 46.57 -43.43 30.93
CA ILE D 182 47.99 -43.29 31.19
C ILE D 182 48.29 -43.43 32.67
N ILE D 183 47.24 -43.58 33.47
CA ILE D 183 47.39 -43.73 34.91
C ILE D 183 48.43 -44.81 35.21
N ASP D 184 48.36 -45.90 34.46
CA ASP D 184 49.25 -47.03 34.64
C ASP D 184 50.56 -46.91 33.86
N LYS D 185 50.59 -46.03 32.87
CA LYS D 185 51.81 -45.85 32.07
C LYS D 185 52.80 -44.92 32.74
N ILE D 186 52.38 -44.28 33.83
CA ILE D 186 53.24 -43.35 34.56
C ILE D 186 54.37 -44.03 35.33
N ILE D 187 55.39 -43.24 35.65
CA ILE D 187 56.56 -43.69 36.40
C ILE D 187 57.08 -42.52 37.23
N TYR D 188 56.64 -42.44 38.48
CA TYR D 188 57.05 -41.36 39.37
C TYR D 188 58.49 -41.57 39.87
N MET D 189 59.23 -40.47 40.00
CA MET D 189 60.61 -40.51 40.47
C MET D 189 60.95 -39.21 41.20
N PRO D 190 60.79 -39.21 42.54
CA PRO D 190 61.08 -38.03 43.36
C PRO D 190 62.57 -37.90 43.65
N PHE D 191 63.03 -36.67 43.88
CA PHE D 191 64.43 -36.43 44.15
C PHE D 191 64.66 -35.43 45.28
N ASP D 192 65.63 -35.74 46.14
CA ASP D 192 65.97 -34.92 47.30
C ASP D 192 66.60 -33.56 46.99
N ASN D 193 66.84 -33.29 45.72
CA ASN D 193 67.44 -32.01 45.33
C ASN D 193 67.43 -31.78 43.82
N GLU D 194 67.81 -30.58 43.40
CA GLU D 194 67.83 -30.23 41.98
C GLU D 194 69.01 -30.92 41.30
N LYS D 195 70.18 -30.81 41.92
CA LYS D 195 71.40 -31.41 41.39
C LYS D 195 71.25 -32.90 41.08
N GLU D 196 70.69 -33.65 42.02
CA GLU D 196 70.48 -35.08 41.85
C GLU D 196 69.45 -35.40 40.78
N LEU D 197 68.43 -34.55 40.67
CA LEU D 197 67.36 -34.74 39.69
C LEU D 197 67.91 -34.49 38.28
N LEU D 198 68.80 -33.50 38.17
CA LEU D 198 69.40 -33.14 36.89
C LEU D 198 70.32 -34.24 36.36
N MET D 199 70.91 -35.00 37.28
CA MET D 199 71.80 -36.07 36.90
C MET D 199 71.08 -37.36 36.50
N GLU D 200 70.01 -37.69 37.20
CA GLU D 200 69.28 -38.91 36.88
C GLU D 200 68.47 -38.75 35.59
N TYR D 201 68.09 -37.51 35.26
CA TYR D 201 67.34 -37.25 34.04
C TYR D 201 68.33 -37.37 32.88
N LEU D 202 69.47 -36.69 33.02
CA LEU D 202 70.52 -36.69 32.02
C LEU D 202 70.86 -38.13 31.62
N ASN D 203 71.08 -38.98 32.63
CA ASN D 203 71.40 -40.38 32.35
C ASN D 203 70.23 -41.07 31.66
N PHE D 204 69.01 -40.69 32.05
CA PHE D 204 67.84 -41.27 31.43
C PHE D 204 67.88 -40.88 29.96
N TRP D 205 68.41 -39.69 29.71
CA TRP D 205 68.53 -39.13 28.38
C TRP D 205 69.57 -39.91 27.55
N GLN D 206 70.63 -40.36 28.21
CA GLN D 206 71.68 -41.11 27.54
C GLN D 206 71.21 -42.53 27.25
N GLN D 207 70.37 -43.05 28.13
CA GLN D 207 69.84 -44.41 28.01
C GLN D 207 68.62 -44.51 27.09
N LYS D 208 68.00 -43.37 26.78
CA LYS D 208 66.82 -43.35 25.93
C LYS D 208 66.86 -42.20 24.94
N THR D 209 68.07 -41.77 24.59
CA THR D 209 68.27 -40.66 23.65
C THR D 209 67.15 -40.60 22.60
N PRO D 210 66.41 -39.48 22.56
CA PRO D 210 65.30 -39.26 21.63
C PRO D 210 65.69 -39.09 20.16
N VAL D 211 64.87 -39.61 19.27
CA VAL D 211 65.11 -39.49 17.84
C VAL D 211 64.46 -38.17 17.40
N ILE D 212 63.14 -38.09 17.63
CA ILE D 212 62.33 -36.91 17.31
C ILE D 212 61.90 -36.29 18.63
N LEU D 213 62.44 -35.11 18.94
CA LEU D 213 62.10 -34.42 20.18
C LEU D 213 61.00 -33.39 19.92
N THR D 214 59.82 -33.63 20.47
CA THR D 214 58.68 -32.74 20.31
C THR D 214 58.25 -32.13 21.65
N GLY D 215 57.05 -31.56 21.67
CA GLY D 215 56.54 -30.94 22.88
C GLY D 215 56.08 -29.53 22.56
N TRP D 216 55.43 -28.86 23.51
CA TRP D 216 54.93 -27.51 23.29
C TRP D 216 55.95 -26.44 23.65
N ASN D 217 56.36 -25.68 22.65
CA ASN D 217 57.35 -24.61 22.81
C ASN D 217 58.69 -25.13 23.30
N VAL D 218 58.85 -26.45 23.24
CA VAL D 218 60.09 -27.08 23.69
C VAL D 218 61.34 -26.47 23.06
N GLU D 219 61.25 -26.02 21.82
CA GLU D 219 62.42 -25.44 21.14
C GLU D 219 62.69 -24.00 21.56
N SER D 220 61.77 -23.42 22.30
CA SER D 220 61.93 -22.02 22.72
C SER D 220 62.05 -21.84 24.22
N PHE D 221 61.75 -22.88 24.99
CA PHE D 221 61.83 -22.79 26.44
C PHE D 221 62.40 -24.06 27.06
N ALA D 222 61.60 -25.13 27.01
CA ALA D 222 61.96 -26.43 27.56
C ALA D 222 63.45 -26.77 27.42
N ILE D 223 63.91 -26.90 26.18
CA ILE D 223 65.30 -27.25 25.89
C ILE D 223 66.34 -26.20 26.32
N PRO D 224 66.25 -24.98 25.79
CA PRO D 224 67.21 -23.95 26.17
C PRO D 224 67.38 -23.77 27.68
N TYR D 225 66.38 -24.20 28.44
CA TYR D 225 66.44 -24.08 29.90
C TYR D 225 67.22 -25.22 30.51
N VAL D 226 66.89 -26.44 30.10
CA VAL D 226 67.57 -27.62 30.61
C VAL D 226 69.06 -27.56 30.28
N TYR D 227 69.41 -26.79 29.26
CA TYR D 227 70.81 -26.64 28.85
C TYR D 227 71.52 -25.59 29.70
N ASN D 228 70.99 -24.38 29.71
CA ASN D 228 71.59 -23.29 30.48
C ASN D 228 71.66 -23.59 31.98
N ARG D 229 70.73 -24.40 32.47
CA ARG D 229 70.70 -24.75 33.89
C ARG D 229 71.86 -25.70 34.20
N ILE D 230 71.85 -26.85 33.54
CA ILE D 230 72.89 -27.87 33.72
C ILE D 230 74.26 -27.27 33.39
N LYS D 231 74.24 -26.16 32.65
CA LYS D 231 75.47 -25.47 32.26
C LYS D 231 76.02 -24.69 33.46
N ASN D 232 75.13 -24.02 34.17
CA ASN D 232 75.51 -23.24 35.33
C ASN D 232 75.49 -24.08 36.61
N ILE D 233 75.48 -25.40 36.44
CA ILE D 233 75.46 -26.32 37.57
C ILE D 233 76.48 -27.46 37.38
N PHE D 234 76.97 -27.64 36.16
CA PHE D 234 77.93 -28.69 35.87
C PHE D 234 78.94 -28.25 34.82
N GLY D 235 78.78 -27.05 34.29
CA GLY D 235 79.69 -26.56 33.27
C GLY D 235 79.17 -26.95 31.90
N GLU D 236 79.61 -26.20 30.87
CA GLU D 236 79.17 -26.47 29.51
C GLU D 236 79.42 -27.92 29.10
N SER D 237 80.65 -28.39 29.34
CA SER D 237 81.04 -29.75 28.99
C SER D 237 79.98 -30.81 29.31
N THR D 238 79.32 -30.66 30.46
CA THR D 238 78.29 -31.61 30.86
C THR D 238 77.01 -31.35 30.08
N ALA D 239 76.56 -30.11 30.08
CA ALA D 239 75.34 -29.71 29.38
C ALA D 239 75.37 -30.23 27.96
N LYS D 240 76.56 -30.34 27.39
CA LYS D 240 76.73 -30.83 26.03
C LYS D 240 76.40 -32.30 25.90
N ARG D 241 76.09 -32.96 27.01
CA ARG D 241 75.75 -34.37 26.99
C ARG D 241 74.31 -34.62 26.53
N LEU D 242 73.57 -33.55 26.31
CA LEU D 242 72.21 -33.68 25.82
C LEU D 242 72.33 -34.03 24.34
N SER D 243 73.57 -34.00 23.87
CA SER D 243 73.92 -34.30 22.48
C SER D 243 74.54 -35.69 22.37
N PRO D 244 73.88 -36.59 21.63
CA PRO D 244 74.38 -37.96 21.46
C PRO D 244 75.71 -37.97 20.72
N HIS D 245 76.20 -36.78 20.38
CA HIS D 245 77.47 -36.61 19.69
C HIS D 245 78.30 -35.56 20.43
N ARG D 246 77.78 -35.10 21.57
CA ARG D 246 78.47 -34.08 22.36
C ARG D 246 78.81 -32.87 21.50
N LYS D 247 77.78 -32.29 20.89
CA LYS D 247 77.92 -31.12 20.03
C LYS D 247 76.65 -30.28 20.07
N THR D 248 76.79 -29.02 20.50
CA THR D 248 75.66 -28.10 20.59
C THR D 248 76.06 -26.70 20.14
N ARG D 249 75.08 -25.87 19.80
CA ARG D 249 75.35 -24.51 19.37
C ARG D 249 74.10 -23.64 19.50
N VAL D 250 74.31 -22.39 19.90
CA VAL D 250 73.22 -21.43 20.09
C VAL D 250 72.87 -20.69 18.80
N LYS D 251 71.79 -21.11 18.14
CA LYS D 251 71.36 -20.46 16.90
C LYS D 251 70.49 -19.24 17.18
N VAL D 252 71.08 -18.05 17.12
CA VAL D 252 70.36 -16.79 17.38
C VAL D 252 69.34 -16.48 16.27
N ILE D 253 68.06 -16.71 16.57
CA ILE D 253 66.98 -16.47 15.60
C ILE D 253 66.47 -15.04 15.71
N GLU D 254 66.62 -14.26 14.65
CA GLU D 254 66.17 -12.88 14.65
C GLU D 254 65.01 -12.65 13.69
N ASN D 255 64.05 -11.83 14.14
CA ASN D 255 62.89 -11.51 13.34
C ASN D 255 62.83 -10.00 13.15
N MET D 256 61.94 -9.55 12.25
CA MET D 256 61.76 -8.13 11.97
C MET D 256 61.94 -7.39 13.29
N TYR D 257 61.18 -7.83 14.30
CA TYR D 257 61.25 -7.24 15.62
C TYR D 257 62.04 -8.18 16.56
N GLY D 258 63.09 -7.64 17.17
CA GLY D 258 63.89 -8.41 18.11
C GLY D 258 64.70 -9.60 17.62
N SER D 259 65.26 -10.33 18.59
CA SER D 259 66.07 -11.52 18.34
C SER D 259 66.19 -12.40 19.59
N ARG D 260 65.75 -13.65 19.46
CA ARG D 260 65.81 -14.63 20.55
C ARG D 260 66.83 -15.73 20.20
N GLU D 261 67.21 -16.56 21.16
CA GLU D 261 68.19 -17.61 20.91
C GLU D 261 67.80 -19.03 21.36
N ILE D 262 67.86 -19.98 20.43
CA ILE D 262 67.54 -21.38 20.71
C ILE D 262 68.82 -22.19 20.61
N ILE D 263 68.77 -23.45 21.00
CA ILE D 263 69.94 -24.33 20.96
C ILE D 263 69.78 -25.48 19.96
N THR D 264 70.90 -25.92 19.40
CA THR D 264 70.90 -27.01 18.42
C THR D 264 71.58 -28.25 18.99
N LEU D 265 70.82 -29.33 19.14
CA LEU D 265 71.37 -30.57 19.69
C LEU D 265 71.62 -31.61 18.60
N PHE D 266 72.85 -31.65 18.10
CA PHE D 266 73.25 -32.59 17.06
C PHE D 266 72.71 -34.01 17.32
N GLY D 267 72.45 -34.73 16.24
CA GLY D 267 71.95 -36.09 16.37
C GLY D 267 70.52 -36.21 16.83
N ILE D 268 69.79 -35.10 16.79
CA ILE D 268 68.39 -35.08 17.21
C ILE D 268 67.55 -34.23 16.26
N SER D 269 66.37 -34.72 15.91
CA SER D 269 65.48 -33.98 15.04
C SER D 269 64.39 -33.31 15.88
N VAL D 270 64.64 -32.08 16.29
CA VAL D 270 63.68 -31.33 17.10
C VAL D 270 62.50 -30.84 16.28
N LEU D 271 61.29 -31.23 16.66
CA LEU D 271 60.08 -30.81 15.97
C LEU D 271 59.08 -30.26 16.95
N ASP D 272 59.26 -29.01 17.37
CA ASP D 272 58.35 -28.38 18.32
C ASP D 272 56.93 -28.49 17.75
N TYR D 273 56.08 -29.24 18.44
CA TYR D 273 54.72 -29.44 17.97
C TYR D 273 53.91 -28.17 17.86
N ILE D 274 54.42 -27.08 18.42
CA ILE D 274 53.71 -25.82 18.32
C ILE D 274 53.94 -25.28 16.91
N ASP D 275 55.17 -25.38 16.44
CA ASP D 275 55.53 -24.91 15.11
C ASP D 275 55.13 -25.93 14.05
N LEU D 276 54.75 -27.12 14.51
CA LEU D 276 54.33 -28.19 13.62
C LEU D 276 52.86 -27.89 13.36
N TYR D 277 52.18 -27.49 14.42
CA TYR D 277 50.76 -27.14 14.38
C TYR D 277 50.57 -25.87 13.56
N LYS D 278 51.35 -24.84 13.89
CA LYS D 278 51.26 -23.58 13.17
C LYS D 278 51.52 -23.80 11.69
N LYS D 279 52.32 -24.80 11.38
CA LYS D 279 52.70 -25.13 10.01
C LYS D 279 51.60 -25.84 9.19
N PHE D 280 50.95 -26.83 9.77
CA PHE D 280 49.93 -27.60 9.05
C PHE D 280 48.48 -27.42 9.50
N SER D 281 48.29 -26.69 10.59
CA SER D 281 46.93 -26.48 11.11
C SER D 281 46.04 -25.70 10.13
N PHE D 282 46.68 -24.85 9.31
CA PHE D 282 45.95 -24.04 8.33
C PHE D 282 44.69 -23.39 8.93
N THR D 283 44.87 -22.71 10.07
CA THR D 283 43.79 -22.01 10.78
C THR D 283 44.42 -21.09 11.83
N ASN D 284 43.88 -19.90 12.00
CA ASN D 284 44.45 -18.96 12.97
C ASN D 284 43.61 -18.78 14.25
N GLN D 285 44.22 -19.19 15.37
CA GLN D 285 43.60 -19.13 16.68
C GLN D 285 43.85 -17.79 17.35
N PRO D 286 43.03 -17.44 18.35
CA PRO D 286 43.19 -16.18 19.08
C PRO D 286 44.31 -16.37 20.11
N SER D 287 44.77 -17.62 20.25
CA SER D 287 45.81 -17.96 21.19
C SER D 287 46.36 -19.37 20.93
N TYR D 288 47.69 -19.48 20.83
CA TYR D 288 48.31 -20.77 20.60
C TYR D 288 48.86 -21.36 21.87
N SER D 289 48.11 -21.17 22.96
CA SER D 289 48.50 -21.71 24.25
C SER D 289 48.08 -23.17 24.26
N LEU D 290 48.98 -24.05 24.71
CA LEU D 290 48.68 -25.48 24.76
C LEU D 290 47.25 -25.69 25.20
N ASP D 291 46.86 -25.04 26.29
CA ASP D 291 45.51 -25.19 26.81
C ASP D 291 44.44 -24.81 25.81
N TYR D 292 44.53 -23.60 25.27
CA TYR D 292 43.55 -23.17 24.30
C TYR D 292 43.48 -24.18 23.17
N ILE D 293 44.64 -24.52 22.62
CA ILE D 293 44.73 -25.48 21.53
C ILE D 293 44.13 -26.83 21.93
N SER D 294 44.25 -27.16 23.20
CA SER D 294 43.70 -28.41 23.70
C SER D 294 42.19 -28.35 23.61
N GLU D 295 41.62 -27.32 24.25
CA GLU D 295 40.17 -27.11 24.27
C GLU D 295 39.58 -27.13 22.86
N PHE D 296 40.39 -26.76 21.87
CA PHE D 296 39.92 -26.74 20.50
C PHE D 296 39.93 -28.10 19.84
N GLU D 297 41.09 -28.75 19.87
CA GLU D 297 41.27 -30.06 19.27
C GLU D 297 40.68 -31.21 20.09
N LEU D 298 40.87 -31.18 21.40
CA LEU D 298 40.39 -32.24 22.27
C LEU D 298 39.19 -31.87 23.15
N ASN D 299 38.62 -30.69 22.95
CA ASN D 299 37.46 -30.26 23.75
C ASN D 299 37.73 -30.26 25.27
N VAL D 300 38.95 -29.90 25.66
CA VAL D 300 39.36 -29.84 27.06
C VAL D 300 40.78 -29.32 27.15
N GLY D 301 41.09 -28.54 28.18
CA GLY D 301 42.42 -27.99 28.33
C GLY D 301 43.18 -28.45 29.55
N LYS D 302 44.37 -27.88 29.74
CA LYS D 302 45.25 -28.19 30.87
C LYS D 302 44.51 -28.15 32.22
N LEU D 303 45.10 -28.77 33.23
CA LEU D 303 44.50 -28.82 34.57
C LEU D 303 44.20 -27.45 35.20
N LYS D 304 43.06 -27.37 35.88
CA LYS D 304 42.65 -26.13 36.56
C LYS D 304 43.37 -26.08 37.91
N TYR D 305 43.47 -24.88 38.49
CA TYR D 305 44.11 -24.67 39.81
C TYR D 305 43.80 -23.28 40.39
N ASP D 306 43.99 -23.13 41.70
CA ASP D 306 43.73 -21.86 42.41
C ASP D 306 45.00 -21.11 42.77
N GLY D 307 44.98 -19.79 42.57
CA GLY D 307 46.14 -18.98 42.88
C GLY D 307 47.07 -18.88 41.68
N PRO D 308 48.20 -18.18 41.80
CA PRO D 308 49.16 -18.03 40.70
C PRO D 308 50.03 -19.26 40.49
N ILE D 309 50.53 -19.43 39.28
CA ILE D 309 51.38 -20.57 38.96
C ILE D 309 52.67 -20.45 39.77
N SER D 310 53.04 -19.21 40.06
CA SER D 310 54.25 -18.93 40.83
C SER D 310 54.18 -19.50 42.23
N LYS D 311 52.96 -19.70 42.73
CA LYS D 311 52.78 -20.23 44.08
C LYS D 311 52.11 -21.60 44.10
N LEU D 312 51.79 -22.13 42.93
CA LEU D 312 51.14 -23.44 42.83
C LEU D 312 51.98 -24.52 43.48
N ARG D 313 53.28 -24.26 43.59
CA ARG D 313 54.19 -25.21 44.19
C ARG D 313 53.97 -25.31 45.70
N GLU D 314 54.14 -24.19 46.41
CA GLU D 314 53.98 -24.16 47.86
C GLU D 314 52.56 -24.41 48.35
N SER D 315 51.57 -24.18 47.50
CA SER D 315 50.17 -24.34 47.88
C SER D 315 49.52 -25.69 47.59
N ASN D 316 49.78 -26.26 46.41
CA ASN D 316 49.18 -27.55 46.05
C ASN D 316 50.10 -28.33 45.12
N HIS D 317 51.22 -28.79 45.67
CA HIS D 317 52.22 -29.55 44.92
C HIS D 317 51.63 -30.80 44.28
N GLN D 318 50.48 -31.23 44.79
CA GLN D 318 49.80 -32.42 44.24
C GLN D 318 49.24 -32.08 42.87
N ARG D 319 48.62 -30.92 42.75
CA ARG D 319 48.05 -30.49 41.47
C ARG D 319 49.17 -29.97 40.59
N TYR D 320 50.32 -29.70 41.20
CA TYR D 320 51.48 -29.19 40.48
C TYR D 320 52.07 -30.25 39.56
N ILE D 321 52.26 -31.46 40.09
CA ILE D 321 52.83 -32.56 39.30
C ILE D 321 51.81 -33.25 38.40
N SER D 322 50.56 -33.28 38.82
CA SER D 322 49.53 -33.92 37.99
C SER D 322 49.30 -33.03 36.78
N TYR D 323 49.54 -31.74 36.96
CA TYR D 323 49.38 -30.77 35.90
C TYR D 323 50.50 -30.92 34.86
N ASN D 324 51.74 -31.05 35.34
CA ASN D 324 52.91 -31.21 34.47
C ASN D 324 52.74 -32.44 33.58
N ILE D 325 52.23 -33.52 34.17
CA ILE D 325 52.02 -34.74 33.42
C ILE D 325 50.99 -34.55 32.31
N ILE D 326 49.78 -34.14 32.70
CA ILE D 326 48.71 -33.93 31.74
C ILE D 326 49.09 -33.03 30.57
N ALA D 327 50.04 -32.13 30.82
CA ALA D 327 50.51 -31.21 29.79
C ALA D 327 51.26 -31.99 28.71
N VAL D 328 52.11 -32.90 29.15
CA VAL D 328 52.89 -33.72 28.23
C VAL D 328 51.94 -34.66 27.51
N TYR D 329 50.89 -35.09 28.21
CA TYR D 329 49.91 -36.01 27.63
C TYR D 329 48.99 -35.33 26.63
N ARG D 330 48.85 -34.01 26.76
CA ARG D 330 47.98 -33.26 25.86
C ARG D 330 48.54 -33.12 24.46
N VAL D 331 49.86 -33.00 24.36
CA VAL D 331 50.52 -32.88 23.06
C VAL D 331 50.38 -34.20 22.30
N LEU D 332 50.45 -35.31 23.03
CA LEU D 332 50.31 -36.64 22.44
C LEU D 332 48.90 -36.84 21.91
N GLN D 333 47.92 -36.32 22.64
CA GLN D 333 46.53 -36.46 22.23
C GLN D 333 46.28 -35.60 21.01
N ILE D 334 47.01 -34.51 20.90
CA ILE D 334 46.86 -33.64 19.74
C ILE D 334 47.59 -34.26 18.56
N ASP D 335 48.64 -35.02 18.86
CA ASP D 335 49.41 -35.70 17.82
C ASP D 335 48.56 -36.82 17.24
N ALA D 336 47.88 -37.55 18.12
CA ALA D 336 47.04 -38.67 17.71
C ALA D 336 45.89 -38.22 16.81
N LYS D 337 45.42 -36.99 17.01
CA LYS D 337 44.31 -36.49 16.22
C LYS D 337 44.74 -35.94 14.85
N ARG D 338 45.78 -35.11 14.83
CA ARG D 338 46.28 -34.52 13.59
C ARG D 338 47.38 -35.35 12.94
N GLN D 339 48.22 -35.96 13.77
CA GLN D 339 49.33 -36.81 13.30
C GLN D 339 50.35 -36.07 12.43
N PHE D 340 50.70 -34.86 12.83
CA PHE D 340 51.67 -34.07 12.08
C PHE D 340 53.09 -34.62 12.15
N ILE D 341 53.38 -35.41 13.17
CA ILE D 341 54.73 -35.99 13.32
C ILE D 341 54.92 -37.11 12.30
N ASN D 342 53.86 -37.89 12.10
CA ASN D 342 53.91 -38.99 11.15
C ASN D 342 54.09 -38.40 9.77
N LEU D 343 53.52 -37.22 9.57
CA LEU D 343 53.62 -36.51 8.30
C LEU D 343 55.07 -36.06 8.11
N SER D 344 55.62 -35.45 9.15
CA SER D 344 56.98 -34.96 9.11
C SER D 344 57.94 -36.08 8.76
N LEU D 345 57.72 -37.24 9.36
CA LEU D 345 58.57 -38.39 9.11
C LEU D 345 58.47 -38.86 7.67
N ASP D 346 57.27 -39.24 7.27
CA ASP D 346 57.04 -39.72 5.91
C ASP D 346 57.59 -38.76 4.86
N MET D 347 57.77 -37.51 5.25
CA MET D 347 58.28 -36.48 4.34
C MET D 347 59.78 -36.58 4.17
N GLY D 348 60.51 -36.37 5.26
CA GLY D 348 61.95 -36.44 5.19
C GLY D 348 62.38 -37.70 4.47
N TYR D 349 61.73 -38.81 4.81
CA TYR D 349 62.03 -40.10 4.20
C TYR D 349 61.66 -40.17 2.71
N TYR D 350 60.62 -39.46 2.32
CA TYR D 350 60.22 -39.44 0.92
C TYR D 350 61.28 -38.71 0.10
N ALA D 351 61.88 -37.71 0.72
CA ALA D 351 62.91 -36.89 0.09
C ALA D 351 64.30 -37.30 0.56
N LYS D 352 64.35 -38.17 1.56
CA LYS D 352 65.63 -38.62 2.09
C LYS D 352 66.41 -37.43 2.60
N ILE D 353 65.91 -36.83 3.66
CA ILE D 353 66.52 -35.66 4.28
C ILE D 353 66.32 -35.69 5.78
N GLN D 354 66.97 -34.76 6.49
CA GLN D 354 66.81 -34.67 7.93
C GLN D 354 65.31 -34.47 8.14
N ILE D 355 64.79 -34.93 9.27
CA ILE D 355 63.36 -34.78 9.52
C ILE D 355 62.99 -33.36 9.94
N GLN D 356 63.91 -32.64 10.56
CA GLN D 356 63.62 -31.28 10.98
C GLN D 356 63.57 -30.32 9.79
N SER D 357 63.98 -30.80 8.62
CA SER D 357 63.98 -29.98 7.43
C SER D 357 62.62 -29.90 6.76
N VAL D 358 61.61 -30.48 7.39
CA VAL D 358 60.27 -30.47 6.82
C VAL D 358 59.74 -29.05 6.70
N PHE D 359 60.21 -28.15 7.56
CA PHE D 359 59.77 -26.77 7.53
C PHE D 359 60.37 -26.07 6.33
N SER D 360 61.31 -26.75 5.68
CA SER D 360 62.01 -26.19 4.52
C SER D 360 61.52 -26.65 3.16
N PRO D 361 60.81 -25.77 2.45
CA PRO D 361 60.30 -26.08 1.12
C PRO D 361 61.46 -26.25 0.13
N ILE D 362 62.45 -25.38 0.23
CA ILE D 362 63.61 -25.45 -0.66
C ILE D 362 64.30 -26.80 -0.53
N LYS D 363 64.79 -27.09 0.67
CA LYS D 363 65.49 -28.33 0.97
C LYS D 363 64.73 -29.57 0.52
N THR D 364 63.43 -29.61 0.84
CA THR D 364 62.61 -30.75 0.48
C THR D 364 62.64 -31.06 -1.02
N TRP D 365 62.20 -30.12 -1.85
CA TRP D 365 62.21 -30.34 -3.29
C TRP D 365 63.65 -30.53 -3.80
N ASP D 366 64.59 -29.84 -3.17
CA ASP D 366 66.00 -29.94 -3.55
C ASP D 366 66.44 -31.40 -3.50
N ALA D 367 66.20 -32.03 -2.34
CA ALA D 367 66.57 -33.41 -2.17
C ALA D 367 65.84 -34.26 -3.20
N ILE D 368 64.56 -33.97 -3.38
CA ILE D 368 63.73 -34.71 -4.31
C ILE D 368 64.28 -34.71 -5.74
N ILE D 369 64.69 -33.54 -6.21
CA ILE D 369 65.22 -33.42 -7.56
C ILE D 369 66.60 -34.07 -7.70
N PHE D 370 67.48 -33.77 -6.75
CA PHE D 370 68.81 -34.34 -6.76
C PHE D 370 68.72 -35.84 -6.95
N ASN D 371 68.13 -36.50 -5.97
CA ASN D 371 67.98 -37.95 -6.01
C ASN D 371 67.47 -38.50 -7.32
N SER D 372 66.55 -37.78 -7.94
CA SER D 372 65.96 -38.25 -9.20
C SER D 372 66.89 -38.10 -10.39
N LEU D 373 67.78 -37.11 -10.31
CA LEU D 373 68.75 -36.87 -11.39
C LEU D 373 69.88 -37.89 -11.27
N LYS D 374 70.22 -38.20 -10.03
CA LYS D 374 71.26 -39.17 -9.74
C LYS D 374 70.99 -40.46 -10.51
N GLU D 375 69.82 -41.05 -10.29
CA GLU D 375 69.41 -42.29 -10.95
C GLU D 375 69.71 -42.32 -12.45
N GLN D 376 69.83 -41.14 -13.04
CA GLN D 376 70.10 -41.03 -14.47
C GLN D 376 71.55 -40.61 -14.74
N ASN D 377 72.32 -40.49 -13.66
CA ASN D 377 73.72 -40.10 -13.75
C ASN D 377 73.89 -38.65 -14.16
N LYS D 378 72.81 -37.87 -14.06
CA LYS D 378 72.89 -36.46 -14.41
C LYS D 378 73.50 -35.73 -13.22
N VAL D 379 73.92 -34.48 -13.43
CA VAL D 379 74.54 -33.71 -12.38
C VAL D 379 73.83 -32.39 -12.14
N ILE D 380 73.31 -32.21 -10.93
CA ILE D 380 72.61 -30.99 -10.59
C ILE D 380 73.48 -29.74 -10.73
N PRO D 381 72.86 -28.58 -10.97
CA PRO D 381 73.51 -27.26 -11.12
C PRO D 381 74.06 -26.72 -9.81
N GLN D 382 74.93 -25.71 -9.89
CA GLN D 382 75.52 -25.11 -8.70
C GLN D 382 74.66 -23.97 -8.19
N GLY D 383 74.42 -23.96 -6.88
CA GLY D 383 73.59 -22.93 -6.28
C GLY D 383 74.12 -21.51 -6.35
N ARG D 384 73.75 -20.79 -7.41
CA ARG D 384 74.17 -19.40 -7.58
C ARG D 384 73.32 -18.51 -6.65
N SER D 385 73.38 -17.19 -6.88
CA SER D 385 72.62 -16.26 -6.06
C SER D 385 71.82 -15.30 -6.94
N HIS D 386 70.81 -14.65 -6.33
CA HIS D 386 69.99 -13.70 -7.07
C HIS D 386 69.46 -12.59 -6.19
N PRO D 387 69.22 -11.41 -6.80
CA PRO D 387 68.69 -10.25 -6.08
C PRO D 387 67.22 -10.47 -5.78
N VAL D 388 66.77 -9.93 -4.66
CA VAL D 388 65.38 -10.09 -4.28
C VAL D 388 64.50 -9.03 -4.95
N GLN D 389 64.21 -9.23 -6.24
CA GLN D 389 63.39 -8.30 -7.00
C GLN D 389 61.95 -8.82 -7.12
N PRO D 390 60.99 -8.18 -6.41
CA PRO D 390 59.58 -8.59 -6.45
C PRO D 390 59.11 -8.90 -7.87
N TYR D 391 58.07 -9.70 -8.00
CA TYR D 391 57.56 -10.06 -9.31
C TYR D 391 56.03 -10.01 -9.34
N PRO D 392 55.43 -10.04 -10.54
CA PRO D 392 53.97 -10.01 -10.64
C PRO D 392 53.27 -11.09 -9.82
N GLY D 393 51.99 -10.88 -9.56
CA GLY D 393 51.21 -11.84 -8.79
C GLY D 393 49.99 -12.36 -9.54
N ALA D 394 48.97 -12.78 -8.80
CA ALA D 394 47.77 -13.31 -9.42
C ALA D 394 46.79 -12.20 -9.80
N PHE D 395 45.81 -12.55 -10.64
CA PHE D 395 44.78 -11.60 -11.08
C PHE D 395 43.60 -11.57 -10.11
N VAL D 396 43.14 -10.38 -9.77
CA VAL D 396 42.02 -10.25 -8.85
C VAL D 396 41.02 -9.22 -9.38
N LYS D 397 39.96 -9.73 -10.02
CA LYS D 397 38.92 -8.88 -10.59
C LYS D 397 38.21 -8.12 -9.48
N GLU D 398 38.12 -6.81 -9.62
CA GLU D 398 37.44 -5.97 -8.64
C GLU D 398 35.96 -6.30 -8.74
N PRO D 399 35.38 -6.90 -7.68
CA PRO D 399 33.97 -7.28 -7.63
C PRO D 399 33.06 -6.11 -7.27
N ILE D 400 31.99 -5.92 -8.02
CA ILE D 400 31.06 -4.84 -7.70
C ILE D 400 30.34 -5.21 -6.41
N PRO D 401 30.67 -4.53 -5.29
CA PRO D 401 30.00 -4.86 -4.05
C PRO D 401 28.50 -4.87 -4.31
N ASN D 402 27.87 -6.02 -4.11
CA ASN D 402 26.45 -6.14 -4.36
C ASN D 402 25.95 -7.48 -3.86
N ARG D 403 24.69 -7.77 -4.16
CA ARG D 403 24.06 -9.02 -3.78
C ARG D 403 23.96 -9.88 -5.05
N TYR D 404 24.29 -11.16 -4.91
CA TYR D 404 24.24 -12.11 -6.02
C TYR D 404 23.42 -13.29 -5.54
N LYS D 405 22.23 -13.43 -6.08
CA LYS D 405 21.32 -14.50 -5.68
C LYS D 405 21.86 -15.89 -5.99
N TYR D 406 21.96 -16.21 -7.28
CA TYR D 406 22.46 -17.51 -7.71
C TYR D 406 23.92 -17.44 -8.19
N VAL D 407 24.81 -18.10 -7.45
CA VAL D 407 26.22 -18.10 -7.78
C VAL D 407 26.78 -19.51 -7.94
N MET D 408 27.68 -19.67 -8.90
CA MET D 408 28.31 -20.95 -9.20
C MET D 408 29.78 -20.71 -9.53
N SER D 409 30.65 -21.25 -8.71
CA SER D 409 32.10 -21.07 -8.88
C SER D 409 32.82 -22.26 -9.51
N PHE D 410 33.97 -21.97 -10.11
CA PHE D 410 34.82 -22.97 -10.75
C PHE D 410 36.27 -22.73 -10.33
N ASP D 411 37.05 -23.81 -10.25
CA ASP D 411 38.45 -23.71 -9.86
C ASP D 411 39.39 -24.40 -10.82
N LEU D 412 40.65 -23.97 -10.77
CA LEU D 412 41.70 -24.54 -11.61
C LEU D 412 42.53 -25.44 -10.73
N THR D 413 42.70 -26.67 -11.17
CA THR D 413 43.48 -27.65 -10.42
C THR D 413 44.96 -27.29 -10.45
N SER D 414 45.58 -27.28 -9.27
CA SER D 414 47.00 -26.96 -9.13
C SER D 414 47.52 -26.12 -10.28
N LEU D 415 46.94 -24.93 -10.42
CA LEU D 415 47.29 -24.01 -11.49
C LEU D 415 48.76 -23.97 -11.84
N TYR D 416 49.59 -23.38 -10.97
CA TYR D 416 51.01 -23.28 -11.27
C TYR D 416 51.69 -24.59 -11.67
N PRO D 417 51.54 -25.65 -10.85
CA PRO D 417 52.16 -26.92 -11.21
C PRO D 417 51.69 -27.35 -12.61
N SER D 418 50.41 -27.14 -12.89
CA SER D 418 49.85 -27.49 -14.18
C SER D 418 50.44 -26.64 -15.30
N ILE D 419 50.63 -25.34 -15.04
CA ILE D 419 51.19 -24.44 -16.05
C ILE D 419 52.62 -24.89 -16.39
N ILE D 420 53.38 -25.18 -15.34
CA ILE D 420 54.75 -25.63 -15.50
C ILE D 420 54.83 -26.80 -16.46
N ARG D 421 54.00 -27.81 -16.23
CA ARG D 421 54.00 -28.98 -17.10
C ARG D 421 53.52 -28.60 -18.50
N GLN D 422 52.41 -27.87 -18.59
CA GLN D 422 51.87 -27.48 -19.88
C GLN D 422 52.81 -26.62 -20.72
N VAL D 423 53.44 -25.64 -20.09
CA VAL D 423 54.33 -24.80 -20.85
C VAL D 423 55.71 -25.44 -20.95
N ASN D 424 55.95 -26.43 -20.10
CA ASN D 424 57.22 -27.15 -20.06
C ASN D 424 58.32 -26.20 -19.62
N ILE D 425 58.00 -25.41 -18.61
CA ILE D 425 58.89 -24.42 -18.04
C ILE D 425 59.85 -25.12 -17.07
N SER D 426 61.14 -24.82 -17.22
CA SER D 426 62.20 -25.38 -16.39
C SER D 426 63.53 -24.79 -16.84
N PRO D 427 64.46 -24.59 -15.91
CA PRO D 427 65.78 -24.02 -16.21
C PRO D 427 66.38 -24.42 -17.56
N GLU D 428 66.59 -25.72 -17.74
CA GLU D 428 67.20 -26.22 -18.97
C GLU D 428 66.30 -26.40 -20.19
N THR D 429 65.21 -25.65 -20.29
CA THR D 429 64.32 -25.80 -21.45
C THR D 429 64.00 -24.50 -22.21
N ILE D 430 64.51 -23.38 -21.70
CA ILE D 430 64.27 -22.10 -22.35
C ILE D 430 64.88 -22.10 -23.75
N ALA D 431 64.06 -21.88 -24.76
CA ALA D 431 64.53 -21.86 -26.14
C ALA D 431 64.88 -20.44 -26.56
N GLY D 432 64.16 -19.45 -26.01
CA GLY D 432 64.41 -18.07 -26.34
C GLY D 432 63.31 -17.12 -25.92
N THR D 433 63.09 -16.09 -26.74
CA THR D 433 62.07 -15.09 -26.46
C THR D 433 61.39 -14.56 -27.73
N PHE D 434 60.43 -13.66 -27.55
CA PHE D 434 59.68 -13.07 -28.67
C PHE D 434 59.09 -11.70 -28.31
N LYS D 435 58.84 -10.89 -29.34
CA LYS D 435 58.28 -9.55 -29.16
C LYS D 435 56.98 -9.61 -28.36
N VAL D 436 57.05 -9.26 -27.07
CA VAL D 436 55.88 -9.30 -26.20
C VAL D 436 54.82 -8.23 -26.43
N ALA D 437 53.57 -8.67 -26.59
CA ALA D 437 52.44 -7.77 -26.81
C ALA D 437 51.68 -7.63 -25.49
N PRO D 438 50.87 -6.58 -25.35
CA PRO D 438 50.09 -6.37 -24.12
C PRO D 438 49.28 -7.58 -23.73
N LEU D 439 49.24 -7.88 -22.44
CA LEU D 439 48.52 -9.03 -21.91
C LEU D 439 47.11 -9.02 -22.49
N HIS D 440 46.45 -7.87 -22.36
CA HIS D 440 45.09 -7.72 -22.85
C HIS D 440 44.94 -8.24 -24.29
N ASP D 441 45.93 -7.98 -25.13
CA ASP D 441 45.86 -8.44 -26.51
C ASP D 441 45.90 -9.95 -26.58
N TYR D 442 46.60 -10.58 -25.64
CA TYR D 442 46.69 -12.04 -25.59
C TYR D 442 45.39 -12.57 -25.01
N ILE D 443 44.90 -11.93 -23.97
CA ILE D 443 43.66 -12.33 -23.34
C ILE D 443 42.56 -12.38 -24.38
N ASN D 444 42.71 -11.59 -25.44
CA ASN D 444 41.68 -11.54 -26.48
C ASN D 444 42.06 -12.14 -27.83
N ALA D 445 43.17 -12.86 -27.85
CA ALA D 445 43.65 -13.53 -29.07
C ALA D 445 43.71 -12.60 -30.27
N VAL D 446 44.19 -11.38 -30.06
CA VAL D 446 44.31 -10.41 -31.14
C VAL D 446 45.77 -10.17 -31.50
N ALA D 447 46.67 -10.53 -30.60
CA ALA D 447 48.09 -10.38 -30.86
C ALA D 447 48.42 -11.53 -31.81
N GLU D 448 49.61 -11.51 -32.42
CA GLU D 448 49.94 -12.60 -33.32
C GLU D 448 50.52 -13.74 -32.50
N ARG D 449 50.27 -14.98 -32.96
CA ARG D 449 50.76 -16.17 -32.27
C ARG D 449 52.25 -16.01 -32.02
N PRO D 450 52.66 -16.04 -30.75
CA PRO D 450 54.08 -15.89 -30.38
C PRO D 450 55.07 -16.71 -31.20
N SER D 451 54.91 -18.03 -31.18
CA SER D 451 55.78 -18.92 -31.92
C SER D 451 55.00 -20.08 -32.52
N ASP D 452 55.63 -20.79 -33.45
CA ASP D 452 54.98 -21.92 -34.09
C ASP D 452 55.91 -23.10 -34.00
N VAL D 453 56.92 -23.00 -33.15
CA VAL D 453 57.88 -24.08 -32.99
C VAL D 453 58.12 -24.40 -31.53
N TYR D 454 57.93 -23.40 -30.67
CA TYR D 454 58.15 -23.60 -29.25
C TYR D 454 56.90 -23.35 -28.41
N SER D 455 56.96 -23.75 -27.14
CA SER D 455 55.87 -23.55 -26.19
C SER D 455 56.19 -22.22 -25.53
N CYS D 456 55.25 -21.29 -25.60
CA CYS D 456 55.46 -19.94 -25.08
C CYS D 456 54.59 -19.47 -23.94
N SER D 457 55.04 -18.38 -23.31
CA SER D 457 54.35 -17.76 -22.20
C SER D 457 54.17 -16.27 -22.50
N PRO D 458 53.01 -15.70 -22.15
CA PRO D 458 52.65 -14.30 -22.37
C PRO D 458 53.70 -13.28 -21.92
N ASN D 459 54.44 -13.59 -20.86
CA ASN D 459 55.45 -12.66 -20.38
C ASN D 459 56.58 -12.47 -21.39
N GLY D 460 56.67 -13.37 -22.37
CA GLY D 460 57.70 -13.25 -23.38
C GLY D 460 58.68 -14.39 -23.47
N MET D 461 58.45 -15.46 -22.72
CA MET D 461 59.36 -16.61 -22.74
C MET D 461 59.05 -17.64 -23.83
N MET D 462 59.95 -18.59 -24.02
CA MET D 462 59.75 -19.61 -25.06
C MET D 462 60.53 -20.87 -24.65
N TYR D 463 59.88 -22.02 -24.66
CA TYR D 463 60.55 -23.26 -24.25
C TYR D 463 60.43 -24.43 -25.22
N TYR D 464 61.36 -25.38 -25.11
CA TYR D 464 61.37 -26.56 -25.98
C TYR D 464 60.15 -27.48 -25.87
N LYS D 465 59.77 -28.08 -26.99
CA LYS D 465 58.63 -28.98 -27.04
C LYS D 465 59.08 -30.37 -27.51
N ASP D 466 60.39 -30.55 -27.62
CA ASP D 466 60.96 -31.80 -28.07
C ASP D 466 61.66 -32.58 -26.97
N ARG D 467 61.54 -32.09 -25.74
CA ARG D 467 62.15 -32.74 -24.60
C ARG D 467 61.40 -32.35 -23.34
N ASP D 468 61.25 -33.29 -22.42
CA ASP D 468 60.54 -33.00 -21.17
C ASP D 468 61.55 -32.34 -20.24
N GLY D 469 61.11 -31.27 -19.58
CA GLY D 469 62.00 -30.56 -18.68
C GLY D 469 62.18 -31.31 -17.37
N VAL D 470 63.17 -30.91 -16.58
CA VAL D 470 63.42 -31.56 -15.31
C VAL D 470 62.31 -31.23 -14.33
N VAL D 471 62.04 -29.95 -14.12
CA VAL D 471 60.99 -29.53 -13.20
C VAL D 471 59.63 -30.09 -13.63
N PRO D 472 59.33 -30.06 -14.93
CA PRO D 472 58.05 -30.59 -15.42
C PRO D 472 57.95 -32.09 -15.15
N THR D 473 58.97 -32.82 -15.56
CA THR D 473 59.02 -34.27 -15.37
C THR D 473 58.93 -34.75 -13.92
N GLU D 474 59.49 -33.98 -13.00
CA GLU D 474 59.47 -34.36 -11.58
C GLU D 474 58.14 -34.10 -10.88
N ILE D 475 57.44 -33.04 -11.29
CA ILE D 475 56.16 -32.73 -10.69
C ILE D 475 55.13 -33.67 -11.32
N THR D 476 55.35 -34.02 -12.58
CA THR D 476 54.47 -34.93 -13.31
C THR D 476 54.54 -36.30 -12.67
N LYS D 477 55.60 -36.53 -11.89
CA LYS D 477 55.76 -37.80 -11.21
C LYS D 477 54.91 -37.76 -9.94
N VAL D 478 55.08 -36.70 -9.15
CA VAL D 478 54.30 -36.55 -7.92
C VAL D 478 52.81 -36.47 -8.21
N PHE D 479 52.46 -36.04 -9.42
CA PHE D 479 51.06 -35.97 -9.82
C PHE D 479 50.54 -37.38 -10.00
N ASN D 480 51.30 -38.18 -10.74
CA ASN D 480 50.93 -39.56 -10.99
C ASN D 480 50.92 -40.39 -9.72
N GLN D 481 51.81 -40.06 -8.79
CA GLN D 481 51.85 -40.79 -7.54
C GLN D 481 50.57 -40.50 -6.75
N ARG D 482 50.24 -39.22 -6.63
CA ARG D 482 49.04 -38.79 -5.89
C ARG D 482 47.77 -39.46 -6.41
N LYS D 483 47.54 -39.38 -7.72
CA LYS D 483 46.34 -39.95 -8.30
C LYS D 483 46.30 -41.47 -8.18
N GLU D 484 47.48 -42.08 -8.02
CA GLU D 484 47.57 -43.52 -7.88
C GLU D 484 47.34 -43.87 -6.41
N HIS D 485 48.18 -43.32 -5.52
CA HIS D 485 48.04 -43.58 -4.08
C HIS D 485 46.71 -43.05 -3.56
N LYS D 486 45.93 -42.45 -4.44
CA LYS D 486 44.64 -41.91 -4.07
C LYS D 486 43.68 -43.09 -3.98
N GLY D 487 43.79 -43.99 -4.96
CA GLY D 487 42.95 -45.17 -4.97
C GLY D 487 43.54 -46.31 -4.16
N TYR D 488 44.80 -46.16 -3.75
CA TYR D 488 45.54 -47.15 -2.96
C TYR D 488 45.34 -46.98 -1.46
N MET D 489 44.78 -45.83 -1.08
CA MET D 489 44.46 -45.49 0.30
C MET D 489 42.93 -45.68 0.34
N LEU D 490 42.36 -45.87 -0.84
CA LEU D 490 40.93 -46.10 -1.08
C LEU D 490 40.65 -47.61 -1.17
N ALA D 491 41.68 -48.38 -1.52
CA ALA D 491 41.57 -49.83 -1.61
C ALA D 491 41.95 -50.43 -0.24
N ALA D 492 42.92 -49.81 0.43
CA ALA D 492 43.38 -50.24 1.74
C ALA D 492 42.37 -49.84 2.80
N GLN D 493 41.72 -48.69 2.59
CA GLN D 493 40.70 -48.21 3.52
C GLN D 493 39.54 -49.21 3.54
N ARG D 494 39.15 -49.62 2.33
CA ARG D 494 38.05 -50.57 2.14
C ARG D 494 38.47 -51.99 2.56
N ASN D 495 39.62 -52.46 2.08
CA ASN D 495 40.11 -53.79 2.44
C ASN D 495 40.20 -53.97 3.96
N GLY D 496 40.63 -52.92 4.67
CA GLY D 496 40.73 -53.01 6.11
C GLY D 496 39.38 -53.16 6.76
N GLU D 497 38.33 -52.93 5.98
CA GLU D 497 36.95 -53.02 6.45
C GLU D 497 36.42 -54.43 6.40
N ILE D 498 36.92 -55.23 5.45
CA ILE D 498 36.47 -56.60 5.32
C ILE D 498 37.18 -57.44 6.37
N ILE D 499 38.31 -56.94 6.86
CA ILE D 499 39.07 -57.64 7.88
C ILE D 499 38.18 -57.69 9.13
N LYS D 500 37.23 -56.76 9.18
CA LYS D 500 36.29 -56.66 10.28
C LYS D 500 35.01 -57.40 9.93
N GLU D 501 34.62 -57.34 8.66
CA GLU D 501 33.42 -58.03 8.18
C GLU D 501 33.55 -59.52 8.42
N ALA D 502 34.76 -60.05 8.27
CA ALA D 502 35.02 -61.46 8.49
C ALA D 502 34.81 -61.75 9.97
N LEU D 503 34.75 -60.68 10.76
CA LEU D 503 34.56 -60.78 12.21
C LEU D 503 33.06 -60.68 12.50
N HIS D 504 32.30 -60.21 11.51
CA HIS D 504 30.86 -60.09 11.65
C HIS D 504 30.23 -61.35 11.06
N ASN D 505 31.02 -62.04 10.24
CA ASN D 505 30.61 -63.29 9.59
C ASN D 505 31.70 -64.33 9.87
N PRO D 506 31.96 -64.65 11.16
CA PRO D 506 32.99 -65.63 11.50
C PRO D 506 32.54 -67.09 11.63
N ASN D 507 33.50 -67.95 11.32
CA ASN D 507 33.41 -69.40 11.39
C ASN D 507 34.78 -69.70 11.98
N LEU D 508 35.19 -70.95 12.06
CA LEU D 508 36.51 -71.17 12.64
C LEU D 508 37.53 -71.95 11.81
N SER D 509 38.72 -71.37 11.68
CA SER D 509 39.81 -71.98 10.95
C SER D 509 40.96 -72.17 11.94
N VAL D 510 42.19 -72.26 11.45
CA VAL D 510 43.35 -72.48 12.32
C VAL D 510 43.93 -71.21 12.95
N ASP D 511 44.77 -70.47 12.23
CA ASP D 511 45.38 -69.27 12.81
C ASP D 511 45.85 -68.23 11.77
N GLU D 512 46.62 -67.24 12.23
CA GLU D 512 47.16 -66.17 11.38
C GLU D 512 48.52 -65.76 11.97
N PRO D 513 49.14 -64.66 11.48
CA PRO D 513 48.75 -63.70 10.44
C PRO D 513 48.89 -64.25 9.03
N LEU D 514 48.52 -63.43 8.06
CA LEU D 514 48.61 -63.82 6.65
C LEU D 514 49.43 -62.85 5.80
N ASP D 515 49.39 -63.05 4.49
CA ASP D 515 50.14 -62.21 3.56
C ASP D 515 49.27 -61.70 2.41
N VAL D 516 49.23 -60.38 2.25
CA VAL D 516 48.46 -59.72 1.20
C VAL D 516 48.86 -58.25 1.05
N ASP D 517 48.74 -57.74 -0.16
CA ASP D 517 49.07 -56.35 -0.46
C ASP D 517 47.78 -55.53 -0.37
N TYR D 518 47.77 -54.52 0.48
CA TYR D 518 46.57 -53.70 0.66
C TYR D 518 46.51 -52.52 -0.29
N ARG D 519 47.59 -52.28 -1.02
CA ARG D 519 47.64 -51.18 -1.98
C ARG D 519 46.52 -51.35 -3.00
N PHE D 520 46.14 -52.61 -3.24
CA PHE D 520 45.10 -52.92 -4.20
C PHE D 520 44.01 -53.82 -3.59
N ASP D 521 42.76 -53.39 -3.72
CA ASP D 521 41.60 -54.12 -3.21
C ASP D 521 41.63 -55.62 -3.57
N PHE D 522 40.83 -56.42 -2.89
CA PHE D 522 40.78 -57.88 -3.15
C PHE D 522 39.96 -58.29 -4.37
N SER D 523 39.74 -59.60 -4.51
CA SER D 523 38.99 -60.15 -5.65
C SER D 523 37.48 -60.37 -5.42
N ASP D 524 36.75 -60.30 -6.53
CA ASP D 524 35.29 -60.46 -6.53
C ASP D 524 34.72 -61.62 -5.70
N GLU D 525 34.67 -62.81 -6.30
CA GLU D 525 34.15 -63.98 -5.62
C GLU D 525 35.26 -65.01 -5.50
N ILE D 526 36.25 -64.93 -6.39
CA ILE D 526 37.38 -65.85 -6.39
C ILE D 526 38.54 -65.25 -5.58
N LYS D 527 38.20 -64.57 -4.49
CA LYS D 527 39.18 -63.93 -3.59
C LYS D 527 39.61 -64.91 -2.52
N GLU D 528 40.90 -65.24 -2.51
CA GLU D 528 41.44 -66.20 -1.55
C GLU D 528 41.54 -65.73 -0.10
N LYS D 529 41.42 -66.69 0.82
CA LYS D 529 41.51 -66.49 2.26
C LYS D 529 40.73 -65.29 2.83
N ILE D 530 39.45 -65.16 2.49
CA ILE D 530 38.65 -64.05 2.99
C ILE D 530 38.31 -64.13 4.50
N LYS D 531 37.72 -65.24 4.93
CA LYS D 531 37.36 -65.42 6.35
C LYS D 531 38.26 -66.47 7.00
N LYS D 532 39.45 -66.05 7.42
CA LYS D 532 40.41 -66.96 8.03
C LYS D 532 40.17 -67.45 9.44
N LEU D 533 39.69 -66.57 10.32
CA LEU D 533 39.43 -66.93 11.71
C LEU D 533 38.38 -66.01 12.32
N SER D 534 38.11 -66.23 13.60
CA SER D 534 37.18 -65.37 14.31
C SER D 534 38.03 -64.18 14.70
N ALA D 535 37.48 -63.29 15.52
CA ALA D 535 38.23 -62.10 15.94
C ALA D 535 39.64 -62.37 16.49
N LYS D 536 39.96 -63.63 16.78
CA LYS D 536 41.26 -63.99 17.34
C LYS D 536 42.45 -63.52 16.51
N SER D 537 42.28 -63.41 15.20
CA SER D 537 43.36 -62.97 14.32
C SER D 537 42.92 -61.83 13.41
N LEU D 538 41.63 -61.53 13.42
CA LEU D 538 41.05 -60.47 12.59
C LEU D 538 41.26 -59.06 13.13
N ASN D 539 41.00 -58.85 14.42
CA ASN D 539 41.21 -57.52 15.02
C ASN D 539 42.67 -57.37 15.43
N GLU D 540 43.45 -58.41 15.10
CA GLU D 540 44.89 -58.46 15.36
C GLU D 540 45.50 -58.13 14.00
N MET D 541 44.63 -58.18 12.98
CA MET D 541 45.00 -57.88 11.61
C MET D 541 44.48 -56.53 11.13
N LEU D 542 43.33 -56.09 11.66
CA LEU D 542 42.73 -54.82 11.26
C LEU D 542 43.78 -53.71 11.40
N PHE D 543 44.74 -53.99 12.27
CA PHE D 543 45.84 -53.10 12.57
C PHE D 543 46.87 -53.21 11.46
N ARG D 544 46.54 -54.01 10.46
CA ARG D 544 47.44 -54.19 9.35
C ARG D 544 46.84 -53.68 8.03
N ALA D 545 45.53 -53.86 7.87
CA ALA D 545 44.84 -53.44 6.66
C ALA D 545 44.40 -51.98 6.70
N GLN D 546 44.45 -51.39 7.89
CA GLN D 546 44.07 -49.99 8.08
C GLN D 546 45.27 -49.14 8.52
N ARG D 547 46.30 -49.80 9.05
CA ARG D 547 47.52 -49.12 9.48
C ARG D 547 48.36 -48.91 8.22
N THR D 548 47.97 -49.63 7.16
CA THR D 548 48.63 -49.54 5.88
C THR D 548 47.86 -48.60 4.97
N GLU D 549 46.65 -48.23 5.39
CA GLU D 549 45.81 -47.30 4.63
C GLU D 549 46.02 -45.91 5.21
N VAL D 550 46.66 -45.87 6.38
CA VAL D 550 46.98 -44.63 7.09
C VAL D 550 48.29 -44.08 6.55
N ALA D 551 49.12 -44.97 6.00
CA ALA D 551 50.39 -44.57 5.41
C ALA D 551 50.12 -43.97 4.04
N GLY D 552 49.14 -44.55 3.33
CA GLY D 552 48.77 -44.07 2.01
C GLY D 552 48.20 -42.66 2.10
N MET D 553 47.49 -42.39 3.19
CA MET D 553 46.91 -41.07 3.42
C MET D 553 48.05 -40.13 3.75
N THR D 554 48.82 -40.48 4.78
CA THR D 554 49.96 -39.66 5.19
C THR D 554 50.79 -39.30 3.95
N ALA D 555 50.87 -40.25 3.03
CA ALA D 555 51.61 -40.06 1.77
C ALA D 555 50.80 -39.24 0.77
N GLN D 556 49.62 -39.75 0.38
CA GLN D 556 48.76 -39.05 -0.56
C GLN D 556 48.65 -37.56 -0.24
N ILE D 557 48.51 -37.25 1.03
CA ILE D 557 48.41 -35.86 1.47
C ILE D 557 49.78 -35.22 1.29
N ASN D 558 50.80 -35.85 1.87
CA ASN D 558 52.16 -35.35 1.77
C ASN D 558 52.50 -35.11 0.31
N ARG D 559 51.88 -35.87 -0.58
CA ARG D 559 52.12 -35.74 -2.01
C ARG D 559 51.49 -34.43 -2.48
N LYS D 560 50.25 -34.21 -2.10
CA LYS D 560 49.55 -32.97 -2.46
C LYS D 560 50.29 -31.83 -1.81
N LEU D 561 50.73 -32.05 -0.58
CA LEU D 561 51.45 -31.03 0.18
C LEU D 561 52.71 -30.57 -0.57
N LEU D 562 53.34 -31.48 -1.32
CA LEU D 562 54.53 -31.13 -2.08
C LEU D 562 54.13 -30.35 -3.32
N ILE D 563 53.21 -30.91 -4.10
CA ILE D 563 52.74 -30.27 -5.32
C ILE D 563 52.44 -28.78 -5.16
N ASN D 564 51.79 -28.41 -4.06
CA ASN D 564 51.45 -27.01 -3.84
C ASN D 564 52.61 -26.19 -3.31
N SER D 565 53.68 -26.87 -2.89
CA SER D 565 54.85 -26.17 -2.36
C SER D 565 55.90 -25.98 -3.45
N LEU D 566 55.77 -26.72 -4.53
CA LEU D 566 56.72 -26.62 -5.63
C LEU D 566 56.88 -25.20 -6.16
N TYR D 567 55.80 -24.43 -6.10
CA TYR D 567 55.84 -23.04 -6.59
C TYR D 567 56.53 -22.16 -5.57
N GLY D 568 56.17 -22.37 -4.30
CA GLY D 568 56.77 -21.58 -3.25
C GLY D 568 58.27 -21.58 -3.45
N ALA D 569 58.78 -22.73 -3.87
CA ALA D 569 60.20 -22.90 -4.10
C ALA D 569 60.66 -22.13 -5.32
N LEU D 570 60.19 -22.53 -6.49
CA LEU D 570 60.57 -21.87 -7.74
C LEU D 570 60.46 -20.35 -7.68
N GLY D 571 59.84 -19.84 -6.63
CA GLY D 571 59.70 -18.41 -6.48
C GLY D 571 60.71 -17.80 -5.52
N ASN D 572 61.37 -18.62 -4.72
CA ASN D 572 62.37 -18.14 -3.77
C ASN D 572 63.74 -18.10 -4.45
N VAL D 573 64.58 -17.16 -4.02
CA VAL D 573 65.91 -17.00 -4.60
C VAL D 573 66.92 -18.09 -4.25
N TRP D 574 66.81 -18.66 -3.05
CA TRP D 574 67.73 -19.70 -2.62
C TRP D 574 67.45 -21.06 -3.24
N PHE D 575 66.53 -21.13 -4.20
CA PHE D 575 66.24 -22.40 -4.81
C PHE D 575 67.20 -22.67 -5.97
N ARG D 576 67.91 -23.79 -5.88
CA ARG D 576 68.89 -24.17 -6.89
C ARG D 576 68.34 -24.16 -8.32
N TYR D 577 67.03 -24.06 -8.47
CA TYR D 577 66.43 -24.06 -9.81
C TYR D 577 65.56 -22.82 -10.07
N TYR D 578 65.95 -21.70 -9.47
CA TYR D 578 65.22 -20.45 -9.64
C TYR D 578 65.62 -19.72 -10.93
N ASP D 579 64.69 -18.89 -11.42
CA ASP D 579 64.88 -18.09 -12.63
C ASP D 579 63.72 -17.10 -12.65
N LEU D 580 64.00 -15.82 -12.41
CA LEU D 580 62.95 -14.80 -12.37
C LEU D 580 62.04 -14.79 -13.59
N ARG D 581 62.61 -15.04 -14.76
CA ARG D 581 61.81 -15.07 -15.98
C ARG D 581 60.86 -16.24 -15.83
N ASN D 582 61.43 -17.44 -15.66
CA ASN D 582 60.64 -18.65 -15.48
C ASN D 582 59.46 -18.50 -14.51
N ALA D 583 59.66 -17.81 -13.40
CA ALA D 583 58.58 -17.62 -12.43
C ALA D 583 57.50 -16.75 -13.05
N THR D 584 57.94 -15.63 -13.62
CA THR D 584 57.02 -14.70 -14.27
C THR D 584 56.31 -15.38 -15.43
N ALA D 585 56.99 -16.32 -16.07
CA ALA D 585 56.42 -17.07 -17.17
C ALA D 585 55.20 -17.81 -16.63
N ILE D 586 55.26 -18.16 -15.34
CA ILE D 586 54.18 -18.87 -14.68
C ILE D 586 53.08 -17.89 -14.26
N THR D 587 53.43 -17.00 -13.36
CA THR D 587 52.50 -16.01 -12.87
C THR D 587 51.76 -15.36 -14.04
N THR D 588 52.54 -14.85 -15.00
CA THR D 588 51.96 -14.20 -16.16
C THR D 588 50.97 -15.11 -16.87
N PHE D 589 51.43 -16.28 -17.28
CA PHE D 589 50.58 -17.23 -17.99
C PHE D 589 49.30 -17.42 -17.22
N GLY D 590 49.42 -17.47 -15.90
CA GLY D 590 48.26 -17.63 -15.05
C GLY D 590 47.22 -16.54 -15.21
N GLN D 591 47.66 -15.29 -15.27
CA GLN D 591 46.72 -14.20 -15.44
C GLN D 591 46.01 -14.32 -16.78
N MET D 592 46.77 -14.55 -17.84
CA MET D 592 46.16 -14.70 -19.15
C MET D 592 45.16 -15.85 -19.16
N ALA D 593 45.48 -16.95 -18.50
CA ALA D 593 44.57 -18.09 -18.45
C ALA D 593 43.23 -17.73 -17.82
N LEU D 594 43.29 -17.19 -16.61
CA LEU D 594 42.08 -16.80 -15.90
C LEU D 594 41.18 -15.83 -16.69
N GLN D 595 41.74 -14.70 -17.10
CA GLN D 595 41.00 -13.68 -17.83
C GLN D 595 40.48 -14.14 -19.19
N TRP D 596 41.17 -15.11 -19.78
CA TRP D 596 40.81 -15.67 -21.07
C TRP D 596 39.60 -16.58 -20.90
N ILE D 597 39.59 -17.34 -19.82
CA ILE D 597 38.50 -18.26 -19.60
C ILE D 597 37.28 -17.50 -19.15
N GLU D 598 37.51 -16.39 -18.47
CA GLU D 598 36.44 -15.53 -18.00
C GLU D 598 35.81 -14.90 -19.24
N ARG D 599 36.66 -14.57 -20.21
CA ARG D 599 36.20 -13.96 -21.45
C ARG D 599 35.34 -14.97 -22.20
N LYS D 600 35.79 -16.22 -22.20
CA LYS D 600 35.09 -17.30 -22.89
C LYS D 600 33.77 -17.67 -22.22
N VAL D 601 33.77 -17.68 -20.88
CA VAL D 601 32.56 -18.00 -20.13
C VAL D 601 31.48 -16.99 -20.48
N ASN D 602 31.82 -15.70 -20.38
CA ASN D 602 30.89 -14.64 -20.71
C ASN D 602 30.36 -14.79 -22.13
N GLU D 603 31.29 -14.94 -23.08
CA GLU D 603 30.89 -15.11 -24.48
C GLU D 603 29.91 -16.27 -24.61
N TYR D 604 30.21 -17.36 -23.90
CA TYR D 604 29.36 -18.53 -23.94
C TYR D 604 28.00 -18.34 -23.27
N LEU D 605 28.02 -17.78 -22.06
CA LEU D 605 26.79 -17.56 -21.33
C LEU D 605 25.86 -16.57 -22.04
N ASN D 606 26.45 -15.64 -22.79
CA ASN D 606 25.64 -14.69 -23.51
C ASN D 606 25.00 -15.34 -24.73
N GLU D 607 25.73 -16.24 -25.39
CA GLU D 607 25.20 -16.91 -26.58
C GLU D 607 24.10 -17.95 -26.27
N VAL D 608 24.11 -18.52 -25.08
CA VAL D 608 23.10 -19.51 -24.75
C VAL D 608 21.88 -18.88 -24.10
N CYS D 609 22.10 -17.73 -23.45
CA CYS D 609 21.03 -17.02 -22.78
C CYS D 609 20.39 -15.97 -23.67
N GLY D 610 20.89 -15.88 -24.90
CA GLY D 610 20.36 -14.91 -25.86
C GLY D 610 20.50 -13.48 -25.39
N THR D 611 21.69 -13.11 -24.93
CA THR D 611 21.93 -11.76 -24.45
C THR D 611 23.27 -11.23 -24.94
N GLU D 612 23.48 -9.92 -24.77
CA GLU D 612 24.72 -9.28 -25.22
C GLU D 612 25.39 -8.48 -24.11
N GLY D 613 26.72 -8.57 -24.03
CA GLY D 613 27.47 -7.83 -23.03
C GLY D 613 27.19 -8.10 -21.56
N GLU D 614 26.21 -8.93 -21.25
CA GLU D 614 25.93 -9.24 -19.85
C GLU D 614 27.17 -9.88 -19.24
N ALA D 615 27.60 -9.38 -18.09
CA ALA D 615 28.79 -9.92 -17.44
C ALA D 615 28.42 -10.95 -16.39
N PHE D 616 28.53 -12.23 -16.75
CA PHE D 616 28.21 -13.30 -15.83
C PHE D 616 29.29 -13.56 -14.81
N VAL D 617 30.54 -13.42 -15.22
CA VAL D 617 31.64 -13.64 -14.30
C VAL D 617 31.72 -12.41 -13.41
N LEU D 618 31.28 -12.57 -12.17
CA LEU D 618 31.28 -11.47 -11.23
C LEU D 618 32.56 -11.36 -10.41
N TYR D 619 33.39 -12.39 -10.47
CA TYR D 619 34.62 -12.35 -9.71
C TYR D 619 35.59 -13.49 -10.00
N GLY D 620 36.85 -13.13 -10.18
CA GLY D 620 37.89 -14.10 -10.45
C GLY D 620 39.02 -13.86 -9.47
N ASP D 621 39.81 -14.89 -9.19
CA ASP D 621 40.92 -14.76 -8.26
C ASP D 621 41.89 -15.92 -8.33
N THR D 622 42.98 -15.68 -9.03
CA THR D 622 44.05 -16.65 -9.21
C THR D 622 43.65 -17.87 -10.01
N ASP D 623 43.05 -18.84 -9.36
CA ASP D 623 42.67 -20.07 -10.03
C ASP D 623 41.17 -20.31 -10.09
N SER D 624 40.38 -19.38 -9.55
CA SER D 624 38.94 -19.55 -9.53
C SER D 624 38.10 -18.34 -9.92
N ILE D 625 36.98 -18.62 -10.55
CA ILE D 625 36.06 -17.56 -10.96
C ILE D 625 34.72 -17.83 -10.29
N TYR D 626 33.79 -16.89 -10.44
CA TYR D 626 32.46 -17.04 -9.85
C TYR D 626 31.46 -16.46 -10.83
N VAL D 627 30.51 -17.27 -11.26
CA VAL D 627 29.51 -16.83 -12.22
C VAL D 627 28.14 -16.62 -11.62
N SER D 628 27.42 -15.64 -12.15
CA SER D 628 26.08 -15.33 -11.69
C SER D 628 25.12 -16.20 -12.50
N ALA D 629 24.52 -17.18 -11.84
CA ALA D 629 23.59 -18.09 -12.52
C ALA D 629 22.21 -17.48 -12.71
N ASP D 630 22.03 -16.27 -12.20
CA ASP D 630 20.77 -15.54 -12.29
C ASP D 630 20.07 -15.63 -13.64
N LYS D 631 20.69 -15.11 -14.70
CA LYS D 631 20.07 -15.15 -16.03
C LYS D 631 19.87 -16.58 -16.54
N ILE D 632 20.62 -17.53 -15.98
CA ILE D 632 20.48 -18.92 -16.39
C ILE D 632 19.21 -19.51 -15.79
N ILE D 633 19.01 -19.26 -14.50
CA ILE D 633 17.81 -19.73 -13.83
C ILE D 633 16.61 -18.99 -14.42
N ASP D 634 16.85 -17.74 -14.82
CA ASP D 634 15.78 -16.92 -15.39
C ASP D 634 15.34 -17.31 -16.78
N LYS D 635 16.22 -17.96 -17.53
CA LYS D 635 15.83 -18.33 -18.89
C LYS D 635 14.73 -19.38 -18.88
N VAL D 636 14.77 -20.29 -17.91
CA VAL D 636 13.76 -21.34 -17.84
C VAL D 636 12.60 -20.93 -16.94
N GLY D 637 12.88 -20.05 -15.99
CA GLY D 637 11.85 -19.60 -15.07
C GLY D 637 11.96 -20.25 -13.71
N GLU D 638 12.17 -19.44 -12.68
CA GLU D 638 12.32 -19.95 -11.33
C GLU D 638 11.14 -20.79 -10.86
N SER D 639 9.95 -20.56 -11.42
CA SER D 639 8.77 -21.32 -11.02
C SER D 639 8.85 -22.72 -11.60
N LYS D 640 9.72 -22.89 -12.59
CA LYS D 640 9.87 -24.18 -13.24
C LYS D 640 10.57 -25.19 -12.32
N PHE D 641 10.72 -24.86 -11.04
CA PHE D 641 11.37 -25.75 -10.09
C PHE D 641 10.50 -26.12 -8.90
N ARG D 642 10.65 -27.37 -8.45
CA ARG D 642 9.89 -27.91 -7.33
C ARG D 642 10.40 -27.43 -5.97
N ASP D 643 11.71 -27.32 -5.83
CA ASP D 643 12.33 -26.90 -4.58
C ASP D 643 13.81 -26.60 -4.80
N THR D 644 14.50 -26.19 -3.73
CA THR D 644 15.92 -25.85 -3.80
C THR D 644 16.74 -26.90 -4.55
N ASN D 645 16.64 -28.15 -4.10
CA ASN D 645 17.40 -29.24 -4.71
C ASN D 645 17.12 -29.40 -6.21
N HIS D 646 15.90 -29.10 -6.64
CA HIS D 646 15.62 -29.24 -8.06
C HIS D 646 16.33 -28.24 -8.95
N TRP D 647 16.57 -27.01 -8.48
CA TRP D 647 17.31 -26.08 -9.33
C TRP D 647 18.81 -26.31 -9.12
N VAL D 648 19.19 -26.75 -7.94
CA VAL D 648 20.59 -27.02 -7.68
C VAL D 648 21.01 -28.14 -8.62
N ASP D 649 20.05 -28.98 -9.00
CA ASP D 649 20.34 -30.07 -9.92
C ASP D 649 20.49 -29.51 -11.30
N PHE D 650 19.54 -28.67 -11.69
CA PHE D 650 19.57 -28.05 -13.01
C PHE D 650 20.93 -27.39 -13.24
N LEU D 651 21.35 -26.53 -12.32
CA LEU D 651 22.62 -25.84 -12.47
C LEU D 651 23.78 -26.86 -12.54
N ASP D 652 23.75 -27.87 -11.66
CA ASP D 652 24.80 -28.91 -11.67
C ASP D 652 24.96 -29.51 -13.07
N LYS D 653 23.83 -29.94 -13.63
CA LYS D 653 23.84 -30.54 -14.94
C LYS D 653 24.31 -29.52 -15.97
N PHE D 654 23.83 -28.29 -15.85
CA PHE D 654 24.18 -27.22 -16.76
C PHE D 654 25.69 -26.98 -16.82
N ALA D 655 26.34 -26.99 -15.66
CA ALA D 655 27.77 -26.77 -15.58
C ALA D 655 28.58 -27.89 -16.26
N ARG D 656 28.16 -29.14 -16.04
CA ARG D 656 28.83 -30.29 -16.60
C ARG D 656 28.55 -30.52 -18.08
N GLU D 657 27.29 -30.75 -18.42
CA GLU D 657 26.92 -31.00 -19.82
C GLU D 657 27.13 -29.85 -20.80
N ARG D 658 27.07 -28.61 -20.32
CA ARG D 658 27.22 -27.46 -21.21
C ARG D 658 28.44 -26.58 -21.01
N MET D 659 28.71 -26.17 -19.79
CA MET D 659 29.84 -25.29 -19.53
C MET D 659 31.21 -25.95 -19.68
N GLU D 660 31.43 -27.06 -18.96
CA GLU D 660 32.71 -27.76 -19.04
C GLU D 660 33.16 -27.89 -20.49
N PRO D 661 32.28 -28.41 -21.35
CA PRO D 661 32.70 -28.54 -22.74
C PRO D 661 33.16 -27.20 -23.30
N ALA D 662 32.40 -26.15 -22.99
CA ALA D 662 32.73 -24.82 -23.48
C ALA D 662 34.10 -24.37 -22.97
N ILE D 663 34.36 -24.62 -21.69
CA ILE D 663 35.62 -24.24 -21.08
C ILE D 663 36.75 -25.08 -21.66
N ASP D 664 36.56 -26.39 -21.68
CA ASP D 664 37.60 -27.26 -22.21
C ASP D 664 38.04 -26.83 -23.59
N ARG D 665 37.08 -26.55 -24.46
CA ARG D 665 37.40 -26.10 -25.81
C ARG D 665 38.14 -24.77 -25.71
N GLY D 666 37.67 -23.90 -24.81
CA GLY D 666 38.26 -22.60 -24.61
C GLY D 666 39.75 -22.65 -24.26
N PHE D 667 40.11 -23.51 -23.32
CA PHE D 667 41.50 -23.63 -22.92
C PHE D 667 42.29 -24.36 -23.99
N ARG D 668 41.67 -25.31 -24.66
CA ARG D 668 42.38 -26.04 -25.70
C ARG D 668 42.77 -25.03 -26.77
N GLU D 669 41.90 -24.05 -26.99
CA GLU D 669 42.15 -22.99 -27.97
C GLU D 669 43.36 -22.19 -27.49
N MET D 670 43.33 -21.77 -26.24
CA MET D 670 44.42 -21.01 -25.66
C MET D 670 45.74 -21.77 -25.77
N CYS D 671 45.66 -23.09 -25.68
CA CYS D 671 46.82 -23.95 -25.75
C CYS D 671 47.47 -23.98 -27.14
N GLU D 672 46.65 -24.10 -28.19
CA GLU D 672 47.16 -24.12 -29.56
C GLU D 672 47.70 -22.74 -29.93
N TYR D 673 47.23 -21.73 -29.20
CA TYR D 673 47.65 -20.35 -29.40
C TYR D 673 49.08 -20.16 -28.88
N MET D 674 49.32 -20.52 -27.62
CA MET D 674 50.66 -20.40 -27.04
C MET D 674 51.55 -21.54 -27.56
N ASN D 675 50.96 -22.41 -28.37
CA ASN D 675 51.67 -23.56 -28.93
C ASN D 675 52.38 -24.34 -27.82
N ASN D 676 51.65 -24.56 -26.73
CA ASN D 676 52.20 -25.27 -25.59
C ASN D 676 52.40 -26.76 -25.86
N LYS D 677 53.11 -27.42 -24.96
CA LYS D 677 53.42 -28.83 -25.13
C LYS D 677 52.27 -29.78 -24.81
N GLN D 678 51.54 -29.51 -23.74
CA GLN D 678 50.46 -30.38 -23.33
C GLN D 678 49.35 -29.62 -22.61
N HIS D 679 48.15 -29.65 -23.16
CA HIS D 679 46.99 -28.97 -22.55
C HIS D 679 46.65 -29.56 -21.19
N LEU D 680 46.85 -28.77 -20.13
CA LEU D 680 46.59 -29.22 -18.76
C LEU D 680 45.75 -28.23 -17.96
N MET D 681 45.18 -27.24 -18.62
CA MET D 681 44.35 -26.26 -17.95
C MET D 681 42.97 -26.86 -17.71
N PHE D 682 42.72 -27.30 -16.49
CA PHE D 682 41.45 -27.90 -16.15
C PHE D 682 40.73 -27.10 -15.08
N MET D 683 39.46 -26.81 -15.36
CA MET D 683 38.67 -26.03 -14.44
C MET D 683 37.35 -26.75 -14.19
N ASP D 684 37.14 -27.15 -12.95
CA ASP D 684 35.92 -27.86 -12.59
C ASP D 684 35.03 -27.14 -11.59
N ARG D 685 33.72 -27.26 -11.84
CA ARG D 685 32.67 -26.66 -11.01
C ARG D 685 32.89 -26.92 -9.54
N GLU D 686 32.99 -25.84 -8.77
CA GLU D 686 33.22 -25.97 -7.34
C GLU D 686 31.89 -25.95 -6.60
N ALA D 687 31.50 -24.78 -6.10
CA ALA D 687 30.25 -24.66 -5.34
C ALA D 687 29.07 -24.11 -6.14
N ILE D 688 27.87 -24.36 -5.63
CA ILE D 688 26.66 -23.85 -6.23
C ILE D 688 25.93 -23.17 -5.09
N ALA D 689 25.67 -21.86 -5.23
CA ALA D 689 25.00 -21.12 -4.17
C ALA D 689 23.73 -20.39 -4.61
N GLY D 690 22.84 -20.18 -3.65
CA GLY D 690 21.60 -19.52 -3.92
C GLY D 690 20.77 -19.45 -2.66
N PRO D 691 19.54 -18.92 -2.76
CA PRO D 691 18.65 -18.81 -1.62
C PRO D 691 17.62 -19.92 -1.64
N PRO D 692 17.17 -20.38 -0.46
CA PRO D 692 16.16 -21.44 -0.40
C PRO D 692 14.98 -21.05 -1.31
N LEU D 693 14.56 -21.97 -2.17
CA LEU D 693 13.48 -21.69 -3.09
C LEU D 693 12.27 -21.12 -2.38
N GLY D 694 11.82 -19.95 -2.84
CA GLY D 694 10.66 -19.35 -2.24
C GLY D 694 10.96 -18.38 -1.11
N SER D 695 12.05 -18.60 -0.39
CA SER D 695 12.41 -17.72 0.73
C SER D 695 12.71 -16.32 0.24
N LYS D 696 13.07 -15.44 1.18
CA LYS D 696 13.40 -14.07 0.86
C LYS D 696 14.89 -13.80 1.03
N GLY D 697 15.69 -14.87 1.06
CA GLY D 697 17.14 -14.71 1.21
C GLY D 697 17.83 -14.15 -0.01
N ILE D 698 19.00 -13.54 0.19
CA ILE D 698 19.74 -12.99 -0.94
C ILE D 698 20.75 -13.98 -1.49
N GLY D 699 20.89 -15.12 -0.83
CA GLY D 699 21.82 -16.14 -1.28
C GLY D 699 23.30 -15.86 -1.03
N GLY D 700 23.74 -14.64 -1.32
CA GLY D 700 25.14 -14.31 -1.10
C GLY D 700 25.46 -12.90 -1.51
N PHE D 701 26.64 -12.41 -1.10
CA PHE D 701 27.05 -11.06 -1.44
C PHE D 701 28.56 -10.90 -1.37
N TRP D 702 29.04 -9.82 -1.98
CA TRP D 702 30.45 -9.48 -2.01
C TRP D 702 30.63 -8.07 -1.47
N THR D 703 31.49 -7.89 -0.47
CA THR D 703 31.76 -6.57 0.09
C THR D 703 32.99 -6.02 -0.58
N GLY D 704 33.72 -6.91 -1.27
CA GLY D 704 34.92 -6.50 -1.97
C GLY D 704 35.81 -7.69 -2.29
N LYS D 705 36.98 -7.41 -2.88
CA LYS D 705 37.93 -8.45 -3.24
C LYS D 705 38.28 -9.31 -2.03
N LYS D 706 38.37 -10.61 -2.25
CA LYS D 706 38.72 -11.54 -1.19
C LYS D 706 37.87 -11.41 0.09
N ARG D 707 36.66 -10.90 -0.05
CA ARG D 707 35.76 -10.76 1.09
C ARG D 707 34.32 -10.99 0.63
N TYR D 708 33.71 -12.09 1.08
CA TYR D 708 32.33 -12.39 0.69
C TYR D 708 31.63 -13.51 1.49
N ALA D 709 30.38 -13.75 1.14
CA ALA D 709 29.56 -14.79 1.79
C ALA D 709 28.68 -15.48 0.76
N LEU D 710 28.60 -16.81 0.87
CA LEU D 710 27.79 -17.61 -0.03
C LEU D 710 27.04 -18.67 0.77
N ASN D 711 25.85 -19.02 0.30
CA ASN D 711 25.04 -20.05 0.93
C ASN D 711 25.06 -21.26 -0.01
N VAL D 712 26.03 -22.14 0.22
CA VAL D 712 26.25 -23.32 -0.60
C VAL D 712 25.37 -24.55 -0.36
N TRP D 713 24.88 -25.11 -1.47
CA TRP D 713 24.06 -26.31 -1.45
C TRP D 713 24.87 -27.53 -1.90
N ASP D 714 25.76 -27.32 -2.87
CA ASP D 714 26.60 -28.38 -3.42
C ASP D 714 28.04 -27.91 -3.54
N MET D 715 28.98 -28.77 -3.18
CA MET D 715 30.40 -28.43 -3.25
C MET D 715 31.16 -29.56 -3.92
N GLU D 716 31.42 -29.41 -5.21
CA GLU D 716 32.14 -30.40 -5.99
C GLU D 716 31.37 -31.70 -6.12
N GLY D 717 30.05 -31.62 -6.22
CA GLY D 717 29.26 -32.83 -6.34
C GLY D 717 28.72 -33.37 -5.04
N THR D 718 29.26 -32.89 -3.91
CA THR D 718 28.78 -33.32 -2.61
C THR D 718 27.55 -32.50 -2.25
N ARG D 719 26.38 -33.04 -2.56
CA ARG D 719 25.11 -32.36 -2.28
C ARG D 719 24.81 -32.31 -0.79
N TYR D 720 25.14 -31.19 -0.17
CA TYR D 720 24.92 -30.98 1.26
C TYR D 720 23.46 -31.26 1.62
N ALA D 721 23.23 -31.77 2.83
CA ALA D 721 21.88 -32.05 3.27
C ALA D 721 21.28 -30.77 3.82
N GLU D 722 22.14 -29.90 4.33
CA GLU D 722 21.73 -28.61 4.86
C GLU D 722 22.66 -27.57 4.30
N PRO D 723 22.13 -26.43 3.83
CA PRO D 723 23.02 -25.41 3.28
C PRO D 723 24.17 -25.07 4.20
N LYS D 724 25.30 -24.70 3.60
CA LYS D 724 26.46 -24.33 4.38
C LYS D 724 26.93 -22.94 3.96
N LEU D 725 27.38 -22.16 4.95
CA LEU D 725 27.84 -20.80 4.70
C LEU D 725 29.31 -20.69 4.39
N LYS D 726 29.66 -20.53 3.12
CA LYS D 726 31.07 -20.37 2.77
C LYS D 726 31.42 -18.90 2.95
N ILE D 727 32.13 -18.58 4.02
CA ILE D 727 32.50 -17.19 4.28
C ILE D 727 34.00 -16.93 4.10
N MET D 728 34.32 -15.87 3.38
CA MET D 728 35.70 -15.49 3.10
C MET D 728 36.03 -14.07 3.52
N GLY D 729 37.21 -13.88 4.11
CA GLY D 729 37.68 -12.57 4.52
C GLY D 729 36.78 -11.68 5.38
N LEU D 730 35.58 -12.11 5.69
CA LEU D 730 34.69 -11.28 6.50
C LEU D 730 35.08 -11.29 7.98
N GLU D 731 34.41 -10.44 8.74
CA GLU D 731 34.68 -10.32 10.16
C GLU D 731 34.50 -11.63 10.93
N THR D 732 33.64 -12.50 10.43
CA THR D 732 33.42 -13.77 11.11
C THR D 732 34.68 -14.61 11.02
N GLN D 733 35.46 -14.37 9.98
CA GLN D 733 36.70 -15.11 9.75
C GLN D 733 37.91 -14.42 10.39
N LYS D 734 37.63 -13.57 11.37
CA LYS D 734 38.67 -12.83 12.07
C LYS D 734 38.82 -13.38 13.50
N SER D 735 40.05 -13.70 13.89
CA SER D 735 40.30 -14.22 15.22
C SER D 735 40.15 -13.09 16.24
N SER D 736 40.34 -11.87 15.75
CA SER D 736 40.23 -10.66 16.55
C SER D 736 38.78 -10.40 16.94
N THR D 737 37.87 -10.82 16.06
CA THR D 737 36.45 -10.64 16.31
C THR D 737 36.03 -11.50 17.49
N PRO D 738 35.45 -10.88 18.53
CA PRO D 738 35.02 -11.65 19.70
C PRO D 738 34.12 -12.83 19.31
N LYS D 739 34.24 -13.93 20.03
CA LYS D 739 33.44 -15.13 19.77
C LYS D 739 31.96 -14.76 19.66
N ALA D 740 31.35 -14.41 20.80
CA ALA D 740 29.94 -14.05 20.84
C ALA D 740 29.51 -13.27 19.61
N VAL D 741 30.33 -12.29 19.24
CA VAL D 741 30.03 -11.47 18.08
C VAL D 741 30.19 -12.27 16.79
N GLN D 742 31.26 -13.05 16.68
CA GLN D 742 31.46 -13.87 15.49
C GLN D 742 30.20 -14.70 15.28
N LYS D 743 29.70 -15.27 16.38
CA LYS D 743 28.48 -16.07 16.32
C LYS D 743 27.34 -15.17 15.90
N ALA D 744 27.27 -13.98 16.48
CA ALA D 744 26.23 -13.02 16.17
C ALA D 744 26.28 -12.61 14.70
N LEU D 745 27.47 -12.21 14.24
CA LEU D 745 27.68 -11.78 12.87
C LEU D 745 27.54 -12.91 11.86
N LYS D 746 27.49 -14.14 12.35
CA LYS D 746 27.34 -15.29 11.47
C LYS D 746 25.84 -15.53 11.31
N GLU D 747 25.11 -15.50 12.42
CA GLU D 747 23.68 -15.72 12.37
C GLU D 747 23.03 -14.66 11.48
N CYS D 748 23.64 -13.47 11.43
CA CYS D 748 23.12 -12.40 10.61
C CYS D 748 23.32 -12.76 9.15
N ILE D 749 24.55 -13.14 8.81
CA ILE D 749 24.83 -13.52 7.44
C ILE D 749 23.88 -14.66 7.05
N ARG D 750 23.82 -15.68 7.90
CA ARG D 750 22.94 -16.81 7.64
C ARG D 750 21.56 -16.32 7.24
N ARG D 751 20.96 -15.52 8.12
CA ARG D 751 19.63 -14.98 7.88
C ARG D 751 19.53 -14.19 6.57
N MET D 752 20.47 -13.26 6.39
CA MET D 752 20.50 -12.45 5.18
C MET D 752 20.37 -13.31 3.93
N LEU D 753 21.15 -14.39 3.89
CA LEU D 753 21.16 -15.28 2.73
C LEU D 753 19.99 -16.25 2.67
N GLN D 754 19.58 -16.79 3.81
CA GLN D 754 18.50 -17.77 3.83
C GLN D 754 17.09 -17.28 4.07
N GLU D 755 16.93 -16.34 5.00
CA GLU D 755 15.59 -15.88 5.32
C GLU D 755 15.10 -14.55 4.75
N GLY D 756 15.94 -13.53 4.78
CA GLY D 756 15.52 -12.25 4.24
C GLY D 756 15.88 -11.01 5.04
N GLU D 757 15.48 -9.85 4.55
CA GLU D 757 15.78 -8.58 5.22
C GLU D 757 15.05 -8.48 6.56
N GLU D 758 13.79 -8.91 6.58
CA GLU D 758 12.99 -8.85 7.79
C GLU D 758 13.58 -9.73 8.89
N SER D 759 13.95 -10.96 8.52
CA SER D 759 14.52 -11.90 9.47
C SER D 759 15.77 -11.35 10.14
N LEU D 760 16.57 -10.60 9.39
CA LEU D 760 17.80 -10.03 9.92
C LEU D 760 17.43 -9.05 11.02
N GLN D 761 16.74 -7.98 10.64
CA GLN D 761 16.32 -6.93 11.55
C GLN D 761 15.80 -7.53 12.84
N GLU D 762 15.00 -8.59 12.72
CA GLU D 762 14.45 -9.23 13.90
C GLU D 762 15.56 -9.69 14.85
N TYR D 763 16.60 -10.30 14.29
CA TYR D 763 17.72 -10.78 15.10
C TYR D 763 18.70 -9.68 15.46
N PHE D 764 18.68 -8.56 14.74
CA PHE D 764 19.60 -7.47 15.07
C PHE D 764 19.12 -6.83 16.36
N LYS D 765 17.84 -7.01 16.66
CA LYS D 765 17.25 -6.47 17.87
C LYS D 765 17.51 -7.45 19.00
N GLU D 766 17.25 -8.73 18.74
CA GLU D 766 17.43 -9.79 19.71
C GLU D 766 18.83 -9.91 20.31
N PHE D 767 19.86 -9.66 19.51
CA PHE D 767 21.24 -9.73 19.97
C PHE D 767 21.65 -8.42 20.62
N GLU D 768 20.81 -7.40 20.43
CA GLU D 768 21.10 -6.10 21.00
C GLU D 768 20.65 -6.06 22.45
N LYS D 769 19.66 -6.90 22.79
CA LYS D 769 19.14 -6.96 24.16
C LYS D 769 19.97 -7.89 25.02
N GLU D 770 20.35 -9.03 24.45
CA GLU D 770 21.14 -10.03 25.17
C GLU D 770 22.62 -9.66 25.27
N PHE D 771 23.07 -8.72 24.43
CA PHE D 771 24.47 -8.32 24.45
C PHE D 771 24.99 -7.90 25.83
N ARG D 772 24.22 -7.08 26.54
CA ARG D 772 24.62 -6.64 27.88
C ARG D 772 24.31 -7.70 28.93
N GLN D 773 24.45 -8.97 28.53
CA GLN D 773 24.20 -10.11 29.42
C GLN D 773 25.29 -11.15 29.16
N LEU D 774 25.91 -11.06 27.99
CA LEU D 774 26.96 -11.99 27.57
C LEU D 774 28.23 -11.91 28.41
N ASN D 775 29.01 -13.00 28.39
CA ASN D 775 30.26 -13.05 29.13
C ASN D 775 31.18 -11.94 28.66
N TYR D 776 32.02 -11.46 29.57
CA TYR D 776 32.94 -10.39 29.26
C TYR D 776 34.02 -10.78 28.23
N ILE D 777 34.46 -12.03 28.28
CA ILE D 777 35.49 -12.54 27.37
C ILE D 777 34.97 -12.92 25.97
N SER D 778 33.70 -13.30 25.90
CA SER D 778 33.09 -13.68 24.62
C SER D 778 32.81 -12.46 23.73
N ILE D 779 32.78 -11.29 24.36
CA ILE D 779 32.52 -10.03 23.64
C ILE D 779 33.81 -9.22 23.47
N ALA D 780 34.80 -9.51 24.31
CA ALA D 780 36.09 -8.83 24.23
C ALA D 780 36.69 -9.08 22.86
N SER D 781 37.57 -8.18 22.41
CA SER D 781 38.21 -8.32 21.11
C SER D 781 39.54 -9.05 21.27
N VAL D 782 40.30 -9.15 20.18
CA VAL D 782 41.60 -9.83 20.21
C VAL D 782 42.60 -9.17 19.27
N SER D 783 43.89 -9.30 19.60
CA SER D 783 44.96 -8.73 18.78
C SER D 783 46.35 -9.09 19.30
N SER D 784 47.32 -9.08 18.39
CA SER D 784 48.71 -9.41 18.72
C SER D 784 49.50 -8.22 19.25
N ALA D 785 49.87 -8.29 20.53
CA ALA D 785 50.67 -7.23 21.15
C ALA D 785 52.08 -7.29 20.58
N ASN D 786 52.39 -6.36 19.67
CA ASN D 786 53.70 -6.30 19.04
C ASN D 786 54.32 -4.92 19.22
N ASN D 787 55.53 -4.88 19.78
CA ASN D 787 56.26 -3.63 20.03
C ASN D 787 55.73 -2.91 21.28
N ILE D 788 55.51 -3.67 22.35
CA ILE D 788 55.01 -3.11 23.60
C ILE D 788 56.01 -2.12 24.21
N ALA D 789 57.28 -2.25 23.82
CA ALA D 789 58.35 -1.39 24.33
C ALA D 789 58.56 -0.10 23.54
N LYS D 790 58.38 -0.18 22.22
CA LYS D 790 58.56 0.99 21.35
C LYS D 790 57.64 2.15 21.73
N TYR D 791 56.48 1.82 22.31
CA TYR D 791 55.50 2.84 22.69
C TYR D 791 55.27 2.92 24.20
N ASP D 792 56.06 2.16 24.96
CA ASP D 792 55.96 2.15 26.41
C ASP D 792 56.76 3.32 26.99
N VAL D 793 56.07 4.32 27.52
CA VAL D 793 56.72 5.50 28.09
C VAL D 793 56.47 5.57 29.60
N GLY D 794 57.12 4.69 30.36
CA GLY D 794 56.96 4.65 31.80
C GLY D 794 55.62 4.04 32.17
N GLY D 795 54.74 3.97 31.18
CA GLY D 795 53.41 3.42 31.37
C GLY D 795 52.35 4.26 30.67
N PHE D 796 52.77 5.03 29.67
CA PHE D 796 51.82 5.86 28.92
C PHE D 796 52.11 5.84 27.42
N PRO D 797 51.05 5.78 26.60
CA PRO D 797 51.13 5.75 25.14
C PRO D 797 52.04 6.78 24.47
N GLY D 798 53.09 6.28 23.82
CA GLY D 798 54.02 7.15 23.12
C GLY D 798 53.39 7.66 21.83
N PRO D 799 54.16 8.30 20.94
CA PRO D 799 53.64 8.82 19.67
C PRO D 799 53.22 7.73 18.67
N LYS D 800 51.94 7.72 18.32
CA LYS D 800 51.36 6.75 17.38
C LYS D 800 51.09 5.37 18.01
N CYS D 801 50.91 5.35 19.34
CA CYS D 801 50.66 4.12 20.08
C CYS D 801 49.31 3.50 19.69
N PRO D 802 49.34 2.36 18.97
CA PRO D 802 48.16 1.63 18.52
C PRO D 802 47.14 1.34 19.64
N PHE D 803 45.88 1.18 19.27
CA PHE D 803 44.80 0.93 20.24
C PHE D 803 45.07 -0.22 21.21
N HIS D 804 45.53 -1.35 20.69
CA HIS D 804 45.80 -2.51 21.55
C HIS D 804 47.02 -2.35 22.45
N ILE D 805 48.01 -1.57 22.02
CA ILE D 805 49.19 -1.35 22.84
C ILE D 805 48.82 -0.47 24.03
N ARG D 806 47.96 0.52 23.77
CA ARG D 806 47.49 1.43 24.81
C ARG D 806 46.74 0.66 25.89
N GLY D 807 45.91 -0.31 25.46
CA GLY D 807 45.18 -1.12 26.40
C GLY D 807 46.17 -1.92 27.23
N ILE D 808 47.23 -2.37 26.57
CA ILE D 808 48.29 -3.13 27.22
C ILE D 808 48.95 -2.28 28.30
N LEU D 809 49.44 -1.11 27.90
CA LEU D 809 50.08 -0.20 28.84
C LEU D 809 49.10 0.15 29.97
N THR D 810 47.81 0.25 29.64
CA THR D 810 46.76 0.58 30.61
C THR D 810 46.60 -0.51 31.66
N TYR D 811 46.73 -1.76 31.22
CA TYR D 811 46.61 -2.92 32.09
C TYR D 811 47.82 -2.94 33.04
N ASN D 812 49.00 -2.66 32.49
CA ASN D 812 50.23 -2.66 33.27
C ASN D 812 50.18 -1.73 34.47
N ARG D 813 49.77 -0.49 34.26
CA ARG D 813 49.67 0.45 35.38
C ARG D 813 48.61 -0.08 36.34
N ALA D 814 47.53 -0.59 35.78
CA ALA D 814 46.43 -1.12 36.58
C ALA D 814 46.89 -2.28 37.47
N ILE D 815 48.10 -2.79 37.23
CA ILE D 815 48.61 -3.89 38.02
C ILE D 815 49.85 -3.51 38.84
N LYS D 816 50.13 -2.20 38.94
CA LYS D 816 51.29 -1.73 39.69
C LYS D 816 51.09 -1.93 41.18
N GLY D 817 51.80 -2.91 41.74
CA GLY D 817 51.66 -3.20 43.16
C GLY D 817 51.40 -4.69 43.44
N ASN D 818 50.80 -5.41 42.49
CA ASN D 818 50.51 -6.84 42.66
C ASN D 818 51.48 -7.66 41.80
N ILE D 819 52.35 -8.42 42.45
CA ILE D 819 53.35 -9.25 41.75
C ILE D 819 52.76 -10.63 41.38
N ASP D 820 51.59 -10.92 41.91
CA ASP D 820 50.90 -12.19 41.63
C ASP D 820 50.05 -11.97 40.38
N ALA D 821 50.02 -10.72 39.93
CA ALA D 821 49.25 -10.32 38.76
C ALA D 821 49.85 -10.87 37.47
N PRO D 822 48.99 -11.39 36.58
CA PRO D 822 49.43 -11.96 35.31
C PRO D 822 50.20 -10.95 34.43
N GLN D 823 51.17 -11.48 33.69
CA GLN D 823 52.01 -10.65 32.81
C GLN D 823 51.66 -10.81 31.32
N VAL D 824 51.62 -9.70 30.60
CA VAL D 824 51.30 -9.71 29.17
C VAL D 824 52.56 -9.92 28.34
N VAL D 825 52.96 -11.17 28.20
CA VAL D 825 54.15 -11.52 27.43
C VAL D 825 54.10 -10.90 26.03
N GLU D 826 55.22 -10.28 25.65
CA GLU D 826 55.37 -9.65 24.33
C GLU D 826 55.45 -10.76 23.28
N GLY D 827 54.91 -10.50 22.10
CA GLY D 827 54.95 -11.49 21.03
C GLY D 827 53.72 -12.38 21.00
N GLU D 828 52.89 -12.29 22.04
CA GLU D 828 51.66 -13.09 22.14
C GLU D 828 50.45 -12.28 21.70
N LYS D 829 49.26 -12.73 22.11
CA LYS D 829 48.04 -12.01 21.77
C LYS D 829 47.42 -11.51 23.07
N VAL D 830 46.39 -10.67 22.94
CA VAL D 830 45.72 -10.10 24.10
C VAL D 830 44.30 -9.66 23.78
N TYR D 831 43.35 -10.02 24.65
CA TYR D 831 41.97 -9.60 24.46
C TYR D 831 41.99 -8.07 24.60
N VAL D 832 40.95 -7.39 24.12
CA VAL D 832 40.90 -5.94 24.22
C VAL D 832 39.48 -5.43 24.49
N LEU D 833 39.35 -4.57 25.50
CA LEU D 833 38.05 -4.02 25.86
C LEU D 833 38.02 -2.49 25.92
N PRO D 834 36.83 -1.89 25.73
CA PRO D 834 36.65 -0.44 25.77
C PRO D 834 36.22 0.01 27.17
N LEU D 835 36.80 1.12 27.63
CA LEU D 835 36.50 1.66 28.94
C LEU D 835 35.74 2.98 28.81
N ARG D 836 34.64 3.14 29.55
CA ARG D 836 33.88 4.38 29.51
C ARG D 836 34.74 5.43 30.17
N GLU D 837 34.65 6.67 29.71
CA GLU D 837 35.47 7.72 30.30
C GLU D 837 34.96 8.06 31.69
N GLY D 838 35.91 8.19 32.61
CA GLY D 838 35.58 8.47 33.99
C GLY D 838 36.04 7.26 34.77
N ASN D 839 36.54 6.27 34.03
CA ASN D 839 37.04 5.03 34.61
C ASN D 839 38.29 5.28 35.43
N PRO D 840 38.53 4.44 36.45
CA PRO D 840 39.69 4.55 37.34
C PRO D 840 41.04 4.29 36.66
N PHE D 841 41.01 3.52 35.56
CA PHE D 841 42.20 3.15 34.81
C PHE D 841 42.97 4.28 34.11
N GLY D 842 42.34 5.44 33.97
CA GLY D 842 43.01 6.55 33.33
C GLY D 842 43.30 6.33 31.85
N ASP D 843 42.31 5.85 31.12
CA ASP D 843 42.45 5.63 29.70
C ASP D 843 41.20 4.96 29.14
N LYS D 844 41.14 4.82 27.83
CA LYS D 844 39.98 4.24 27.15
C LYS D 844 39.98 2.73 26.90
N CYS D 845 41.11 2.05 27.12
CA CYS D 845 41.17 0.61 26.89
C CYS D 845 42.22 -0.12 27.74
N ILE D 846 41.93 -1.39 28.06
CA ILE D 846 42.83 -2.22 28.86
C ILE D 846 42.96 -3.63 28.23
N ALA D 847 44.19 -4.00 27.87
CA ALA D 847 44.47 -5.30 27.25
C ALA D 847 45.23 -6.25 28.18
N TRP D 848 44.69 -7.45 28.40
CA TRP D 848 45.31 -8.46 29.27
C TRP D 848 45.65 -9.74 28.49
N PRO D 849 46.43 -10.67 29.11
CA PRO D 849 46.82 -11.93 28.46
C PRO D 849 45.64 -12.73 27.91
N SER D 850 45.65 -12.98 26.61
CA SER D 850 44.58 -13.72 25.97
C SER D 850 44.52 -15.18 26.45
N GLY D 851 43.33 -15.77 26.32
CA GLY D 851 43.13 -17.13 26.76
C GLY D 851 43.30 -17.26 28.27
N THR D 852 43.02 -16.17 28.98
CA THR D 852 43.15 -16.15 30.42
C THR D 852 42.20 -15.17 31.09
N GLU D 853 42.04 -15.32 32.40
CA GLU D 853 41.19 -14.44 33.18
C GLU D 853 42.05 -13.26 33.63
N ILE D 854 41.39 -12.17 34.03
CA ILE D 854 42.11 -10.99 34.50
C ILE D 854 41.97 -10.93 36.02
N THR D 855 43.05 -10.53 36.72
CA THR D 855 43.06 -10.46 38.19
C THR D 855 41.70 -10.10 38.83
N ASP D 856 41.29 -10.88 39.84
CA ASP D 856 40.00 -10.68 40.53
C ASP D 856 39.93 -9.36 41.30
N LEU D 857 41.10 -8.82 41.63
CA LEU D 857 41.20 -7.56 42.36
C LEU D 857 40.61 -6.41 41.51
N ILE D 858 41.08 -6.29 40.28
CA ILE D 858 40.64 -5.24 39.36
C ILE D 858 39.60 -5.76 38.37
N LYS D 859 39.23 -7.04 38.50
CA LYS D 859 38.27 -7.67 37.60
C LYS D 859 36.84 -7.15 37.71
N ASP D 860 36.51 -6.49 38.83
CA ASP D 860 35.16 -5.97 39.03
C ASP D 860 34.92 -4.55 38.54
N ASP D 861 35.99 -3.76 38.49
CA ASP D 861 35.90 -2.38 38.02
C ASP D 861 35.80 -2.37 36.50
N VAL D 862 36.66 -3.17 35.87
CA VAL D 862 36.70 -3.27 34.41
C VAL D 862 35.36 -3.72 33.84
N LEU D 863 34.50 -4.28 34.70
CA LEU D 863 33.18 -4.73 34.27
C LEU D 863 32.12 -3.68 34.60
N HIS D 864 32.48 -2.69 35.41
CA HIS D 864 31.54 -1.64 35.73
C HIS D 864 31.76 -0.44 34.81
N TRP D 865 33.01 -0.24 34.39
CA TRP D 865 33.34 0.88 33.52
C TRP D 865 33.67 0.45 32.09
N MET D 866 33.22 -0.75 31.71
CA MET D 866 33.47 -1.21 30.35
C MET D 866 32.34 -0.64 29.50
N ASP D 867 32.69 -0.05 28.36
CA ASP D 867 31.69 0.57 27.51
C ASP D 867 31.02 -0.42 26.57
N TYR D 868 29.72 -0.63 26.78
CA TYR D 868 28.96 -1.56 25.96
C TYR D 868 28.60 -0.98 24.60
N THR D 869 28.33 0.31 24.54
CA THR D 869 28.00 0.93 23.28
C THR D 869 29.22 1.04 22.38
N VAL D 870 30.35 1.40 22.96
CA VAL D 870 31.59 1.52 22.19
C VAL D 870 31.99 0.14 21.67
N LEU D 871 31.80 -0.88 22.50
CA LEU D 871 32.14 -2.23 22.10
C LEU D 871 31.19 -2.72 21.01
N LEU D 872 29.90 -2.80 21.32
CA LEU D 872 28.90 -3.25 20.36
C LEU D 872 29.04 -2.52 19.03
N GLU D 873 29.30 -1.22 19.12
CA GLU D 873 29.44 -0.38 17.95
C GLU D 873 30.53 -0.79 16.96
N LYS D 874 31.79 -0.76 17.41
CA LYS D 874 32.91 -1.07 16.54
C LYS D 874 33.15 -2.53 16.18
N THR D 875 32.60 -3.46 16.96
CA THR D 875 32.83 -4.87 16.68
C THR D 875 31.61 -5.62 16.14
N PHE D 876 30.44 -4.99 16.18
CA PHE D 876 29.23 -5.64 15.70
C PHE D 876 28.46 -4.85 14.64
N ILE D 877 28.32 -3.55 14.85
CA ILE D 877 27.60 -2.71 13.91
C ILE D 877 28.46 -2.33 12.70
N LYS D 878 29.64 -1.79 12.96
CA LYS D 878 30.55 -1.36 11.89
C LYS D 878 30.56 -2.39 10.75
N PRO D 879 30.95 -3.63 11.04
CA PRO D 879 31.00 -4.69 10.03
C PRO D 879 29.63 -5.01 9.44
N LEU D 880 28.62 -5.13 10.31
CA LEU D 880 27.27 -5.45 9.84
C LEU D 880 26.89 -4.44 8.76
N GLU D 881 27.12 -3.16 9.05
CA GLU D 881 26.82 -2.09 8.10
C GLU D 881 27.53 -2.43 6.80
N GLY D 882 28.80 -2.82 6.92
CA GLY D 882 29.59 -3.19 5.75
C GLY D 882 28.88 -4.21 4.88
N PHE D 883 28.30 -5.23 5.51
CA PHE D 883 27.60 -6.26 4.75
C PHE D 883 26.28 -5.68 4.25
N THR D 884 25.43 -5.29 5.20
CA THR D 884 24.12 -4.71 4.91
C THR D 884 24.09 -3.76 3.72
N SER D 885 24.97 -2.76 3.71
CA SER D 885 24.98 -1.82 2.60
C SER D 885 25.34 -2.58 1.33
N ALA D 886 26.45 -3.30 1.38
CA ALA D 886 26.92 -4.08 0.24
C ALA D 886 25.79 -4.93 -0.34
N ALA D 887 25.05 -5.59 0.55
CA ALA D 887 23.95 -6.44 0.15
C ALA D 887 22.73 -5.63 -0.25
N LYS D 888 22.75 -4.34 0.06
CA LYS D 888 21.63 -3.43 -0.25
C LYS D 888 20.44 -3.75 0.68
N LEU D 889 20.73 -3.97 1.97
CA LEU D 889 19.70 -4.28 2.96
C LEU D 889 19.79 -3.37 4.19
N ASP D 890 18.76 -3.44 5.03
CA ASP D 890 18.70 -2.63 6.26
C ASP D 890 18.44 -3.49 7.48
N TYR D 891 19.24 -3.29 8.54
CA TYR D 891 19.04 -4.07 9.75
C TYR D 891 18.03 -3.42 10.69
N GLU D 892 17.76 -2.13 10.49
CA GLU D 892 16.80 -1.40 11.31
C GLU D 892 15.56 -1.09 10.45
N LYS D 893 14.44 -1.75 10.74
CA LYS D 893 13.20 -1.56 9.99
C LYS D 893 12.83 -0.10 9.76
N LYS D 894 12.81 0.30 8.49
CA LYS D 894 12.47 1.68 8.14
C LYS D 894 10.95 1.81 7.97
N ALA D 895 10.47 3.01 7.71
CA ALA D 895 9.04 3.18 7.54
C ALA D 895 8.61 3.00 6.10
N SER D 896 7.38 2.52 5.92
CA SER D 896 6.78 2.28 4.60
C SER D 896 5.29 1.92 4.75
N LEU D 897 4.58 1.88 3.63
CA LEU D 897 3.16 1.54 3.65
C LEU D 897 2.94 0.18 4.30
P CTG E 4 17.24 54.44 10.77
OP1 CTG E 4 17.83 55.33 9.74
OP2 CTG E 4 16.73 55.02 12.03
O5' CTG E 4 16.05 53.62 10.08
C5' CTG E 4 16.29 52.85 8.90
C4' CTG E 4 15.27 53.20 7.84
O4' CTG E 4 14.02 52.55 8.13
C1' CTG E 4 13.00 53.49 8.43
N1 CTG E 4 12.36 53.08 9.69
C6 CTG E 4 13.02 53.49 10.92
O6 CTG E 4 12.70 54.84 11.29
C2 CTG E 4 11.05 52.70 9.64
O2 CTG E 4 10.41 52.59 8.60
N3 CTG E 4 10.49 52.43 10.87
C4 CTG E 4 11.10 52.54 12.09
O4 CTG E 4 10.43 52.64 13.12
C5 CTG E 4 12.64 52.55 12.05
C5M CTG E 4 13.17 51.15 11.80
O5 CTG E 4 13.17 53.05 13.29
C2' CTG E 4 13.68 54.84 8.57
C3' CTG E 4 14.98 54.70 7.80
O3' CTG E 4 14.83 55.18 6.47
P CTG G 4 -2.04 11.14 -43.99
OP1 CTG G 4 -1.55 11.61 -45.31
OP2 CTG G 4 -2.49 9.75 -43.82
O5' CTG G 4 -0.88 11.44 -42.93
C5' CTG G 4 -1.15 11.40 -41.52
C4' CTG G 4 0.14 11.44 -40.73
O4' CTG G 4 -0.22 10.98 -39.41
C1' CTG G 4 0.24 9.64 -39.20
N1 CTG G 4 -0.93 8.81 -38.88
C6 CTG G 4 -1.81 8.43 -40.00
O6 CTG G 4 -1.18 7.54 -40.92
C2 CTG G 4 -0.84 8.08 -37.71
O2 CTG G 4 -0.05 8.35 -36.83
N3 CTG G 4 -1.71 7.01 -37.63
C4 CTG G 4 -2.72 6.67 -38.53
O4 CTG G 4 -3.22 5.54 -38.51
C5 CTG G 4 -3.11 7.78 -39.50
C5M CTG G 4 -4.01 8.80 -38.80
O5 CTG G 4 -3.81 7.23 -40.63
C2' CTG G 4 0.93 9.19 -40.47
C3' CTG G 4 1.19 10.46 -41.24
O3' CTG G 4 2.53 10.91 -41.01
P CTG I 4 -39.87 -16.65 -0.48
OP1 CTG I 4 -38.76 -15.80 -0.95
OP2 CTG I 4 -40.46 -16.41 0.86
O5' CTG I 4 -41.04 -16.54 -1.54
C5' CTG I 4 -40.83 -16.89 -2.91
C4' CTG I 4 -41.92 -16.31 -3.77
O4' CTG I 4 -43.15 -17.04 -3.57
C1' CTG I 4 -44.18 -16.19 -3.12
N1 CTG I 4 -44.92 -16.89 -2.05
C6 CTG I 4 -44.20 -17.06 -0.80
O6 CTG I 4 -44.07 -15.82 -0.09
C2 CTG I 4 -46.30 -16.80 -2.08
O2 CTG I 4 -46.93 -16.64 -3.11
N3 CTG I 4 -46.90 -16.93 -0.85
C4 CTG I 4 -46.34 -17.50 0.27
O4 CTG I 4 -46.96 -17.55 1.33
C5 CTG I 4 -44.93 -18.06 0.08
C5M CTG I 4 -44.99 -19.42 -0.60
O5 CTG I 4 -44.26 -18.17 1.34
C2' CTG I 4 -43.51 -14.93 -2.62
C3' CTG I 4 -42.21 -14.85 -3.41
O3' CTG I 4 -42.40 -14.02 -4.54
P CTG K 4 59.66 -16.77 -0.02
OP1 CTG K 4 61.04 -16.62 -0.55
OP2 CTG K 4 59.28 -16.07 1.24
O5' CTG K 4 58.64 -16.33 -1.16
C5' CTG K 4 57.28 -16.75 -1.11
C4' CTG K 4 56.42 -15.91 -2.03
O4' CTG K 4 55.05 -16.32 -1.84
C1' CTG K 4 54.31 -15.32 -1.15
N1 CTG K 4 53.65 -15.97 0.01
C6 CTG K 4 54.36 -15.97 1.28
O6 CTG K 4 54.35 -14.69 1.92
C2 CTG K 4 52.35 -16.38 -0.14
O2 CTG K 4 51.79 -16.51 -1.21
N3 CTG K 4 51.70 -16.65 1.05
C4 CTG K 4 52.28 -16.94 2.27
O4 CTG K 4 51.59 -17.11 3.28
C5 CTG K 4 53.81 -17.05 2.25
C5M CTG K 4 54.22 -18.45 1.79
O5 CTG K 4 54.32 -16.82 3.57
C2' CTG K 4 55.30 -14.23 -0.75
C3' CTG K 4 56.46 -14.42 -1.71
O3' CTG K 4 56.28 -13.63 -2.91
S SO4 M . -65.86 2.69 29.95
O1 SO4 M . -64.47 2.23 30.20
O2 SO4 M . -66.08 2.81 28.50
O3 SO4 M . -66.81 1.72 30.53
O4 SO4 M . -66.06 4.02 30.57
#